data_7Z0Z
#
_entry.id   7Z0Z
#
_cell.length_a   1.00
_cell.length_b   1.00
_cell.length_c   1.00
_cell.angle_alpha   90.00
_cell.angle_beta   90.00
_cell.angle_gamma   90.00
#
_symmetry.space_group_name_H-M   'P 1'
#
_entity_poly.entity_id   1
_entity_poly.type   'polypeptide(L)'
_entity_poly.pdbx_seq_one_letter_code
;GSMKKEFTELYDFIFDPIFLVRYGYYDRSIKNKKMNTAKVELDNEFGKSDSFYFKVFNMESFADYLRSHDLKTHFNGKKP
LSTDPVYFNIPKNIEARRQYKMPNLYSYMALNYYICDNKKEFIEVFIDNKFSTSKFFNQLNFDYPKTQEITQTLLYGGIK
KLHLDLSNFYHTLYTHSIPWMIDGKSASKQNRKKGFSNTLDTLITACQYDETHGIPTGNLLSRIITELYMCHFDKQMEYK
KFVYSRYVDDFIFPFTFENEKQEFLNEFNLICRENNLIINDNKTKVDNFPFVDKSSKSDIFSFFENITSTNSNDKWIKEI
SNFIDYCVNEEHLGNKGAIKCIFPVITNTLKQKKVDTKNIDNIFSKRNMVTNFNVFEKILDLSLKDSRLTNKFLTFFENI
NEFGFSSLSASNIVKKYFSNNSKGLKEKIDHYRKNNFNQELYQILLYMVVFEIDDLLNQEELLNLIDLNIDDYSLILGTI
LYLKNSSYKLEKLLKKIDQLFINTHANYDVKTSRMAEKLWLFRYFFYFLNCKNIFSQKEINSYCQSQNYNSGQNGYQTEL
NWNYIKGQGKDLRANNFFNELIVKEVWLISCGENEDFKYLN
;
_entity_poly.pdbx_strand_id   A,B,C,D,E,F
#
# COMPACT_ATOMS: atom_id res chain seq x y z
N SER A 2 -28.43 33.45 30.19
CA SER A 2 -27.41 32.43 30.36
C SER A 2 -27.53 31.35 29.31
N MET A 3 -26.76 30.26 29.49
CA MET A 3 -26.89 29.11 28.61
C MET A 3 -28.30 28.52 28.68
N LYS A 4 -28.79 28.34 29.90
CA LYS A 4 -30.06 27.64 30.09
C LYS A 4 -31.22 28.46 29.56
N LYS A 5 -31.18 29.77 29.74
CA LYS A 5 -32.25 30.62 29.23
C LYS A 5 -32.29 30.60 27.70
N GLU A 6 -31.13 30.63 27.06
CA GLU A 6 -31.10 30.63 25.60
C GLU A 6 -31.57 29.29 25.05
N PHE A 7 -31.15 28.19 25.69
CA PHE A 7 -31.66 26.88 25.29
C PHE A 7 -33.16 26.78 25.49
N THR A 8 -33.67 27.32 26.59
CA THR A 8 -35.10 27.28 26.87
C THR A 8 -35.87 28.07 25.83
N GLU A 9 -35.35 29.24 25.43
CA GLU A 9 -36.00 30.00 24.37
C GLU A 9 -36.00 29.21 23.06
N LEU A 10 -34.87 28.59 22.71
CA LEU A 10 -34.81 27.80 21.49
C LEU A 10 -35.85 26.70 21.48
N TYR A 11 -35.89 25.91 22.55
CA TYR A 11 -36.80 24.77 22.60
C TYR A 11 -38.25 25.16 22.81
N ASP A 12 -38.53 26.33 23.40
CA ASP A 12 -39.88 26.84 23.42
C ASP A 12 -40.35 27.20 22.02
N PHE A 13 -39.45 27.81 21.23
CA PHE A 13 -39.79 28.12 19.86
C PHE A 13 -39.99 26.85 19.02
N ILE A 14 -39.11 25.86 19.21
CA ILE A 14 -39.14 24.67 18.38
C ILE A 14 -40.38 23.84 18.67
N PHE A 15 -40.66 23.60 19.95
CA PHE A 15 -41.68 22.62 20.36
C PHE A 15 -43.06 23.27 20.29
N ASP A 16 -43.47 23.57 19.06
CA ASP A 16 -44.76 24.15 18.74
C ASP A 16 -45.32 23.37 17.57
N PRO A 17 -46.55 22.86 17.65
CA PRO A 17 -47.05 22.02 16.54
C PRO A 17 -47.03 22.71 15.19
N ILE A 18 -47.38 24.00 15.15
CA ILE A 18 -47.41 24.71 13.88
C ILE A 18 -46.00 24.87 13.32
N PHE A 19 -45.02 25.11 14.20
CA PHE A 19 -43.64 25.12 13.74
C PHE A 19 -43.22 23.75 13.22
N LEU A 20 -43.58 22.69 13.96
CA LEU A 20 -43.14 21.37 13.57
C LEU A 20 -43.85 20.83 12.35
N VAL A 21 -44.87 21.51 11.85
CA VAL A 21 -45.43 21.18 10.55
C VAL A 21 -44.97 22.14 9.46
N ARG A 22 -44.79 23.43 9.77
CA ARG A 22 -44.38 24.37 8.73
C ARG A 22 -42.94 24.16 8.32
N TYR A 23 -42.06 23.87 9.28
CA TYR A 23 -40.67 23.55 8.98
C TYR A 23 -40.28 22.14 9.35
N GLY A 24 -40.99 21.49 10.26
CA GLY A 24 -40.59 20.16 10.70
C GLY A 24 -40.79 19.09 9.64
N TYR A 25 -41.92 19.14 8.92
CA TYR A 25 -42.26 18.04 8.03
C TYR A 25 -41.22 17.84 6.95
N TYR A 26 -40.79 18.91 6.31
CA TYR A 26 -39.83 18.83 5.22
C TYR A 26 -38.41 19.15 5.67
N ASP A 27 -38.20 19.23 6.99
CA ASP A 27 -36.86 19.35 7.57
C ASP A 27 -36.18 20.64 7.12
N ARG A 28 -36.92 21.74 7.19
CA ARG A 28 -36.37 23.04 6.84
C ARG A 28 -35.81 23.71 8.08
N SER A 29 -35.13 24.84 7.88
CA SER A 29 -34.53 25.59 8.96
C SER A 29 -35.01 27.03 8.89
N ILE A 30 -35.31 27.61 10.04
CA ILE A 30 -35.72 29.00 10.15
C ILE A 30 -34.56 29.77 10.76
N LYS A 31 -34.21 30.91 10.15
CA LYS A 31 -33.05 31.64 10.62
C LYS A 31 -33.39 32.67 11.68
N ASN A 32 -34.46 33.44 11.49
CA ASN A 32 -34.92 34.40 12.47
C ASN A 32 -36.41 34.20 12.72
N LYS A 33 -36.85 34.49 13.94
CA LYS A 33 -38.26 34.38 14.28
C LYS A 33 -39.10 35.30 13.41
N GLU A 45 -25.88 28.46 4.82
CA GLU A 45 -26.63 27.41 4.11
C GLU A 45 -25.84 26.11 4.20
N PHE A 46 -25.39 25.73 5.40
CA PHE A 46 -24.48 24.55 5.48
C PHE A 46 -25.18 23.30 5.96
N GLY A 47 -25.67 23.32 7.19
CA GLY A 47 -26.34 22.15 7.76
C GLY A 47 -27.70 21.98 7.14
N LYS A 48 -28.10 22.89 6.25
CA LYS A 48 -29.48 22.86 5.71
C LYS A 48 -29.78 21.43 5.24
N SER A 49 -30.88 20.87 5.74
CA SER A 49 -31.27 19.47 5.43
C SER A 49 -32.45 19.44 4.47
N ASP A 50 -32.78 20.58 3.85
CA ASP A 50 -33.94 20.70 2.96
C ASP A 50 -33.73 19.81 1.74
N SER A 51 -34.64 18.87 1.51
CA SER A 51 -34.49 17.91 0.42
C SER A 51 -35.65 17.91 -0.57
N PHE A 52 -36.60 18.82 -0.42
CA PHE A 52 -37.75 18.88 -1.31
C PHE A 52 -37.98 20.32 -1.73
N TYR A 53 -38.39 20.50 -2.98
CA TYR A 53 -38.54 21.85 -3.53
C TYR A 53 -39.66 22.58 -2.81
N PHE A 54 -39.32 23.66 -2.12
CA PHE A 54 -40.30 24.40 -1.33
C PHE A 54 -41.40 24.97 -2.20
N LYS A 55 -41.11 25.30 -3.46
CA LYS A 55 -42.08 25.96 -4.31
C LYS A 55 -43.17 25.02 -4.78
N VAL A 56 -42.97 23.71 -4.67
CA VAL A 56 -43.96 22.72 -5.05
C VAL A 56 -44.49 21.97 -3.83
N PHE A 57 -43.59 21.51 -2.96
CA PHE A 57 -43.94 20.72 -1.79
C PHE A 57 -43.63 21.53 -0.54
N ASN A 58 -44.66 22.07 0.09
CA ASN A 58 -44.52 22.84 1.31
C ASN A 58 -45.78 22.69 2.14
N MET A 59 -45.67 23.06 3.41
CA MET A 59 -46.79 23.04 4.35
C MET A 59 -47.18 24.44 4.78
N GLU A 60 -47.06 25.41 3.89
CA GLU A 60 -47.52 26.76 4.21
C GLU A 60 -49.03 26.82 4.34
N SER A 61 -49.75 26.23 3.38
CA SER A 61 -51.20 26.27 3.44
C SER A 61 -51.73 25.51 4.65
N PHE A 62 -51.16 24.34 4.93
CA PHE A 62 -51.64 23.56 6.07
C PHE A 62 -51.36 24.28 7.38
N ALA A 63 -50.17 24.88 7.52
CA ALA A 63 -49.86 25.60 8.75
C ALA A 63 -50.72 26.84 8.90
N ASP A 64 -51.02 27.52 7.79
CA ASP A 64 -51.95 28.65 7.84
C ASP A 64 -53.32 28.19 8.30
N TYR A 65 -53.76 27.03 7.82
CA TYR A 65 -55.02 26.46 8.29
C TYR A 65 -54.97 26.13 9.77
N LEU A 66 -53.83 25.61 10.24
CA LEU A 66 -53.69 25.27 11.65
C LEU A 66 -53.74 26.49 12.55
N ARG A 67 -53.16 27.61 12.11
CA ARG A 67 -53.11 28.77 13.00
C ARG A 67 -54.50 29.22 13.41
N SER A 68 -55.51 28.96 12.60
CA SER A 68 -56.87 29.40 12.88
C SER A 68 -57.84 28.27 13.19
N HIS A 69 -57.44 27.02 13.03
CA HIS A 69 -58.29 25.89 13.40
C HIS A 69 -57.49 24.87 14.19
N ASP A 70 -58.09 24.37 15.26
CA ASP A 70 -57.46 23.34 16.08
C ASP A 70 -57.93 21.98 15.60
N LEU A 71 -56.99 21.15 15.17
CA LEU A 71 -57.29 19.82 14.65
C LEU A 71 -57.09 18.72 15.67
N LYS A 72 -56.86 19.08 16.94
CA LYS A 72 -56.73 18.07 17.99
C LYS A 72 -58.01 17.29 18.20
N THR A 73 -59.15 17.78 17.70
CA THR A 73 -60.39 17.02 17.80
C THR A 73 -60.35 15.77 16.93
N HIS A 74 -59.39 15.69 16.01
CA HIS A 74 -59.24 14.49 15.18
C HIS A 74 -58.34 13.44 15.80
N PHE A 75 -57.63 13.77 16.89
CA PHE A 75 -56.71 12.84 17.53
C PHE A 75 -57.11 12.57 18.97
N ASN A 76 -58.41 12.58 19.25
CA ASN A 76 -58.90 12.16 20.56
C ASN A 76 -59.02 10.65 20.67
N GLY A 77 -58.98 9.93 19.55
CA GLY A 77 -59.06 8.49 19.57
C GLY A 77 -57.93 7.84 20.33
N LYS A 78 -58.22 6.74 21.02
CA LYS A 78 -57.19 6.08 21.83
C LYS A 78 -56.13 5.43 20.96
N LYS A 79 -56.54 4.44 20.16
CA LYS A 79 -55.59 3.71 19.33
C LYS A 79 -55.14 4.58 18.15
N PRO A 80 -53.85 4.79 17.96
CA PRO A 80 -53.40 5.55 16.79
C PRO A 80 -53.65 4.76 15.51
N LEU A 81 -54.19 5.45 14.50
CA LEU A 81 -54.42 4.81 13.22
C LEU A 81 -53.09 4.52 12.53
N SER A 82 -52.94 3.28 12.06
CA SER A 82 -51.70 2.87 11.40
C SER A 82 -51.78 3.23 9.93
N THR A 83 -50.84 4.03 9.46
CA THR A 83 -50.83 4.55 8.11
C THR A 83 -49.53 4.17 7.41
N ASP A 84 -49.50 4.36 6.10
CA ASP A 84 -48.36 3.98 5.29
C ASP A 84 -47.66 5.24 4.80
N PRO A 85 -46.36 5.41 5.03
CA PRO A 85 -45.68 6.65 4.64
C PRO A 85 -45.31 6.63 3.16
N VAL A 86 -44.78 7.77 2.70
CA VAL A 86 -44.22 7.85 1.36
C VAL A 86 -42.77 7.41 1.44
N TYR A 87 -42.42 6.39 0.65
CA TYR A 87 -41.08 5.84 0.64
C TYR A 87 -40.26 6.58 -0.41
N PHE A 88 -39.30 7.38 0.04
CA PHE A 88 -38.44 8.17 -0.82
C PHE A 88 -37.00 7.72 -0.59
N ASN A 89 -36.31 7.38 -1.67
CA ASN A 89 -34.98 6.83 -1.58
C ASN A 89 -33.99 7.82 -2.16
N ILE A 90 -33.00 8.21 -1.36
CA ILE A 90 -32.01 9.20 -1.77
C ILE A 90 -30.65 8.51 -1.78
N PRO A 91 -29.70 9.02 -2.55
CA PRO A 91 -28.36 8.42 -2.55
C PRO A 91 -27.60 8.77 -1.28
N LYS A 92 -26.96 7.76 -0.69
CA LYS A 92 -26.04 8.01 0.41
C LYS A 92 -24.69 8.44 -0.10
N ASN A 93 -24.22 7.79 -1.16
CA ASN A 93 -22.97 8.14 -1.84
C ASN A 93 -23.14 7.75 -3.31
N ILE A 94 -22.03 7.63 -4.03
CA ILE A 94 -22.11 7.28 -5.44
C ILE A 94 -22.60 5.85 -5.63
N GLU A 95 -22.56 5.03 -4.59
CA GLU A 95 -22.95 3.63 -4.68
C GLU A 95 -24.08 3.22 -3.74
N ALA A 96 -24.16 3.80 -2.54
CA ALA A 96 -25.15 3.39 -1.56
C ALA A 96 -26.40 4.28 -1.62
N ARG A 97 -27.42 3.88 -0.86
CA ARG A 97 -28.70 4.57 -0.83
C ARG A 97 -29.14 4.78 0.62
N ARG A 98 -29.92 5.84 0.82
CA ARG A 98 -30.55 6.13 2.10
C ARG A 98 -32.05 6.21 1.90
N GLN A 99 -32.80 5.63 2.83
CA GLN A 99 -34.24 5.50 2.68
C GLN A 99 -34.95 6.52 3.57
N TYR A 100 -35.67 7.44 2.95
CA TYR A 100 -36.54 8.37 3.65
C TYR A 100 -37.95 7.81 3.70
N LYS A 101 -38.66 8.11 4.78
CA LYS A 101 -40.05 7.73 4.95
C LYS A 101 -40.81 8.98 5.37
N MET A 102 -41.59 9.52 4.45
CA MET A 102 -42.32 10.75 4.72
C MET A 102 -43.68 10.37 5.27
N PRO A 103 -43.95 10.60 6.55
CA PRO A 103 -45.15 10.00 7.16
C PRO A 103 -46.43 10.60 6.61
N ASN A 104 -47.49 9.82 6.76
CA ASN A 104 -48.83 10.33 6.51
C ASN A 104 -49.07 11.59 7.34
N LEU A 105 -49.71 12.59 6.72
CA LEU A 105 -49.91 13.85 7.42
C LEU A 105 -50.74 13.66 8.68
N TYR A 106 -51.69 12.71 8.68
CA TYR A 106 -52.46 12.43 9.87
C TYR A 106 -51.60 11.83 10.97
N SER A 107 -50.80 10.82 10.62
CA SER A 107 -49.88 10.24 11.58
C SER A 107 -48.86 11.26 12.06
N TYR A 108 -48.38 12.10 11.12
CA TYR A 108 -47.41 13.13 11.49
C TYR A 108 -48.00 14.08 12.52
N MET A 109 -49.24 14.52 12.30
CA MET A 109 -49.86 15.44 13.24
C MET A 109 -50.19 14.78 14.57
N ALA A 110 -50.54 13.50 14.56
CA ALA A 110 -50.73 12.78 15.83
C ALA A 110 -49.44 12.79 16.65
N LEU A 111 -48.34 12.37 16.04
CA LEU A 111 -47.05 12.35 16.74
C LEU A 111 -46.63 13.76 17.14
N ASN A 112 -46.90 14.73 16.28
CA ASN A 112 -46.56 16.12 16.55
C ASN A 112 -47.28 16.63 17.78
N TYR A 113 -48.59 16.41 17.85
CA TYR A 113 -49.36 16.87 18.99
C TYR A 113 -48.92 16.17 20.26
N TYR A 114 -48.63 14.87 20.17
CA TYR A 114 -48.18 14.16 21.37
C TYR A 114 -46.86 14.68 21.89
N ILE A 115 -45.89 14.90 20.99
CA ILE A 115 -44.60 15.43 21.40
C ILE A 115 -44.75 16.84 21.97
N CYS A 116 -45.62 17.64 21.36
CA CYS A 116 -45.76 19.01 21.86
C CYS A 116 -46.48 19.07 23.20
N ASP A 117 -47.35 18.10 23.49
CA ASP A 117 -47.95 18.03 24.81
C ASP A 117 -47.00 17.41 25.84
N ASN A 118 -46.01 16.64 25.40
CA ASN A 118 -45.03 16.04 26.29
C ASN A 118 -43.65 16.67 26.11
N LYS A 119 -43.64 17.93 25.69
CA LYS A 119 -42.40 18.67 25.48
C LYS A 119 -41.52 18.70 26.72
N LYS A 120 -42.11 18.61 27.90
CA LYS A 120 -41.34 18.63 29.13
C LYS A 120 -40.40 17.44 29.23
N GLU A 121 -40.75 16.30 28.64
CA GLU A 121 -39.86 15.13 28.69
C GLU A 121 -38.69 15.24 27.72
N PHE A 122 -38.79 16.10 26.71
CA PHE A 122 -37.68 16.33 25.81
C PHE A 122 -36.79 17.49 26.27
N ILE A 123 -37.40 18.58 26.72
CA ILE A 123 -36.65 19.79 26.97
C ILE A 123 -35.68 19.61 28.13
N GLU A 124 -36.11 18.97 29.22
CA GLU A 124 -35.22 18.81 30.37
C GLU A 124 -34.00 17.97 30.00
N VAL A 125 -34.21 16.92 29.22
CA VAL A 125 -33.08 16.10 28.78
C VAL A 125 -32.16 16.91 27.87
N PHE A 126 -32.73 17.71 26.96
CA PHE A 126 -31.91 18.50 26.07
C PHE A 126 -31.13 19.57 26.82
N ILE A 127 -31.75 20.15 27.85
CA ILE A 127 -31.12 21.18 28.66
C ILE A 127 -29.95 20.60 29.44
N ASP A 128 -30.18 19.48 30.13
CA ASP A 128 -29.14 18.91 30.98
C ASP A 128 -28.00 18.32 30.17
N ASN A 129 -28.20 18.06 28.89
CA ASN A 129 -27.18 17.39 28.09
C ASN A 129 -26.00 18.32 27.84
N LYS A 130 -24.83 17.71 27.66
CA LYS A 130 -23.60 18.47 27.46
C LYS A 130 -22.86 18.03 26.21
N PHE A 131 -23.02 16.77 25.83
CA PHE A 131 -22.19 16.15 24.80
C PHE A 131 -22.71 16.37 23.38
N SER A 132 -23.99 16.61 23.21
CA SER A 132 -24.57 16.69 21.88
C SER A 132 -24.34 18.05 21.26
N THR A 133 -23.80 18.06 20.03
CA THR A 133 -23.76 19.26 19.21
C THR A 133 -24.87 19.24 18.16
N SER A 134 -25.80 18.31 18.27
CA SER A 134 -26.89 18.16 17.30
C SER A 134 -28.26 18.35 17.94
N LYS A 135 -28.32 18.72 19.21
CA LYS A 135 -29.59 18.95 19.89
C LYS A 135 -30.16 20.34 19.64
N PHE A 136 -29.64 21.04 18.64
CA PHE A 136 -30.14 22.35 18.27
C PHE A 136 -30.83 22.37 16.91
N PHE A 137 -30.59 21.36 16.08
CA PHE A 137 -31.35 21.07 14.88
C PHE A 137 -31.21 22.13 13.79
N ASN A 138 -30.09 22.86 13.79
CA ASN A 138 -29.79 23.86 12.77
C ASN A 138 -30.88 24.92 12.70
N GLN A 139 -31.40 25.29 13.85
CA GLN A 139 -32.43 26.31 14.01
C GLN A 139 -31.78 27.67 14.23
N LEU A 140 -32.58 28.61 14.75
CA LEU A 140 -32.43 30.05 14.58
C LEU A 140 -31.00 30.55 14.53
N ASN A 141 -30.23 30.36 15.60
CA ASN A 141 -28.86 30.82 15.63
C ASN A 141 -27.84 29.71 15.72
N PHE A 142 -28.25 28.52 16.16
CA PHE A 142 -27.32 27.44 16.46
C PHE A 142 -26.98 26.69 15.17
N ASP A 143 -26.37 27.43 14.26
CA ASP A 143 -25.90 26.89 13.00
C ASP A 143 -24.53 26.22 13.19
N TYR A 144 -23.89 25.84 12.09
CA TYR A 144 -22.80 24.87 12.14
C TYR A 144 -21.57 25.34 12.94
N PRO A 145 -21.00 26.53 12.70
CA PRO A 145 -19.80 26.90 13.47
C PRO A 145 -20.00 26.97 14.98
N LYS A 146 -21.22 27.23 15.45
CA LYS A 146 -21.43 27.21 16.89
C LYS A 146 -21.35 25.81 17.46
N THR A 147 -21.91 24.83 16.76
CA THR A 147 -21.71 23.44 17.14
C THR A 147 -20.24 23.03 17.02
N GLN A 148 -19.53 23.61 16.06
CA GLN A 148 -18.08 23.38 15.97
C GLN A 148 -17.36 23.93 17.20
N GLU A 149 -17.76 25.11 17.68
CA GLU A 149 -17.17 25.64 18.91
C GLU A 149 -17.47 24.74 20.09
N ILE A 150 -18.69 24.22 20.17
CA ILE A 150 -19.05 23.31 21.25
C ILE A 150 -18.17 22.06 21.20
N THR A 151 -17.97 21.51 20.00
CA THR A 151 -17.11 20.34 19.85
C THR A 151 -15.69 20.66 20.29
N GLN A 152 -15.16 21.80 19.87
CA GLN A 152 -13.82 22.22 20.27
C GLN A 152 -13.71 22.26 21.79
N THR A 153 -14.67 22.89 22.45
CA THR A 153 -14.63 22.98 23.91
C THR A 153 -14.70 21.61 24.56
N LEU A 154 -15.45 20.69 23.97
CA LEU A 154 -15.55 19.35 24.53
C LEU A 154 -14.30 18.52 24.31
N LEU A 155 -13.49 18.85 23.31
CA LEU A 155 -12.33 18.05 22.96
C LEU A 155 -11.07 18.46 23.69
N TYR A 156 -11.18 19.37 24.67
CA TYR A 156 -10.03 19.85 25.40
C TYR A 156 -9.38 18.73 26.21
N GLY A 157 -8.06 18.80 26.33
CA GLY A 157 -7.32 17.91 27.19
C GLY A 157 -6.91 16.58 26.59
N GLY A 158 -7.24 16.33 25.32
CA GLY A 158 -6.93 15.05 24.74
C GLY A 158 -5.87 15.09 23.66
N ILE A 159 -4.79 14.33 23.85
CA ILE A 159 -3.74 14.25 22.83
C ILE A 159 -4.13 13.29 21.72
N LYS A 160 -5.22 12.56 21.88
CA LYS A 160 -5.67 11.58 20.92
C LYS A 160 -7.18 11.70 20.81
N LYS A 161 -7.71 11.39 19.63
CA LYS A 161 -9.16 11.40 19.41
C LYS A 161 -9.60 10.08 18.82
N LEU A 162 -10.58 9.45 19.44
CA LEU A 162 -11.17 8.22 18.94
C LEU A 162 -12.49 8.55 18.27
N HIS A 163 -12.66 8.09 17.04
CA HIS A 163 -13.88 8.32 16.28
C HIS A 163 -14.70 7.05 16.23
N LEU A 164 -15.95 7.14 16.66
CA LEU A 164 -16.89 6.03 16.60
C LEU A 164 -18.14 6.49 15.86
N ASP A 165 -18.80 5.53 15.21
CA ASP A 165 -19.99 5.82 14.43
C ASP A 165 -20.86 4.59 14.42
N LEU A 166 -22.11 4.73 14.85
CA LEU A 166 -23.08 3.65 14.70
C LEU A 166 -23.44 3.47 13.23
N SER A 167 -23.68 2.22 12.84
CA SER A 167 -23.94 1.89 11.45
C SER A 167 -25.44 1.77 11.23
N ASN A 168 -25.95 2.50 10.24
CA ASN A 168 -27.36 2.47 9.86
C ASN A 168 -28.25 2.75 11.07
N PHE A 169 -27.95 3.83 11.77
CA PHE A 169 -28.60 4.09 13.06
C PHE A 169 -30.09 4.32 12.87
N TYR A 170 -30.47 5.24 11.99
CA TYR A 170 -31.89 5.55 11.80
C TYR A 170 -32.64 4.36 11.21
N HIS A 171 -32.04 3.69 10.23
CA HIS A 171 -32.77 2.74 9.40
C HIS A 171 -32.88 1.35 10.03
N THR A 172 -32.11 1.06 11.06
CA THR A 172 -32.13 -0.26 11.68
C THR A 172 -32.46 -0.21 13.16
N LEU A 173 -32.75 0.96 13.70
CA LEU A 173 -33.11 1.08 15.10
C LEU A 173 -34.34 0.26 15.43
N TYR A 174 -34.26 -0.55 16.47
CA TYR A 174 -35.41 -1.31 16.93
C TYR A 174 -36.29 -0.37 17.74
N THR A 175 -37.49 -0.10 17.22
CA THR A 175 -38.33 0.96 17.78
C THR A 175 -38.79 0.63 19.20
N HIS A 176 -38.90 -0.65 19.54
CA HIS A 176 -39.23 -1.01 20.92
C HIS A 176 -38.08 -0.83 21.89
N SER A 177 -36.87 -0.57 21.40
CA SER A 177 -35.74 -0.26 22.26
C SER A 177 -35.73 1.19 22.71
N ILE A 178 -36.62 2.03 22.18
CA ILE A 178 -36.72 3.40 22.67
C ILE A 178 -37.14 3.46 24.13
N PRO A 179 -38.16 2.72 24.59
CA PRO A 179 -38.39 2.65 26.03
C PRO A 179 -37.23 2.07 26.82
N TRP A 180 -36.46 1.15 26.25
CA TRP A 180 -35.30 0.63 26.98
C TRP A 180 -34.29 1.74 27.25
N MET A 181 -34.05 2.61 26.27
CA MET A 181 -33.09 3.68 26.49
C MET A 181 -33.66 4.74 27.42
N ILE A 182 -34.92 5.13 27.21
CA ILE A 182 -35.48 6.26 27.94
C ILE A 182 -35.78 5.89 29.38
N ASP A 183 -36.32 4.68 29.61
CA ASP A 183 -36.73 4.25 30.94
C ASP A 183 -35.87 3.17 31.56
N GLY A 184 -34.97 2.56 30.81
CA GLY A 184 -34.25 1.41 31.30
C GLY A 184 -34.83 0.11 30.75
N LYS A 185 -33.97 -0.79 30.30
CA LYS A 185 -34.44 -2.04 29.70
C LYS A 185 -35.23 -2.87 30.69
N SER A 186 -34.74 -2.95 31.94
CA SER A 186 -35.41 -3.76 32.94
C SER A 186 -36.80 -3.24 33.25
N ALA A 187 -36.96 -1.93 33.37
CA ALA A 187 -38.26 -1.35 33.65
C ALA A 187 -39.20 -1.44 32.46
N SER A 188 -38.67 -2.03 31.40
CA SER A 188 -39.45 -2.16 30.15
C SER A 188 -39.99 -3.58 29.96
N LYS A 189 -39.52 -4.55 30.75
CA LYS A 189 -40.07 -5.93 30.66
C LYS A 189 -41.33 -6.01 31.51
N GLN A 190 -41.74 -4.89 32.10
CA GLN A 190 -43.00 -4.87 32.87
C GLN A 190 -44.13 -4.41 31.96
N LYS A 194 -48.48 2.32 28.07
CA LYS A 194 -49.12 3.00 29.20
C LYS A 194 -48.41 4.31 29.53
N GLY A 195 -47.08 4.27 29.56
CA GLY A 195 -46.29 5.43 29.90
C GLY A 195 -46.01 6.31 28.69
N PHE A 196 -45.11 7.27 28.91
CA PHE A 196 -44.73 8.19 27.83
C PHE A 196 -43.96 7.47 26.74
N SER A 197 -42.94 6.69 27.11
CA SER A 197 -42.10 6.02 26.12
C SER A 197 -42.90 5.02 25.29
N ASN A 198 -43.78 4.25 25.94
CA ASN A 198 -44.57 3.26 25.20
C ASN A 198 -45.50 3.94 24.20
N THR A 199 -46.16 5.03 24.60
CA THR A 199 -47.05 5.72 23.69
C THR A 199 -46.28 6.35 22.53
N LEU A 200 -45.10 6.92 22.83
CA LEU A 200 -44.28 7.47 21.77
C LEU A 200 -43.84 6.38 20.79
N ASP A 201 -43.53 5.20 21.31
CA ASP A 201 -43.19 4.07 20.46
C ASP A 201 -44.37 3.67 19.58
N THR A 202 -45.57 3.62 20.14
CA THR A 202 -46.75 3.26 19.36
C THR A 202 -47.00 4.28 18.25
N LEU A 203 -46.84 5.57 18.55
CA LEU A 203 -47.04 6.58 17.53
C LEU A 203 -45.97 6.52 16.44
N ILE A 204 -44.72 6.27 16.83
CA ILE A 204 -43.65 6.14 15.85
C ILE A 204 -43.94 4.98 14.90
N THR A 205 -44.35 3.83 15.44
CA THR A 205 -44.66 2.70 14.57
C THR A 205 -45.92 2.95 13.75
N ALA A 206 -46.89 3.67 14.29
CA ALA A 206 -48.07 4.00 13.52
C ALA A 206 -47.73 4.90 12.33
N CYS A 207 -46.73 5.77 12.48
CA CYS A 207 -46.30 6.59 11.35
C CYS A 207 -45.74 5.77 10.20
N GLN A 208 -45.38 4.50 10.43
CA GLN A 208 -44.75 3.67 9.41
C GLN A 208 -45.42 2.31 9.31
N TYR A 209 -46.73 2.25 9.56
CA TYR A 209 -47.54 1.05 9.38
C TYR A 209 -47.08 -0.08 10.30
N ASP A 210 -46.97 0.24 11.59
CA ASP A 210 -46.67 -0.71 12.66
C ASP A 210 -45.33 -1.43 12.47
N GLU A 211 -44.48 -0.94 11.56
CA GLU A 211 -43.17 -1.54 11.40
C GLU A 211 -42.26 -1.06 12.51
N THR A 212 -41.63 -2.01 13.21
CA THR A 212 -40.76 -1.71 14.33
C THR A 212 -39.30 -1.69 13.93
N HIS A 213 -39.00 -1.48 12.66
CA HIS A 213 -37.64 -1.52 12.13
C HIS A 213 -37.28 -0.12 11.64
N GLY A 214 -36.61 0.65 12.47
CA GLY A 214 -36.15 1.96 12.10
C GLY A 214 -37.10 3.07 12.50
N ILE A 215 -36.66 4.30 12.24
CA ILE A 215 -37.42 5.51 12.50
C ILE A 215 -37.72 6.18 11.17
N PRO A 216 -38.94 6.66 10.92
CA PRO A 216 -39.22 7.35 9.65
C PRO A 216 -38.38 8.62 9.51
N THR A 217 -37.45 8.61 8.55
CA THR A 217 -36.40 9.61 8.46
C THR A 217 -36.76 10.68 7.44
N GLY A 218 -36.44 11.93 7.77
CA GLY A 218 -36.61 13.03 6.84
C GLY A 218 -37.43 14.19 7.36
N ASN A 219 -37.63 14.27 8.67
CA ASN A 219 -38.41 15.34 9.26
C ASN A 219 -37.81 15.71 10.61
N LEU A 220 -38.36 16.75 11.22
CA LEU A 220 -37.83 17.21 12.50
C LEU A 220 -38.25 16.32 13.66
N LEU A 221 -39.45 15.73 13.62
CA LEU A 221 -39.87 14.91 14.75
C LEU A 221 -38.96 13.70 14.91
N SER A 222 -38.58 13.07 13.80
CA SER A 222 -37.70 11.92 13.88
C SER A 222 -36.34 12.32 14.45
N ARG A 223 -35.83 13.48 14.05
CA ARG A 223 -34.57 13.95 14.60
C ARG A 223 -34.69 14.27 16.09
N ILE A 224 -35.82 14.82 16.51
CA ILE A 224 -36.02 15.11 17.93
C ILE A 224 -36.05 13.83 18.75
N ILE A 225 -36.76 12.80 18.27
CA ILE A 225 -36.81 11.53 18.98
C ILE A 225 -35.45 10.85 18.99
N THR A 226 -34.74 10.89 17.86
CA THR A 226 -33.39 10.32 17.82
C THR A 226 -32.46 11.05 18.77
N GLU A 227 -32.60 12.37 18.86
CA GLU A 227 -31.77 13.13 19.79
C GLU A 227 -32.11 12.79 21.24
N LEU A 228 -33.38 12.58 21.55
CA LEU A 228 -33.74 12.17 22.91
C LEU A 228 -33.18 10.78 23.24
N TYR A 229 -33.27 9.86 22.29
CA TYR A 229 -32.69 8.53 22.46
C TYR A 229 -31.18 8.62 22.74
N MET A 230 -30.47 9.38 21.91
CA MET A 230 -29.03 9.52 22.08
C MET A 230 -28.66 10.38 23.28
N CYS A 231 -29.56 11.24 23.75
CA CYS A 231 -29.27 11.99 24.97
C CYS A 231 -29.41 11.12 26.20
N HIS A 232 -30.32 10.14 26.18
CA HIS A 232 -30.30 9.16 27.26
C HIS A 232 -29.07 8.26 27.18
N PHE A 233 -28.64 7.93 25.96
CA PHE A 233 -27.35 7.27 25.77
C PHE A 233 -26.23 8.08 26.44
N ASP A 234 -26.18 9.38 26.15
CA ASP A 234 -25.18 10.25 26.74
C ASP A 234 -25.32 10.34 28.24
N LYS A 235 -26.55 10.32 28.76
CA LYS A 235 -26.77 10.34 30.20
C LYS A 235 -26.12 9.14 30.86
N GLN A 236 -26.32 7.95 30.29
CA GLN A 236 -25.66 6.77 30.82
C GLN A 236 -24.14 6.93 30.75
N MET A 237 -23.64 7.37 29.60
CA MET A 237 -22.19 7.36 29.42
C MET A 237 -21.50 8.42 30.25
N GLU A 238 -22.20 9.51 30.58
CA GLU A 238 -21.63 10.52 31.46
C GLU A 238 -21.75 10.12 32.92
N TYR A 239 -22.78 9.33 33.27
CA TYR A 239 -22.82 8.76 34.61
C TYR A 239 -21.59 7.90 34.86
N LYS A 240 -21.07 7.24 33.82
CA LYS A 240 -19.79 6.55 33.95
C LYS A 240 -18.59 7.49 33.87
N LYS A 241 -18.80 8.81 34.00
CA LYS A 241 -17.72 9.79 34.05
C LYS A 241 -16.86 9.79 32.78
N PHE A 242 -17.51 9.85 31.62
CA PHE A 242 -16.84 10.03 30.35
C PHE A 242 -17.18 11.39 29.76
N VAL A 243 -16.33 11.86 28.86
CA VAL A 243 -16.54 13.10 28.13
C VAL A 243 -16.27 12.86 26.66
N TYR A 244 -17.18 13.30 25.81
CA TYR A 244 -16.98 13.20 24.37
C TYR A 244 -17.89 14.21 23.68
N SER A 245 -17.79 14.29 22.37
CA SER A 245 -18.65 15.13 21.51
C SER A 245 -19.38 14.20 20.57
N ARG A 246 -20.69 14.31 20.49
CA ARG A 246 -21.49 13.48 19.56
C ARG A 246 -22.30 14.32 18.63
N TYR A 247 -22.24 14.03 17.35
CA TYR A 247 -23.18 14.66 16.42
C TYR A 247 -24.03 13.52 15.91
N VAL A 248 -25.28 13.49 16.32
CA VAL A 248 -26.19 12.38 15.97
C VAL A 248 -25.56 11.10 16.50
N ASP A 249 -24.95 10.30 15.66
CA ASP A 249 -24.37 9.00 16.06
C ASP A 249 -22.88 9.02 15.77
N ASP A 250 -22.26 10.20 15.57
CA ASP A 250 -20.82 10.22 15.39
C ASP A 250 -20.19 10.73 16.67
N PHE A 251 -19.33 9.90 17.28
CA PHE A 251 -18.67 10.20 18.53
C PHE A 251 -17.22 10.59 18.28
N ILE A 252 -16.77 11.63 18.96
CA ILE A 252 -15.34 11.93 19.07
C ILE A 252 -15.01 11.88 20.55
N PHE A 253 -14.12 10.96 20.92
CA PHE A 253 -13.74 10.78 22.30
C PHE A 253 -12.30 11.23 22.51
N PRO A 254 -12.05 12.32 23.22
CA PRO A 254 -10.67 12.74 23.46
C PRO A 254 -10.06 11.99 24.63
N PHE A 255 -8.83 11.52 24.46
CA PHE A 255 -8.16 10.77 25.49
C PHE A 255 -6.66 10.94 25.33
N THR A 256 -5.93 10.61 26.38
CA THR A 256 -4.47 10.66 26.39
C THR A 256 -3.84 9.29 26.53
N PHE A 257 -4.42 8.43 27.35
CA PHE A 257 -3.83 7.17 27.74
C PHE A 257 -4.68 6.03 27.20
N GLU A 258 -4.03 4.93 26.81
CA GLU A 258 -4.74 3.83 26.16
C GLU A 258 -5.74 3.16 27.08
N ASN A 259 -5.49 3.17 28.40
CA ASN A 259 -6.46 2.61 29.33
C ASN A 259 -7.76 3.40 29.28
N GLU A 260 -7.66 4.71 29.07
CA GLU A 260 -8.86 5.54 28.91
C GLU A 260 -9.68 5.07 27.72
N LYS A 261 -9.02 4.86 26.58
CA LYS A 261 -9.74 4.43 25.38
C LYS A 261 -10.35 3.05 25.58
N GLN A 262 -9.61 2.14 26.22
CA GLN A 262 -10.15 0.79 26.40
C GLN A 262 -11.34 0.79 27.34
N GLU A 263 -11.29 1.56 28.43
CA GLU A 263 -12.44 1.65 29.33
C GLU A 263 -13.64 2.25 28.61
N PHE A 264 -13.41 3.31 27.84
CA PHE A 264 -14.51 3.93 27.09
C PHE A 264 -15.11 2.96 26.09
N LEU A 265 -14.26 2.24 25.35
CA LEU A 265 -14.76 1.28 24.37
C LEU A 265 -15.54 0.17 25.05
N ASN A 266 -15.08 -0.29 26.21
CA ASN A 266 -15.80 -1.34 26.92
C ASN A 266 -17.20 -0.89 27.30
N GLU A 267 -17.32 0.27 27.94
CA GLU A 267 -18.65 0.72 28.36
C GLU A 267 -19.53 1.06 27.16
N PHE A 268 -18.94 1.66 26.13
CA PHE A 268 -19.68 2.00 24.93
C PHE A 268 -20.23 0.74 24.27
N ASN A 269 -19.41 -0.32 24.21
CA ASN A 269 -19.84 -1.58 23.62
C ASN A 269 -20.93 -2.23 24.46
N LEU A 270 -20.83 -2.15 25.79
CA LEU A 270 -21.90 -2.70 26.62
C LEU A 270 -23.22 -2.00 26.36
N ILE A 271 -23.20 -0.66 26.27
CA ILE A 271 -24.45 0.05 26.04
C ILE A 271 -25.01 -0.26 24.65
N CYS A 272 -24.14 -0.29 23.63
CA CYS A 272 -24.58 -0.62 22.29
C CYS A 272 -25.19 -2.02 22.22
N ARG A 273 -24.51 -3.00 22.82
CA ARG A 273 -25.02 -4.37 22.80
C ARG A 273 -26.33 -4.49 23.54
N GLU A 274 -26.44 -3.83 24.70
CA GLU A 274 -27.68 -3.90 25.47
C GLU A 274 -28.84 -3.28 24.70
N ASN A 275 -28.56 -2.28 23.87
CA ASN A 275 -29.61 -1.58 23.15
C ASN A 275 -29.69 -1.97 21.68
N ASN A 276 -29.02 -3.05 21.28
CA ASN A 276 -29.12 -3.60 19.92
C ASN A 276 -28.54 -2.64 18.89
N LEU A 277 -27.49 -1.93 19.26
CA LEU A 277 -26.86 -0.96 18.39
C LEU A 277 -25.58 -1.55 17.81
N ILE A 278 -25.33 -1.28 16.54
CA ILE A 278 -24.20 -1.86 15.81
C ILE A 278 -23.20 -0.75 15.52
N ILE A 279 -21.94 -1.01 15.82
CA ILE A 279 -20.86 -0.05 15.58
C ILE A 279 -20.32 -0.24 14.18
N ASN A 280 -20.19 0.85 13.44
CA ASN A 280 -19.59 0.84 12.11
C ASN A 280 -18.09 0.75 12.30
N ASP A 281 -17.55 -0.47 12.25
CA ASP A 281 -16.15 -0.68 12.54
C ASP A 281 -15.22 -0.14 11.45
N ASN A 282 -15.77 0.20 10.27
CA ASN A 282 -14.93 0.75 9.21
C ASN A 282 -14.63 2.23 9.43
N LYS A 283 -15.39 2.91 10.28
CA LYS A 283 -15.14 4.31 10.58
C LYS A 283 -14.49 4.53 11.93
N THR A 284 -14.05 3.46 12.59
CA THR A 284 -13.37 3.57 13.88
C THR A 284 -11.91 3.88 13.64
N LYS A 285 -11.49 5.09 14.01
CA LYS A 285 -10.12 5.53 13.81
C LYS A 285 -9.68 6.32 15.03
N VAL A 286 -8.37 6.41 15.19
CA VAL A 286 -7.75 7.23 16.23
C VAL A 286 -6.91 8.30 15.56
N ASP A 287 -7.21 9.56 15.84
CA ASP A 287 -6.38 10.66 15.41
C ASP A 287 -5.33 10.95 16.47
N ASN A 288 -4.07 11.01 16.04
CA ASN A 288 -2.98 11.37 16.92
C ASN A 288 -2.57 12.80 16.65
N PHE A 289 -2.26 13.55 17.71
CA PHE A 289 -1.85 14.93 17.54
C PHE A 289 -0.45 14.97 16.94
N PRO A 290 -0.19 15.89 15.99
CA PRO A 290 -1.08 16.94 15.47
C PRO A 290 -2.25 16.42 14.66
N PHE A 291 -3.41 17.03 14.87
CA PHE A 291 -4.67 16.51 14.38
C PHE A 291 -4.91 16.92 12.93
N VAL A 292 -5.54 16.03 12.20
CA VAL A 292 -5.91 16.28 10.81
C VAL A 292 -7.24 17.03 10.78
N ASP A 293 -7.35 18.00 9.86
CA ASP A 293 -8.59 18.75 9.67
C ASP A 293 -8.77 18.92 8.15
N LYS A 294 -9.44 17.97 7.54
CA LYS A 294 -9.69 18.06 6.11
C LYS A 294 -10.79 19.05 5.78
N SER A 295 -11.85 19.10 6.59
CA SER A 295 -13.04 19.89 6.29
C SER A 295 -12.83 21.32 6.78
N SER A 296 -12.04 22.07 6.03
CA SER A 296 -11.82 23.49 6.26
C SER A 296 -12.29 24.26 5.03
N LYS A 297 -13.12 25.27 5.25
CA LYS A 297 -13.81 25.96 4.16
C LYS A 297 -13.22 27.35 3.90
N SER A 298 -12.05 27.65 4.44
CA SER A 298 -11.50 29.00 4.32
C SER A 298 -11.16 29.35 2.87
N ASP A 299 -10.56 28.41 2.15
CA ASP A 299 -10.18 28.68 0.77
C ASP A 299 -11.40 28.86 -0.13
N ILE A 300 -12.45 28.06 0.09
CA ILE A 300 -13.67 28.19 -0.70
C ILE A 300 -14.30 29.56 -0.51
N PHE A 301 -14.40 30.00 0.75
CA PHE A 301 -15.04 31.28 1.02
C PHE A 301 -14.20 32.44 0.52
N SER A 302 -12.87 32.27 0.45
CA SER A 302 -11.98 33.32 0.00
C SER A 302 -11.56 33.16 -1.46
N PHE A 303 -12.27 32.34 -2.23
CA PHE A 303 -11.87 32.10 -3.61
C PHE A 303 -11.99 33.37 -4.46
N PHE A 304 -13.04 34.16 -4.23
CA PHE A 304 -13.30 35.34 -5.05
C PHE A 304 -12.84 36.63 -4.38
N GLU A 305 -11.81 36.59 -3.55
CA GLU A 305 -11.36 37.81 -2.89
C GLU A 305 -10.79 38.82 -3.88
N ASN A 306 -9.98 38.37 -4.84
CA ASN A 306 -9.27 39.28 -5.73
C ASN A 306 -10.00 39.51 -7.04
N ILE A 307 -11.33 39.40 -7.04
CA ILE A 307 -12.14 39.72 -8.21
C ILE A 307 -13.14 40.81 -7.82
N THR A 308 -13.34 41.77 -8.71
CA THR A 308 -14.19 42.91 -8.46
C THR A 308 -15.15 43.11 -9.62
N SER A 309 -16.16 43.94 -9.39
CA SER A 309 -17.22 44.14 -10.39
C SER A 309 -16.70 44.83 -11.64
N THR A 310 -15.54 45.48 -11.59
CA THR A 310 -14.99 46.11 -12.78
C THR A 310 -14.33 45.13 -13.72
N ASN A 311 -14.12 43.89 -13.28
CA ASN A 311 -13.55 42.86 -14.14
C ASN A 311 -14.53 42.51 -15.26
N SER A 312 -13.98 42.09 -16.40
CA SER A 312 -14.80 41.71 -17.53
C SER A 312 -15.67 40.51 -17.18
N ASN A 313 -16.78 40.37 -17.92
CA ASN A 313 -17.68 39.25 -17.67
C ASN A 313 -17.03 37.91 -18.00
N ASP A 314 -16.11 37.90 -18.97
CA ASP A 314 -15.39 36.67 -19.29
C ASP A 314 -14.52 36.23 -18.12
N LYS A 315 -13.89 37.17 -17.44
CA LYS A 315 -13.14 36.84 -16.23
C LYS A 315 -14.06 36.23 -15.18
N TRP A 316 -15.25 36.79 -15.02
CA TRP A 316 -16.21 36.26 -14.06
C TRP A 316 -16.60 34.84 -14.41
N ILE A 317 -16.87 34.58 -15.68
CA ILE A 317 -17.24 33.23 -16.13
C ILE A 317 -16.12 32.25 -15.86
N LYS A 318 -14.88 32.64 -16.20
CA LYS A 318 -13.74 31.77 -15.99
C LYS A 318 -13.55 31.47 -14.51
N GLU A 319 -13.69 32.49 -13.65
CA GLU A 319 -13.51 32.28 -12.23
C GLU A 319 -14.59 31.39 -11.65
N ILE A 320 -15.84 31.54 -12.10
CA ILE A 320 -16.90 30.66 -11.62
C ILE A 320 -16.64 29.22 -12.03
N SER A 321 -16.22 29.00 -13.29
CA SER A 321 -15.93 27.65 -13.73
C SER A 321 -14.77 27.04 -12.93
N ASN A 322 -13.69 27.81 -12.77
CA ASN A 322 -12.56 27.34 -11.98
C ASN A 322 -12.97 27.06 -10.55
N PHE A 323 -13.89 27.86 -10.03
CA PHE A 323 -14.32 27.70 -8.65
C PHE A 323 -15.11 26.42 -8.47
N ILE A 324 -15.98 26.10 -9.44
CA ILE A 324 -16.73 24.85 -9.39
C ILE A 324 -15.77 23.66 -9.43
N ASP A 325 -14.79 23.71 -10.34
CA ASP A 325 -13.81 22.64 -10.39
C ASP A 325 -13.04 22.52 -9.07
N TYR A 326 -12.68 23.66 -8.49
CA TYR A 326 -11.95 23.67 -7.23
C TYR A 326 -12.75 23.03 -6.12
N CYS A 327 -14.04 23.33 -6.04
CA CYS A 327 -14.86 22.77 -4.97
C CYS A 327 -15.12 21.29 -5.17
N VAL A 328 -15.28 20.84 -6.42
CA VAL A 328 -15.41 19.41 -6.65
C VAL A 328 -14.13 18.68 -6.24
N ASN A 329 -12.97 19.26 -6.56
CA ASN A 329 -11.72 18.69 -6.08
C ASN A 329 -11.64 18.66 -4.57
N GLU A 330 -12.08 19.74 -3.91
CA GLU A 330 -12.03 19.78 -2.45
C GLU A 330 -12.91 18.70 -1.86
N GLU A 331 -14.11 18.50 -2.41
CA GLU A 331 -14.97 17.42 -1.96
C GLU A 331 -14.31 16.06 -2.17
N HIS A 332 -13.62 15.89 -3.31
CA HIS A 332 -12.91 14.65 -3.56
C HIS A 332 -11.81 14.40 -2.54
N LEU A 333 -11.14 15.46 -2.09
CA LEU A 333 -10.01 15.35 -1.17
C LEU A 333 -10.44 15.16 0.28
N GLY A 334 -11.72 14.91 0.55
CA GLY A 334 -12.18 14.67 1.89
C GLY A 334 -12.83 15.84 2.58
N ASN A 335 -12.90 17.00 1.93
CA ASN A 335 -13.53 18.18 2.50
C ASN A 335 -15.03 18.01 2.35
N LYS A 336 -15.66 17.38 3.35
CA LYS A 336 -17.07 17.07 3.29
C LYS A 336 -17.90 18.34 3.15
N GLY A 337 -18.89 18.29 2.25
CA GLY A 337 -19.79 19.39 2.05
C GLY A 337 -19.25 20.54 1.23
N ALA A 338 -18.13 20.34 0.52
CA ALA A 338 -17.53 21.44 -0.21
C ALA A 338 -18.30 21.78 -1.48
N ILE A 339 -18.97 20.79 -2.08
CA ILE A 339 -19.79 21.08 -3.26
C ILE A 339 -21.05 21.85 -2.87
N LYS A 340 -21.64 21.53 -1.73
CA LYS A 340 -22.85 22.23 -1.30
C LYS A 340 -22.58 23.70 -1.02
N CYS A 341 -21.32 24.10 -0.84
CA CYS A 341 -20.99 25.49 -0.66
C CYS A 341 -20.82 26.24 -1.97
N ILE A 342 -20.89 25.57 -3.12
CA ILE A 342 -20.67 26.24 -4.41
C ILE A 342 -21.72 27.31 -4.62
N PHE A 343 -22.99 26.91 -4.66
CA PHE A 343 -24.08 27.83 -4.96
C PHE A 343 -24.19 28.98 -3.97
N PRO A 344 -24.18 28.74 -2.65
CA PRO A 344 -24.31 29.88 -1.72
C PRO A 344 -23.23 30.92 -1.88
N VAL A 345 -21.99 30.53 -2.12
CA VAL A 345 -20.94 31.54 -2.16
C VAL A 345 -20.87 32.20 -3.52
N ILE A 346 -21.29 31.53 -4.60
CA ILE A 346 -21.45 32.24 -5.85
C ILE A 346 -22.52 33.33 -5.70
N THR A 347 -23.65 32.99 -5.09
CA THR A 347 -24.70 33.97 -4.89
C THR A 347 -24.21 35.12 -4.00
N ASN A 348 -23.55 34.80 -2.89
CA ASN A 348 -23.06 35.83 -1.99
C ASN A 348 -21.99 36.69 -2.64
N THR A 349 -21.12 36.10 -3.47
CA THR A 349 -20.11 36.88 -4.16
C THR A 349 -20.76 37.85 -5.13
N LEU A 350 -21.73 37.39 -5.92
CA LEU A 350 -22.37 38.30 -6.85
C LEU A 350 -23.14 39.39 -6.11
N LYS A 351 -23.66 39.10 -4.93
CA LYS A 351 -24.40 40.12 -4.18
C LYS A 351 -23.46 41.12 -3.51
N GLN A 352 -22.34 40.64 -2.94
CA GLN A 352 -21.42 41.52 -2.24
C GLN A 352 -20.59 42.37 -3.20
N LYS A 353 -20.16 41.79 -4.31
CA LYS A 353 -19.30 42.52 -5.23
C LYS A 353 -20.06 43.59 -6.01
N LYS A 354 -21.37 43.69 -5.81
CA LYS A 354 -22.20 44.71 -6.44
C LYS A 354 -22.11 44.62 -7.96
N VAL A 355 -22.53 43.49 -8.49
CA VAL A 355 -22.49 43.22 -9.92
C VAL A 355 -23.84 43.60 -10.52
N ASP A 356 -23.81 44.33 -11.63
CA ASP A 356 -25.04 44.85 -12.23
C ASP A 356 -25.93 43.70 -12.70
N THR A 357 -27.25 43.96 -12.71
CA THR A 357 -28.21 42.95 -13.15
C THR A 357 -27.98 42.57 -14.61
N LYS A 358 -27.72 43.56 -15.46
CA LYS A 358 -27.38 43.27 -16.84
C LYS A 358 -26.12 42.41 -16.91
N ASN A 359 -25.16 42.69 -16.02
CA ASN A 359 -23.96 41.86 -15.98
C ASN A 359 -24.26 40.45 -15.49
N ILE A 360 -25.17 40.30 -14.52
CA ILE A 360 -25.56 38.95 -14.09
C ILE A 360 -26.16 38.18 -15.27
N ASP A 361 -27.06 38.83 -16.01
CA ASP A 361 -27.67 38.17 -17.16
C ASP A 361 -26.60 37.81 -18.20
N ASN A 362 -25.66 38.71 -18.44
CA ASN A 362 -24.61 38.43 -19.40
C ASN A 362 -23.74 37.26 -18.97
N ILE A 363 -23.33 37.23 -17.70
CA ILE A 363 -22.49 36.14 -17.20
C ILE A 363 -23.20 34.80 -17.35
N PHE A 364 -24.45 34.72 -16.87
CA PHE A 364 -25.07 33.41 -16.78
C PHE A 364 -25.78 33.00 -18.06
N SER A 365 -26.00 33.92 -19.00
CA SER A 365 -26.65 33.60 -20.25
C SER A 365 -25.73 33.57 -21.45
N LYS A 366 -24.52 34.11 -21.33
CA LYS A 366 -23.59 34.11 -22.45
C LYS A 366 -23.26 32.68 -22.88
N ARG A 367 -23.39 32.44 -24.18
CA ARG A 367 -22.99 31.18 -24.78
C ARG A 367 -21.81 31.47 -25.69
N ASN A 368 -20.65 30.90 -25.34
CA ASN A 368 -19.44 31.16 -26.11
C ASN A 368 -19.58 30.57 -27.50
N MET A 369 -19.27 31.38 -28.52
CA MET A 369 -19.57 30.98 -29.89
C MET A 369 -18.66 29.86 -30.36
N VAL A 370 -17.45 29.77 -29.83
CA VAL A 370 -16.48 28.80 -30.31
C VAL A 370 -16.36 27.59 -29.38
N THR A 371 -16.33 27.79 -28.06
CA THR A 371 -16.29 26.66 -27.15
C THR A 371 -17.66 26.10 -26.83
N ASN A 372 -18.72 26.84 -27.17
CA ASN A 372 -20.11 26.42 -26.92
C ASN A 372 -20.32 26.16 -25.43
N PHE A 373 -19.74 27.01 -24.59
CA PHE A 373 -19.73 26.83 -23.15
C PHE A 373 -20.61 27.88 -22.49
N ASN A 374 -21.51 27.42 -21.63
CA ASN A 374 -22.32 28.31 -20.80
C ASN A 374 -22.15 27.89 -19.35
N VAL A 375 -21.94 28.87 -18.47
CA VAL A 375 -21.63 28.54 -17.09
C VAL A 375 -22.85 28.01 -16.34
N PHE A 376 -24.05 28.51 -16.68
CA PHE A 376 -25.26 27.99 -16.06
C PHE A 376 -25.46 26.52 -16.42
N GLU A 377 -25.10 26.15 -17.65
CA GLU A 377 -25.19 24.75 -18.05
C GLU A 377 -24.21 23.88 -17.26
N LYS A 378 -23.03 24.42 -16.96
CA LYS A 378 -22.08 23.69 -16.13
C LYS A 378 -22.63 23.48 -14.73
N ILE A 379 -23.26 24.51 -14.17
CA ILE A 379 -23.82 24.39 -12.83
C ILE A 379 -24.98 23.40 -12.83
N LEU A 380 -25.78 23.40 -13.90
CA LEU A 380 -26.88 22.45 -14.02
C LEU A 380 -26.37 21.03 -14.12
N ASP A 381 -25.31 20.80 -14.90
CA ASP A 381 -24.73 19.47 -14.99
C ASP A 381 -24.19 19.02 -13.65
N LEU A 382 -23.50 19.92 -12.94
CA LEU A 382 -23.04 19.60 -11.59
C LEU A 382 -24.19 19.18 -10.69
N SER A 383 -25.30 19.92 -10.75
CA SER A 383 -26.47 19.57 -9.94
C SER A 383 -26.99 18.19 -10.31
N LEU A 384 -26.98 17.86 -11.60
CA LEU A 384 -27.47 16.55 -12.03
C LEU A 384 -26.52 15.42 -11.65
N LYS A 385 -25.24 15.72 -11.37
CA LYS A 385 -24.34 14.64 -10.99
C LYS A 385 -24.67 14.07 -9.61
N ASP A 386 -25.15 14.91 -8.70
CA ASP A 386 -25.59 14.44 -7.38
C ASP A 386 -26.99 14.97 -7.13
N SER A 387 -27.95 14.05 -7.03
CA SER A 387 -29.36 14.46 -6.92
C SER A 387 -29.67 15.16 -5.61
N ARG A 388 -28.78 15.07 -4.62
CA ARG A 388 -28.96 15.79 -3.37
C ARG A 388 -28.73 17.28 -3.52
N LEU A 389 -28.29 17.72 -4.70
CA LEU A 389 -28.06 19.13 -5.00
C LEU A 389 -29.23 19.77 -5.72
N THR A 390 -30.37 19.06 -5.81
CA THR A 390 -31.52 19.58 -6.55
C THR A 390 -32.01 20.89 -5.95
N ASN A 391 -32.28 20.89 -4.65
CA ASN A 391 -32.85 22.07 -4.02
C ASN A 391 -31.80 23.18 -3.93
N LYS A 392 -30.53 22.80 -3.78
CA LYS A 392 -29.44 23.77 -3.79
C LYS A 392 -29.41 24.51 -5.13
N PHE A 393 -29.43 23.75 -6.23
CA PHE A 393 -29.46 24.36 -7.56
C PHE A 393 -30.68 25.23 -7.76
N LEU A 394 -31.85 24.78 -7.33
CA LEU A 394 -33.05 25.54 -7.61
C LEU A 394 -33.12 26.82 -6.78
N THR A 395 -32.65 26.75 -5.53
CA THR A 395 -32.52 27.97 -4.73
C THR A 395 -31.52 28.93 -5.35
N PHE A 396 -30.38 28.41 -5.81
CA PHE A 396 -29.38 29.26 -6.46
C PHE A 396 -29.97 29.94 -7.69
N PHE A 397 -30.75 29.19 -8.46
CA PHE A 397 -31.38 29.77 -9.65
C PHE A 397 -32.39 30.84 -9.27
N GLU A 398 -33.16 30.64 -8.21
CA GLU A 398 -34.07 31.69 -7.77
C GLU A 398 -33.31 32.95 -7.36
N ASN A 399 -32.21 32.78 -6.63
CA ASN A 399 -31.42 33.95 -6.23
C ASN A 399 -30.89 34.70 -7.44
N ILE A 400 -30.22 34.00 -8.36
CA ILE A 400 -29.68 34.70 -9.53
C ILE A 400 -30.77 35.16 -10.48
N ASN A 401 -31.98 34.61 -10.37
CA ASN A 401 -33.12 35.14 -11.11
C ASN A 401 -33.54 36.49 -10.55
N GLU A 402 -33.56 36.62 -9.23
CA GLU A 402 -33.82 37.94 -8.65
C GLU A 402 -32.69 38.91 -8.94
N PHE A 403 -31.46 38.41 -9.13
CA PHE A 403 -30.34 39.28 -9.41
C PHE A 403 -30.35 39.83 -10.82
N GLY A 404 -31.08 39.22 -11.74
CA GLY A 404 -31.15 39.73 -13.09
C GLY A 404 -31.15 38.70 -14.19
N PHE A 405 -30.67 37.49 -13.90
CA PHE A 405 -30.66 36.41 -14.88
C PHE A 405 -32.09 36.06 -15.27
N SER A 406 -32.46 36.35 -16.51
CA SER A 406 -33.84 36.18 -16.93
C SER A 406 -34.24 34.71 -16.90
N SER A 407 -35.52 34.48 -16.63
CA SER A 407 -36.02 33.11 -16.54
C SER A 407 -36.14 32.48 -17.92
N LEU A 408 -36.44 33.27 -18.94
CA LEU A 408 -36.57 32.72 -20.29
C LEU A 408 -35.23 32.20 -20.80
N SER A 409 -34.15 32.94 -20.55
CA SER A 409 -32.84 32.49 -20.98
C SER A 409 -32.43 31.21 -20.25
N ALA A 410 -32.70 31.14 -18.96
CA ALA A 410 -32.38 29.92 -18.21
C ALA A 410 -33.19 28.74 -18.70
N SER A 411 -34.47 28.97 -19.01
CA SER A 411 -35.29 27.91 -19.57
C SER A 411 -34.74 27.44 -20.90
N ASN A 412 -34.29 28.36 -21.75
CA ASN A 412 -33.72 27.98 -23.03
C ASN A 412 -32.43 27.20 -22.85
N ILE A 413 -31.58 27.59 -21.90
CA ILE A 413 -30.35 26.87 -21.65
C ILE A 413 -30.64 25.45 -21.17
N VAL A 414 -31.60 25.30 -20.26
CA VAL A 414 -31.93 23.96 -19.76
C VAL A 414 -32.58 23.13 -20.85
N LYS A 415 -33.38 23.76 -21.71
CA LYS A 415 -33.94 23.07 -22.86
C LYS A 415 -32.84 22.55 -23.76
N LYS A 416 -31.84 23.37 -24.04
CA LYS A 416 -30.74 22.96 -24.90
C LYS A 416 -29.97 21.82 -24.26
N TYR A 417 -29.71 21.88 -22.96
CA TYR A 417 -29.01 20.79 -22.28
C TYR A 417 -29.80 19.50 -22.37
N PHE A 418 -31.10 19.55 -22.10
CA PHE A 418 -31.90 18.33 -22.13
C PHE A 418 -32.00 17.76 -23.53
N SER A 419 -32.15 18.61 -24.54
CA SER A 419 -32.16 18.14 -25.92
C SER A 419 -30.83 17.52 -26.31
N ASN A 420 -29.72 18.12 -25.86
CA ASN A 420 -28.41 17.61 -26.23
C ASN A 420 -28.13 16.28 -25.56
N ASN A 421 -28.63 16.07 -24.35
CA ASN A 421 -28.37 14.87 -23.57
C ASN A 421 -29.61 13.99 -23.43
N SER A 422 -30.52 14.07 -24.41
CA SER A 422 -31.78 13.36 -24.31
C SER A 422 -31.60 11.85 -24.20
N LYS A 423 -30.66 11.28 -24.96
CA LYS A 423 -30.46 9.84 -24.89
C LYS A 423 -30.00 9.40 -23.51
N GLY A 424 -28.98 10.07 -22.99
CA GLY A 424 -28.49 9.75 -21.65
C GLY A 424 -29.54 9.97 -20.59
N LEU A 425 -30.32 11.03 -20.71
CA LEU A 425 -31.36 11.29 -19.71
C LEU A 425 -32.47 10.24 -19.79
N LYS A 426 -32.85 9.80 -20.99
CA LYS A 426 -33.87 8.77 -21.09
C LYS A 426 -33.40 7.46 -20.48
N GLU A 427 -32.15 7.06 -20.76
CA GLU A 427 -31.69 5.82 -20.14
C GLU A 427 -31.47 5.97 -18.65
N LYS A 428 -31.12 7.17 -18.17
CA LYS A 428 -31.09 7.41 -16.73
C LYS A 428 -32.47 7.30 -16.11
N ILE A 429 -33.50 7.84 -16.77
CA ILE A 429 -34.85 7.70 -16.26
C ILE A 429 -35.27 6.24 -16.20
N ASP A 430 -34.92 5.47 -17.24
CA ASP A 430 -35.26 4.05 -17.23
C ASP A 430 -34.55 3.33 -16.09
N HIS A 431 -33.27 3.62 -15.87
CA HIS A 431 -32.54 3.02 -14.76
C HIS A 431 -33.15 3.40 -13.41
N TYR A 432 -33.45 4.68 -13.23
CA TYR A 432 -33.98 5.16 -11.96
C TYR A 432 -35.35 4.56 -11.67
N ARG A 433 -36.16 4.40 -12.71
CA ARG A 433 -37.50 3.85 -12.54
C ARG A 433 -37.44 2.35 -12.30
N LYS A 434 -36.47 1.65 -12.91
CA LYS A 434 -36.33 0.23 -12.66
C LYS A 434 -35.79 -0.06 -11.26
N ASN A 435 -34.81 0.72 -10.82
CA ASN A 435 -34.09 0.44 -9.59
C ASN A 435 -34.64 1.17 -8.38
N ASN A 436 -35.76 1.87 -8.53
CA ASN A 436 -36.38 2.61 -7.42
C ASN A 436 -35.42 3.64 -6.85
N PHE A 437 -34.78 4.41 -7.74
CA PHE A 437 -33.88 5.50 -7.35
C PHE A 437 -34.73 6.75 -7.31
N ASN A 438 -35.38 6.98 -6.17
CA ASN A 438 -36.50 7.91 -6.11
C ASN A 438 -36.07 9.35 -6.33
N GLN A 439 -35.01 9.78 -5.65
CA GLN A 439 -34.62 11.18 -5.73
C GLN A 439 -33.99 11.51 -7.08
N GLU A 440 -33.29 10.56 -7.69
CA GLU A 440 -32.70 10.82 -8.99
C GLU A 440 -33.78 11.04 -10.05
N LEU A 441 -34.86 10.26 -10.00
CA LEU A 441 -35.99 10.50 -10.89
C LEU A 441 -36.70 11.80 -10.54
N TYR A 442 -36.87 12.05 -9.24
CA TYR A 442 -37.56 13.25 -8.80
C TYR A 442 -36.84 14.50 -9.29
N GLN A 443 -35.52 14.49 -9.30
CA GLN A 443 -34.76 15.65 -9.74
C GLN A 443 -34.99 15.94 -11.22
N ILE A 444 -34.95 14.91 -12.07
CA ILE A 444 -35.13 15.12 -13.50
C ILE A 444 -36.54 15.61 -13.79
N LEU A 445 -37.55 14.98 -13.20
CA LEU A 445 -38.92 15.45 -13.42
C LEU A 445 -39.14 16.84 -12.84
N LEU A 446 -38.47 17.18 -11.74
CA LEU A 446 -38.62 18.50 -11.18
C LEU A 446 -38.01 19.56 -12.07
N TYR A 447 -36.84 19.28 -12.65
CA TYR A 447 -36.25 20.19 -13.63
C TYR A 447 -37.14 20.34 -14.84
N MET A 448 -37.74 19.24 -15.30
CA MET A 448 -38.65 19.32 -16.44
C MET A 448 -39.86 20.19 -16.12
N VAL A 449 -40.43 20.04 -14.92
CA VAL A 449 -41.60 20.84 -14.55
C VAL A 449 -41.22 22.31 -14.40
N VAL A 450 -40.12 22.58 -13.72
CA VAL A 450 -39.75 23.97 -13.42
C VAL A 450 -39.38 24.71 -14.70
N PHE A 451 -38.54 24.10 -15.53
CA PHE A 451 -37.96 24.81 -16.67
C PHE A 451 -38.74 24.60 -17.95
N GLU A 452 -39.95 24.07 -17.87
CA GLU A 452 -40.84 23.92 -19.03
C GLU A 452 -40.22 23.02 -20.11
N ILE A 453 -39.65 21.90 -19.68
CA ILE A 453 -39.09 20.93 -20.62
C ILE A 453 -40.26 20.10 -21.15
N ASP A 454 -40.62 20.29 -22.41
CA ASP A 454 -41.84 19.70 -22.95
C ASP A 454 -41.57 18.76 -24.12
N ASP A 455 -40.34 18.28 -24.29
CA ASP A 455 -40.04 17.38 -25.40
C ASP A 455 -39.17 16.18 -25.04
N LEU A 456 -38.67 16.07 -23.80
CA LEU A 456 -37.80 14.95 -23.49
C LEU A 456 -38.57 13.64 -23.46
N LEU A 457 -39.74 13.61 -22.84
CA LEU A 457 -40.59 12.44 -22.82
C LEU A 457 -41.88 12.74 -23.55
N ASN A 458 -42.30 11.81 -24.40
CA ASN A 458 -43.55 11.95 -25.13
C ASN A 458 -44.70 11.44 -24.26
N GLN A 459 -45.88 11.25 -24.86
CA GLN A 459 -47.06 10.93 -24.07
C GLN A 459 -46.98 9.53 -23.47
N GLU A 460 -46.62 8.53 -24.28
CA GLU A 460 -46.61 7.17 -23.77
C GLU A 460 -45.42 6.87 -22.88
N GLU A 461 -44.36 7.68 -22.91
CA GLU A 461 -43.35 7.57 -21.88
C GLU A 461 -43.75 8.26 -20.59
N LEU A 462 -44.46 9.39 -20.68
CA LEU A 462 -44.99 10.02 -19.48
C LEU A 462 -45.98 9.10 -18.76
N LEU A 463 -46.85 8.45 -19.53
CA LEU A 463 -47.80 7.51 -18.93
C LEU A 463 -47.11 6.29 -18.33
N ASN A 464 -45.88 6.00 -18.73
CA ASN A 464 -45.15 4.87 -18.18
C ASN A 464 -44.65 5.15 -16.77
N LEU A 465 -44.53 6.41 -16.37
CA LEU A 465 -44.11 6.72 -15.02
C LEU A 465 -45.25 6.64 -14.01
N ILE A 466 -46.50 6.60 -14.45
CA ILE A 466 -47.64 6.48 -13.52
C ILE A 466 -47.89 4.99 -13.36
N ASP A 467 -47.05 4.36 -12.53
CA ASP A 467 -47.10 2.92 -12.28
C ASP A 467 -46.66 2.64 -10.86
N LEU A 468 -46.56 1.36 -10.52
CA LEU A 468 -46.16 0.94 -9.19
C LEU A 468 -44.67 1.16 -8.99
N ASN A 469 -44.27 1.17 -7.71
CA ASN A 469 -42.89 1.35 -7.28
C ASN A 469 -42.34 2.72 -7.64
N ILE A 470 -43.22 3.67 -7.96
CA ILE A 470 -42.85 5.05 -8.22
C ILE A 470 -43.30 5.87 -7.02
N ASP A 471 -42.42 6.70 -6.50
CA ASP A 471 -42.73 7.44 -5.29
C ASP A 471 -43.80 8.49 -5.55
N ASP A 472 -44.39 8.99 -4.46
CA ASP A 472 -45.52 9.90 -4.57
C ASP A 472 -45.13 11.20 -5.26
N TYR A 473 -43.98 11.77 -4.89
CA TYR A 473 -43.58 13.03 -5.49
C TYR A 473 -43.27 12.88 -6.97
N SER A 474 -42.67 11.76 -7.36
CA SER A 474 -42.43 11.50 -8.77
C SER A 474 -43.74 11.34 -9.52
N LEU A 475 -44.73 10.68 -8.92
CA LEU A 475 -46.04 10.54 -9.54
C LEU A 475 -46.70 11.91 -9.73
N ILE A 476 -46.60 12.76 -8.71
CA ILE A 476 -47.16 14.10 -8.81
C ILE A 476 -46.47 14.89 -9.91
N LEU A 477 -45.15 14.81 -9.99
CA LEU A 477 -44.41 15.56 -11.00
C LEU A 477 -44.75 15.05 -12.40
N GLY A 478 -44.90 13.74 -12.57
CA GLY A 478 -45.32 13.20 -13.85
C GLY A 478 -46.71 13.65 -14.23
N THR A 479 -47.62 13.67 -13.27
CA THR A 479 -48.97 14.18 -13.54
C THR A 479 -48.93 15.64 -13.94
N ILE A 480 -48.11 16.44 -13.27
CA ILE A 480 -47.96 17.86 -13.64
C ILE A 480 -47.44 17.98 -15.06
N LEU A 481 -46.42 17.18 -15.42
CA LEU A 481 -45.89 17.21 -16.77
C LEU A 481 -46.96 16.83 -17.79
N TYR A 482 -47.84 15.90 -17.43
CA TYR A 482 -48.91 15.53 -18.36
C TYR A 482 -49.94 16.64 -18.51
N LEU A 483 -50.29 17.30 -17.41
CA LEU A 483 -51.30 18.36 -17.48
C LEU A 483 -50.78 19.62 -18.13
N LYS A 484 -49.48 19.87 -18.04
CA LYS A 484 -48.91 21.07 -18.65
C LYS A 484 -49.06 21.03 -20.17
N ASN A 485 -48.98 19.85 -20.76
CA ASN A 485 -49.11 19.69 -22.20
C ASN A 485 -50.59 19.60 -22.53
N SER A 486 -51.15 20.71 -23.03
CA SER A 486 -52.58 20.78 -23.32
C SER A 486 -53.00 19.91 -24.50
N SER A 487 -52.05 19.48 -25.34
CA SER A 487 -52.39 18.62 -26.46
C SER A 487 -52.90 17.27 -25.99
N TYR A 488 -52.26 16.74 -24.95
CA TYR A 488 -52.54 15.36 -24.49
C TYR A 488 -53.95 15.24 -23.92
N LYS A 489 -54.51 14.05 -23.99
CA LYS A 489 -55.89 13.81 -23.50
C LYS A 489 -55.87 13.15 -22.14
N LEU A 490 -56.59 13.71 -21.17
CA LEU A 490 -56.60 13.19 -19.79
C LEU A 490 -57.59 12.06 -19.70
N GLU A 491 -57.46 11.01 -20.50
CA GLU A 491 -58.32 9.82 -20.35
C GLU A 491 -57.34 8.69 -20.43
N LYS A 492 -56.18 8.98 -21.00
CA LYS A 492 -55.11 7.97 -21.03
C LYS A 492 -54.42 8.18 -19.70
N LEU A 493 -54.62 9.34 -19.08
CA LEU A 493 -54.11 9.63 -17.76
C LEU A 493 -55.06 9.13 -16.67
N LEU A 494 -56.37 9.40 -16.83
CA LEU A 494 -57.32 8.93 -15.84
C LEU A 494 -57.34 7.41 -15.77
N LYS A 495 -57.27 6.74 -16.92
CA LYS A 495 -57.21 5.28 -16.91
C LYS A 495 -55.98 4.79 -16.16
N LYS A 496 -54.83 5.41 -16.43
CA LYS A 496 -53.59 4.96 -15.82
C LYS A 496 -53.61 5.19 -14.31
N ILE A 497 -54.11 6.36 -13.88
CA ILE A 497 -54.20 6.66 -12.45
C ILE A 497 -55.20 5.75 -11.75
N ASP A 498 -56.35 5.51 -12.38
CA ASP A 498 -57.35 4.63 -11.77
C ASP A 498 -56.81 3.21 -11.63
N GLN A 499 -56.11 2.72 -12.66
CA GLN A 499 -55.49 1.41 -12.57
C GLN A 499 -54.47 1.37 -11.43
N LEU A 500 -53.67 2.43 -11.30
CA LEU A 500 -52.70 2.48 -10.21
C LEU A 500 -53.39 2.48 -8.85
N PHE A 501 -54.47 3.24 -8.71
CA PHE A 501 -55.19 3.29 -7.43
C PHE A 501 -55.77 1.92 -7.09
N ILE A 502 -56.38 1.26 -8.07
CA ILE A 502 -56.95 -0.06 -7.85
C ILE A 502 -55.86 -1.05 -7.45
N ASN A 503 -54.74 -1.03 -8.15
CA ASN A 503 -53.65 -1.96 -7.85
C ASN A 503 -53.08 -1.71 -6.46
N THR A 504 -52.98 -0.44 -6.06
CA THR A 504 -52.47 -0.13 -4.73
C THR A 504 -53.44 -0.58 -3.65
N HIS A 505 -54.74 -0.34 -3.83
CA HIS A 505 -55.70 -0.76 -2.82
C HIS A 505 -55.85 -2.28 -2.77
N ALA A 506 -55.54 -2.97 -3.86
CA ALA A 506 -55.61 -4.42 -3.87
C ALA A 506 -54.64 -5.06 -2.90
N ASN A 507 -53.65 -4.32 -2.42
CA ASN A 507 -52.64 -4.85 -1.51
C ASN A 507 -53.03 -4.70 -0.05
N TYR A 508 -54.22 -4.20 0.24
CA TYR A 508 -54.68 -3.94 1.59
C TYR A 508 -55.98 -4.68 1.83
N ASP A 509 -56.33 -4.83 3.11
CA ASP A 509 -57.64 -5.36 3.45
C ASP A 509 -58.73 -4.44 2.93
N VAL A 510 -59.83 -5.02 2.46
CA VAL A 510 -60.88 -4.25 1.80
C VAL A 510 -61.53 -3.24 2.73
N LYS A 511 -61.40 -3.43 4.05
CA LYS A 511 -61.97 -2.52 5.03
C LYS A 511 -60.99 -1.43 5.45
N THR A 512 -60.00 -1.12 4.61
CA THR A 512 -58.99 -0.13 4.92
C THR A 512 -59.31 1.17 4.20
N SER A 513 -59.31 2.28 4.94
CA SER A 513 -59.50 3.58 4.34
C SER A 513 -58.35 3.90 3.40
N ARG A 514 -58.67 4.58 2.30
CA ARG A 514 -57.68 4.77 1.25
C ARG A 514 -56.59 5.75 1.66
N MET A 515 -56.90 6.70 2.54
CA MET A 515 -55.90 7.68 2.92
C MET A 515 -54.95 7.18 4.00
N ALA A 516 -55.15 5.97 4.50
CA ALA A 516 -54.21 5.30 5.38
C ALA A 516 -53.33 4.32 4.64
N GLU A 517 -53.39 4.32 3.31
CA GLU A 517 -52.66 3.38 2.48
C GLU A 517 -51.45 4.06 1.86
N LYS A 518 -50.79 3.34 0.96
CA LYS A 518 -49.72 3.91 0.18
C LYS A 518 -50.30 4.89 -0.84
N LEU A 519 -49.48 5.84 -1.30
CA LEU A 519 -49.88 6.88 -2.23
C LEU A 519 -50.92 7.82 -1.65
N TRP A 520 -50.85 8.10 -0.35
CA TRP A 520 -51.80 9.03 0.25
C TRP A 520 -51.62 10.43 -0.33
N LEU A 521 -50.38 10.84 -0.56
CA LEU A 521 -50.12 12.19 -1.06
C LEU A 521 -50.56 12.34 -2.51
N PHE A 522 -50.33 11.33 -3.34
CA PHE A 522 -50.78 11.40 -4.72
C PHE A 522 -52.30 11.33 -4.82
N ARG A 523 -52.93 10.50 -3.98
CA ARG A 523 -54.38 10.50 -3.91
C ARG A 523 -54.92 11.87 -3.53
N TYR A 524 -54.32 12.49 -2.51
CA TYR A 524 -54.80 13.79 -2.08
C TYR A 524 -54.60 14.82 -3.18
N PHE A 525 -53.45 14.76 -3.87
CA PHE A 525 -53.21 15.62 -5.01
C PHE A 525 -54.32 15.49 -6.03
N PHE A 526 -54.67 14.26 -6.38
CA PHE A 526 -55.68 14.05 -7.42
C PHE A 526 -57.06 14.55 -6.97
N TYR A 527 -57.46 14.22 -5.74
CA TYR A 527 -58.80 14.66 -5.32
C TYR A 527 -58.87 16.17 -5.15
N PHE A 528 -57.80 16.80 -4.66
CA PHE A 528 -57.77 18.25 -4.57
C PHE A 528 -57.84 18.88 -5.95
N LEU A 529 -57.12 18.31 -6.92
CA LEU A 529 -57.18 18.82 -8.29
C LEU A 529 -58.57 18.64 -8.87
N ASN A 530 -59.25 17.55 -8.53
CA ASN A 530 -60.59 17.31 -9.03
C ASN A 530 -61.58 18.32 -8.46
N CYS A 531 -61.47 18.64 -7.17
CA CYS A 531 -62.37 19.62 -6.57
C CYS A 531 -62.16 21.00 -7.17
N LYS A 532 -60.91 21.39 -7.39
CA LYS A 532 -60.62 22.67 -8.01
C LYS A 532 -60.91 22.68 -9.51
N ASN A 533 -61.27 21.51 -10.08
CA ASN A 533 -61.72 21.38 -11.46
C ASN A 533 -60.60 21.57 -12.48
N ILE A 534 -59.36 21.22 -12.11
CA ILE A 534 -58.34 21.02 -13.15
C ILE A 534 -58.63 19.75 -13.93
N PHE A 535 -59.05 18.69 -13.26
CA PHE A 535 -59.70 17.55 -13.92
C PHE A 535 -61.16 17.90 -14.08
N SER A 536 -61.56 18.24 -15.30
CA SER A 536 -62.96 18.59 -15.57
C SER A 536 -63.86 17.41 -15.21
N GLN A 537 -64.96 17.71 -14.50
CA GLN A 537 -65.86 16.67 -14.05
C GLN A 537 -66.50 15.95 -15.22
N LYS A 538 -66.70 16.66 -16.35
CA LYS A 538 -67.31 16.03 -17.52
C LYS A 538 -66.45 14.87 -18.03
N GLU A 539 -65.13 15.07 -18.08
CA GLU A 539 -64.28 14.04 -18.68
C GLU A 539 -64.08 12.87 -17.71
N ILE A 540 -64.06 13.14 -16.40
CA ILE A 540 -64.07 12.06 -15.43
C ILE A 540 -65.35 11.25 -15.55
N ASN A 541 -66.49 11.93 -15.72
CA ASN A 541 -67.76 11.22 -15.90
C ASN A 541 -67.71 10.36 -17.16
N SER A 542 -67.17 10.90 -18.25
CA SER A 542 -67.07 10.13 -19.48
C SER A 542 -66.17 8.91 -19.30
N TYR A 543 -65.05 9.07 -18.58
CA TYR A 543 -64.18 7.93 -18.33
C TYR A 543 -64.89 6.86 -17.50
N CYS A 544 -65.62 7.29 -16.47
CA CYS A 544 -66.33 6.32 -15.64
C CYS A 544 -67.40 5.59 -16.43
N GLN A 545 -68.12 6.31 -17.31
CA GLN A 545 -69.09 5.65 -18.17
C GLN A 545 -68.42 4.67 -19.11
N SER A 546 -67.26 5.03 -19.65
CA SER A 546 -66.52 4.12 -20.52
C SER A 546 -66.14 2.84 -19.78
N GLN A 547 -65.78 2.95 -18.50
CA GLN A 547 -65.47 1.79 -17.69
C GLN A 547 -66.70 1.16 -17.05
N ASN A 548 -67.89 1.72 -17.29
CA ASN A 548 -69.15 1.18 -16.78
C ASN A 548 -69.11 1.06 -15.26
N TYR A 549 -68.77 2.16 -14.59
CA TYR A 549 -68.75 2.19 -13.14
C TYR A 549 -70.15 2.45 -12.61
N ASN A 550 -70.61 1.59 -11.70
CA ASN A 550 -71.96 1.72 -11.17
C ASN A 550 -72.08 3.01 -10.37
N SER A 551 -73.14 3.77 -10.64
CA SER A 551 -73.34 5.02 -9.93
C SER A 551 -73.88 4.74 -8.52
N GLY A 552 -74.11 5.82 -7.79
CA GLY A 552 -74.56 5.69 -6.42
C GLY A 552 -75.15 6.99 -5.90
N GLN A 553 -75.37 7.02 -4.59
CA GLN A 553 -75.96 8.20 -3.97
C GLN A 553 -75.04 9.40 -4.04
N ASN A 554 -73.73 9.16 -4.12
CA ASN A 554 -72.74 10.22 -4.02
C ASN A 554 -71.65 10.12 -5.09
N GLY A 555 -71.95 9.55 -6.24
CA GLY A 555 -70.98 9.51 -7.32
C GLY A 555 -70.97 8.24 -8.14
N TYR A 556 -69.81 7.91 -8.70
CA TYR A 556 -69.70 6.79 -9.63
C TYR A 556 -69.04 5.56 -9.01
N GLN A 557 -68.79 5.58 -7.69
CA GLN A 557 -68.19 4.44 -6.98
C GLN A 557 -66.90 3.97 -7.66
N THR A 558 -66.05 4.93 -8.01
CA THR A 558 -64.73 4.65 -8.54
C THR A 558 -63.68 5.11 -7.55
N GLU A 559 -62.45 4.63 -7.74
CA GLU A 559 -61.34 5.15 -6.95
C GLU A 559 -61.09 6.62 -7.21
N LEU A 560 -61.61 7.15 -8.32
CA LEU A 560 -61.37 8.52 -8.73
C LEU A 560 -62.34 9.51 -8.09
N ASN A 561 -63.32 9.03 -7.34
CA ASN A 561 -64.39 9.85 -6.79
C ASN A 561 -64.19 10.01 -5.29
N TRP A 562 -63.82 11.21 -4.86
CA TRP A 562 -63.54 11.42 -3.44
C TRP A 562 -64.81 11.31 -2.60
N ASN A 563 -65.97 11.67 -3.15
CA ASN A 563 -67.20 11.59 -2.37
C ASN A 563 -67.53 10.14 -2.02
N TYR A 564 -67.27 9.21 -2.92
CA TYR A 564 -67.47 7.80 -2.63
C TYR A 564 -66.35 7.26 -1.74
N ILE A 565 -65.10 7.62 -2.03
CA ILE A 565 -63.95 7.09 -1.27
C ILE A 565 -63.99 7.54 0.18
N LYS A 566 -64.39 8.78 0.45
CA LYS A 566 -64.23 9.32 1.79
C LYS A 566 -65.05 8.58 2.83
N GLY A 567 -66.03 7.79 2.40
CA GLY A 567 -66.83 7.02 3.33
C GLY A 567 -66.61 5.52 3.27
N GLN A 568 -65.52 5.09 2.61
CA GLN A 568 -65.20 3.68 2.50
C GLN A 568 -64.12 3.31 3.50
N GLY A 569 -64.31 2.19 4.19
CA GLY A 569 -63.39 1.76 5.22
C GLY A 569 -64.05 1.69 6.57
N LYS A 570 -63.57 0.81 7.44
CA LYS A 570 -64.16 0.69 8.77
C LYS A 570 -63.75 1.85 9.67
N ASP A 571 -62.52 2.33 9.53
CA ASP A 571 -61.99 3.43 10.33
C ASP A 571 -61.74 4.62 9.40
N LEU A 572 -62.42 5.73 9.69
CA LEU A 572 -62.39 6.89 8.80
C LEU A 572 -61.76 8.11 9.45
N ARG A 573 -60.81 7.92 10.37
CA ARG A 573 -60.20 9.07 11.02
C ARG A 573 -59.30 9.84 10.06
N ALA A 574 -58.45 9.12 9.32
CA ALA A 574 -57.63 9.78 8.31
C ALA A 574 -58.49 10.31 7.17
N ASN A 575 -59.52 9.56 6.78
CA ASN A 575 -60.43 10.05 5.75
C ASN A 575 -61.09 11.35 6.18
N ASN A 576 -61.55 11.43 7.43
CA ASN A 576 -62.18 12.65 7.91
C ASN A 576 -61.18 13.80 7.99
N PHE A 577 -59.96 13.52 8.47
CA PHE A 577 -58.90 14.52 8.47
C PHE A 577 -58.68 15.11 7.08
N PHE A 578 -58.45 14.24 6.11
CA PHE A 578 -58.12 14.72 4.78
C PHE A 578 -59.33 15.32 4.08
N ASN A 579 -60.54 14.88 4.46
CA ASN A 579 -61.75 15.53 3.96
C ASN A 579 -61.86 16.94 4.48
N GLU A 580 -61.52 17.18 5.75
CA GLU A 580 -61.52 18.54 6.27
C GLU A 580 -60.49 19.40 5.53
N LEU A 581 -59.31 18.84 5.24
CA LEU A 581 -58.36 19.61 4.44
C LEU A 581 -58.88 19.90 3.03
N ILE A 582 -59.50 18.93 2.37
CA ILE A 582 -59.97 19.15 1.01
C ILE A 582 -61.12 20.15 0.97
N VAL A 583 -62.08 20.02 1.89
CA VAL A 583 -63.25 20.91 1.90
C VAL A 583 -62.82 22.35 2.11
N LYS A 584 -61.81 22.57 2.95
CA LYS A 584 -61.35 23.92 3.24
C LYS A 584 -60.29 24.41 2.26
N GLU A 585 -60.09 23.68 1.15
CA GLU A 585 -59.20 24.10 0.07
C GLU A 585 -57.77 24.33 0.57
N VAL A 586 -57.29 23.40 1.38
CA VAL A 586 -55.90 23.38 1.81
C VAL A 586 -55.12 22.52 0.82
N TRP A 587 -54.11 23.10 0.19
CA TRP A 587 -53.31 22.37 -0.79
C TRP A 587 -51.99 21.95 -0.16
N LEU A 588 -51.56 20.73 -0.50
CA LEU A 588 -50.27 20.23 -0.08
C LEU A 588 -49.24 20.26 -1.19
N ILE A 589 -49.68 20.41 -2.43
CA ILE A 589 -48.81 20.62 -3.58
C ILE A 589 -49.18 21.96 -4.21
N SER A 590 -48.19 22.83 -4.37
CA SER A 590 -48.44 24.14 -4.94
C SER A 590 -48.57 24.04 -6.45
N CYS A 591 -49.63 24.64 -7.00
CA CYS A 591 -49.89 24.62 -8.42
C CYS A 591 -49.32 25.85 -9.14
N GLY A 592 -48.39 26.56 -8.51
CA GLY A 592 -47.87 27.80 -9.05
C GLY A 592 -48.62 29.00 -8.53
N GLU A 593 -48.06 30.17 -8.83
CA GLU A 593 -48.66 31.42 -8.35
C GLU A 593 -49.99 31.71 -9.02
N ASN A 594 -50.21 31.18 -10.22
CA ASN A 594 -51.46 31.39 -10.96
C ASN A 594 -52.21 30.10 -11.20
N GLU A 595 -51.93 29.05 -10.43
CA GLU A 595 -52.61 27.75 -10.54
C GLU A 595 -52.47 27.18 -11.95
N ASP A 596 -51.31 27.36 -12.56
CA ASP A 596 -51.03 26.84 -13.89
C ASP A 596 -49.76 26.00 -13.94
N PHE A 597 -49.24 25.58 -12.78
CA PHE A 597 -48.08 24.70 -12.67
C PHE A 597 -46.82 25.33 -13.25
N LYS A 598 -46.69 26.65 -13.22
CA LYS A 598 -45.51 27.34 -13.69
C LYS A 598 -44.77 27.93 -12.50
N TYR A 599 -43.48 27.63 -12.41
CA TYR A 599 -42.69 27.95 -11.22
C TYR A 599 -41.50 28.85 -11.52
N LEU A 600 -41.53 29.57 -12.63
CA LEU A 600 -40.50 30.57 -12.91
C LEU A 600 -41.14 31.86 -13.41
N SER B 2 17.23 -32.85 38.18
CA SER B 2 16.20 -31.83 38.00
C SER B 2 16.66 -30.76 37.01
N MET B 3 15.88 -29.67 36.93
CA MET B 3 16.28 -28.54 36.11
C MET B 3 17.59 -27.94 36.61
N LYS B 4 17.68 -27.74 37.93
CA LYS B 4 18.81 -27.02 38.50
C LYS B 4 20.09 -27.85 38.38
N LYS B 5 19.99 -29.16 38.58
CA LYS B 5 21.16 -30.02 38.44
C LYS B 5 21.68 -30.02 37.01
N GLU B 6 20.79 -30.08 36.03
CA GLU B 6 21.23 -30.10 34.64
C GLU B 6 21.86 -28.77 34.24
N PHE B 7 21.26 -27.66 34.69
CA PHE B 7 21.87 -26.35 34.44
C PHE B 7 23.23 -26.24 35.11
N THR B 8 23.35 -26.76 36.34
CA THR B 8 24.63 -26.71 37.05
C THR B 8 25.68 -27.52 36.33
N GLU B 9 25.32 -28.69 35.81
CA GLU B 9 26.27 -29.47 35.02
C GLU B 9 26.69 -28.71 33.78
N LEU B 10 25.73 -28.11 33.08
CA LEU B 10 26.07 -27.35 31.88
C LEU B 10 27.06 -26.23 32.19
N TYR B 11 26.75 -25.42 33.20
CA TYR B 11 27.62 -24.27 33.50
C TYR B 11 28.92 -24.66 34.19
N ASP B 12 28.98 -25.83 34.85
CA ASP B 12 30.26 -26.31 35.32
C ASP B 12 31.14 -26.71 34.14
N PHE B 13 30.55 -27.33 33.12
CA PHE B 13 31.31 -27.67 31.93
C PHE B 13 31.77 -26.42 31.18
N ILE B 14 30.88 -25.43 31.06
CA ILE B 14 31.17 -24.25 30.26
C ILE B 14 32.26 -23.41 30.92
N PHE B 15 32.12 -23.15 32.21
CA PHE B 15 32.95 -22.16 32.90
C PHE B 15 34.28 -22.80 33.29
N ASP B 16 35.07 -23.13 32.26
CA ASP B 16 36.39 -23.71 32.40
C ASP B 16 37.29 -22.94 31.44
N PRO B 17 38.45 -22.43 31.90
CA PRO B 17 39.27 -21.62 31.00
C PRO B 17 39.68 -22.33 29.73
N ILE B 18 40.02 -23.61 29.82
CA ILE B 18 40.45 -24.34 28.65
C ILE B 18 39.30 -24.52 27.67
N PHE B 19 38.09 -24.75 28.19
CA PHE B 19 36.93 -24.78 27.31
C PHE B 19 36.70 -23.42 26.68
N LEU B 20 36.81 -22.35 27.45
CA LEU B 20 36.51 -21.02 26.92
C LEU B 20 37.57 -20.51 25.98
N VAL B 21 38.72 -21.19 25.86
CA VAL B 21 39.65 -20.88 24.80
C VAL B 21 39.57 -21.86 23.63
N ARG B 22 39.29 -23.15 23.89
CA ARG B 22 39.24 -24.11 22.80
C ARG B 22 37.99 -23.91 21.93
N TYR B 23 36.85 -23.62 22.56
CA TYR B 23 35.63 -23.31 21.83
C TYR B 23 35.16 -21.88 22.02
N GLY B 24 35.53 -21.22 23.11
CA GLY B 24 35.02 -19.88 23.36
C GLY B 24 35.55 -18.84 22.41
N TYR B 25 36.85 -18.89 22.09
CA TYR B 25 37.46 -17.81 21.34
C TYR B 25 36.84 -17.63 19.97
N TYR B 26 36.62 -18.71 19.25
CA TYR B 26 36.06 -18.66 17.90
C TYR B 26 34.57 -18.98 17.88
N ASP B 27 33.94 -19.02 19.06
CA ASP B 27 32.49 -19.14 19.19
C ASP B 27 31.99 -20.44 18.57
N ARG B 28 32.67 -21.54 18.88
CA ARG B 28 32.25 -22.84 18.40
C ARG B 28 31.32 -23.50 19.42
N SER B 29 30.73 -24.63 19.03
CA SER B 29 29.82 -25.37 19.88
C SER B 29 30.30 -26.81 19.99
N ILE B 30 30.21 -27.35 21.19
CA ILE B 30 30.56 -28.75 21.46
C ILE B 30 29.26 -29.51 21.68
N LYS B 31 29.13 -30.65 21.01
CA LYS B 31 27.88 -31.39 21.08
C LYS B 31 27.86 -32.39 22.23
N ASN B 32 28.93 -33.16 22.41
CA ASN B 32 29.05 -34.11 23.50
C ASN B 32 30.38 -33.89 24.21
N LYS B 33 30.40 -34.16 25.51
CA LYS B 33 31.63 -34.04 26.28
C LYS B 33 32.71 -34.97 25.74
N GLU B 45 22.95 -28.34 13.24
CA GLU B 45 23.89 -27.30 12.79
C GLU B 45 23.11 -26.00 12.60
N PHE B 46 22.31 -25.60 13.58
CA PHE B 46 21.43 -24.43 13.34
C PHE B 46 21.94 -23.15 14.00
N GLY B 47 22.00 -23.15 15.32
CA GLY B 47 22.47 -21.97 16.05
C GLY B 47 23.95 -21.82 15.90
N LYS B 48 24.61 -22.73 15.21
CA LYS B 48 26.08 -22.71 15.13
C LYS B 48 26.52 -21.29 14.76
N SER B 49 27.41 -20.72 15.57
CA SER B 49 27.87 -19.32 15.38
C SER B 49 29.30 -19.30 14.84
N ASP B 50 29.81 -20.46 14.39
CA ASP B 50 31.20 -20.59 13.91
C ASP B 50 31.40 -19.72 12.67
N SER B 51 32.33 -18.78 12.73
CA SER B 51 32.53 -17.84 11.64
C SER B 51 33.96 -17.86 11.08
N PHE B 52 34.81 -18.77 11.53
CA PHE B 52 36.19 -18.84 11.05
C PHE B 52 36.53 -20.29 10.76
N TYR B 53 37.32 -20.50 9.72
CA TYR B 53 37.64 -21.84 9.27
C TYR B 53 38.47 -22.56 10.32
N PHE B 54 37.91 -23.63 10.88
CA PHE B 54 38.59 -24.35 11.95
C PHE B 54 39.91 -24.93 11.49
N LYS B 55 40.03 -25.29 10.22
CA LYS B 55 41.22 -25.96 9.73
C LYS B 55 42.42 -25.02 9.62
N VAL B 56 42.19 -23.71 9.63
CA VAL B 56 43.25 -22.72 9.57
C VAL B 56 43.36 -21.95 10.88
N PHE B 57 42.24 -21.48 11.41
CA PHE B 57 42.20 -20.67 12.62
C PHE B 57 41.50 -21.46 13.72
N ASN B 58 42.28 -21.98 14.65
CA ASN B 58 41.74 -22.72 15.78
C ASN B 58 42.67 -22.55 16.97
N MET B 59 42.16 -22.90 18.15
CA MET B 59 42.92 -22.85 19.39
C MET B 59 43.15 -24.25 19.96
N GLU B 60 43.33 -25.24 19.09
CA GLU B 60 43.64 -26.57 19.57
C GLU B 60 45.04 -26.64 20.17
N SER B 61 46.02 -26.05 19.49
CA SER B 61 47.39 -26.09 19.99
C SER B 61 47.50 -25.31 21.30
N PHE B 62 46.88 -24.13 21.37
CA PHE B 62 46.96 -23.33 22.58
C PHE B 62 46.27 -24.02 23.75
N ALA B 63 45.10 -24.62 23.52
CA ALA B 63 44.41 -25.32 24.58
C ALA B 63 45.18 -26.56 25.03
N ASP B 64 45.82 -27.26 24.08
CA ASP B 64 46.67 -28.38 24.46
C ASP B 64 47.83 -27.90 25.33
N TYR B 65 48.41 -26.76 24.99
CA TYR B 65 49.45 -26.18 25.83
C TYR B 65 48.93 -25.82 27.21
N LEU B 66 47.70 -25.29 27.27
CA LEU B 66 47.12 -24.92 28.56
C LEU B 66 46.87 -26.13 29.44
N ARG B 67 46.46 -27.26 28.87
CA ARG B 67 46.12 -28.40 29.72
C ARG B 67 47.31 -28.84 30.56
N SER B 68 48.53 -28.58 30.10
CA SER B 68 49.72 -29.02 30.81
C SER B 68 50.54 -27.89 31.40
N HIS B 69 50.22 -26.63 31.11
CA HIS B 69 50.91 -25.50 31.70
C HIS B 69 49.90 -24.47 32.16
N ASP B 70 50.12 -23.94 33.37
CA ASP B 70 49.28 -22.90 33.93
C ASP B 70 49.88 -21.54 33.59
N LEU B 71 49.11 -20.73 32.87
CA LEU B 71 49.58 -19.41 32.44
C LEU B 71 49.07 -18.29 33.33
N LYS B 72 48.44 -18.63 34.46
CA LYS B 72 47.99 -17.60 35.41
C LYS B 72 49.14 -16.80 35.99
N THR B 73 50.37 -17.31 35.90
CA THR B 73 51.52 -16.54 36.37
C THR B 73 51.76 -15.30 35.50
N HIS B 74 51.15 -15.23 34.33
CA HIS B 74 51.28 -14.07 33.48
C HIS B 74 50.23 -13.01 33.76
N PHE B 75 49.20 -13.32 34.56
CA PHE B 75 48.13 -12.38 34.86
C PHE B 75 48.04 -12.09 36.35
N ASN B 76 49.19 -12.08 37.03
CA ASN B 76 49.23 -11.64 38.42
C ASN B 76 49.32 -10.12 38.54
N GLY B 77 49.63 -9.43 37.44
CA GLY B 77 49.72 -7.98 37.45
C GLY B 77 48.40 -7.32 37.80
N LYS B 78 48.46 -6.21 38.53
CA LYS B 78 47.23 -5.54 38.96
C LYS B 78 46.51 -4.90 37.78
N LYS B 79 47.15 -3.93 37.13
CA LYS B 79 46.51 -3.22 36.03
C LYS B 79 46.46 -4.10 34.80
N PRO B 80 45.30 -4.33 34.20
CA PRO B 80 45.25 -5.10 32.95
C PRO B 80 45.91 -4.35 31.81
N LEU B 81 46.73 -5.05 31.04
CA LEU B 81 47.36 -4.44 29.89
C LEU B 81 46.33 -4.16 28.80
N SER B 82 46.34 -2.95 28.28
CA SER B 82 45.38 -2.55 27.26
C SER B 82 45.92 -2.92 25.88
N THR B 83 45.17 -3.75 25.17
CA THR B 83 45.60 -4.28 23.89
C THR B 83 44.59 -3.93 22.82
N ASP B 84 44.97 -4.14 21.57
CA ASP B 84 44.15 -3.78 20.43
C ASP B 84 43.65 -5.05 19.76
N PRO B 85 42.35 -5.22 19.56
CA PRO B 85 41.82 -6.47 19.00
C PRO B 85 41.94 -6.48 17.48
N VAL B 86 41.60 -7.63 16.90
CA VAL B 86 41.49 -7.74 15.45
C VAL B 86 40.09 -7.30 15.04
N TYR B 87 40.02 -6.29 14.18
CA TYR B 87 38.74 -5.75 13.72
C TYR B 87 38.31 -6.52 12.47
N PHE B 88 37.25 -7.30 12.62
CA PHE B 88 36.71 -8.11 11.54
C PHE B 88 35.28 -7.67 11.29
N ASN B 89 34.96 -7.35 10.05
CA ASN B 89 33.67 -6.80 9.69
C ASN B 89 32.91 -7.81 8.84
N ILE B 90 31.74 -8.19 9.28
CA ILE B 90 30.92 -9.19 8.59
C ILE B 90 29.63 -8.51 8.15
N PRO B 91 28.98 -9.03 7.11
CA PRO B 91 27.71 -8.44 6.68
C PRO B 91 26.59 -8.77 7.65
N LYS B 92 25.80 -7.75 7.98
CA LYS B 92 24.58 -7.97 8.73
C LYS B 92 23.45 -8.42 7.82
N ASN B 93 23.35 -7.80 6.66
CA ASN B 93 22.39 -8.16 5.62
C ASN B 93 23.02 -7.79 4.28
N ILE B 94 22.19 -7.70 3.23
CA ILE B 94 22.72 -7.37 1.91
C ILE B 94 23.25 -5.94 1.86
N GLU B 95 22.88 -5.09 2.84
CA GLU B 95 23.29 -3.70 2.84
C GLU B 95 24.04 -3.27 4.08
N ALA B 96 23.75 -3.84 5.25
CA ALA B 96 24.37 -3.40 6.49
C ALA B 96 25.56 -4.28 6.86
N ARG B 97 26.28 -3.86 7.89
CA ARG B 97 27.49 -4.55 8.35
C ARG B 97 27.44 -4.73 9.85
N ARG B 98 28.12 -5.78 10.33
CA ARG B 98 28.30 -6.05 11.74
C ARG B 98 29.79 -6.13 12.03
N GLN B 99 30.20 -5.54 13.14
CA GLN B 99 31.62 -5.39 13.47
C GLN B 99 32.01 -6.40 14.55
N TYR B 100 32.89 -7.32 14.22
CA TYR B 100 33.48 -8.24 15.18
C TYR B 100 34.80 -7.68 15.66
N LYS B 101 35.12 -7.96 16.92
CA LYS B 101 36.39 -7.55 17.52
C LYS B 101 36.97 -8.79 18.17
N MET B 102 38.00 -9.36 17.56
CA MET B 102 38.60 -10.59 18.07
C MET B 102 39.72 -10.18 19.03
N PRO B 103 39.57 -10.39 20.33
CA PRO B 103 40.50 -9.78 21.28
C PRO B 103 41.89 -10.37 21.18
N ASN B 104 42.85 -9.60 21.65
CA ASN B 104 44.20 -10.11 21.85
C ASN B 104 44.16 -11.34 22.73
N LEU B 105 44.95 -12.35 22.38
CA LEU B 105 44.92 -13.59 23.13
C LEU B 105 45.30 -13.38 24.59
N TYR B 106 46.21 -12.43 24.86
CA TYR B 106 46.56 -12.13 26.23
C TYR B 106 45.39 -11.50 26.99
N SER B 107 44.74 -10.51 26.37
CA SER B 107 43.56 -9.91 26.99
C SER B 107 42.44 -10.94 27.12
N TYR B 108 42.28 -11.78 26.11
CA TYR B 108 41.25 -12.81 26.17
C TYR B 108 41.48 -13.74 27.35
N MET B 109 42.72 -14.18 27.55
CA MET B 109 43.01 -15.08 28.65
C MET B 109 42.89 -14.40 30.00
N ALA B 110 43.22 -13.11 30.08
CA ALA B 110 43.01 -12.38 31.32
C ALA B 110 41.52 -12.37 31.70
N LEU B 111 40.68 -11.96 30.75
CA LEU B 111 39.23 -11.93 31.00
C LEU B 111 38.70 -13.33 31.27
N ASN B 112 39.24 -14.33 30.56
CA ASN B 112 38.82 -15.72 30.74
C ASN B 112 39.10 -16.20 32.15
N TYR B 113 40.32 -15.97 32.63
CA TYR B 113 40.68 -16.41 33.96
C TYR B 113 39.86 -15.67 35.01
N TYR B 114 39.61 -14.38 34.81
CA TYR B 114 38.82 -13.65 35.80
C TYR B 114 37.39 -14.18 35.86
N ILE B 115 36.77 -14.40 34.70
CA ILE B 115 35.40 -14.93 34.71
C ILE B 115 35.37 -16.33 35.31
N CYS B 116 36.38 -17.15 35.02
CA CYS B 116 36.35 -18.50 35.56
C CYS B 116 36.61 -18.53 37.06
N ASP B 117 37.34 -17.56 37.60
CA ASP B 117 37.48 -17.46 39.04
C ASP B 117 36.26 -16.82 39.71
N ASN B 118 35.46 -16.07 38.96
CA ASN B 118 34.25 -15.45 39.47
C ASN B 118 33.00 -16.10 38.88
N LYS B 119 33.12 -17.37 38.49
CA LYS B 119 32.00 -18.11 37.91
C LYS B 119 30.77 -18.11 38.80
N LYS B 120 30.96 -18.00 40.12
CA LYS B 120 29.83 -18.00 41.04
C LYS B 120 28.91 -16.81 40.81
N GLU B 121 29.43 -15.68 40.33
CA GLU B 121 28.59 -14.52 40.08
C GLU B 121 27.79 -14.65 38.79
N PHE B 122 28.20 -15.53 37.88
CA PHE B 122 27.43 -15.78 36.67
C PHE B 122 26.45 -16.93 36.84
N ILE B 123 26.88 -18.01 37.49
CA ILE B 123 26.08 -19.22 37.51
C ILE B 123 24.79 -19.02 38.29
N GLU B 124 24.86 -18.36 39.45
CA GLU B 124 23.64 -18.19 40.24
C GLU B 124 22.61 -17.36 39.49
N VAL B 125 23.05 -16.31 38.80
CA VAL B 125 22.13 -15.50 38.00
C VAL B 125 21.55 -16.33 36.86
N PHE B 126 22.38 -17.14 36.20
CA PHE B 126 21.89 -17.97 35.11
C PHE B 126 20.90 -19.02 35.60
N ILE B 127 21.16 -19.57 36.78
CA ILE B 127 20.29 -20.60 37.36
C ILE B 127 18.94 -20.00 37.72
N ASP B 128 18.94 -18.87 38.43
CA ASP B 128 17.69 -18.28 38.89
C ASP B 128 16.86 -17.72 37.74
N ASN B 129 17.47 -17.48 36.59
CA ASN B 129 16.77 -16.84 35.49
C ASN B 129 15.71 -17.76 34.90
N LYS B 130 14.67 -17.17 34.34
CA LYS B 130 13.57 -17.94 33.77
C LYS B 130 13.27 -17.52 32.33
N PHE B 131 13.54 -16.27 32.01
CA PHE B 131 13.09 -15.67 30.76
C PHE B 131 14.03 -15.90 29.58
N SER B 132 15.31 -16.16 29.84
CA SER B 132 16.27 -16.24 28.75
C SER B 132 16.26 -17.63 28.12
N THR B 133 16.14 -17.66 26.80
CA THR B 133 16.35 -18.87 26.02
C THR B 133 17.74 -18.87 25.39
N SER B 134 18.59 -17.94 25.77
CA SER B 134 19.93 -17.81 25.20
C SER B 134 21.03 -17.98 26.24
N LYS B 135 20.68 -18.32 27.48
CA LYS B 135 21.66 -18.53 28.53
C LYS B 135 22.28 -19.92 28.49
N PHE B 136 22.09 -20.66 27.39
CA PHE B 136 22.70 -21.96 27.23
C PHE B 136 23.78 -22.01 26.17
N PHE B 137 23.82 -21.02 25.28
CA PHE B 137 24.94 -20.75 24.39
C PHE B 137 25.14 -21.82 23.33
N ASN B 138 24.09 -22.55 22.98
CA ASN B 138 24.12 -23.58 21.93
C ASN B 138 25.17 -24.64 22.23
N GLN B 139 25.30 -24.98 23.50
CA GLN B 139 26.21 -25.99 24.00
C GLN B 139 25.53 -27.35 24.03
N LEU B 140 26.11 -28.28 24.80
CA LEU B 140 26.02 -29.72 24.61
C LEU B 140 24.68 -30.23 24.11
N ASN B 141 23.62 -30.02 24.88
CA ASN B 141 22.29 -30.49 24.49
C ASN B 141 21.31 -29.38 24.22
N PHE B 142 21.56 -28.18 24.74
CA PHE B 142 20.59 -27.10 24.71
C PHE B 142 20.68 -26.37 23.36
N ASP B 143 20.39 -27.12 22.32
CA ASP B 143 20.33 -26.61 20.96
C ASP B 143 18.99 -25.95 20.69
N TYR B 144 18.74 -25.59 19.44
CA TYR B 144 17.69 -24.62 19.12
C TYR B 144 16.29 -25.08 19.49
N PRO B 145 15.81 -26.27 19.11
CA PRO B 145 14.42 -26.64 19.45
C PRO B 145 14.13 -26.69 20.94
N LYS B 146 15.13 -26.93 21.80
CA LYS B 146 14.87 -26.89 23.23
C LYS B 146 14.61 -25.47 23.71
N THR B 147 15.38 -24.49 23.20
CA THR B 147 15.06 -23.11 23.48
C THR B 147 13.72 -22.71 22.89
N GLN B 148 13.34 -23.31 21.75
CA GLN B 148 12.01 -23.08 21.21
C GLN B 148 10.93 -23.60 22.15
N GLU B 149 11.14 -24.77 22.76
CA GLU B 149 10.20 -25.29 23.74
C GLU B 149 10.10 -24.37 24.95
N ILE B 150 11.24 -23.83 25.40
CA ILE B 150 11.22 -22.90 26.52
C ILE B 150 10.42 -21.66 26.17
N THR B 151 10.61 -21.13 24.96
CA THR B 151 9.85 -19.97 24.52
C THR B 151 8.36 -20.27 24.49
N GLN B 152 7.99 -21.43 23.94
CA GLN B 152 6.59 -21.84 23.91
C GLN B 152 5.99 -21.86 25.30
N THR B 153 6.70 -22.47 26.25
CA THR B 153 6.19 -22.54 27.61
C THR B 153 6.05 -21.16 28.23
N LEU B 154 6.96 -20.24 27.89
CA LEU B 154 6.88 -18.89 28.44
C LEU B 154 5.77 -18.07 27.81
N LEU B 155 5.31 -18.43 26.61
CA LEU B 155 4.34 -17.64 25.88
C LEU B 155 2.90 -18.04 26.19
N TYR B 156 2.70 -18.92 27.16
CA TYR B 156 1.36 -19.40 27.50
C TYR B 156 0.50 -18.27 28.04
N GLY B 157 -0.79 -18.33 27.73
CA GLY B 157 -1.77 -17.43 28.29
C GLY B 157 -1.96 -16.12 27.56
N GLY B 158 -1.25 -15.89 26.47
CA GLY B 158 -1.35 -14.61 25.79
C GLY B 158 -2.01 -14.69 24.42
N ILE B 159 -3.08 -13.93 24.25
CA ILE B 159 -3.75 -13.87 22.95
C ILE B 159 -3.04 -12.94 22.00
N LYS B 160 -2.05 -12.19 22.48
CA LYS B 160 -1.30 -11.23 21.70
C LYS B 160 0.17 -11.34 22.08
N LYS B 161 1.04 -11.05 21.13
CA LYS B 161 2.48 -11.07 21.39
C LYS B 161 3.09 -9.76 20.94
N LEU B 162 3.82 -9.11 21.83
CA LEU B 162 4.54 -7.88 21.52
C LEU B 162 6.02 -8.22 21.32
N HIS B 163 6.57 -7.79 20.20
CA HIS B 163 7.97 -8.03 19.87
C HIS B 163 8.76 -6.75 20.07
N LEU B 164 9.81 -6.84 20.88
CA LEU B 164 10.72 -5.73 21.10
C LEU B 164 12.14 -6.18 20.81
N ASP B 165 12.97 -5.25 20.39
CA ASP B 165 14.35 -5.54 20.03
C ASP B 165 15.19 -4.30 20.28
N LEU B 166 16.23 -4.44 21.09
CA LEU B 166 17.20 -3.37 21.24
C LEU B 166 18.01 -3.21 19.96
N SER B 167 18.36 -1.97 19.64
CA SER B 167 19.06 -1.67 18.40
C SER B 167 20.56 -1.53 18.66
N ASN B 168 21.35 -2.28 17.90
CA ASN B 168 22.81 -2.25 18.00
C ASN B 168 23.27 -2.51 19.44
N PHE B 169 22.74 -3.58 20.03
CA PHE B 169 22.95 -3.81 21.45
C PHE B 169 24.43 -4.03 21.77
N TYR B 170 25.06 -4.98 21.07
CA TYR B 170 26.46 -5.28 21.33
C TYR B 170 27.37 -4.10 21.00
N HIS B 171 27.12 -3.46 19.87
CA HIS B 171 28.07 -2.52 19.30
C HIS B 171 27.98 -1.12 19.90
N THR B 172 26.93 -0.81 20.64
CA THR B 172 26.75 0.52 21.20
C THR B 172 26.59 0.50 22.71
N LEU B 173 26.69 -0.66 23.34
CA LEU B 173 26.58 -0.75 24.78
C LEU B 173 27.65 0.08 25.46
N TYR B 174 27.23 0.91 26.41
CA TYR B 174 28.18 1.69 27.21
C TYR B 174 28.76 0.77 28.27
N THR B 175 30.06 0.48 28.17
CA THR B 175 30.67 -0.56 28.98
C THR B 175 30.65 -0.21 30.47
N HIS B 176 30.64 1.07 30.81
CA HIS B 176 30.53 1.48 32.21
C HIS B 176 29.12 1.31 32.76
N SER B 177 28.13 1.04 31.91
CA SER B 177 26.78 0.74 32.38
C SER B 177 26.62 -0.71 32.82
N ILE B 178 27.63 -1.55 32.63
CA ILE B 178 27.57 -2.92 33.15
C ILE B 178 27.50 -2.94 34.67
N PRO B 179 28.32 -2.19 35.40
CA PRO B 179 28.09 -2.09 36.86
C PRO B 179 26.74 -1.50 37.22
N TRP B 180 26.18 -0.60 36.41
CA TRP B 180 24.86 -0.07 36.71
C TRP B 180 23.81 -1.17 36.68
N MET B 181 23.88 -2.06 35.69
CA MET B 181 22.91 -3.14 35.60
C MET B 181 23.15 -4.17 36.69
N ILE B 182 24.41 -4.56 36.90
CA ILE B 182 24.70 -5.67 37.79
C ILE B 182 24.53 -5.27 39.26
N ASP B 183 24.96 -4.06 39.62
CA ASP B 183 24.94 -3.61 41.00
C ASP B 183 23.92 -2.52 41.29
N GLY B 184 23.30 -1.92 40.27
CA GLY B 184 22.48 -0.76 40.50
C GLY B 184 23.21 0.51 40.14
N LYS B 185 22.53 1.41 39.41
CA LYS B 185 23.18 2.64 38.97
C LYS B 185 23.61 3.49 40.15
N SER B 186 22.76 3.61 41.17
CA SER B 186 23.05 4.43 42.32
C SER B 186 24.28 3.93 43.07
N ALA B 187 24.38 2.61 43.27
CA ALA B 187 25.53 2.04 43.95
C ALA B 187 26.81 2.12 43.12
N SER B 188 26.65 2.69 41.93
CA SER B 188 27.78 2.80 41.00
C SER B 188 28.35 4.22 40.97
N LYS B 189 27.66 5.20 41.55
CA LYS B 189 28.22 6.57 41.62
C LYS B 189 29.14 6.68 42.81
N GLN B 190 29.34 5.57 43.52
CA GLN B 190 30.28 5.57 44.67
C GLN B 190 31.63 5.10 44.17
N LYS B 194 36.98 -1.69 42.01
CA LYS B 194 37.23 -2.35 43.29
C LYS B 194 36.44 -3.65 43.41
N GLY B 195 35.17 -3.62 43.00
CA GLY B 195 34.31 -4.77 43.09
C GLY B 195 34.44 -5.68 41.88
N PHE B 196 33.51 -6.63 41.81
CA PHE B 196 33.49 -7.57 40.69
C PHE B 196 33.11 -6.89 39.39
N SER B 197 32.04 -6.10 39.41
CA SER B 197 31.56 -5.45 38.19
C SER B 197 32.58 -4.45 37.64
N ASN B 198 33.21 -3.68 38.51
CA ASN B 198 34.19 -2.70 38.06
C ASN B 198 35.40 -3.39 37.42
N THR B 199 35.89 -4.47 38.03
CA THR B 199 37.02 -5.18 37.46
C THR B 199 36.65 -5.84 36.14
N LEU B 200 35.45 -6.40 36.05
CA LEU B 200 35.01 -6.98 34.79
C LEU B 200 34.91 -5.90 33.70
N ASP B 201 34.45 -4.71 34.07
CA ASP B 201 34.40 -3.60 33.13
C ASP B 201 35.81 -3.21 32.66
N THR B 202 36.77 -3.15 33.59
CA THR B 202 38.13 -2.80 33.22
C THR B 202 38.72 -3.84 32.27
N LEU B 203 38.46 -5.12 32.52
CA LEU B 203 38.99 -6.15 31.64
C LEU B 203 38.32 -6.12 30.27
N ILE B 204 37.01 -5.86 30.24
CA ILE B 204 36.31 -5.75 28.95
C ILE B 204 36.90 -4.61 28.13
N THR B 205 37.11 -3.45 28.75
CA THR B 205 37.68 -2.33 28.01
C THR B 205 39.14 -2.59 27.63
N ALA B 206 39.88 -3.31 28.47
CA ALA B 206 41.25 -3.65 28.12
C ALA B 206 41.32 -4.57 26.91
N CYS B 207 40.32 -5.44 26.74
CA CYS B 207 40.26 -6.28 25.55
C CYS B 207 40.09 -5.48 24.27
N GLN B 208 39.69 -4.21 24.35
CA GLN B 208 39.43 -3.41 23.16
C GLN B 208 40.09 -2.04 23.26
N TYR B 209 41.25 -1.97 23.92
CA TYR B 209 42.08 -0.77 23.98
C TYR B 209 41.36 0.37 24.68
N ASP B 210 40.84 0.08 25.87
CA ASP B 210 40.21 1.04 26.77
C ASP B 210 39.01 1.75 26.14
N GLU B 211 38.50 1.26 25.03
CA GLU B 211 37.31 1.83 24.44
C GLU B 211 36.08 1.37 25.21
N THR B 212 35.27 2.33 25.65
CA THR B 212 34.09 2.04 26.45
C THR B 212 32.82 2.02 25.60
N HIS B 213 32.96 1.78 24.30
CA HIS B 213 31.83 1.81 23.37
C HIS B 213 31.65 0.41 22.81
N GLY B 214 30.74 -0.35 23.40
CA GLY B 214 30.42 -1.67 22.92
C GLY B 214 31.19 -2.78 23.63
N ILE B 215 30.85 -4.01 23.26
CA ILE B 215 31.49 -5.21 23.78
C ILE B 215 32.20 -5.90 22.62
N PRO B 216 33.43 -6.38 22.79
CA PRO B 216 34.09 -7.09 21.69
C PRO B 216 33.34 -8.36 21.30
N THR B 217 32.76 -8.38 20.11
CA THR B 217 31.80 -9.39 19.70
C THR B 217 32.46 -10.48 18.87
N GLY B 218 32.06 -11.72 19.11
CA GLY B 218 32.51 -12.83 18.30
C GLY B 218 33.12 -13.99 19.07
N ASN B 219 32.88 -14.04 20.38
CA ASN B 219 33.43 -15.09 21.21
C ASN B 219 32.44 -15.43 22.30
N LEU B 220 32.76 -16.48 23.08
CA LEU B 220 31.85 -16.91 24.14
C LEU B 220 31.87 -15.99 25.34
N LEU B 221 33.01 -15.41 25.68
CA LEU B 221 33.05 -14.56 26.87
C LEU B 221 32.16 -13.34 26.71
N SER B 222 32.16 -12.74 25.52
CA SER B 222 31.28 -11.59 25.30
C SER B 222 29.82 -11.99 25.41
N ARG B 223 29.46 -13.16 24.89
CA ARG B 223 28.08 -13.63 25.02
C ARG B 223 27.72 -13.91 26.47
N ILE B 224 28.66 -14.44 27.24
CA ILE B 224 28.39 -14.71 28.66
C ILE B 224 28.16 -13.40 29.41
N ILE B 225 28.99 -12.39 29.17
CA ILE B 225 28.81 -11.11 29.84
C ILE B 225 27.52 -10.43 29.39
N THR B 226 27.21 -10.50 28.10
CA THR B 226 25.96 -9.94 27.62
C THR B 226 24.76 -10.65 28.22
N GLU B 227 24.85 -11.97 28.39
CA GLU B 227 23.78 -12.71 29.03
C GLU B 227 23.63 -12.35 30.49
N LEU B 228 24.74 -12.12 31.19
CA LEU B 228 24.64 -11.68 32.59
C LEU B 228 24.00 -10.29 32.69
N TYR B 229 24.41 -9.39 31.80
CA TYR B 229 23.80 -8.06 31.75
C TYR B 229 22.29 -8.15 31.54
N MET B 230 21.88 -8.93 30.53
CA MET B 230 20.46 -9.06 30.24
C MET B 230 19.72 -9.90 31.27
N CYS B 231 20.42 -10.76 32.03
CA CYS B 231 19.75 -11.48 33.10
C CYS B 231 19.49 -10.59 34.30
N HIS B 232 20.35 -9.60 34.55
CA HIS B 232 20.00 -8.60 35.56
C HIS B 232 18.86 -7.71 35.07
N PHE B 233 18.85 -7.41 33.77
CA PHE B 233 17.69 -6.75 33.15
C PHE B 233 16.41 -7.54 33.44
N ASP B 234 16.46 -8.86 33.18
CA ASP B 234 15.31 -9.72 33.43
C ASP B 234 14.97 -9.78 34.91
N LYS B 235 15.97 -9.75 35.79
CA LYS B 235 15.71 -9.75 37.22
C LYS B 235 14.89 -8.54 37.62
N GLN B 236 15.27 -7.36 37.12
CA GLN B 236 14.47 -6.17 37.38
C GLN B 236 13.06 -6.33 36.84
N MET B 237 12.94 -6.79 35.60
CA MET B 237 11.63 -6.78 34.97
C MET B 237 10.72 -7.85 35.55
N GLU B 238 11.26 -8.92 36.11
CA GLU B 238 10.44 -9.92 36.78
C GLU B 238 10.09 -9.49 38.19
N TYR B 239 10.95 -8.69 38.83
CA TYR B 239 10.56 -8.09 40.10
C TYR B 239 9.32 -7.23 39.93
N LYS B 240 9.16 -6.60 38.76
CA LYS B 240 7.91 -5.91 38.47
C LYS B 240 6.79 -6.85 38.03
N LYS B 241 6.95 -8.16 38.24
CA LYS B 241 5.90 -9.15 37.96
C LYS B 241 5.51 -9.18 36.49
N PHE B 242 6.49 -9.26 35.60
CA PHE B 242 6.26 -9.46 34.17
C PHE B 242 6.77 -10.83 33.75
N VAL B 243 6.24 -11.32 32.64
CA VAL B 243 6.68 -12.59 32.05
C VAL B 243 6.89 -12.36 30.56
N TYR B 244 8.03 -12.82 30.05
CA TYR B 244 8.30 -12.75 28.63
C TYR B 244 9.37 -13.76 28.28
N SER B 245 9.70 -13.86 27.01
CA SER B 245 10.78 -14.72 26.48
C SER B 245 11.78 -13.81 25.82
N ARG B 246 13.05 -13.91 26.15
CA ARG B 246 14.11 -13.09 25.53
C ARG B 246 15.18 -13.96 24.91
N TYR B 247 15.53 -13.68 23.68
CA TYR B 247 16.71 -14.33 23.10
C TYR B 247 17.68 -13.20 22.88
N VAL B 248 18.73 -13.16 23.67
CA VAL B 248 19.71 -12.05 23.60
C VAL B 248 18.95 -10.76 23.88
N ASP B 249 18.64 -9.98 22.87
CA ASP B 249 17.97 -8.68 23.04
C ASP B 249 16.65 -8.71 22.28
N ASP B 250 16.13 -9.88 21.91
CA ASP B 250 14.82 -9.93 21.28
C ASP B 250 13.81 -10.41 22.31
N PHE B 251 12.81 -9.57 22.59
CA PHE B 251 11.78 -9.85 23.58
C PHE B 251 10.49 -10.25 22.88
N ILE B 252 9.83 -11.27 23.40
CA ILE B 252 8.44 -11.59 23.05
C ILE B 252 7.66 -11.50 24.34
N PHE B 253 6.70 -10.59 24.40
CA PHE B 253 5.89 -10.38 25.59
C PHE B 253 4.47 -10.83 25.32
N PRO B 254 4.00 -11.90 25.94
CA PRO B 254 2.61 -12.32 25.72
C PRO B 254 1.66 -11.55 26.64
N PHE B 255 0.56 -11.10 26.06
CA PHE B 255 -0.41 -10.32 26.81
C PHE B 255 -1.78 -10.50 26.18
N THR B 256 -2.81 -10.16 26.95
CA THR B 256 -4.19 -10.21 26.49
C THR B 256 -4.83 -8.84 26.39
N PHE B 257 -4.53 -7.97 27.34
CA PHE B 257 -5.22 -6.69 27.48
C PHE B 257 -4.24 -5.56 27.23
N GLU B 258 -4.73 -4.47 26.63
CA GLU B 258 -3.84 -3.39 26.22
C GLU B 258 -3.20 -2.70 27.40
N ASN B 259 -3.85 -2.68 28.56
CA ASN B 259 -3.23 -2.10 29.75
C ASN B 259 -1.98 -2.88 30.14
N GLU B 260 -2.01 -4.21 29.94
CA GLU B 260 -0.83 -5.02 30.18
C GLU B 260 0.34 -4.58 29.30
N LYS B 261 0.08 -4.39 28.01
CA LYS B 261 1.14 -3.98 27.10
C LYS B 261 1.65 -2.60 27.44
N GLN B 262 0.76 -1.67 27.81
CA GLN B 262 1.21 -0.33 28.13
C GLN B 262 2.04 -0.30 29.40
N GLU B 263 1.64 -1.05 30.43
CA GLU B 263 2.44 -1.12 31.64
C GLU B 263 3.81 -1.73 31.36
N PHE B 264 3.84 -2.81 30.57
CA PHE B 264 5.11 -3.44 30.23
C PHE B 264 6.01 -2.48 29.46
N LEU B 265 5.45 -1.78 28.47
CA LEU B 265 6.23 -0.84 27.69
C LEU B 265 6.76 0.29 28.56
N ASN B 266 5.94 0.78 29.50
CA ASN B 266 6.40 1.84 30.39
C ASN B 266 7.61 1.40 31.20
N GLU B 267 7.51 0.25 31.87
CA GLU B 267 8.63 -0.19 32.70
C GLU B 267 9.85 -0.55 31.85
N PHE B 268 9.62 -1.16 30.70
CA PHE B 268 10.71 -1.52 29.80
C PHE B 268 11.45 -0.28 29.33
N ASN B 269 10.69 0.77 28.98
CA ASN B 269 11.29 2.03 28.56
C ASN B 269 12.05 2.70 29.68
N LEU B 270 11.54 2.64 30.91
CA LEU B 270 12.28 3.21 32.03
C LEU B 270 13.62 2.51 32.22
N ILE B 271 13.62 1.17 32.15
CA ILE B 271 14.88 0.46 32.34
C ILE B 271 15.85 0.75 31.20
N CYS B 272 15.35 0.76 29.96
CA CYS B 272 16.21 1.06 28.82
C CYS B 272 16.81 2.45 28.93
N ARG B 273 15.98 3.45 29.26
CA ARG B 273 16.47 4.82 29.37
C ARG B 273 17.47 4.96 30.50
N GLU B 274 17.20 4.33 31.65
CA GLU B 274 18.12 4.41 32.76
C GLU B 274 19.46 3.77 32.42
N ASN B 275 19.48 2.77 31.56
CA ASN B 275 20.70 2.05 31.23
C ASN B 275 21.24 2.41 29.86
N ASN B 276 20.75 3.48 29.25
CA ASN B 276 21.27 4.01 27.98
C ASN B 276 21.05 3.03 26.83
N LEU B 277 19.93 2.33 26.87
CA LEU B 277 19.61 1.33 25.86
C LEU B 277 18.59 1.91 24.88
N ILE B 278 18.75 1.61 23.60
CA ILE B 278 17.93 2.17 22.54
C ILE B 278 17.06 1.05 21.97
N ILE B 279 15.77 1.32 21.83
CA ILE B 279 14.82 0.36 21.29
C ILE B 279 14.77 0.51 19.78
N ASN B 280 14.88 -0.59 19.07
CA ASN B 280 14.73 -0.60 17.61
C ASN B 280 13.24 -0.52 17.31
N ASP B 281 12.76 0.70 17.06
CA ASP B 281 11.33 0.91 16.88
C ASP B 281 10.81 0.34 15.56
N ASN B 282 11.70 -0.02 14.63
CA ASN B 282 11.25 -0.60 13.38
C ASN B 282 10.88 -2.06 13.51
N LYS B 283 11.33 -2.73 14.57
CA LYS B 283 11.00 -4.12 14.81
C LYS B 283 9.94 -4.31 15.88
N THR B 284 9.32 -3.25 16.34
CA THR B 284 8.27 -3.33 17.36
C THR B 284 6.95 -3.64 16.66
N LYS B 285 6.43 -4.84 16.90
CA LYS B 285 5.20 -5.29 16.28
C LYS B 285 4.39 -6.06 17.30
N VAL B 286 3.09 -6.15 17.04
CA VAL B 286 2.19 -6.97 17.85
C VAL B 286 1.60 -8.04 16.96
N ASP B 287 1.78 -9.29 17.34
CA ASP B 287 1.13 -10.42 16.69
C ASP B 287 -0.20 -10.68 17.36
N ASN B 288 -1.26 -10.75 16.57
CA ASN B 288 -2.58 -11.10 17.05
C ASN B 288 -2.88 -12.55 16.69
N PHE B 289 -3.51 -13.26 17.61
CA PHE B 289 -3.86 -14.65 17.35
C PHE B 289 -4.99 -14.71 16.32
N PRO B 290 -4.93 -15.64 15.35
CA PRO B 290 -3.93 -16.71 15.17
C PRO B 290 -2.55 -16.20 14.77
N PHE B 291 -1.53 -16.80 15.36
CA PHE B 291 -0.17 -16.29 15.28
C PHE B 291 0.52 -16.72 14.00
N VAL B 292 1.35 -15.84 13.48
CA VAL B 292 2.14 -16.12 12.30
C VAL B 292 3.41 -16.86 12.70
N ASP B 293 3.80 -17.84 11.88
CA ASP B 293 5.03 -18.61 12.11
C ASP B 293 5.69 -18.80 10.75
N LYS B 294 6.54 -17.85 10.36
CA LYS B 294 7.23 -17.97 9.08
C LYS B 294 8.38 -18.96 9.15
N SER B 295 9.11 -18.99 10.26
CA SER B 295 10.34 -19.78 10.36
C SER B 295 9.98 -21.21 10.79
N SER B 296 9.47 -21.98 9.83
CA SER B 296 9.18 -23.39 10.01
C SER B 296 10.01 -24.18 9.01
N LYS B 297 10.73 -25.18 9.50
CA LYS B 297 11.72 -25.90 8.71
C LYS B 297 11.26 -27.29 8.29
N SER B 298 9.96 -27.58 8.44
CA SER B 298 9.49 -28.94 8.18
C SER B 298 9.62 -29.31 6.71
N ASP B 299 9.29 -28.39 5.80
CA ASP B 299 9.38 -28.69 4.38
C ASP B 299 10.81 -28.89 3.92
N ILE B 300 11.73 -28.07 4.45
CA ILE B 300 13.14 -28.21 4.10
C ILE B 300 13.67 -29.57 4.51
N PHE B 301 13.37 -29.99 5.74
CA PHE B 301 13.89 -31.27 6.22
C PHE B 301 13.24 -32.44 5.51
N SER B 302 12.02 -32.27 5.01
CA SER B 302 11.31 -33.34 4.32
C SER B 302 11.39 -33.21 2.80
N PHE B 303 12.30 -32.40 2.28
CA PHE B 303 12.36 -32.18 0.84
C PHE B 303 12.74 -33.47 0.10
N PHE B 304 13.66 -34.25 0.66
CA PHE B 304 14.17 -35.45 0.01
C PHE B 304 13.52 -36.73 0.51
N GLU B 305 12.27 -36.67 0.97
CA GLU B 305 11.63 -37.89 1.47
C GLU B 305 11.41 -38.92 0.37
N ASN B 306 10.95 -38.49 -0.80
CA ASN B 306 10.55 -39.41 -1.86
C ASN B 306 11.67 -39.68 -2.87
N ILE B 307 12.93 -39.55 -2.45
CA ILE B 307 14.07 -39.89 -3.28
C ILE B 307 14.89 -40.97 -2.57
N THR B 308 15.36 -41.94 -3.34
CA THR B 308 16.08 -43.08 -2.80
C THR B 308 17.36 -43.29 -3.60
N SER B 309 18.26 -44.13 -3.03
CA SER B 309 19.56 -44.33 -3.63
C SER B 309 19.48 -45.06 -4.98
N THR B 310 18.36 -45.70 -5.29
CA THR B 310 18.22 -46.36 -6.57
C THR B 310 17.89 -45.39 -7.70
N ASN B 311 17.56 -44.14 -7.37
CA ASN B 311 17.31 -43.14 -8.40
C ASN B 311 18.59 -42.81 -9.15
N SER B 312 18.43 -42.41 -10.41
CA SER B 312 19.58 -42.06 -11.22
C SER B 312 20.28 -40.84 -10.65
N ASN B 313 21.57 -40.70 -10.98
CA ASN B 313 22.35 -39.58 -10.48
C ASN B 313 21.84 -38.25 -11.02
N ASP B 314 21.28 -38.26 -12.24
CA ASP B 314 20.71 -37.04 -12.80
C ASP B 314 19.52 -36.57 -11.98
N LYS B 315 18.69 -37.51 -11.51
CA LYS B 315 17.60 -37.16 -10.62
C LYS B 315 18.13 -36.52 -9.33
N TRP B 316 19.22 -37.08 -8.79
CA TRP B 316 19.80 -36.52 -7.58
C TRP B 316 20.30 -35.10 -7.82
N ILE B 317 20.95 -34.87 -8.95
CA ILE B 317 21.46 -33.53 -9.26
C ILE B 317 20.30 -32.55 -9.39
N LYS B 318 19.25 -32.95 -10.11
CA LYS B 318 18.10 -32.08 -10.29
C LYS B 318 17.44 -31.76 -8.95
N GLU B 319 17.30 -32.76 -8.09
CA GLU B 319 16.67 -32.52 -6.80
C GLU B 319 17.52 -31.62 -5.92
N ILE B 320 18.84 -31.78 -5.94
CA ILE B 320 19.70 -30.88 -5.16
C ILE B 320 19.59 -29.45 -5.66
N SER B 321 19.59 -29.26 -6.99
CA SER B 321 19.46 -27.91 -7.53
C SER B 321 18.12 -27.29 -7.15
N ASN B 322 17.04 -28.06 -7.33
CA ASN B 322 15.71 -27.58 -6.96
C ASN B 322 15.64 -27.28 -5.47
N PHE B 323 16.34 -28.06 -4.66
CA PHE B 323 16.31 -27.88 -3.22
C PHE B 323 17.01 -26.58 -2.84
N ILE B 324 18.14 -26.29 -3.48
CA ILE B 324 18.84 -25.03 -3.21
C ILE B 324 17.95 -23.85 -3.58
N ASP B 325 17.30 -23.92 -4.75
CA ASP B 325 16.40 -22.85 -5.14
C ASP B 325 15.24 -22.70 -4.14
N TYR B 326 14.71 -23.83 -3.68
CA TYR B 326 13.61 -23.83 -2.72
C TYR B 326 14.02 -23.16 -1.42
N CYS B 327 15.23 -23.46 -0.93
CA CYS B 327 15.67 -22.88 0.33
C CYS B 327 15.97 -21.39 0.20
N VAL B 328 16.52 -20.97 -0.94
CA VAL B 328 16.72 -19.53 -1.15
C VAL B 328 15.38 -18.82 -1.18
N ASN B 329 14.39 -19.41 -1.84
CA ASN B 329 13.05 -18.83 -1.81
C ASN B 329 12.49 -18.76 -0.39
N GLU B 330 12.69 -19.83 0.38
CA GLU B 330 12.18 -19.85 1.75
C GLU B 330 12.82 -18.74 2.59
N GLU B 331 14.13 -18.56 2.45
CA GLU B 331 14.82 -17.46 3.12
C GLU B 331 14.25 -16.12 2.68
N HIS B 332 13.97 -15.97 1.38
CA HIS B 332 13.38 -14.73 0.89
C HIS B 332 12.01 -14.47 1.49
N LEU B 333 11.23 -15.53 1.73
CA LEU B 333 9.88 -15.40 2.24
C LEU B 333 9.81 -15.18 3.75
N GLY B 334 10.94 -14.92 4.41
CA GLY B 334 10.94 -14.65 5.82
C GLY B 334 11.34 -15.81 6.70
N ASN B 335 11.60 -16.98 6.14
CA ASN B 335 12.02 -18.15 6.90
C ASN B 335 13.49 -17.98 7.24
N LYS B 336 13.76 -17.33 8.37
CA LYS B 336 15.13 -17.02 8.76
C LYS B 336 15.96 -18.28 8.92
N GLY B 337 17.18 -18.24 8.38
CA GLY B 337 18.09 -19.35 8.50
C GLY B 337 17.84 -20.51 7.57
N ALA B 338 17.01 -20.33 6.54
CA ALA B 338 16.66 -21.45 5.67
C ALA B 338 17.80 -21.80 4.72
N ILE B 339 18.64 -20.83 4.35
CA ILE B 339 19.78 -21.13 3.50
C ILE B 339 20.84 -21.89 4.28
N LYS B 340 21.04 -21.54 5.55
CA LYS B 340 22.04 -22.23 6.35
C LYS B 340 21.70 -23.70 6.56
N CYS B 341 20.45 -24.10 6.33
CA CYS B 341 20.07 -25.49 6.42
C CYS B 341 20.34 -26.27 5.14
N ILE B 342 20.77 -25.61 4.07
CA ILE B 342 20.97 -26.31 2.80
C ILE B 342 22.03 -27.39 2.95
N PHE B 343 23.25 -26.98 3.31
CA PHE B 343 24.37 -27.91 3.39
C PHE B 343 24.16 -29.03 4.39
N PRO B 344 23.73 -28.78 5.64
CA PRO B 344 23.55 -29.88 6.57
C PRO B 344 22.58 -30.94 6.10
N VAL B 345 21.47 -30.55 5.46
CA VAL B 345 20.49 -31.56 5.11
C VAL B 345 20.86 -32.26 3.81
N ILE B 346 21.60 -31.59 2.91
CA ILE B 346 22.16 -32.34 1.79
C ILE B 346 23.12 -33.42 2.28
N THR B 347 23.99 -33.06 3.23
CA THR B 347 24.92 -34.04 3.78
C THR B 347 24.17 -35.18 4.48
N ASN B 348 23.19 -34.83 5.31
CA ASN B 348 22.43 -35.84 6.03
C ASN B 348 21.63 -36.71 5.08
N THR B 349 21.07 -36.14 4.02
CA THR B 349 20.33 -36.94 3.05
C THR B 349 21.25 -37.94 2.36
N LEU B 350 22.43 -37.48 1.91
CA LEU B 350 23.34 -38.40 1.26
C LEU B 350 23.81 -39.49 2.21
N LYS B 351 23.93 -39.16 3.51
CA LYS B 351 24.39 -40.17 4.46
C LYS B 351 23.28 -41.17 4.82
N GLN B 352 22.04 -40.68 4.99
CA GLN B 352 20.94 -41.55 5.38
C GLN B 352 20.46 -42.41 4.23
N LYS B 353 20.41 -41.86 3.01
CA LYS B 353 19.89 -42.60 1.89
C LYS B 353 20.86 -43.69 1.41
N LYS B 354 22.04 -43.78 2.01
CA LYS B 354 23.03 -44.81 1.71
C LYS B 354 23.42 -44.76 0.23
N VAL B 355 23.99 -43.62 -0.16
CA VAL B 355 24.41 -43.39 -1.52
C VAL B 355 25.88 -43.77 -1.66
N ASP B 356 26.21 -44.52 -2.70
CA ASP B 356 27.56 -45.04 -2.87
C ASP B 356 28.57 -43.91 -3.05
N THR B 357 29.81 -44.16 -2.64
CA THR B 357 30.86 -43.15 -2.76
C THR B 357 31.13 -42.81 -4.22
N LYS B 358 31.14 -43.82 -5.09
CA LYS B 358 31.26 -43.55 -6.52
C LYS B 358 30.09 -42.70 -6.99
N ASN B 359 28.90 -42.96 -6.46
CA ASN B 359 27.74 -42.14 -6.81
C ASN B 359 27.88 -40.72 -6.29
N ILE B 360 28.42 -40.55 -5.08
CA ILE B 360 28.68 -39.19 -4.58
C ILE B 360 29.61 -38.44 -5.51
N ASP B 361 30.70 -39.09 -5.91
CA ASP B 361 31.65 -38.45 -6.82
C ASP B 361 30.98 -38.12 -8.15
N ASN B 362 30.15 -39.03 -8.66
CA ASN B 362 29.46 -38.77 -9.93
C ASN B 362 28.51 -37.59 -9.80
N ILE B 363 27.71 -37.54 -8.73
CA ILE B 363 26.76 -36.44 -8.55
C ILE B 363 27.50 -35.11 -8.49
N PHE B 364 28.51 -35.02 -7.64
CA PHE B 364 29.08 -33.70 -7.38
C PHE B 364 30.17 -33.31 -8.37
N SER B 365 30.66 -34.24 -9.17
CA SER B 365 31.69 -33.94 -10.16
C SER B 365 31.20 -33.94 -11.59
N LYS B 366 30.01 -34.48 -11.86
CA LYS B 366 29.49 -34.51 -13.21
C LYS B 366 29.33 -33.09 -13.75
N ARG B 367 29.87 -32.87 -14.95
CA ARG B 367 29.67 -31.63 -15.67
C ARG B 367 28.84 -31.93 -16.90
N ASN B 368 27.64 -31.37 -16.96
CA ASN B 368 26.74 -31.65 -18.06
C ASN B 368 27.32 -31.08 -19.35
N MET B 369 27.35 -31.91 -20.39
CA MET B 369 28.08 -31.53 -21.61
C MET B 369 27.37 -30.43 -22.37
N VAL B 370 26.05 -30.34 -22.24
CA VAL B 370 25.29 -29.37 -23.03
C VAL B 370 24.89 -28.15 -22.22
N THR B 371 24.43 -28.33 -20.98
CA THR B 371 24.10 -27.17 -20.14
C THR B 371 25.31 -26.61 -19.41
N ASN B 372 26.41 -27.34 -19.38
CA ASN B 372 27.64 -26.92 -18.71
C ASN B 372 27.37 -26.62 -17.23
N PHE B 373 26.55 -27.47 -16.61
CA PHE B 373 26.07 -27.26 -15.25
C PHE B 373 26.69 -28.29 -14.32
N ASN B 374 27.28 -27.82 -13.23
CA ASN B 374 27.78 -28.69 -12.16
C ASN B 374 27.15 -28.24 -10.86
N VAL B 375 26.67 -29.20 -10.07
CA VAL B 375 25.93 -28.86 -8.87
C VAL B 375 26.85 -28.29 -7.79
N PHE B 376 28.08 -28.80 -7.70
CA PHE B 376 29.05 -28.26 -6.75
C PHE B 376 29.36 -26.81 -7.06
N GLU B 377 29.41 -26.45 -8.34
CA GLU B 377 29.63 -25.06 -8.71
C GLU B 377 28.45 -24.19 -8.29
N LYS B 378 27.23 -24.72 -8.38
CA LYS B 378 26.07 -23.97 -7.90
C LYS B 378 26.14 -23.74 -6.41
N ILE B 379 26.55 -24.76 -5.65
CA ILE B 379 26.66 -24.61 -4.21
C ILE B 379 27.77 -23.62 -3.86
N LEU B 380 28.86 -23.64 -4.61
CA LEU B 380 29.94 -22.69 -4.39
C LEU B 380 29.49 -21.26 -4.68
N ASP B 381 28.75 -21.06 -5.77
CA ASP B 381 28.23 -19.72 -6.06
C ASP B 381 27.28 -19.25 -4.97
N LEU B 382 26.40 -20.14 -4.50
CA LEU B 382 25.54 -19.80 -3.38
C LEU B 382 26.35 -19.36 -2.17
N SER B 383 27.41 -20.10 -1.86
CA SER B 383 28.25 -19.72 -0.72
C SER B 383 28.87 -18.36 -0.93
N LEU B 384 29.28 -18.04 -2.16
CA LEU B 384 29.87 -16.74 -2.42
C LEU B 384 28.86 -15.61 -2.40
N LYS B 385 27.56 -15.91 -2.53
CA LYS B 385 26.58 -14.82 -2.49
C LYS B 385 26.46 -14.23 -1.09
N ASP B 386 26.61 -15.04 -0.05
CA ASP B 386 26.62 -14.55 1.33
C ASP B 386 27.86 -15.07 2.02
N SER B 387 28.75 -14.15 2.41
CA SER B 387 30.04 -14.55 2.97
C SER B 387 29.90 -15.23 4.33
N ARG B 388 28.75 -15.12 4.98
CA ARG B 388 28.53 -15.82 6.23
C ARG B 388 28.35 -17.31 6.04
N LEU B 389 28.30 -17.78 4.79
CA LEU B 389 28.17 -19.18 4.47
C LEU B 389 29.52 -19.83 4.16
N THR B 390 30.62 -19.13 4.43
CA THR B 390 31.96 -19.65 4.12
C THR B 390 32.23 -20.96 4.87
N ASN B 391 32.07 -20.94 6.18
CA ASN B 391 32.40 -22.10 6.98
C ASN B 391 31.37 -23.20 6.76
N LYS B 392 30.12 -22.82 6.48
CA LYS B 392 29.10 -23.80 6.13
C LYS B 392 29.49 -24.56 4.88
N PHE B 393 29.87 -23.83 3.82
CA PHE B 393 30.31 -24.47 2.59
C PHE B 393 31.53 -25.34 2.80
N LEU B 394 32.50 -24.87 3.58
CA LEU B 394 33.74 -25.63 3.71
C LEU B 394 33.52 -26.89 4.54
N THR B 395 32.68 -26.81 5.58
CA THR B 395 32.30 -28.00 6.32
C THR B 395 31.54 -28.99 5.43
N PHE B 396 30.62 -28.48 4.61
CA PHE B 396 29.88 -29.34 3.70
C PHE B 396 30.82 -30.04 2.74
N PHE B 397 31.81 -29.31 2.23
CA PHE B 397 32.78 -29.90 1.33
C PHE B 397 33.62 -30.96 2.02
N GLU B 398 34.00 -30.74 3.28
CA GLU B 398 34.73 -31.78 4.00
C GLU B 398 33.87 -33.03 4.17
N ASN B 399 32.60 -32.86 4.51
CA ASN B 399 31.72 -34.02 4.65
C ASN B 399 31.61 -34.80 3.35
N ILE B 400 31.27 -34.11 2.25
CA ILE B 400 31.12 -34.83 0.99
C ILE B 400 32.46 -35.31 0.45
N ASN B 401 33.58 -34.75 0.93
CA ASN B 401 34.89 -35.29 0.60
C ASN B 401 35.10 -36.63 1.29
N GLU B 402 34.70 -36.74 2.56
CA GLU B 402 34.75 -38.04 3.21
C GLU B 402 33.77 -39.02 2.58
N PHE B 403 32.68 -38.53 2.01
CA PHE B 403 31.69 -39.42 1.40
C PHE B 403 32.15 -39.99 0.07
N GLY B 404 33.15 -39.38 -0.57
CA GLY B 404 33.65 -39.93 -1.82
C GLY B 404 34.00 -38.91 -2.89
N PHE B 405 33.45 -37.70 -2.79
CA PHE B 405 33.76 -36.64 -3.74
C PHE B 405 35.24 -36.30 -3.65
N SER B 406 35.99 -36.61 -4.70
CA SER B 406 37.44 -36.44 -4.67
C SER B 406 37.81 -34.97 -4.54
N SER B 407 38.93 -34.73 -3.87
CA SER B 407 39.38 -33.36 -3.65
C SER B 407 39.94 -32.75 -4.93
N LEU B 408 40.55 -33.56 -5.79
CA LEU B 408 41.10 -33.03 -7.03
C LEU B 408 40.00 -32.54 -7.95
N SER B 409 38.90 -33.27 -8.05
CA SER B 409 37.79 -32.83 -8.89
C SER B 409 37.18 -31.55 -8.36
N ALA B 410 37.01 -31.44 -7.04
CA ALA B 410 36.47 -30.21 -6.46
C ALA B 410 37.40 -29.04 -6.69
N SER B 411 38.71 -29.27 -6.57
CA SER B 411 39.67 -28.21 -6.85
C SER B 411 39.58 -27.76 -8.30
N ASN B 412 39.42 -28.72 -9.22
CA ASN B 412 39.29 -28.36 -10.64
C ASN B 412 38.02 -27.58 -10.90
N ILE B 413 36.91 -27.96 -10.26
CA ILE B 413 35.66 -27.23 -10.42
C ILE B 413 35.79 -25.80 -9.90
N VAL B 414 36.40 -25.64 -8.73
CA VAL B 414 36.56 -24.29 -8.19
C VAL B 414 37.52 -23.47 -9.03
N LYS B 415 38.57 -24.12 -9.56
CA LYS B 415 39.47 -23.44 -10.50
C LYS B 415 38.71 -22.95 -11.71
N LYS B 416 37.84 -23.78 -12.28
CA LYS B 416 37.08 -23.39 -13.45
C LYS B 416 36.14 -22.23 -13.12
N TYR B 417 35.49 -22.28 -11.96
CA TYR B 417 34.61 -21.18 -11.57
C TYR B 417 35.39 -19.87 -11.43
N PHE B 418 36.54 -19.92 -10.75
CA PHE B 418 37.31 -18.70 -10.54
C PHE B 418 37.85 -18.16 -11.85
N SER B 419 38.31 -19.03 -12.75
CA SER B 419 38.77 -18.59 -14.06
C SER B 419 37.63 -17.98 -14.86
N ASN B 420 36.44 -18.57 -14.78
CA ASN B 420 35.32 -18.08 -15.56
C ASN B 420 34.84 -16.72 -15.04
N ASN B 421 34.93 -16.50 -13.74
CA ASN B 421 34.44 -15.28 -13.11
C ASN B 421 35.57 -14.40 -12.60
N SER B 422 36.74 -14.49 -13.23
CA SER B 422 37.91 -13.77 -12.75
C SER B 422 37.70 -12.27 -12.72
N LYS B 423 37.06 -11.70 -13.75
CA LYS B 423 36.85 -10.26 -13.79
C LYS B 423 35.98 -9.81 -12.63
N GLY B 424 34.83 -10.47 -12.45
CA GLY B 424 33.95 -10.13 -11.36
C GLY B 424 34.61 -10.32 -10.00
N LEU B 425 35.38 -11.39 -9.85
CA LEU B 425 36.05 -11.61 -8.57
C LEU B 425 37.12 -10.57 -8.30
N LYS B 426 37.87 -10.15 -9.32
CA LYS B 426 38.87 -9.11 -9.11
C LYS B 426 38.22 -7.80 -8.71
N GLU B 427 37.14 -7.41 -9.38
CA GLU B 427 36.51 -6.16 -8.97
C GLU B 427 35.82 -6.29 -7.61
N LYS B 428 35.33 -7.47 -7.26
CA LYS B 428 34.83 -7.69 -5.90
C LYS B 428 35.95 -7.56 -4.87
N ILE B 429 37.13 -8.09 -5.16
CA ILE B 429 38.25 -7.95 -4.24
C ILE B 429 38.63 -6.49 -4.08
N ASP B 430 38.64 -5.75 -5.18
CA ASP B 430 38.96 -4.32 -5.10
C ASP B 430 37.93 -3.57 -4.25
N HIS B 431 36.64 -3.88 -4.46
CA HIS B 431 35.59 -3.26 -3.65
C HIS B 431 35.75 -3.61 -2.18
N TYR B 432 35.97 -4.88 -1.87
CA TYR B 432 36.06 -5.33 -0.49
C TYR B 432 37.26 -4.72 0.20
N ARG B 433 38.36 -4.59 -0.52
CA ARG B 433 39.58 -4.02 0.06
C ARG B 433 39.45 -2.52 0.23
N LYS B 434 38.73 -1.84 -0.66
CA LYS B 434 38.52 -0.40 -0.50
C LYS B 434 37.57 -0.09 0.64
N ASN B 435 36.50 -0.87 0.77
CA ASN B 435 35.41 -0.57 1.69
C ASN B 435 35.54 -1.28 3.03
N ASN B 436 36.66 -1.98 3.27
CA ASN B 436 36.89 -2.69 4.51
C ASN B 436 35.79 -3.72 4.78
N PHE B 437 35.46 -4.49 3.74
CA PHE B 437 34.49 -5.58 3.84
C PHE B 437 35.28 -6.84 4.18
N ASN B 438 35.53 -7.03 5.47
CA ASN B 438 36.57 -7.96 5.90
C ASN B 438 36.22 -9.41 5.58
N GLN B 439 34.99 -9.83 5.90
CA GLN B 439 34.65 -11.23 5.72
C GLN B 439 34.49 -11.59 4.26
N GLU B 440 34.02 -10.66 3.43
CA GLU B 440 33.88 -10.94 2.01
C GLU B 440 35.24 -11.18 1.36
N LEU B 441 36.24 -10.40 1.74
CA LEU B 441 37.61 -10.65 1.26
C LEU B 441 38.16 -11.94 1.85
N TYR B 442 37.91 -12.16 3.14
CA TYR B 442 38.41 -13.36 3.80
C TYR B 442 37.89 -14.61 3.12
N GLN B 443 36.63 -14.59 2.69
CA GLN B 443 36.06 -15.78 2.05
C GLN B 443 36.75 -16.10 0.73
N ILE B 444 36.98 -15.08 -0.10
CA ILE B 444 37.61 -15.31 -1.39
C ILE B 444 39.04 -15.81 -1.22
N LEU B 445 39.81 -15.16 -0.33
CA LEU B 445 41.17 -15.63 -0.10
C LEU B 445 41.20 -17.01 0.54
N LEU B 446 40.21 -17.33 1.38
CA LEU B 446 40.16 -18.64 1.99
C LEU B 446 39.87 -19.73 0.95
N TYR B 447 38.94 -19.45 0.03
CA TYR B 447 38.70 -20.38 -1.07
C TYR B 447 39.93 -20.56 -1.93
N MET B 448 40.66 -19.46 -2.19
CA MET B 448 41.88 -19.55 -2.97
C MET B 448 42.93 -20.41 -2.28
N VAL B 449 43.08 -20.25 -0.96
CA VAL B 449 44.05 -21.03 -0.22
C VAL B 449 43.65 -22.50 -0.17
N VAL B 450 42.38 -22.77 0.13
CA VAL B 450 41.93 -24.14 0.32
C VAL B 450 41.99 -24.91 -1.00
N PHE B 451 41.46 -24.32 -2.06
CA PHE B 451 41.28 -25.06 -3.31
C PHE B 451 42.43 -24.87 -4.28
N GLU B 452 43.56 -24.32 -3.83
CA GLU B 452 44.77 -24.19 -4.64
C GLU B 452 44.53 -23.32 -5.88
N ILE B 453 43.86 -22.20 -5.68
CA ILE B 453 43.63 -21.25 -6.77
C ILE B 453 44.90 -20.42 -6.91
N ASP B 454 45.65 -20.64 -7.98
CA ASP B 454 46.98 -20.04 -8.12
C ASP B 454 47.11 -19.13 -9.33
N ASP B 455 46.00 -18.66 -9.89
CA ASP B 455 46.06 -17.78 -11.06
C ASP B 455 45.13 -16.58 -11.01
N LEU B 456 44.26 -16.45 -10.02
CA LEU B 456 43.34 -15.33 -10.01
C LEU B 456 44.06 -14.00 -9.77
N LEU B 457 44.97 -13.97 -8.80
CA LEU B 457 45.78 -12.79 -8.52
C LEU B 457 47.24 -13.10 -8.80
N ASN B 458 47.91 -12.19 -9.49
CA ASN B 458 49.33 -12.34 -9.78
C ASN B 458 50.13 -11.81 -8.59
N GLN B 459 51.44 -11.62 -8.80
CA GLN B 459 52.31 -11.29 -7.67
C GLN B 459 52.05 -9.88 -7.15
N GLU B 460 51.96 -8.90 -8.06
CA GLU B 460 51.80 -7.52 -7.59
C GLU B 460 50.39 -7.20 -7.14
N GLU B 461 49.39 -8.02 -7.49
CA GLU B 461 48.09 -7.89 -6.85
C GLU B 461 48.07 -8.56 -5.48
N LEU B 462 48.76 -9.69 -5.32
CA LEU B 462 48.88 -10.29 -4.00
C LEU B 462 49.59 -9.36 -3.03
N LEU B 463 50.66 -8.71 -3.48
CA LEU B 463 51.38 -7.78 -2.62
C LEU B 463 50.53 -6.54 -2.30
N ASN B 464 49.50 -6.27 -3.09
CA ASN B 464 48.63 -5.12 -2.82
C ASN B 464 47.71 -5.37 -1.64
N LEU B 465 47.46 -6.63 -1.27
CA LEU B 465 46.63 -6.91 -0.11
C LEU B 465 47.39 -6.82 1.20
N ILE B 466 48.71 -6.78 1.19
CA ILE B 466 49.49 -6.64 2.43
C ILE B 466 49.68 -5.14 2.63
N ASP B 467 48.62 -4.50 3.13
CA ASP B 467 48.59 -3.05 3.34
C ASP B 467 47.72 -2.75 4.56
N LEU B 468 47.53 -1.46 4.82
CA LEU B 468 46.72 -1.02 5.94
C LEU B 468 45.24 -1.24 5.67
N ASN B 469 44.46 -1.23 6.75
CA ASN B 469 43.01 -1.41 6.71
C ASN B 469 42.60 -2.78 6.22
N ILE B 470 43.53 -3.73 6.22
CA ILE B 470 43.26 -5.13 5.88
C ILE B 470 43.31 -5.92 7.17
N ASP B 471 42.30 -6.74 7.40
CA ASP B 471 42.20 -7.46 8.67
C ASP B 471 43.30 -8.51 8.77
N ASP B 472 43.51 -8.98 10.01
CA ASP B 472 44.61 -9.89 10.29
C ASP B 472 44.46 -11.20 9.53
N TYR B 473 43.26 -11.77 9.53
CA TYR B 473 43.06 -13.05 8.86
C TYR B 473 43.24 -12.92 7.36
N SER B 474 42.79 -11.81 6.77
CA SER B 474 43.03 -11.58 5.35
C SER B 474 44.51 -11.44 5.05
N LEU B 475 45.25 -10.75 5.93
CA LEU B 475 46.69 -10.63 5.75
C LEU B 475 47.36 -11.99 5.82
N ILE B 476 46.95 -12.83 6.77
CA ILE B 476 47.51 -14.17 6.88
C ILE B 476 47.20 -14.99 5.63
N LEU B 477 45.97 -14.91 5.13
CA LEU B 477 45.61 -15.68 3.95
C LEU B 477 46.37 -15.19 2.71
N GLY B 478 46.57 -13.88 2.58
CA GLY B 478 47.38 -13.37 1.50
C GLY B 478 48.82 -13.82 1.58
N THR B 479 49.38 -13.82 2.79
CA THR B 479 50.74 -14.33 2.97
C THR B 479 50.83 -15.80 2.60
N ILE B 480 49.82 -16.59 3.00
CA ILE B 480 49.80 -18.01 2.62
C ILE B 480 49.76 -18.15 1.11
N LEU B 481 48.92 -17.37 0.44
CA LEU B 481 48.85 -17.43 -1.01
C LEU B 481 50.19 -17.07 -1.64
N TYR B 482 50.91 -16.13 -1.04
CA TYR B 482 52.22 -15.77 -1.58
C TYR B 482 53.24 -16.88 -1.37
N LEU B 483 53.23 -17.52 -0.20
CA LEU B 483 54.20 -18.57 0.07
C LEU B 483 53.91 -19.85 -0.69
N LYS B 484 52.64 -20.11 -1.02
CA LYS B 484 52.30 -21.32 -1.75
C LYS B 484 52.92 -21.31 -3.15
N ASN B 485 53.05 -20.12 -3.75
CA ASN B 485 53.63 -19.99 -5.08
C ASN B 485 55.14 -19.91 -4.91
N SER B 486 55.83 -21.03 -5.19
CA SER B 486 57.27 -21.09 -5.00
C SER B 486 58.04 -20.25 -6.01
N SER B 487 57.41 -19.84 -7.11
CA SER B 487 58.11 -19.00 -8.08
C SER B 487 58.45 -17.64 -7.50
N TYR B 488 57.49 -17.10 -6.74
CA TYR B 488 57.62 -15.70 -6.23
C TYR B 488 58.77 -15.57 -5.24
N LYS B 489 59.33 -14.37 -5.14
CA LYS B 489 60.49 -14.12 -4.25
C LYS B 489 60.03 -13.44 -2.96
N LEU B 490 60.40 -13.99 -1.82
CA LEU B 490 59.97 -13.43 -0.53
C LEU B 490 60.89 -12.29 -0.14
N GLU B 491 61.02 -11.26 -0.96
CA GLU B 491 61.80 -10.07 -0.56
C GLU B 491 60.89 -8.94 -0.98
N LYS B 492 59.98 -9.24 -1.87
CA LYS B 492 58.97 -8.24 -2.27
C LYS B 492 57.90 -8.42 -1.23
N LEU B 493 57.88 -9.58 -0.55
CA LEU B 493 56.97 -9.84 0.54
C LEU B 493 57.53 -9.32 1.87
N LEU B 494 58.82 -9.58 2.14
CA LEU B 494 59.40 -9.08 3.37
C LEU B 494 59.40 -7.57 3.42
N LYS B 495 59.70 -6.92 2.30
CA LYS B 495 59.65 -5.47 2.25
C LYS B 495 58.25 -4.97 2.56
N LYS B 496 57.24 -5.60 1.94
CA LYS B 496 55.87 -5.14 2.12
C LYS B 496 55.41 -5.34 3.56
N ILE B 497 55.74 -6.50 4.16
CA ILE B 497 55.37 -6.78 5.54
C ILE B 497 56.10 -5.85 6.50
N ASP B 498 57.39 -5.61 6.27
CA ASP B 498 58.14 -4.72 7.15
C ASP B 498 57.59 -3.30 7.08
N GLN B 499 57.25 -2.83 5.88
CA GLN B 499 56.64 -1.52 5.74
C GLN B 499 55.31 -1.46 6.49
N LEU B 500 54.51 -2.52 6.39
CA LEU B 500 53.24 -2.56 7.10
C LEU B 500 53.46 -2.52 8.61
N PHE B 501 54.44 -3.28 9.11
CA PHE B 501 54.71 -3.30 10.55
C PHE B 501 55.16 -1.92 11.03
N ILE B 502 56.05 -1.28 10.28
CA ILE B 502 56.52 0.05 10.66
C ILE B 502 55.36 1.03 10.67
N ASN B 503 54.52 0.99 9.64
CA ASN B 503 53.40 1.92 9.56
C ASN B 503 52.41 1.69 10.69
N THR B 504 52.19 0.44 11.07
CA THR B 504 51.27 0.15 12.17
C THR B 504 51.85 0.63 13.50
N HIS B 505 53.14 0.38 13.75
CA HIS B 505 53.73 0.84 15.00
C HIS B 505 53.85 2.35 15.07
N ALA B 506 53.91 3.02 13.91
CA ALA B 506 54.00 4.47 13.91
C ALA B 506 52.75 5.13 14.51
N ASN B 507 51.66 4.39 14.66
CA ASN B 507 50.42 4.94 15.18
C ASN B 507 50.31 4.81 16.70
N TYR B 508 51.35 4.33 17.36
CA TYR B 508 51.35 4.10 18.80
C TYR B 508 52.52 4.83 19.43
N ASP B 509 52.44 5.01 20.74
CA ASP B 509 53.57 5.56 21.48
C ASP B 509 54.77 4.63 21.34
N VAL B 510 55.96 5.22 21.24
CA VAL B 510 57.16 4.43 20.96
C VAL B 510 57.47 3.44 22.07
N LYS B 511 56.94 3.65 23.28
CA LYS B 511 57.17 2.76 24.41
C LYS B 511 56.10 1.67 24.52
N THR B 512 55.43 1.35 23.42
CA THR B 512 54.35 0.36 23.40
C THR B 512 54.89 -0.95 22.85
N SER B 513 54.65 -2.04 23.57
CA SER B 513 55.02 -3.36 23.08
C SER B 513 54.24 -3.70 21.82
N ARG B 514 54.88 -4.40 20.90
CA ARG B 514 54.29 -4.62 19.59
C ARG B 514 53.12 -5.59 19.65
N MET B 515 53.12 -6.52 20.61
CA MET B 515 52.05 -7.50 20.66
C MET B 515 50.81 -6.99 21.37
N ALA B 516 50.85 -5.76 21.89
CA ALA B 516 49.67 -5.08 22.41
C ALA B 516 49.08 -4.12 21.40
N GLU B 517 49.56 -4.14 20.17
CA GLU B 517 49.13 -3.21 19.13
C GLU B 517 48.19 -3.92 18.17
N LYS B 518 47.85 -3.21 17.09
CA LYS B 518 47.09 -3.80 16.01
C LYS B 518 47.97 -4.80 15.26
N LEU B 519 47.32 -5.75 14.58
CA LEU B 519 48.00 -6.81 13.84
C LEU B 519 48.80 -7.74 14.74
N TRP B 520 48.32 -7.99 15.96
CA TRP B 520 49.02 -8.91 16.84
C TRP B 520 49.04 -10.32 16.27
N LEU B 521 47.93 -10.74 15.66
CA LEU B 521 47.84 -12.10 15.14
C LEU B 521 48.72 -12.28 13.90
N PHE B 522 48.77 -11.28 13.02
CA PHE B 522 49.63 -11.38 11.85
C PHE B 522 51.11 -11.30 12.25
N ARG B 523 51.44 -10.45 13.23
CA ARG B 523 52.79 -10.45 13.76
C ARG B 523 53.18 -11.82 14.32
N TYR B 524 52.28 -12.41 15.11
CA TYR B 524 52.59 -13.70 15.69
C TYR B 524 52.76 -14.76 14.60
N PHE B 525 51.90 -14.71 13.59
CA PHE B 525 52.02 -15.60 12.44
C PHE B 525 53.40 -15.48 11.82
N PHE B 526 53.85 -14.25 11.59
CA PHE B 526 55.14 -14.06 10.93
C PHE B 526 56.29 -14.54 11.79
N TYR B 527 56.29 -14.20 13.09
CA TYR B 527 57.41 -14.62 13.91
C TYR B 527 57.43 -16.13 14.12
N PHE B 528 56.25 -16.75 14.27
CA PHE B 528 56.19 -18.21 14.37
C PHE B 528 56.70 -18.85 13.09
N LEU B 529 56.33 -18.30 11.94
CA LEU B 529 56.82 -18.84 10.67
C LEU B 529 58.33 -18.68 10.55
N ASN B 530 58.86 -17.57 11.08
CA ASN B 530 60.30 -17.34 11.02
C ASN B 530 61.05 -18.33 11.91
N CYS B 531 60.52 -18.62 13.10
CA CYS B 531 61.19 -19.59 13.97
C CYS B 531 61.18 -20.99 13.36
N LYS B 532 60.05 -21.38 12.76
CA LYS B 532 59.98 -22.68 12.10
C LYS B 532 60.74 -22.70 10.78
N ASN B 533 61.25 -21.56 10.34
CA ASN B 533 62.13 -21.44 9.16
C ASN B 533 61.39 -21.66 7.84
N ILE B 534 60.11 -21.30 7.78
CA ILE B 534 59.47 -21.12 6.48
C ILE B 534 60.01 -19.88 5.79
N PHE B 535 60.19 -18.79 6.56
CA PHE B 535 61.02 -17.68 6.11
C PHE B 535 62.46 -18.03 6.44
N SER B 536 63.22 -18.39 5.42
CA SER B 536 64.63 -18.73 5.62
C SER B 536 65.38 -17.55 6.23
N GLN B 537 66.18 -17.83 7.25
CA GLN B 537 66.90 -16.77 7.95
C GLN B 537 67.89 -16.07 7.03
N LYS B 538 68.43 -16.79 6.05
CA LYS B 538 69.38 -16.18 5.11
C LYS B 538 68.73 -15.05 4.34
N GLU B 539 67.51 -15.25 3.87
CA GLU B 539 66.89 -14.23 3.01
C GLU B 539 66.39 -13.05 3.83
N ILE B 540 65.96 -13.30 5.08
CA ILE B 540 65.66 -12.19 5.98
C ILE B 540 66.91 -11.37 6.27
N ASN B 541 68.04 -12.05 6.49
CA ASN B 541 69.30 -11.35 6.70
C ASN B 541 69.66 -10.51 5.48
N SER B 542 69.50 -11.08 4.28
CA SER B 542 69.80 -10.33 3.07
C SER B 542 68.89 -9.12 2.94
N TYR B 543 67.60 -9.26 3.25
CA TYR B 543 66.70 -8.12 3.19
C TYR B 543 67.11 -7.04 4.18
N CYS B 544 67.47 -7.43 5.40
CA CYS B 544 67.88 -6.45 6.40
C CYS B 544 69.15 -5.73 5.98
N GLN B 545 70.11 -6.47 5.39
CA GLN B 545 71.31 -5.83 4.87
C GLN B 545 70.97 -4.85 3.75
N SER B 546 70.04 -5.23 2.87
CA SER B 546 69.62 -4.34 1.80
C SER B 546 69.04 -3.05 2.35
N GLN B 547 68.28 -3.14 3.45
CA GLN B 547 67.73 -1.96 4.09
C GLN B 547 68.70 -1.32 5.08
N ASN B 548 69.90 -1.88 5.24
CA ASN B 548 70.93 -1.32 6.13
C ASN B 548 70.41 -1.18 7.55
N TYR B 549 69.87 -2.26 8.09
CA TYR B 549 69.38 -2.26 9.46
C TYR B 549 70.54 -2.51 10.42
N ASN B 550 70.69 -1.63 11.40
CA ASN B 550 71.79 -1.75 12.34
C ASN B 550 71.65 -3.03 13.16
N SER B 551 72.73 -3.79 13.27
CA SER B 551 72.70 -5.01 14.03
C SER B 551 72.76 -4.72 15.53
N GLY B 552 72.73 -5.77 16.32
CA GLY B 552 72.73 -5.63 17.75
C GLY B 552 73.11 -6.90 18.45
N GLN B 553 72.90 -6.91 19.77
CA GLN B 553 73.27 -8.08 20.57
C GLN B 553 72.41 -9.28 20.24
N ASN B 554 71.19 -9.05 19.73
CA ASN B 554 70.22 -10.11 19.52
C ASN B 554 69.52 -10.03 18.17
N GLY B 555 70.18 -9.48 17.16
CA GLY B 555 69.60 -9.47 15.83
C GLY B 555 69.87 -8.22 15.02
N TYR B 556 68.96 -7.89 14.11
CA TYR B 556 69.14 -6.79 13.18
C TYR B 556 68.32 -5.55 13.53
N GLN B 557 67.67 -5.55 14.69
CA GLN B 557 66.87 -4.41 15.15
C GLN B 557 65.87 -3.95 14.10
N THR B 558 65.18 -4.91 13.51
CA THR B 558 64.10 -4.65 12.58
C THR B 558 62.78 -5.10 13.19
N GLU B 559 61.68 -4.63 12.61
CA GLU B 559 60.37 -5.13 13.00
C GLU B 559 60.22 -6.62 12.71
N LEU B 560 61.07 -7.16 11.84
CA LEU B 560 60.96 -8.54 11.40
C LEU B 560 61.68 -9.51 12.33
N ASN B 561 62.37 -9.02 13.34
CA ASN B 561 63.20 -9.82 14.22
C ASN B 561 62.52 -9.95 15.58
N TRP B 562 62.03 -11.15 15.90
CA TRP B 562 61.32 -11.33 17.16
C TRP B 562 62.24 -11.21 18.35
N ASN B 563 63.52 -11.56 18.21
CA ASN B 563 64.44 -11.46 19.34
C ASN B 563 64.64 -10.01 19.76
N TYR B 564 64.69 -9.10 18.79
CA TYR B 564 64.78 -7.69 19.12
C TYR B 564 63.45 -7.13 19.59
N ILE B 565 62.34 -7.50 18.93
CA ILE B 565 61.04 -6.97 19.27
C ILE B 565 60.59 -7.38 20.65
N LYS B 566 60.88 -8.62 21.06
CA LYS B 566 60.30 -9.14 22.29
C LYS B 566 60.75 -8.37 23.52
N GLY B 567 61.81 -7.58 23.41
CA GLY B 567 62.28 -6.79 24.54
C GLY B 567 62.08 -5.30 24.38
N GLN B 568 61.27 -4.89 23.41
CA GLN B 568 61.01 -3.47 23.16
C GLN B 568 59.66 -3.09 23.75
N GLY B 569 59.63 -1.96 24.45
CA GLY B 569 58.43 -1.51 25.12
C GLY B 569 58.62 -1.42 26.62
N LYS B 570 57.89 -0.51 27.27
CA LYS B 570 58.03 -0.37 28.72
C LYS B 570 57.34 -1.52 29.46
N ASP B 571 56.22 -2.00 28.94
CA ASP B 571 55.46 -3.09 29.56
C ASP B 571 55.52 -4.29 28.62
N LEU B 572 56.06 -5.40 29.12
CA LEU B 572 56.32 -6.57 28.30
C LEU B 572 55.52 -7.79 28.73
N ARG B 573 54.33 -7.58 29.29
CA ARG B 573 53.53 -8.72 29.74
C ARG B 573 52.99 -9.51 28.55
N ALA B 574 52.41 -8.81 27.57
CA ALA B 574 51.96 -9.48 26.35
C ALA B 574 53.14 -10.04 25.56
N ASN B 575 54.25 -9.29 25.52
CA ASN B 575 55.44 -9.80 24.84
C ASN B 575 55.92 -11.09 25.48
N ASN B 576 55.94 -11.14 26.81
CA ASN B 576 56.38 -12.36 27.49
C ASN B 576 55.41 -13.51 27.27
N PHE B 577 54.11 -13.22 27.33
CA PHE B 577 53.10 -14.23 27.01
C PHE B 577 53.33 -14.84 25.63
N PHE B 578 53.43 -13.99 24.62
CA PHE B 578 53.54 -14.49 23.26
C PHE B 578 54.91 -15.10 23.00
N ASN B 579 55.93 -14.66 23.73
CA ASN B 579 57.23 -15.30 23.66
C ASN B 579 57.18 -16.72 24.23
N GLU B 580 56.44 -16.91 25.32
CA GLU B 580 56.27 -18.27 25.83
C GLU B 580 55.54 -19.15 24.83
N LEU B 581 54.51 -18.61 24.16
CA LEU B 581 53.86 -19.38 23.11
C LEU B 581 54.80 -19.71 21.96
N ILE B 582 55.61 -18.74 21.51
CA ILE B 582 56.49 -18.99 20.37
C ILE B 582 57.59 -19.99 20.72
N VAL B 583 58.20 -19.83 21.89
CA VAL B 583 59.30 -20.71 22.30
C VAL B 583 58.82 -22.16 22.38
N LYS B 584 57.60 -22.36 22.87
CA LYS B 584 57.08 -23.71 23.02
C LYS B 584 56.37 -24.21 21.76
N GLU B 585 56.54 -23.51 20.64
CA GLU B 585 56.05 -23.95 19.33
C GLU B 585 54.53 -24.19 19.35
N VAL B 586 53.82 -23.24 19.95
CA VAL B 586 52.37 -23.21 19.91
C VAL B 586 51.95 -22.38 18.70
N TRP B 587 51.19 -22.97 17.80
CA TRP B 587 50.74 -22.27 16.61
C TRP B 587 49.30 -21.83 16.77
N LEU B 588 49.00 -20.63 16.28
CA LEU B 588 47.63 -20.13 16.26
C LEU B 588 47.02 -20.18 14.87
N ILE B 589 47.84 -20.36 13.84
CA ILE B 589 47.37 -20.58 12.48
C ILE B 589 47.93 -21.93 12.03
N SER B 590 47.04 -22.81 11.58
CA SER B 590 47.46 -24.14 11.14
C SER B 590 48.06 -24.05 9.76
N CYS B 591 49.23 -24.67 9.58
CA CYS B 591 49.93 -24.67 8.31
C CYS B 591 49.63 -25.91 7.48
N GLY B 592 48.55 -26.61 7.78
CA GLY B 592 48.23 -27.86 7.13
C GLY B 592 48.76 -29.06 7.89
N GLU B 593 48.32 -30.23 7.45
CA GLU B 593 48.73 -31.47 8.12
C GLU B 593 50.21 -31.77 7.91
N ASN B 594 50.81 -31.25 6.84
CA ASN B 594 52.21 -31.49 6.54
C ASN B 594 53.02 -30.19 6.53
N GLU B 595 52.50 -29.13 7.16
CA GLU B 595 53.18 -27.83 7.24
C GLU B 595 53.52 -27.29 5.86
N ASP B 596 52.60 -27.48 4.90
CA ASP B 596 52.77 -26.99 3.55
C ASP B 596 51.59 -26.15 3.08
N PHE B 597 50.73 -25.72 3.99
CA PHE B 597 49.59 -24.84 3.71
C PHE B 597 48.58 -25.48 2.76
N LYS B 598 48.45 -26.80 2.79
CA LYS B 598 47.47 -27.50 1.98
C LYS B 598 46.39 -28.07 2.87
N TYR B 599 45.13 -27.79 2.55
CA TYR B 599 44.01 -28.08 3.43
C TYR B 599 42.97 -28.99 2.78
N LEU B 600 43.35 -29.72 1.75
CA LEU B 600 42.48 -30.74 1.17
C LEU B 600 43.23 -32.04 0.93
N SER C 2 -20.18 32.54 -36.92
CA SER C 2 -20.57 31.35 -36.20
C SER C 2 -19.36 30.49 -35.86
N MET C 3 -19.60 29.28 -35.38
CA MET C 3 -18.53 28.33 -35.14
C MET C 3 -17.80 28.00 -36.44
N LYS C 4 -18.57 27.70 -37.48
CA LYS C 4 -17.98 27.22 -38.72
C LYS C 4 -17.17 28.31 -39.41
N LYS C 5 -17.65 29.55 -39.37
CA LYS C 5 -16.92 30.66 -39.97
C LYS C 5 -15.60 30.90 -39.26
N GLU C 6 -15.60 30.83 -37.93
CA GLU C 6 -14.37 31.07 -37.19
C GLU C 6 -13.36 29.94 -37.42
N PHE C 7 -13.84 28.69 -37.45
CA PHE C 7 -12.95 27.58 -37.80
C PHE C 7 -12.40 27.73 -39.21
N THR C 8 -13.24 28.15 -40.15
CA THR C 8 -12.78 28.32 -41.53
C THR C 8 -11.73 29.41 -41.63
N GLU C 9 -11.90 30.50 -40.89
CA GLU C 9 -10.88 31.54 -40.86
C GLU C 9 -9.58 31.00 -40.30
N LEU C 10 -9.66 30.25 -39.19
CA LEU C 10 -8.47 29.69 -38.58
C LEU C 10 -7.72 28.80 -39.57
N TYR C 11 -8.42 27.86 -40.20
CA TYR C 11 -7.76 26.92 -41.09
C TYR C 11 -7.37 27.53 -42.42
N ASP C 12 -8.03 28.61 -42.85
CA ASP C 12 -7.52 29.33 -44.01
C ASP C 12 -6.21 30.02 -43.68
N PHE C 13 -6.08 30.57 -42.48
CA PHE C 13 -4.82 31.17 -42.07
C PHE C 13 -3.72 30.11 -41.93
N ILE C 14 -4.06 28.96 -41.33
CA ILE C 14 -3.06 27.94 -41.04
C ILE C 14 -2.54 27.32 -42.32
N PHE C 15 -3.44 26.92 -43.22
CA PHE C 15 -3.07 26.10 -44.37
C PHE C 15 -2.53 26.98 -45.48
N ASP C 16 -1.36 27.55 -45.21
CA ASP C 16 -0.63 28.40 -46.13
C ASP C 16 0.82 27.93 -46.09
N PRO C 17 1.45 27.66 -47.23
CA PRO C 17 2.82 27.12 -47.20
C PRO C 17 3.80 28.01 -46.45
N ILE C 18 3.69 29.33 -46.64
CA ILE C 18 4.63 30.24 -45.98
C ILE C 18 4.41 30.22 -44.48
N PHE C 19 3.15 30.14 -44.05
CA PHE C 19 2.90 29.98 -42.62
C PHE C 19 3.46 28.66 -42.10
N LEU C 20 3.25 27.59 -42.85
CA LEU C 20 3.68 26.28 -42.38
C LEU C 20 5.18 26.10 -42.43
N VAL C 21 5.92 27.01 -43.03
CA VAL C 21 7.38 27.01 -42.89
C VAL C 21 7.87 28.04 -41.89
N ARG C 22 7.21 29.21 -41.78
CA ARG C 22 7.69 30.22 -40.85
C ARG C 22 7.41 29.83 -39.40
N TYR C 23 6.26 29.24 -39.13
CA TYR C 23 5.93 28.73 -37.81
C TYR C 23 5.78 27.21 -37.76
N GLY C 24 5.47 26.56 -38.88
CA GLY C 24 5.23 25.14 -38.85
C GLY C 24 6.47 24.31 -38.57
N TYR C 25 7.60 24.69 -39.19
CA TYR C 25 8.79 23.83 -39.14
C TYR C 25 9.27 23.63 -37.72
N TYR C 26 9.36 24.70 -36.94
CA TYR C 26 9.87 24.63 -35.58
C TYR C 26 8.74 24.60 -34.56
N ASP C 27 7.51 24.41 -35.01
CA ASP C 27 6.35 24.20 -34.13
C ASP C 27 6.11 25.40 -33.22
N ARG C 28 6.15 26.59 -33.81
CA ARG C 28 5.89 27.81 -33.07
C ARG C 28 4.40 28.15 -33.15
N SER C 29 3.99 29.15 -32.36
CA SER C 29 2.62 29.60 -32.32
C SER C 29 2.56 31.09 -32.60
N ILE C 30 1.58 31.50 -33.39
CA ILE C 30 1.36 32.91 -33.69
C ILE C 30 0.12 33.35 -32.93
N LYS C 31 0.21 34.48 -32.24
CA LYS C 31 -0.90 34.92 -31.39
C LYS C 31 -1.90 35.78 -32.15
N ASN C 32 -1.42 36.76 -32.92
CA ASN C 32 -2.26 37.62 -33.74
C ASN C 32 -1.73 37.64 -35.16
N LYS C 33 -2.64 37.79 -36.12
CA LYS C 33 -2.24 37.89 -37.52
C LYS C 33 -1.32 39.08 -37.75
N GLU C 45 1.45 31.51 -22.57
CA GLU C 45 2.66 30.75 -22.95
C GLU C 45 2.51 29.33 -22.40
N PHE C 46 1.37 28.68 -22.65
CA PHE C 46 1.16 27.36 -21.98
C PHE C 46 1.36 26.19 -22.92
N GLY C 47 0.54 26.10 -23.95
CA GLY C 47 0.64 24.98 -24.89
C GLY C 47 1.84 25.17 -25.79
N LYS C 48 2.57 26.27 -25.63
CA LYS C 48 3.68 26.57 -26.55
C LYS C 48 4.55 25.34 -26.69
N SER C 49 4.77 24.90 -27.93
CA SER C 49 5.54 23.66 -28.22
C SER C 49 6.92 24.01 -28.78
N ASP C 50 7.33 25.28 -28.67
CA ASP C 50 8.62 25.76 -29.23
C ASP C 50 9.77 25.06 -28.50
N SER C 51 10.60 24.35 -29.25
CA SER C 51 11.69 23.58 -28.66
C SER C 51 13.07 23.95 -29.18
N PHE C 52 13.19 24.98 -30.01
CA PHE C 52 14.45 25.40 -30.56
C PHE C 52 14.58 26.90 -30.43
N TYR C 53 15.79 27.37 -30.16
CA TYR C 53 16.02 28.78 -29.92
C TYR C 53 15.76 29.58 -31.20
N PHE C 54 14.76 30.45 -31.16
CA PHE C 54 14.37 31.21 -32.33
C PHE C 54 15.49 32.10 -32.82
N LYS C 55 16.34 32.59 -31.92
CA LYS C 55 17.37 33.54 -32.29
C LYS C 55 18.51 32.90 -33.07
N VAL C 56 18.62 31.58 -33.05
CA VAL C 56 19.64 30.86 -33.80
C VAL C 56 19.02 30.03 -34.92
N PHE C 57 17.97 29.28 -34.60
CA PHE C 57 17.31 28.37 -35.55
C PHE C 57 15.91 28.89 -35.83
N ASN C 58 15.74 29.51 -37.00
CA ASN C 58 14.44 30.01 -37.41
C ASN C 58 14.35 29.94 -38.92
N MET C 59 13.14 30.09 -39.43
CA MET C 59 12.87 30.11 -40.87
C MET C 59 12.34 31.46 -41.31
N GLU C 60 12.83 32.53 -40.70
CA GLU C 60 12.44 33.87 -41.14
C GLU C 60 13.02 34.18 -42.52
N SER C 61 14.32 33.89 -42.71
CA SER C 61 14.94 34.18 -44.00
C SER C 61 14.33 33.34 -45.11
N PHE C 62 14.10 32.05 -44.84
CA PHE C 62 13.53 31.20 -45.88
C PHE C 62 12.11 31.62 -46.23
N ALA C 63 11.30 31.97 -45.22
CA ALA C 63 9.94 32.41 -45.50
C ALA C 63 9.92 33.75 -46.22
N ASP C 64 10.85 34.64 -45.89
CA ASP C 64 10.96 35.88 -46.63
C ASP C 64 11.32 35.61 -48.09
N TYR C 65 12.20 34.64 -48.32
CA TYR C 65 12.53 34.25 -49.69
C TYR C 65 11.32 33.67 -50.40
N LEU C 66 10.51 32.88 -49.68
CA LEU C 66 9.33 32.28 -50.28
C LEU C 66 8.28 33.32 -50.67
N ARG C 67 8.13 34.37 -49.88
CA ARG C 67 7.08 35.35 -50.18
C ARG C 67 7.26 35.97 -51.55
N SER C 68 8.50 36.03 -52.05
CA SER C 68 8.79 36.66 -53.32
C SER C 68 9.22 35.69 -54.41
N HIS C 69 9.48 34.42 -54.08
CA HIS C 69 9.83 33.42 -55.08
C HIS C 69 9.02 32.16 -54.85
N ASP C 70 8.50 31.59 -55.94
CA ASP C 70 7.75 30.35 -55.88
C ASP C 70 8.70 29.19 -56.15
N LEU C 71 8.82 28.29 -55.19
CA LEU C 71 9.72 27.15 -55.29
C LEU C 71 9.00 25.87 -55.71
N LYS C 72 7.73 25.96 -56.11
CA LYS C 72 7.01 24.79 -56.59
C LYS C 72 7.62 24.22 -57.86
N THR C 73 8.46 25.00 -58.57
CA THR C 73 9.12 24.46 -59.74
C THR C 73 10.15 23.39 -59.38
N HIS C 74 10.50 23.28 -58.10
CA HIS C 74 11.42 22.25 -57.65
C HIS C 74 10.71 20.96 -57.26
N PHE C 75 9.39 20.97 -57.14
CA PHE C 75 8.63 19.80 -56.73
C PHE C 75 7.64 19.37 -57.81
N ASN C 76 8.00 19.57 -59.08
CA ASN C 76 7.22 19.03 -60.18
C ASN C 76 7.52 17.57 -60.46
N GLY C 77 8.63 17.04 -59.92
CA GLY C 77 9.00 15.66 -60.12
C GLY C 77 7.98 14.69 -59.55
N LYS C 78 7.78 13.57 -60.23
CA LYS C 78 6.77 12.62 -59.79
C LYS C 78 7.17 11.93 -58.49
N LYS C 79 8.27 11.19 -58.51
CA LYS C 79 8.70 10.45 -57.34
C LYS C 79 9.30 11.40 -56.31
N PRO C 80 8.82 11.40 -55.08
CA PRO C 80 9.43 12.25 -54.06
C PRO C 80 10.82 11.75 -53.71
N LEU C 81 11.76 12.68 -53.62
CA LEU C 81 13.12 12.32 -53.23
C LEU C 81 13.16 11.92 -51.77
N SER C 82 13.78 10.77 -51.49
CA SER C 82 13.86 10.26 -50.13
C SER C 82 15.07 10.86 -49.45
N THR C 83 14.83 11.56 -48.33
CA THR C 83 15.88 12.29 -47.62
C THR C 83 15.94 11.80 -46.18
N ASP C 84 17.00 12.19 -45.49
CA ASP C 84 17.25 11.76 -44.13
C ASP C 84 17.05 12.93 -43.19
N PRO C 85 16.22 12.83 -42.17
CA PRO C 85 15.94 13.97 -41.30
C PRO C 85 17.02 14.13 -40.24
N VAL C 86 16.92 15.21 -39.47
CA VAL C 86 17.77 15.42 -38.31
C VAL C 86 17.15 14.72 -37.12
N TYR C 87 17.89 13.80 -36.52
CA TYR C 87 17.40 13.04 -35.39
C TYR C 87 17.74 13.78 -34.10
N PHE C 88 16.72 14.30 -33.44
CA PHE C 88 16.88 15.06 -32.20
C PHE C 88 16.12 14.33 -31.11
N ASN C 89 16.79 14.05 -30.01
CA ASN C 89 16.22 13.26 -28.94
C ASN C 89 16.02 14.14 -27.71
N ILE C 90 14.79 14.21 -27.22
CA ILE C 90 14.45 15.05 -26.09
C ILE C 90 13.98 14.15 -24.96
N PRO C 91 14.08 14.60 -23.71
CA PRO C 91 13.59 13.77 -22.60
C PRO C 91 12.07 13.76 -22.56
N LYS C 92 11.51 12.57 -22.36
CA LYS C 92 10.08 12.46 -22.09
C LYS C 92 9.79 12.72 -20.62
N ASN C 93 10.63 12.18 -19.74
CA ASN C 93 10.55 12.41 -18.31
C ASN C 93 11.97 12.30 -17.76
N ILE C 94 12.09 12.12 -16.44
CA ILE C 94 13.43 12.04 -15.84
C ILE C 94 14.15 10.76 -16.28
N GLU C 95 13.43 9.78 -16.83
CA GLU C 95 14.02 8.51 -17.23
C GLU C 95 13.83 8.16 -18.70
N ALA C 96 12.72 8.55 -19.32
CA ALA C 96 12.44 8.16 -20.69
C ALA C 96 12.85 9.25 -21.67
N ARG C 97 12.77 8.92 -22.96
CA ARG C 97 13.18 9.81 -24.04
C ARG C 97 12.11 9.85 -25.12
N ARG C 98 12.05 10.98 -25.81
CA ARG C 98 11.18 11.17 -26.96
C ARG C 98 12.03 11.54 -28.16
N GLN C 99 11.73 10.97 -29.31
CA GLN C 99 12.55 11.13 -30.50
C GLN C 99 11.89 12.09 -31.48
N TYR C 100 12.54 13.22 -31.74
CA TYR C 100 12.12 14.16 -32.76
C TYR C 100 12.86 13.87 -34.05
N LYS C 101 12.19 14.10 -35.16
CA LYS C 101 12.80 13.94 -36.49
C LYS C 101 12.50 15.22 -37.25
N MET C 102 13.52 16.06 -37.44
CA MET C 102 13.34 17.33 -38.10
C MET C 102 13.60 17.11 -39.59
N PRO C 103 12.57 17.16 -40.44
CA PRO C 103 12.75 16.70 -41.81
C PRO C 103 13.69 17.60 -42.61
N ASN C 104 14.23 17.02 -43.67
CA ASN C 104 14.95 17.80 -44.66
C ASN C 104 14.06 18.92 -45.17
N LEU C 105 14.64 20.10 -45.36
CA LEU C 105 13.84 21.24 -45.78
C LEU C 105 13.20 21.00 -47.14
N TYR C 106 13.87 20.26 -48.02
CA TYR C 106 13.28 19.92 -49.31
C TYR C 106 12.08 18.99 -49.15
N SER C 107 12.23 17.93 -48.35
CA SER C 107 11.12 17.04 -48.08
C SER C 107 10.01 17.77 -47.35
N TYR C 108 10.38 18.65 -46.42
CA TYR C 108 9.38 19.42 -45.68
C TYR C 108 8.55 20.27 -46.63
N MET C 109 9.21 20.95 -47.56
CA MET C 109 8.48 21.80 -48.49
C MET C 109 7.66 21.00 -49.49
N ALA C 110 8.13 19.82 -49.88
CA ALA C 110 7.30 18.96 -50.71
C ALA C 110 6.00 18.58 -50.01
N LEU C 111 6.11 18.08 -48.78
CA LEU C 111 4.92 17.71 -48.02
C LEU C 111 4.05 18.93 -47.74
N ASN C 112 4.68 20.07 -47.48
CA ASN C 112 3.96 21.31 -47.21
C ASN C 112 3.13 21.72 -48.40
N TYR C 113 3.73 21.74 -49.59
CA TYR C 113 3.01 22.13 -50.79
C TYR C 113 1.88 21.15 -51.08
N TYR C 114 2.12 19.86 -50.88
CA TYR C 114 1.07 18.89 -51.16
C TYR C 114 -0.12 19.08 -50.22
N ILE C 115 0.16 19.25 -48.91
CA ILE C 115 -0.92 19.47 -47.96
C ILE C 115 -1.67 20.77 -48.26
N CYS C 116 -0.94 21.81 -48.65
CA CYS C 116 -1.61 23.08 -48.92
C CYS C 116 -2.43 23.03 -50.20
N ASP C 117 -2.05 22.20 -51.17
CA ASP C 117 -2.90 22.02 -52.35
C ASP C 117 -4.06 21.08 -52.09
N ASN C 118 -3.96 20.23 -51.06
CA ASN C 118 -5.04 19.32 -50.70
C ASN C 118 -5.67 19.72 -49.37
N LYS C 119 -5.62 21.01 -49.05
CA LYS C 119 -6.19 21.53 -47.81
C LYS C 119 -7.66 21.18 -47.66
N LYS C 120 -8.38 21.01 -48.77
CA LYS C 120 -9.79 20.68 -48.71
C LYS C 120 -10.04 19.34 -48.03
N GLU C 121 -9.10 18.40 -48.12
CA GLU C 121 -9.29 17.10 -47.47
C GLU C 121 -9.02 17.16 -45.98
N PHE C 122 -8.33 18.18 -45.50
CA PHE C 122 -8.12 18.36 -44.07
C PHE C 122 -9.20 19.24 -43.45
N ILE C 123 -9.56 20.34 -44.11
CA ILE C 123 -10.41 21.34 -43.49
C ILE C 123 -11.80 20.78 -43.24
N GLU C 124 -12.38 20.06 -44.20
CA GLU C 124 -13.74 19.56 -44.00
C GLU C 124 -13.80 18.58 -42.83
N VAL C 125 -12.79 17.73 -42.70
CA VAL C 125 -12.74 16.81 -41.57
C VAL C 125 -12.59 17.57 -40.26
N PHE C 126 -11.73 18.59 -40.25
CA PHE C 126 -11.53 19.38 -39.04
C PHE C 126 -12.80 20.15 -38.66
N ILE C 127 -13.52 20.65 -39.66
CA ILE C 127 -14.75 21.39 -39.43
C ILE C 127 -15.82 20.49 -38.84
N ASP C 128 -16.04 19.34 -39.47
CA ASP C 128 -17.12 18.45 -39.04
C ASP C 128 -16.82 17.82 -37.68
N ASN C 129 -15.57 17.81 -37.25
CA ASN C 129 -15.20 17.12 -36.03
C ASN C 129 -15.76 17.84 -34.80
N LYS C 130 -16.00 17.07 -33.75
CA LYS C 130 -16.59 17.62 -32.53
C LYS C 130 -15.77 17.26 -31.30
N PHE C 131 -15.06 16.14 -31.35
CA PHE C 131 -14.44 15.56 -30.17
C PHE C 131 -13.03 16.09 -29.90
N SER C 132 -12.34 16.60 -30.91
CA SER C 132 -10.95 17.00 -30.75
C SER C 132 -10.85 18.39 -30.14
N THR C 133 -10.06 18.50 -29.08
CA THR C 133 -9.65 19.79 -28.54
C THR C 133 -8.24 20.15 -28.98
N SER C 134 -7.68 19.40 -29.91
CA SER C 134 -6.32 19.61 -30.39
C SER C 134 -6.27 19.94 -31.87
N LYS C 135 -7.41 20.10 -32.53
CA LYS C 135 -7.46 20.43 -33.94
C LYS C 135 -7.29 21.92 -34.21
N PHE C 136 -6.86 22.68 -33.21
CA PHE C 136 -6.60 24.11 -33.37
C PHE C 136 -5.13 24.47 -33.29
N PHE C 137 -4.30 23.60 -32.74
CA PHE C 137 -2.85 23.65 -32.84
C PHE C 137 -2.24 24.83 -32.10
N ASN C 138 -2.92 25.33 -31.07
CA ASN C 138 -2.43 26.42 -30.23
C ASN C 138 -2.11 27.66 -31.06
N GLN C 139 -2.94 27.92 -32.05
CA GLN C 139 -2.84 29.06 -32.93
C GLN C 139 -3.64 30.23 -32.39
N LEU C 140 -3.94 31.19 -33.26
CA LEU C 140 -4.19 32.59 -32.95
C LEU C 140 -4.94 32.83 -31.64
N ASN C 141 -6.17 32.33 -31.53
CA ASN C 141 -6.95 32.52 -30.31
C ASN C 141 -7.23 31.24 -29.56
N PHE C 142 -7.13 30.09 -30.21
CA PHE C 142 -7.57 28.83 -29.64
C PHE C 142 -6.45 28.26 -28.77
N ASP C 143 -6.13 29.01 -27.73
CA ASP C 143 -5.15 28.61 -26.74
C ASP C 143 -5.80 27.69 -25.70
N TYR C 144 -5.06 27.39 -24.63
CA TYR C 144 -5.40 26.24 -23.78
C TYR C 144 -6.74 26.35 -23.09
N PRO C 145 -7.09 27.43 -22.38
CA PRO C 145 -8.39 27.45 -21.69
C PRO C 145 -9.60 27.31 -22.61
N LYS C 146 -9.50 27.70 -23.87
CA LYS C 146 -10.63 27.47 -24.77
C LYS C 146 -10.83 26.00 -25.09
N THR C 147 -9.73 25.27 -25.30
CA THR C 147 -9.83 23.82 -25.42
C THR C 147 -10.31 23.19 -24.12
N GLN C 148 -9.96 23.78 -22.97
CA GLN C 148 -10.50 23.32 -21.70
C GLN C 148 -12.02 23.50 -21.65
N GLU C 149 -12.51 24.63 -22.13
CA GLU C 149 -13.96 24.85 -22.19
C GLU C 149 -14.63 23.82 -23.10
N ILE C 150 -14.00 23.53 -24.24
CA ILE C 150 -14.55 22.53 -25.15
C ILE C 150 -14.61 21.17 -24.46
N THR C 151 -13.56 20.80 -23.74
CA THR C 151 -13.56 19.53 -23.00
C THR C 151 -14.67 19.51 -21.97
N GLN C 152 -14.82 20.60 -21.22
CA GLN C 152 -15.88 20.68 -20.23
C GLN C 152 -17.25 20.46 -20.87
N THR C 153 -17.51 21.13 -21.99
CA THR C 153 -18.79 20.97 -22.66
C THR C 153 -18.99 19.54 -23.15
N LEU C 154 -17.91 18.88 -23.58
CA LEU C 154 -18.04 17.50 -24.05
C LEU C 154 -18.24 16.51 -22.92
N LEU C 155 -17.84 16.86 -21.69
CA LEU C 155 -17.89 15.93 -20.57
C LEU C 155 -19.20 15.99 -19.81
N TYR C 156 -20.19 16.71 -20.32
CA TYR C 156 -21.47 16.85 -19.64
C TYR C 156 -22.21 15.52 -19.57
N GLY C 157 -22.93 15.33 -18.48
CA GLY C 157 -23.81 14.17 -18.33
C GLY C 157 -23.17 12.93 -17.78
N GLY C 158 -21.88 12.95 -17.45
CA GLY C 158 -21.22 11.75 -17.00
C GLY C 158 -20.81 11.79 -15.55
N ILE C 159 -21.30 10.83 -14.76
CA ILE C 159 -20.90 10.72 -13.36
C ILE C 159 -19.54 10.05 -13.21
N LYS C 160 -19.00 9.51 -14.30
CA LYS C 160 -17.74 8.80 -14.29
C LYS C 160 -16.96 9.22 -15.52
N LYS C 161 -15.64 9.20 -15.43
CA LYS C 161 -14.79 9.52 -16.58
C LYS C 161 -13.77 8.41 -16.76
N LEU C 162 -13.69 7.87 -17.97
CA LEU C 162 -12.71 6.87 -18.32
C LEU C 162 -11.59 7.54 -19.12
N HIS C 163 -10.36 7.33 -18.69
CA HIS C 163 -9.19 7.90 -19.35
C HIS C 163 -8.48 6.83 -20.14
N LEU C 164 -8.28 7.08 -21.43
CA LEU C 164 -7.52 6.18 -22.29
C LEU C 164 -6.43 6.97 -22.98
N ASP C 165 -5.34 6.26 -23.31
CA ASP C 165 -4.18 6.90 -23.93
C ASP C 165 -3.48 5.86 -24.77
N LEU C 166 -3.30 6.14 -26.05
CA LEU C 166 -2.47 5.31 -26.90
C LEU C 166 -1.01 5.45 -26.51
N SER C 167 -0.27 4.35 -26.61
CA SER C 167 1.12 4.30 -26.17
C SER C 167 2.04 4.48 -27.37
N ASN C 168 2.95 5.45 -27.26
CA ASN C 168 3.93 5.74 -28.31
C ASN C 168 3.25 5.97 -29.66
N PHE C 169 2.25 6.84 -29.66
CA PHE C 169 1.40 7.00 -30.83
C PHE C 169 2.20 7.52 -32.03
N TYR C 170 2.91 8.64 -31.85
CA TYR C 170 3.67 9.22 -32.95
C TYR C 170 4.80 8.30 -33.40
N HIS C 171 5.51 7.70 -32.46
CA HIS C 171 6.77 7.06 -32.75
C HIS C 171 6.63 5.64 -33.25
N THR C 172 5.45 5.04 -33.12
CA THR C 172 5.24 3.65 -33.54
C THR C 172 4.12 3.51 -34.56
N LEU C 173 3.52 4.61 -34.99
CA LEU C 173 2.46 4.55 -35.99
C LEU C 173 2.95 3.92 -37.27
N TYR C 174 2.21 2.95 -37.77
CA TYR C 174 2.53 2.34 -39.06
C TYR C 174 2.04 3.28 -40.15
N THR C 175 2.97 3.85 -40.91
CA THR C 175 2.64 4.92 -41.84
C THR C 175 1.72 4.45 -42.96
N HIS C 176 1.77 3.17 -43.32
CA HIS C 176 0.84 2.64 -44.32
C HIS C 176 -0.56 2.46 -43.78
N SER C 177 -0.76 2.58 -42.46
CA SER C 177 -2.11 2.52 -41.90
C SER C 177 -2.84 3.85 -42.00
N ILE C 178 -2.17 4.91 -42.44
CA ILE C 178 -2.86 6.18 -42.67
C ILE C 178 -3.92 6.06 -43.75
N PRO C 179 -3.66 5.46 -44.92
CA PRO C 179 -4.77 5.19 -45.85
C PRO C 179 -5.85 4.29 -45.26
N TRP C 180 -5.51 3.35 -44.38
CA TRP C 180 -6.53 2.52 -43.77
C TRP C 180 -7.51 3.36 -42.95
N MET C 181 -7.00 4.32 -42.19
CA MET C 181 -7.87 5.16 -41.39
C MET C 181 -8.65 6.13 -42.27
N ILE C 182 -7.97 6.77 -43.21
CA ILE C 182 -8.60 7.84 -43.97
C ILE C 182 -9.61 7.28 -44.98
N ASP C 183 -9.26 6.18 -45.65
CA ASP C 183 -10.11 5.62 -46.70
C ASP C 183 -10.78 4.31 -46.34
N GLY C 184 -10.42 3.68 -45.23
CA GLY C 184 -10.90 2.35 -44.95
C GLY C 184 -9.86 1.30 -45.28
N LYS C 185 -9.66 0.34 -44.36
CA LYS C 185 -8.64 -0.68 -44.57
C LYS C 185 -8.93 -1.51 -45.82
N SER C 186 -10.19 -1.89 -46.00
CA SER C 186 -10.56 -2.72 -47.15
C SER C 186 -10.29 -2.02 -48.46
N ALA C 187 -10.63 -0.74 -48.56
CA ALA C 187 -10.39 0.01 -49.79
C ALA C 187 -8.91 0.29 -50.02
N SER C 188 -8.12 -0.19 -49.07
CA SER C 188 -6.66 0.02 -49.15
C SER C 188 -5.93 -1.23 -49.63
N LYS C 189 -6.58 -2.38 -49.69
CA LYS C 189 -5.93 -3.60 -50.23
C LYS C 189 -6.05 -3.59 -51.74
N GLN C 190 -6.62 -2.54 -52.29
CA GLN C 190 -6.70 -2.42 -53.77
C GLN C 190 -5.51 -1.62 -54.26
N LYS C 194 -1.74 6.35 -55.61
CA LYS C 194 -2.56 6.94 -56.66
C LYS C 194 -3.48 8.02 -56.12
N GLY C 195 -4.12 7.73 -54.98
CA GLY C 195 -5.05 8.66 -54.37
C GLY C 195 -4.35 9.66 -53.48
N PHE C 196 -5.18 10.39 -52.72
CA PHE C 196 -4.66 11.39 -51.80
C PHE C 196 -3.91 10.75 -50.63
N SER C 197 -4.52 9.74 -50.01
CA SER C 197 -3.91 9.12 -48.84
C SER C 197 -2.60 8.42 -49.20
N ASN C 198 -2.55 7.73 -50.34
CA ASN C 198 -1.34 7.04 -50.73
C ASN C 198 -0.20 8.02 -50.99
N THR C 199 -0.49 9.13 -51.68
CA THR C 199 0.54 10.12 -51.94
C THR C 199 1.01 10.78 -50.66
N LEU C 200 0.08 11.07 -49.75
CA LEU C 200 0.47 11.64 -48.47
C LEU C 200 1.36 10.67 -47.69
N ASP C 201 1.05 9.38 -47.76
CA ASP C 201 1.89 8.36 -47.13
C ASP C 201 3.29 8.34 -47.74
N THR C 202 3.37 8.41 -49.08
CA THR C 202 4.67 8.41 -49.73
C THR C 202 5.50 9.63 -49.33
N LEU C 203 4.86 10.79 -49.24
CA LEU C 203 5.59 11.99 -48.84
C LEU C 203 6.03 11.92 -47.37
N ILE C 204 5.18 11.38 -46.50
CA ILE C 204 5.56 11.23 -45.10
C ILE C 204 6.77 10.32 -44.98
N THR C 205 6.76 9.19 -45.68
CA THR C 205 7.91 8.29 -45.61
C THR C 205 9.14 8.89 -46.28
N ALA C 206 8.96 9.69 -47.32
CA ALA C 206 10.10 10.35 -47.94
C ALA C 206 10.75 11.35 -47.00
N CYS C 207 9.95 11.99 -46.13
CA CYS C 207 10.51 12.89 -45.14
C CYS C 207 11.42 12.20 -44.14
N GLN C 208 11.37 10.87 -44.05
CA GLN C 208 12.13 10.12 -43.07
C GLN C 208 12.85 8.93 -43.70
N TYR C 209 13.25 9.08 -44.96
CA TYR C 209 14.08 8.08 -45.66
C TYR C 209 13.34 6.75 -45.81
N ASP C 210 12.12 6.82 -46.32
CA ASP C 210 11.28 5.67 -46.66
C ASP C 210 10.99 4.77 -45.46
N GLU C 211 11.26 5.24 -44.25
CA GLU C 211 10.93 4.45 -43.07
C GLU C 211 9.44 4.56 -42.79
N THR C 212 8.77 3.42 -42.66
CA THR C 212 7.34 3.36 -42.44
C THR C 212 6.99 3.18 -40.98
N HIS C 213 7.90 3.55 -40.07
CA HIS C 213 7.71 3.34 -38.64
C HIS C 213 7.65 4.72 -37.98
N GLY C 214 6.43 5.21 -37.75
CA GLY C 214 6.23 6.47 -37.06
C GLY C 214 6.07 7.65 -38.01
N ILE C 215 5.80 8.79 -37.40
CA ILE C 215 5.65 10.06 -38.10
C ILE C 215 6.77 10.98 -37.64
N PRO C 216 7.44 11.72 -38.55
CA PRO C 216 8.48 12.64 -38.10
C PRO C 216 7.93 13.74 -37.22
N THR C 217 8.31 13.72 -35.94
CA THR C 217 7.66 14.52 -34.91
C THR C 217 8.45 15.81 -34.63
N GLY C 218 7.72 16.90 -34.43
CA GLY C 218 8.34 18.15 -34.03
C GLY C 218 8.01 19.33 -34.91
N ASN C 219 6.97 19.23 -35.73
CA ASN C 219 6.58 20.31 -36.62
C ASN C 219 5.06 20.33 -36.74
N LEU C 220 4.55 21.35 -37.44
CA LEU C 220 3.11 21.48 -37.58
C LEU C 220 2.52 20.49 -38.57
N LEU C 221 3.24 20.15 -39.63
CA LEU C 221 2.67 19.24 -40.62
C LEU C 221 2.39 17.87 -40.00
N SER C 222 3.31 17.38 -39.17
CA SER C 222 3.10 16.09 -38.54
C SER C 222 1.89 16.14 -37.62
N ARG C 223 1.72 17.24 -36.88
CA ARG C 223 0.55 17.37 -36.03
C ARG C 223 -0.73 17.46 -36.83
N ILE C 224 -0.70 18.11 -37.99
CA ILE C 224 -1.89 18.20 -38.83
C ILE C 224 -2.27 16.81 -39.36
N ILE C 225 -1.29 16.04 -39.82
CA ILE C 225 -1.58 14.70 -40.32
C ILE C 225 -2.05 13.79 -39.18
N THR C 226 -1.44 13.89 -38.01
CA THR C 226 -1.88 13.11 -36.87
C THR C 226 -3.30 13.48 -36.47
N GLU C 227 -3.64 14.78 -36.54
CA GLU C 227 -4.99 15.20 -36.23
C GLU C 227 -5.98 14.69 -37.26
N LEU C 228 -5.61 14.65 -38.53
CA LEU C 228 -6.51 14.10 -39.54
C LEU C 228 -6.73 12.60 -39.32
N TYR C 229 -5.66 11.88 -39.00
CA TYR C 229 -5.76 10.46 -38.68
C TYR C 229 -6.72 10.23 -37.52
N MET C 230 -6.51 10.97 -36.43
CA MET C 230 -7.37 10.82 -35.26
C MET C 230 -8.76 11.39 -35.46
N CYS C 231 -8.95 12.31 -36.40
CA CYS C 231 -10.30 12.78 -36.70
C CYS C 231 -11.09 11.75 -37.50
N HIS C 232 -10.42 10.97 -38.34
CA HIS C 232 -11.12 9.83 -38.94
C HIS C 232 -11.41 8.75 -37.90
N PHE C 233 -10.49 8.57 -36.95
CA PHE C 233 -10.78 7.72 -35.79
C PHE C 233 -12.05 8.18 -35.09
N ASP C 234 -12.14 9.48 -34.81
CA ASP C 234 -13.31 10.05 -34.16
C ASP C 234 -14.55 9.91 -35.02
N LYS C 235 -14.40 10.03 -36.34
CA LYS C 235 -15.54 9.85 -37.24
C LYS C 235 -16.13 8.45 -37.09
N GLN C 236 -15.27 7.45 -37.07
CA GLN C 236 -15.75 6.08 -36.84
C GLN C 236 -16.43 5.97 -35.50
N MET C 237 -15.79 6.50 -34.45
CA MET C 237 -16.31 6.25 -33.10
C MET C 237 -17.59 7.03 -32.84
N GLU C 238 -17.80 8.16 -33.54
CA GLU C 238 -19.06 8.88 -33.40
C GLU C 238 -20.16 8.27 -34.26
N TYR C 239 -19.78 7.63 -35.37
CA TYR C 239 -20.77 6.86 -36.11
C TYR C 239 -21.36 5.77 -35.23
N LYS C 240 -20.57 5.21 -34.32
CA LYS C 240 -21.11 4.29 -33.32
C LYS C 240 -21.82 4.99 -32.18
N LYS C 241 -22.14 6.28 -32.33
CA LYS C 241 -22.92 7.04 -31.33
C LYS C 241 -22.23 7.09 -29.97
N PHE C 242 -20.95 7.47 -29.95
CA PHE C 242 -20.22 7.73 -28.72
C PHE C 242 -19.87 9.21 -28.64
N VAL C 243 -19.62 9.66 -27.42
CA VAL C 243 -19.19 11.03 -27.15
C VAL C 243 -18.01 10.99 -26.21
N TYR C 244 -16.96 11.73 -26.54
CA TYR C 244 -15.80 11.84 -25.67
C TYR C 244 -15.03 13.09 -26.03
N SER C 245 -13.97 13.37 -25.30
CA SER C 245 -13.04 14.48 -25.55
C SER C 245 -11.68 13.87 -25.80
N ARG C 246 -11.01 14.22 -26.88
CA ARG C 246 -9.66 13.72 -27.18
C ARG C 246 -8.68 14.84 -27.36
N TYR C 247 -7.55 14.76 -26.70
CA TYR C 247 -6.46 15.70 -27.00
C TYR C 247 -5.38 14.83 -27.57
N VAL C 248 -5.14 14.96 -28.86
CA VAL C 248 -4.16 14.11 -29.55
C VAL C 248 -4.59 12.67 -29.37
N ASP C 249 -3.97 11.92 -28.49
CA ASP C 249 -4.29 10.49 -28.29
C ASP C 249 -4.73 10.29 -26.85
N ASP C 250 -5.12 11.35 -26.12
CA ASP C 250 -5.65 11.16 -24.78
C ASP C 250 -7.16 11.30 -24.83
N PHE C 251 -7.87 10.25 -24.45
CA PHE C 251 -9.33 10.22 -24.47
C PHE C 251 -9.88 10.36 -23.06
N ILE C 252 -10.92 11.18 -22.92
CA ILE C 252 -11.74 11.20 -21.73
C ILE C 252 -13.14 10.84 -22.17
N PHE C 253 -13.66 9.73 -21.65
CA PHE C 253 -14.98 9.25 -22.02
C PHE C 253 -15.92 9.39 -20.84
N PRO C 254 -16.91 10.29 -20.89
CA PRO C 254 -17.85 10.41 -19.78
C PRO C 254 -18.96 9.37 -19.89
N PHE C 255 -19.27 8.72 -18.77
CA PHE C 255 -20.30 7.70 -18.76
C PHE C 255 -20.89 7.62 -17.36
N THR C 256 -22.05 7.00 -17.27
CA THR C 256 -22.75 6.78 -16.01
C THR C 256 -22.84 5.31 -15.64
N PHE C 257 -23.07 4.45 -16.62
CA PHE C 257 -23.38 3.05 -16.38
C PHE C 257 -22.26 2.18 -16.94
N GLU C 258 -21.97 1.07 -16.27
CA GLU C 258 -20.82 0.25 -16.65
C GLU C 258 -21.00 -0.38 -18.03
N ASN C 259 -22.23 -0.63 -18.46
CA ASN C 259 -22.44 -1.16 -19.79
C ASN C 259 -21.99 -0.16 -20.85
N GLU C 260 -22.16 1.14 -20.56
CA GLU C 260 -21.65 2.18 -21.45
C GLU C 260 -20.15 2.07 -21.61
N LYS C 261 -19.43 1.95 -20.49
CA LYS C 261 -17.98 1.86 -20.55
C LYS C 261 -17.53 0.60 -21.28
N GLN C 262 -18.21 -0.53 -21.03
CA GLN C 262 -17.80 -1.76 -21.68
C GLN C 262 -18.05 -1.70 -23.19
N GLU C 263 -19.18 -1.15 -23.61
CA GLU C 263 -19.42 -1.01 -25.04
C GLU C 263 -18.40 -0.09 -25.69
N PHE C 264 -18.09 1.03 -25.03
CA PHE C 264 -17.10 1.95 -25.56
C PHE C 264 -15.73 1.29 -25.67
N LEU C 265 -15.33 0.56 -24.63
CA LEU C 265 -14.04 -0.12 -24.65
C LEU C 265 -13.99 -1.17 -25.74
N ASN C 266 -15.09 -1.89 -25.94
CA ASN C 266 -15.12 -2.90 -27.00
C ASN C 266 -14.89 -2.28 -28.37
N GLU C 267 -15.66 -1.24 -28.70
CA GLU C 267 -15.51 -0.63 -30.03
C GLU C 267 -14.15 0.06 -30.17
N PHE C 268 -13.69 0.70 -29.10
CA PHE C 268 -12.38 1.37 -29.13
C PHE C 268 -11.28 0.36 -29.37
N ASN C 269 -11.35 -0.79 -28.71
CA ASN C 269 -10.37 -1.85 -28.90
C ASN C 269 -10.42 -2.42 -30.30
N LEU C 270 -11.62 -2.59 -30.86
CA LEU C 270 -11.70 -3.07 -32.23
C LEU C 270 -11.03 -2.10 -33.19
N ILE C 271 -11.27 -0.80 -33.03
CA ILE C 271 -10.66 0.16 -33.95
C ILE C 271 -9.14 0.18 -33.77
N CYS C 272 -8.68 0.17 -32.52
CA CYS C 272 -7.24 0.16 -32.27
C CYS C 272 -6.58 -1.07 -32.87
N ARG C 273 -7.16 -2.25 -32.65
CA ARG C 273 -6.60 -3.48 -33.18
C ARG C 273 -6.59 -3.50 -34.70
N GLU C 274 -7.68 -3.04 -35.31
CA GLU C 274 -7.75 -3.00 -36.76
C GLU C 274 -6.70 -2.06 -37.34
N ASN C 275 -6.35 -1.00 -36.62
CA ASN C 275 -5.41 -0.01 -37.12
C ASN C 275 -4.02 -0.12 -36.50
N ASN C 276 -3.74 -1.22 -35.81
CA ASN C 276 -2.41 -1.51 -35.26
C ASN C 276 -2.02 -0.52 -34.17
N LEU C 277 -3.00 -0.08 -33.39
CA LEU C 277 -2.78 0.89 -32.34
C LEU C 277 -2.74 0.18 -30.99
N ILE C 278 -1.83 0.63 -30.13
CA ILE C 278 -1.60 -0.02 -28.83
C ILE C 278 -2.08 0.92 -27.74
N ILE C 279 -2.86 0.38 -26.81
CA ILE C 279 -3.39 1.16 -25.70
C ILE C 279 -2.39 1.12 -24.55
N ASN C 280 -2.08 2.28 -23.99
CA ASN C 280 -1.22 2.38 -22.81
C ASN C 280 -2.06 2.00 -21.60
N ASP C 281 -1.98 0.72 -21.21
CA ASP C 281 -2.83 0.22 -20.15
C ASP C 281 -2.46 0.76 -18.78
N ASN C 282 -1.28 1.38 -18.64
CA ASN C 282 -0.89 1.95 -17.35
C ASN C 282 -1.58 3.28 -17.08
N LYS C 283 -2.10 3.93 -18.11
CA LYS C 283 -2.80 5.20 -17.95
C LYS C 283 -4.31 5.06 -18.03
N THR C 284 -4.83 3.85 -18.04
CA THR C 284 -6.27 3.62 -18.10
C THR C 284 -6.82 3.69 -16.68
N LYS C 285 -7.62 4.71 -16.41
CA LYS C 285 -8.18 4.93 -15.09
C LYS C 285 -9.61 5.41 -15.24
N VAL C 286 -10.39 5.24 -14.19
CA VAL C 286 -11.75 5.75 -14.11
C VAL C 286 -11.81 6.74 -12.96
N ASP C 287 -12.21 7.97 -13.27
CA ASP C 287 -12.49 8.97 -12.25
C ASP C 287 -13.95 8.88 -11.84
N ASN C 288 -14.19 8.78 -10.55
CA ASN C 288 -15.54 8.78 -9.99
C ASN C 288 -15.83 10.15 -9.40
N PHE C 289 -17.04 10.63 -9.61
CA PHE C 289 -17.42 11.93 -9.06
C PHE C 289 -17.57 11.82 -7.54
N PRO C 290 -17.09 12.82 -6.78
CA PRO C 290 -16.49 14.09 -7.22
C PRO C 290 -15.12 13.93 -7.86
N PHE C 291 -14.91 14.70 -8.93
CA PHE C 291 -13.78 14.50 -9.83
C PHE C 291 -12.53 15.18 -9.28
N VAL C 292 -11.39 14.55 -9.53
CA VAL C 292 -10.10 15.10 -9.15
C VAL C 292 -9.63 16.07 -10.23
N ASP C 293 -9.03 17.18 -9.80
CA ASP C 293 -8.46 18.18 -10.71
C ASP C 293 -7.13 18.63 -10.11
N LYS C 294 -6.06 17.92 -10.47
CA LYS C 294 -4.74 18.29 -9.97
C LYS C 294 -4.18 19.51 -10.69
N SER C 295 -4.40 19.61 -11.99
CA SER C 295 -3.77 20.64 -12.82
C SER C 295 -4.62 21.92 -12.78
N SER C 296 -4.52 22.62 -11.66
CA SER C 296 -5.16 23.92 -11.48
C SER C 296 -4.07 24.95 -11.22
N LYS C 297 -4.11 26.05 -11.97
CA LYS C 297 -3.02 27.02 -11.97
C LYS C 297 -3.39 28.31 -11.24
N SER C 298 -4.47 28.30 -10.45
CA SER C 298 -4.95 29.52 -9.83
C SER C 298 -3.95 30.04 -8.79
N ASP C 299 -3.39 29.15 -7.98
CA ASP C 299 -2.45 29.58 -6.96
C ASP C 299 -1.16 30.12 -7.56
N ILE C 300 -0.68 29.49 -8.63
CA ILE C 300 0.54 29.96 -9.29
C ILE C 300 0.34 31.38 -9.83
N PHE C 301 -0.78 31.61 -10.50
CA PHE C 301 -1.01 32.93 -11.09
C PHE C 301 -1.26 33.99 -10.02
N SER C 302 -1.77 33.59 -8.87
CA SER C 302 -2.05 34.52 -7.78
C SER C 302 -0.96 34.55 -6.71
N PHE C 303 0.22 33.99 -7.00
CA PHE C 303 1.27 33.93 -5.99
C PHE C 303 1.75 35.32 -5.58
N PHE C 304 1.87 36.23 -6.54
CA PHE C 304 2.40 37.57 -6.29
C PHE C 304 1.32 38.62 -6.11
N GLU C 305 0.13 38.26 -5.64
CA GLU C 305 -0.92 39.25 -5.48
C GLU C 305 -0.58 40.30 -4.42
N ASN C 306 -0.04 39.87 -3.29
CA ASN C 306 0.18 40.77 -2.15
C ASN C 306 1.59 41.36 -2.13
N ILE C 307 2.23 41.48 -3.28
CA ILE C 307 3.53 42.13 -3.39
C ILE C 307 3.41 43.30 -4.36
N THR C 308 4.04 44.42 -4.02
CA THR C 308 3.95 45.64 -4.81
C THR C 308 5.34 46.20 -5.04
N SER C 309 5.43 47.16 -5.97
CA SER C 309 6.71 47.70 -6.37
C SER C 309 7.38 48.49 -5.26
N THR C 310 6.65 48.90 -4.22
CA THR C 310 7.26 49.62 -3.12
C THR C 310 7.99 48.69 -2.15
N ASN C 311 7.80 47.38 -2.28
CA ASN C 311 8.52 46.43 -1.44
C ASN C 311 10.01 46.46 -1.77
N SER C 312 10.83 46.14 -0.77
CA SER C 312 12.27 46.12 -0.94
C SER C 312 12.66 45.04 -1.96
N ASN C 313 13.83 45.23 -2.56
CA ASN C 313 14.29 44.26 -3.56
C ASN C 313 14.59 42.92 -2.93
N ASP C 314 14.99 42.89 -1.65
CA ASP C 314 15.22 41.64 -0.96
C ASP C 314 13.93 40.85 -0.83
N LYS C 315 12.82 41.53 -0.54
CA LYS C 315 11.52 40.87 -0.51
C LYS C 315 11.19 40.27 -1.88
N TRP C 316 11.48 41.01 -2.95
CA TRP C 316 11.23 40.49 -4.29
C TRP C 316 12.05 39.25 -4.57
N ILE C 317 13.32 39.25 -4.18
CA ILE C 317 14.18 38.09 -4.40
C ILE C 317 13.66 36.89 -3.61
N LYS C 318 13.29 37.11 -2.35
CA LYS C 318 12.77 36.02 -1.53
C LYS C 318 11.50 35.46 -2.12
N GLU C 319 10.60 36.32 -2.58
CA GLU C 319 9.34 35.84 -3.15
C GLU C 319 9.56 35.08 -4.45
N ILE C 320 10.50 35.54 -5.30
CA ILE C 320 10.78 34.79 -6.52
C ILE C 320 11.36 33.42 -6.19
N SER C 321 12.28 33.34 -5.23
CA SER C 321 12.84 32.04 -4.85
C SER C 321 11.76 31.12 -4.29
N ASN C 322 10.94 31.63 -3.38
CA ASN C 322 9.85 30.84 -2.82
C ASN C 322 8.88 30.41 -3.91
N PHE C 323 8.68 31.27 -4.91
CA PHE C 323 7.74 30.96 -5.97
C PHE C 323 8.26 29.82 -6.83
N ILE C 324 9.56 29.83 -7.13
CA ILE C 324 10.16 28.75 -7.90
C ILE C 324 10.03 27.44 -7.15
N ASP C 325 10.33 27.46 -5.85
CA ASP C 325 10.17 26.25 -5.04
C ASP C 325 8.73 25.77 -5.04
N TYR C 326 7.78 26.71 -4.93
CA TYR C 326 6.36 26.39 -4.92
C TYR C 326 5.94 25.72 -6.22
N CYS C 327 6.41 26.23 -7.34
CA CYS C 327 6.01 25.66 -8.62
C CYS C 327 6.65 24.30 -8.86
N VAL C 328 7.90 24.11 -8.42
CA VAL C 328 8.49 22.77 -8.52
C VAL C 328 7.72 21.77 -7.67
N ASN C 329 7.31 22.19 -6.46
CA ASN C 329 6.45 21.32 -5.66
C ASN C 329 5.13 21.02 -6.35
N GLU C 330 4.52 22.03 -6.97
CA GLU C 330 3.24 21.82 -7.64
C GLU C 330 3.40 20.83 -8.78
N GLU C 331 4.47 20.95 -9.56
CA GLU C 331 4.75 19.98 -10.61
C GLU C 331 4.93 18.59 -10.03
N HIS C 332 5.62 18.48 -8.90
CA HIS C 332 5.81 17.19 -8.25
C HIS C 332 4.47 16.58 -7.81
N LEU C 333 3.53 17.42 -7.37
CA LEU C 333 2.25 16.95 -6.86
C LEU C 333 1.25 16.60 -7.96
N GLY C 334 1.68 16.54 -9.21
CA GLY C 334 0.80 16.16 -10.31
C GLY C 334 0.24 17.31 -11.11
N ASN C 335 0.57 18.55 -10.76
CA ASN C 335 0.09 19.71 -11.50
C ASN C 335 0.95 19.84 -12.75
N LYS C 336 0.54 19.17 -13.83
CA LYS C 336 1.33 19.15 -15.05
C LYS C 336 1.54 20.54 -15.61
N GLY C 337 2.77 20.83 -16.02
CA GLY C 337 3.10 22.10 -16.62
C GLY C 337 3.29 23.24 -15.66
N ALA C 338 3.41 22.96 -14.35
CA ALA C 338 3.50 24.05 -13.38
C ALA C 338 4.87 24.73 -13.40
N ILE C 339 5.92 24.00 -13.76
CA ILE C 339 7.24 24.62 -13.87
C ILE C 339 7.31 25.53 -15.08
N LYS C 340 6.69 25.12 -16.19
CA LYS C 340 6.72 25.95 -17.38
C LYS C 340 6.01 27.28 -17.19
N CYS C 341 5.19 27.40 -16.16
CA CYS C 341 4.55 28.68 -15.85
C CYS C 341 5.41 29.60 -15.01
N ILE C 342 6.58 29.14 -14.55
CA ILE C 342 7.42 29.97 -13.68
C ILE C 342 7.85 31.24 -14.40
N PHE C 343 8.56 31.08 -15.50
CA PHE C 343 9.11 32.22 -16.23
C PHE C 343 8.04 33.18 -16.73
N PRO C 344 6.96 32.73 -17.39
CA PRO C 344 5.97 33.70 -17.87
C PRO C 344 5.36 34.54 -16.79
N VAL C 345 5.08 33.98 -15.62
CA VAL C 345 4.39 34.78 -14.62
C VAL C 345 5.36 35.63 -13.83
N ILE C 346 6.63 35.24 -13.71
CA ILE C 346 7.61 36.17 -13.18
C ILE C 346 7.73 37.39 -14.09
N THR C 347 7.80 37.15 -15.40
CA THR C 347 7.89 38.27 -16.34
C THR C 347 6.64 39.15 -16.27
N ASN C 348 5.46 38.53 -16.27
CA ASN C 348 4.22 39.29 -16.20
C ASN C 348 4.08 40.03 -14.89
N THR C 349 4.51 39.44 -13.78
CA THR C 349 4.45 40.14 -12.50
C THR C 349 5.36 41.36 -12.51
N LEU C 350 6.58 41.22 -13.00
CA LEU C 350 7.47 42.37 -13.04
C LEU C 350 6.94 43.45 -13.97
N LYS C 351 6.24 43.05 -15.04
CA LYS C 351 5.71 44.06 -15.96
C LYS C 351 4.46 44.74 -15.40
N GLN C 352 3.57 43.98 -14.76
CA GLN C 352 2.33 44.55 -14.24
C GLN C 352 2.57 45.38 -12.99
N LYS C 353 3.45 44.93 -12.10
CA LYS C 353 3.67 45.64 -10.84
C LYS C 353 4.43 46.94 -11.04
N LYS C 354 4.86 47.24 -12.27
CA LYS C 354 5.54 48.49 -12.60
C LYS C 354 6.82 48.65 -11.78
N VAL C 355 7.73 47.70 -11.96
CA VAL C 355 8.99 47.69 -11.24
C VAL C 355 10.04 48.39 -12.09
N ASP C 356 10.81 49.29 -11.47
CA ASP C 356 11.77 50.10 -12.19
C ASP C 356 12.86 49.24 -12.82
N THR C 357 13.42 49.72 -13.93
CA THR C 357 14.47 48.98 -14.62
C THR C 357 15.70 48.83 -13.74
N LYS C 358 16.07 49.89 -13.01
CA LYS C 358 17.16 49.77 -12.05
C LYS C 358 16.84 48.73 -11.00
N ASN C 359 15.57 48.66 -10.59
CA ASN C 359 15.16 47.64 -9.63
C ASN C 359 15.22 46.25 -10.24
N ILE C 360 14.85 46.11 -11.51
CA ILE C 360 14.99 44.80 -12.17
C ILE C 360 16.45 44.36 -12.17
N ASP C 361 17.35 45.27 -12.53
CA ASP C 361 18.77 44.93 -12.54
C ASP C 361 19.25 44.57 -11.14
N ASN C 362 18.80 45.31 -10.13
CA ASN C 362 19.20 45.02 -8.76
C ASN C 362 18.69 43.64 -8.32
N ILE C 363 17.42 43.33 -8.59
CA ILE C 363 16.87 42.03 -8.18
C ILE C 363 17.64 40.90 -8.84
N PHE C 364 17.82 40.96 -10.16
CA PHE C 364 18.35 39.79 -10.83
C PHE C 364 19.87 39.74 -10.86
N SER C 365 20.55 40.83 -10.51
CA SER C 365 22.00 40.84 -10.48
C SER C 365 22.60 40.84 -9.08
N LYS C 366 21.81 41.13 -8.05
CA LYS C 366 22.33 41.15 -6.70
C LYS C 366 22.88 39.79 -6.32
N ARG C 367 24.10 39.79 -5.80
CA ARG C 367 24.73 38.59 -5.26
C ARG C 367 24.89 38.81 -3.76
N ASN C 368 24.19 38.00 -2.97
CA ASN C 368 24.21 38.17 -1.52
C ASN C 368 25.60 37.85 -1.00
N MET C 369 26.14 38.74 -0.17
CA MET C 369 27.54 38.64 0.22
C MET C 369 27.78 37.48 1.15
N VAL C 370 26.78 37.08 1.93
CA VAL C 370 26.98 36.04 2.93
C VAL C 370 26.42 34.69 2.48
N THR C 371 25.23 34.67 1.88
CA THR C 371 24.69 33.40 1.38
C THR C 371 25.19 33.07 -0.01
N ASN C 372 25.80 34.02 -0.71
CA ASN C 372 26.33 33.83 -2.06
C ASN C 372 25.22 33.36 -2.99
N PHE C 373 24.03 33.94 -2.85
CA PHE C 373 22.83 33.52 -3.56
C PHE C 373 22.43 34.59 -4.58
N ASN C 374 22.23 34.16 -5.82
CA ASN C 374 21.70 35.02 -6.85
C ASN C 374 20.48 34.35 -7.45
N VAL C 375 19.40 35.11 -7.63
CA VAL C 375 18.14 34.51 -8.07
C VAL C 375 18.21 34.09 -9.54
N PHE C 376 18.93 34.84 -10.37
CA PHE C 376 19.09 34.44 -11.76
C PHE C 376 19.84 33.13 -11.87
N GLU C 377 20.81 32.91 -10.99
CA GLU C 377 21.52 31.63 -10.97
C GLU C 377 20.60 30.49 -10.58
N LYS C 378 19.66 30.74 -9.65
CA LYS C 378 18.68 29.71 -9.30
C LYS C 378 17.79 29.39 -10.48
N ILE C 379 17.35 30.40 -11.22
CA ILE C 379 16.51 30.16 -12.39
C ILE C 379 17.28 29.41 -13.47
N LEU C 380 18.56 29.74 -13.64
CA LEU C 380 19.41 29.03 -14.60
C LEU C 380 19.59 27.57 -14.21
N ASP C 381 19.82 27.29 -12.93
CA ASP C 381 19.93 25.92 -12.48
C ASP C 381 18.63 25.15 -12.70
N LEU C 382 17.50 25.79 -12.39
CA LEU C 382 16.21 25.17 -12.68
C LEU C 382 16.09 24.82 -14.16
N SER C 383 16.48 25.75 -15.03
CA SER C 383 16.41 25.48 -16.46
C SER C 383 17.29 24.30 -16.84
N LEU C 384 18.46 24.20 -16.22
CA LEU C 384 19.36 23.08 -16.53
C LEU C 384 18.86 21.75 -15.99
N LYS C 385 17.96 21.77 -15.00
CA LYS C 385 17.46 20.49 -14.48
C LYS C 385 16.57 19.78 -15.49
N ASP C 386 15.82 20.51 -16.29
CA ASP C 386 15.02 19.93 -17.35
C ASP C 386 15.34 20.65 -18.66
N SER C 387 15.91 19.92 -19.62
CA SER C 387 16.37 20.54 -20.84
C SER C 387 15.23 21.06 -21.71
N ARG C 388 13.99 20.64 -21.43
CA ARG C 388 12.85 21.16 -22.16
C ARG C 388 12.52 22.59 -21.76
N LEU C 389 13.21 23.14 -20.77
CA LEU C 389 13.03 24.50 -20.33
C LEU C 389 14.05 25.46 -20.93
N THR C 390 14.82 25.00 -21.92
CA THR C 390 15.85 25.82 -22.52
C THR C 390 15.27 27.10 -23.14
N ASN C 391 14.29 26.93 -24.02
CA ASN C 391 13.73 28.06 -24.74
C ASN C 391 12.91 28.92 -23.79
N LYS C 392 12.29 28.31 -22.79
CA LYS C 392 11.57 29.06 -21.76
C LYS C 392 12.51 29.98 -21.01
N PHE C 393 13.64 29.45 -20.55
CA PHE C 393 14.64 30.26 -19.87
C PHE C 393 15.18 31.36 -20.76
N LEU C 394 15.46 31.06 -22.03
CA LEU C 394 16.08 32.06 -22.88
C LEU C 394 15.11 33.16 -23.24
N THR C 395 13.83 32.82 -23.46
CA THR C 395 12.81 33.83 -23.65
C THR C 395 12.64 34.70 -22.41
N PHE C 396 12.64 34.07 -21.23
CA PHE C 396 12.52 34.82 -19.98
C PHE C 396 13.69 35.78 -19.83
N PHE C 397 14.89 35.33 -20.19
CA PHE C 397 16.04 36.21 -20.10
C PHE C 397 15.95 37.37 -21.08
N GLU C 398 15.44 37.12 -22.28
CA GLU C 398 15.26 38.24 -23.21
C GLU C 398 14.26 39.25 -22.65
N ASN C 399 13.15 38.76 -22.08
CA ASN C 399 12.17 39.68 -21.51
C ASN C 399 12.79 40.52 -20.40
N ILE C 400 13.43 39.88 -19.42
CA ILE C 400 14.00 40.65 -18.31
C ILE C 400 15.21 41.46 -18.76
N ASN C 401 15.82 41.11 -19.90
CA ASN C 401 16.85 41.96 -20.48
C ASN C 401 16.26 43.25 -21.01
N GLU C 402 15.10 43.17 -21.68
CA GLU C 402 14.42 44.38 -22.09
C GLU C 402 13.93 45.18 -20.89
N PHE C 403 13.62 44.50 -19.78
CA PHE C 403 13.13 45.19 -18.59
C PHE C 403 14.21 45.96 -17.86
N GLY C 404 15.49 45.65 -18.09
CA GLY C 404 16.54 46.39 -17.45
C GLY C 404 17.73 45.57 -16.98
N PHE C 405 17.54 44.27 -16.80
CA PHE C 405 18.62 43.39 -16.39
C PHE C 405 19.70 43.37 -17.47
N SER C 406 20.87 43.92 -17.15
CA SER C 406 21.91 44.08 -18.15
C SER C 406 22.42 42.72 -18.63
N SER C 407 22.84 42.68 -19.89
CA SER C 407 23.31 41.44 -20.47
C SER C 407 24.69 41.07 -19.94
N LEU C 408 25.52 42.07 -19.63
CA LEU C 408 26.85 41.79 -19.13
C LEU C 408 26.79 41.12 -17.75
N SER C 409 25.90 41.61 -16.88
CA SER C 409 25.76 41.00 -15.56
C SER C 409 25.26 39.57 -15.67
N ALA C 410 24.28 39.33 -16.55
CA ALA C 410 23.79 37.97 -16.73
C ALA C 410 24.86 37.05 -17.28
N SER C 411 25.67 37.55 -18.22
CA SER C 411 26.78 36.76 -18.73
C SER C 411 27.77 36.44 -17.63
N ASN C 412 28.06 37.40 -16.76
CA ASN C 412 28.98 37.14 -15.66
C ASN C 412 28.42 36.11 -14.69
N ILE C 413 27.12 36.18 -14.39
CA ILE C 413 26.49 35.21 -13.51
C ILE C 413 26.56 33.82 -14.10
N VAL C 414 26.26 33.69 -15.39
CA VAL C 414 26.30 32.38 -16.03
C VAL C 414 27.73 31.86 -16.11
N LYS C 415 28.68 32.77 -16.34
CA LYS C 415 30.09 32.39 -16.30
C LYS C 415 30.47 31.84 -14.94
N LYS C 416 30.05 32.51 -13.88
CA LYS C 416 30.35 32.05 -12.53
C LYS C 416 29.73 30.69 -12.26
N TYR C 417 28.48 30.49 -12.68
CA TYR C 417 27.83 29.20 -12.49
C TYR C 417 28.58 28.09 -13.22
N PHE C 418 28.94 28.34 -14.49
CA PHE C 418 29.62 27.31 -15.26
C PHE C 418 30.99 27.01 -14.69
N SER C 419 31.73 28.04 -14.26
CA SER C 419 33.02 27.82 -13.63
C SER C 419 32.88 27.03 -12.32
N ASN C 420 31.85 27.33 -11.55
CA ASN C 420 31.66 26.67 -10.26
C ASN C 420 31.28 25.20 -10.45
N ASN C 421 30.53 24.90 -11.50
CA ASN C 421 30.02 23.56 -11.75
C ASN C 421 30.69 22.91 -12.96
N SER C 422 31.93 23.31 -13.25
CA SER C 422 32.61 22.84 -14.46
C SER C 422 32.77 21.33 -14.46
N LYS C 423 33.11 20.72 -13.32
CA LYS C 423 33.30 19.28 -13.29
C LYS C 423 32.02 18.55 -13.60
N GLY C 424 30.93 18.92 -12.92
CA GLY C 424 29.65 18.30 -13.18
C GLY C 424 29.17 18.51 -14.60
N LEU C 425 29.39 19.72 -15.14
CA LEU C 425 28.97 19.98 -16.52
C LEU C 425 29.79 19.17 -17.52
N LYS C 426 31.10 19.02 -17.28
CA LYS C 426 31.90 18.22 -18.20
C LYS C 426 31.47 16.76 -18.19
N GLU C 427 31.22 16.20 -17.00
CA GLU C 427 30.77 14.82 -17.00
C GLU C 427 29.35 14.67 -17.54
N LYS C 428 28.50 15.68 -17.37
CA LYS C 428 27.20 15.67 -18.03
C LYS C 428 27.35 15.71 -19.55
N ILE C 429 28.26 16.52 -20.08
CA ILE C 429 28.49 16.55 -21.52
C ILE C 429 28.98 15.19 -22.01
N ASP C 430 29.87 14.57 -21.26
CA ASP C 430 30.35 13.25 -21.67
C ASP C 430 29.23 12.23 -21.67
N HIS C 431 28.38 12.25 -20.65
CA HIS C 431 27.23 11.35 -20.60
C HIS C 431 26.27 11.60 -21.77
N TYR C 432 25.96 12.86 -22.03
CA TYR C 432 25.00 13.21 -23.07
C TYR C 432 25.54 12.83 -24.44
N ARG C 433 26.83 12.99 -24.65
CA ARG C 433 27.44 12.67 -25.93
C ARG C 433 27.57 11.16 -26.12
N LYS C 434 27.80 10.42 -25.03
CA LYS C 434 27.86 8.96 -25.14
C LYS C 434 26.48 8.36 -25.38
N ASN C 435 25.46 8.86 -24.69
CA ASN C 435 24.14 8.26 -24.69
C ASN C 435 23.19 8.86 -25.71
N ASN C 436 23.67 9.77 -26.56
CA ASN C 436 22.85 10.41 -27.59
C ASN C 436 21.67 11.14 -26.96
N PHE C 437 21.96 11.90 -25.90
CA PHE C 437 20.95 12.74 -25.24
C PHE C 437 21.02 14.11 -25.90
N ASN C 438 20.29 14.25 -27.01
CA ASN C 438 20.55 15.35 -27.94
C ASN C 438 20.19 16.70 -27.34
N GLN C 439 19.01 16.81 -26.73
CA GLN C 439 18.57 18.11 -26.24
C GLN C 439 19.36 18.54 -25.01
N GLU C 440 19.77 17.60 -24.17
CA GLU C 440 20.56 17.96 -23.00
C GLU C 440 21.90 18.56 -23.39
N LEU C 441 22.54 17.99 -24.42
CA LEU C 441 23.77 18.57 -24.94
C LEU C 441 23.50 19.89 -25.63
N TYR C 442 22.42 19.95 -26.40
CA TYR C 442 22.07 21.17 -27.12
C TYR C 442 21.88 22.32 -26.17
N GLN C 443 21.26 22.07 -25.01
CA GLN C 443 21.01 23.14 -24.05
C GLN C 443 22.31 23.71 -23.49
N ILE C 444 23.25 22.85 -23.13
CA ILE C 444 24.52 23.32 -22.55
C ILE C 444 25.31 24.11 -23.60
N LEU C 445 25.42 23.57 -24.81
CA LEU C 445 26.14 24.32 -25.85
C LEU C 445 25.42 25.61 -26.22
N LEU C 446 24.09 25.62 -26.16
CA LEU C 446 23.36 26.84 -26.47
C LEU C 446 23.60 27.91 -25.41
N TYR C 447 23.61 27.52 -24.14
CA TYR C 447 23.96 28.46 -23.08
C TYR C 447 25.38 28.97 -23.24
N MET C 448 26.30 28.09 -23.63
CA MET C 448 27.69 28.52 -23.84
C MET C 448 27.78 29.53 -24.98
N VAL C 449 27.05 29.29 -26.07
CA VAL C 449 27.09 30.21 -27.21
C VAL C 449 26.45 31.55 -26.84
N VAL C 450 25.28 31.50 -26.19
CA VAL C 450 24.53 32.72 -25.93
C VAL C 450 25.27 33.59 -24.92
N PHE C 451 25.73 33.00 -23.83
CA PHE C 451 26.27 33.76 -22.72
C PHE C 451 27.78 33.92 -22.77
N GLU C 452 28.41 33.60 -23.90
CA GLU C 452 29.83 33.81 -24.11
C GLU C 452 30.67 33.01 -23.11
N ILE C 453 30.31 31.75 -22.90
CA ILE C 453 31.08 30.88 -22.03
C ILE C 453 32.26 30.36 -22.84
N ASP C 454 33.47 30.83 -22.53
CA ASP C 454 34.64 30.55 -23.36
C ASP C 454 35.73 29.79 -22.63
N ASP C 455 35.41 29.14 -21.51
CA ASP C 455 36.42 28.40 -20.77
C ASP C 455 36.00 27.03 -20.28
N LEU C 456 34.74 26.62 -20.46
CA LEU C 456 34.33 25.31 -19.95
C LEU C 456 34.97 24.18 -20.73
N LEU C 457 34.98 24.27 -22.06
CA LEU C 457 35.64 23.27 -22.90
C LEU C 457 36.81 23.92 -23.63
N ASN C 458 37.94 23.25 -23.64
CA ASN C 458 39.11 23.73 -24.36
C ASN C 458 39.02 23.29 -25.82
N GLN C 459 40.12 23.42 -26.55
CA GLN C 459 40.08 23.19 -27.99
C GLN C 459 39.86 21.72 -28.33
N GLU C 460 40.61 20.82 -27.69
CA GLU C 460 40.50 19.42 -28.04
C GLU C 460 39.25 18.76 -27.47
N GLU C 461 38.59 19.36 -26.48
CA GLU C 461 37.26 18.90 -26.10
C GLU C 461 36.19 19.42 -27.05
N LEU C 462 36.33 20.66 -27.53
CA LEU C 462 35.40 21.16 -28.54
C LEU C 462 35.48 20.33 -29.81
N LEU C 463 36.68 19.98 -30.24
CA LEU C 463 36.83 19.15 -31.43
C LEU C 463 36.28 17.74 -31.23
N ASN C 464 36.13 17.31 -29.97
CA ASN C 464 35.58 15.99 -29.71
C ASN C 464 34.08 15.92 -29.94
N LEU C 465 33.39 17.07 -29.94
CA LEU C 465 31.96 17.06 -30.23
C LEU C 465 31.65 17.01 -31.71
N ILE C 466 32.62 17.28 -32.59
CA ILE C 466 32.38 17.22 -34.03
C ILE C 466 32.70 15.77 -34.44
N ASP C 467 31.76 14.88 -34.17
CA ASP C 467 31.91 13.46 -34.45
C ASP C 467 30.56 12.87 -34.79
N LEU C 468 30.53 11.55 -34.96
CA LEU C 468 29.30 10.85 -35.31
C LEU C 468 28.38 10.76 -34.11
N ASN C 469 27.11 10.48 -34.39
CA ASN C 469 26.06 10.33 -33.39
C ASN C 469 25.79 11.63 -32.63
N ILE C 470 26.25 12.75 -33.16
CA ILE C 470 25.97 14.07 -32.61
C ILE C 470 24.98 14.75 -33.53
N ASP C 471 23.91 15.30 -32.96
CA ASP C 471 22.85 15.87 -33.77
C ASP C 471 23.32 17.13 -34.49
N ASP C 472 22.56 17.53 -35.50
CA ASP C 472 22.96 18.64 -36.36
C ASP C 472 23.07 19.95 -35.59
N TYR C 473 22.09 20.23 -34.73
CA TYR C 473 22.10 21.48 -33.98
C TYR C 473 23.26 21.52 -33.00
N SER C 474 23.57 20.40 -32.37
CA SER C 474 24.73 20.35 -31.49
C SER C 474 26.02 20.56 -32.27
N LEU C 475 26.12 19.98 -33.46
CA LEU C 475 27.29 20.19 -34.30
C LEU C 475 27.44 21.66 -34.68
N ILE C 476 26.33 22.30 -35.03
CA ILE C 476 26.35 23.72 -35.37
C ILE C 476 26.79 24.55 -34.17
N LEU C 477 26.26 24.24 -32.99
CA LEU C 477 26.62 25.00 -31.80
C LEU C 477 28.08 24.81 -31.44
N GLY C 478 28.60 23.59 -31.58
CA GLY C 478 30.01 23.36 -31.35
C GLY C 478 30.89 24.11 -32.34
N THR C 479 30.48 24.13 -33.61
CA THR C 479 31.23 24.92 -34.59
C THR C 479 31.21 26.40 -34.25
N ILE C 480 30.05 26.91 -33.80
CA ILE C 480 29.97 28.31 -33.39
C ILE C 480 30.91 28.58 -32.23
N LEU C 481 30.93 27.68 -31.24
CA LEU C 481 31.83 27.85 -30.10
C LEU C 481 33.29 27.85 -30.55
N TYR C 482 33.61 27.03 -31.57
CA TYR C 482 34.98 27.02 -32.06
C TYR C 482 35.33 28.31 -32.80
N LEU C 483 34.40 28.84 -33.60
CA LEU C 483 34.68 30.05 -34.37
C LEU C 483 34.70 31.29 -33.49
N LYS C 484 33.96 31.28 -32.38
CA LYS C 484 33.94 32.45 -31.51
C LYS C 484 35.31 32.68 -30.88
N ASN C 485 36.06 31.62 -30.61
CA ASN C 485 37.38 31.73 -30.03
C ASN C 485 38.37 31.97 -31.16
N SER C 486 38.81 33.23 -31.31
CA SER C 486 39.70 33.60 -32.40
C SER C 486 41.10 33.04 -32.24
N SER C 487 41.48 32.59 -31.04
CA SER C 487 42.80 32.01 -30.85
C SER C 487 42.95 30.71 -31.63
N TYR C 488 41.89 29.91 -31.61
CA TYR C 488 41.94 28.54 -32.20
C TYR C 488 42.15 28.59 -33.70
N LYS C 489 42.75 27.54 -34.26
CA LYS C 489 43.03 27.48 -35.71
C LYS C 489 42.00 26.60 -36.42
N LEU C 490 41.38 27.12 -37.47
CA LEU C 490 40.34 26.39 -38.19
C LEU C 490 40.99 25.45 -39.19
N GLU C 491 41.85 24.54 -38.76
CA GLU C 491 42.41 23.52 -39.67
C GLU C 491 42.28 22.26 -38.86
N LYS C 492 42.16 22.42 -37.57
CA LYS C 492 41.93 21.27 -36.69
C LYS C 492 40.43 21.11 -36.73
N LEU C 493 39.71 22.18 -37.12
CA LEU C 493 38.28 22.14 -37.32
C LEU C 493 37.91 21.65 -38.71
N LEU C 494 38.59 22.17 -39.74
CA LEU C 494 38.30 21.72 -41.10
C LEU C 494 38.60 20.24 -41.26
N LYS C 495 39.71 19.77 -40.68
CA LYS C 495 40.02 18.35 -40.75
C LYS C 495 38.92 17.52 -40.08
N LYS C 496 38.47 17.96 -38.91
CA LYS C 496 37.48 17.21 -38.17
C LYS C 496 36.14 17.17 -38.92
N ILE C 497 35.74 18.32 -39.48
CA ILE C 497 34.49 18.39 -40.24
C ILE C 497 34.58 17.57 -41.52
N ASP C 498 35.70 17.65 -42.23
CA ASP C 498 35.85 16.87 -43.46
C ASP C 498 35.82 15.38 -43.17
N GLN C 499 36.48 14.96 -42.08
CA GLN C 499 36.42 13.56 -41.69
C GLN C 499 34.99 13.14 -41.37
N LEU C 500 34.25 14.00 -40.67
CA LEU C 500 32.86 13.70 -40.36
C LEU C 500 32.01 13.58 -41.63
N PHE C 501 32.22 14.49 -42.59
CA PHE C 501 31.45 14.46 -43.82
C PHE C 501 31.76 13.18 -44.61
N ILE C 502 33.03 12.81 -44.69
CA ILE C 502 33.42 11.59 -45.40
C ILE C 502 32.80 10.37 -44.74
N ASN C 503 32.87 10.31 -43.40
CA ASN C 503 32.33 9.17 -42.68
C ASN C 503 30.82 9.08 -42.85
N THR C 504 30.14 10.21 -42.87
CA THR C 504 28.69 10.20 -43.06
C THR C 504 28.32 9.76 -44.47
N HIS C 505 29.02 10.26 -45.48
CA HIS C 505 28.71 9.85 -46.86
C HIS C 505 29.08 8.40 -47.11
N ALA C 506 30.04 7.86 -46.35
CA ALA C 506 30.42 6.47 -46.54
C ALA C 506 29.30 5.50 -46.21
N ASN C 507 28.25 5.96 -45.54
CA ASN C 507 27.13 5.11 -45.15
C ASN C 507 26.02 5.08 -46.19
N TYR C 508 26.21 5.73 -47.34
CA TYR C 508 25.21 5.84 -48.38
C TYR C 508 25.78 5.33 -49.69
N ASP C 509 24.90 5.03 -50.63
CA ASP C 509 25.33 4.69 -51.98
C ASP C 509 26.08 5.88 -52.59
N VAL C 510 27.13 5.58 -53.36
CA VAL C 510 27.99 6.62 -53.88
C VAL C 510 27.27 7.56 -54.82
N LYS C 511 26.13 7.13 -55.39
CA LYS C 511 25.35 7.96 -56.29
C LYS C 511 24.28 8.77 -55.57
N THR C 512 24.45 9.03 -54.27
CA THR C 512 23.48 9.75 -53.47
C THR C 512 23.94 11.20 -53.29
N SER C 513 23.05 12.14 -53.57
CA SER C 513 23.35 13.54 -53.36
C SER C 513 23.55 13.80 -51.87
N ARG C 514 24.48 14.70 -51.54
CA ARG C 514 24.87 14.89 -50.15
C ARG C 514 23.77 15.57 -49.34
N MET C 515 22.94 16.40 -49.97
CA MET C 515 21.92 17.10 -49.21
C MET C 515 20.68 16.27 -48.97
N ALA C 516 20.63 15.04 -49.49
CA ALA C 516 19.59 14.08 -49.16
C ALA C 516 20.04 13.09 -48.09
N GLU C 517 21.20 13.33 -47.49
CA GLU C 517 21.79 12.42 -46.52
C GLU C 517 21.61 12.97 -45.12
N LYS C 518 22.23 12.31 -44.16
CA LYS C 518 22.27 12.80 -42.80
C LYS C 518 23.18 14.03 -42.73
N LEU C 519 22.96 14.86 -41.71
CA LEU C 519 23.70 16.11 -41.52
C LEU C 519 23.47 17.11 -42.64
N TRP C 520 22.27 17.14 -43.19
CA TRP C 520 21.97 18.12 -44.24
C TRP C 520 22.06 19.54 -43.70
N LEU C 521 21.58 19.76 -42.47
CA LEU C 521 21.57 21.10 -41.91
C LEU C 521 22.97 21.57 -41.57
N PHE C 522 23.81 20.69 -41.03
CA PHE C 522 25.19 21.07 -40.72
C PHE C 522 25.99 21.29 -42.00
N ARG C 523 25.77 20.46 -43.02
CA ARG C 523 26.39 20.71 -44.32
C ARG C 523 25.98 22.07 -44.87
N TYR C 524 24.69 22.39 -44.81
CA TYR C 524 24.24 23.66 -45.33
C TYR C 524 24.85 24.81 -44.53
N PHE C 525 24.92 24.66 -43.22
CA PHE C 525 25.57 25.65 -42.38
C PHE C 525 27.00 25.90 -42.84
N PHE C 526 27.75 24.81 -43.07
CA PHE C 526 29.15 24.97 -43.44
C PHE C 526 29.29 25.62 -44.82
N TYR C 527 28.51 25.18 -45.81
CA TYR C 527 28.67 25.78 -47.13
C TYR C 527 28.20 27.22 -47.16
N PHE C 528 27.14 27.55 -46.43
CA PHE C 528 26.71 28.95 -46.34
C PHE C 528 27.77 29.80 -45.66
N LEU C 529 28.39 29.27 -44.61
CA LEU C 529 29.46 30.01 -43.95
C LEU C 529 30.65 30.19 -44.88
N ASN C 530 30.93 29.20 -45.72
CA ASN C 530 32.04 29.30 -46.66
C ASN C 530 31.78 30.36 -47.72
N CYS C 531 30.55 30.42 -48.23
CA CYS C 531 30.24 31.43 -49.24
C CYS C 531 30.32 32.84 -48.66
N LYS C 532 29.84 33.03 -47.43
CA LYS C 532 29.94 34.33 -46.77
C LYS C 532 31.35 34.63 -46.29
N ASN C 533 32.27 33.66 -46.40
CA ASN C 533 33.69 33.83 -46.12
C ASN C 533 33.99 33.99 -44.64
N ILE C 534 33.20 33.37 -43.77
CA ILE C 534 33.64 33.17 -42.40
C ILE C 534 34.75 32.12 -42.35
N PHE C 535 34.62 31.05 -43.13
CA PHE C 535 35.74 30.19 -43.45
C PHE C 535 36.48 30.81 -44.62
N SER C 536 37.63 31.42 -44.33
CA SER C 536 38.42 32.05 -45.39
C SER C 536 38.82 31.02 -46.44
N GLN C 537 38.65 31.39 -47.70
CA GLN C 537 38.93 30.46 -48.80
C GLN C 537 40.41 30.08 -48.82
N LYS C 538 41.29 30.98 -48.40
CA LYS C 538 42.72 30.68 -48.37
C LYS C 538 43.02 29.49 -47.48
N GLU C 539 42.42 29.46 -46.30
CA GLU C 539 42.76 28.40 -45.34
C GLU C 539 42.12 27.08 -45.73
N ILE C 540 40.94 27.12 -46.34
CA ILE C 540 40.36 25.90 -46.91
C ILE C 540 41.24 25.36 -48.03
N ASN C 541 41.76 26.26 -48.87
CA ASN C 541 42.67 25.83 -49.93
C ASN C 541 43.93 25.20 -49.34
N SER C 542 44.47 25.82 -48.29
CA SER C 542 45.67 25.25 -47.65
C SER C 542 45.38 23.88 -47.06
N TYR C 543 44.22 23.72 -46.43
CA TYR C 543 43.85 22.41 -45.89
C TYR C 543 43.73 21.36 -46.99
N CYS C 544 43.08 21.72 -48.10
CA CYS C 544 42.93 20.79 -49.21
C CYS C 544 44.29 20.39 -49.78
N GLN C 545 45.19 21.37 -49.92
CA GLN C 545 46.54 21.06 -50.39
C GLN C 545 47.26 20.13 -49.42
N SER C 546 47.08 20.36 -48.12
CA SER C 546 47.70 19.49 -47.13
C SER C 546 47.20 18.07 -47.26
N GLN C 547 45.91 17.90 -47.57
CA GLN C 547 45.34 16.58 -47.79
C GLN C 547 45.52 16.09 -49.21
N ASN C 548 46.15 16.88 -50.08
CA ASN C 548 46.42 16.50 -51.47
C ASN C 548 45.14 16.12 -52.20
N TYR C 549 44.16 17.02 -52.14
CA TYR C 549 42.90 16.78 -52.84
C TYR C 549 43.04 17.21 -54.29
N ASN C 550 42.68 16.31 -55.20
CA ASN C 550 42.82 16.59 -56.62
C ASN C 550 41.89 17.73 -57.02
N SER C 551 42.43 18.69 -57.75
CA SER C 551 41.63 19.83 -58.20
C SER C 551 40.75 19.42 -59.38
N GLY C 552 39.97 20.37 -59.86
CA GLY C 552 39.04 20.12 -60.93
C GLY C 552 38.58 21.38 -61.59
N GLN C 553 37.55 21.23 -62.43
CA GLN C 553 37.03 22.38 -63.17
C GLN C 553 36.37 23.39 -62.24
N ASN C 554 35.89 22.93 -61.08
CA ASN C 554 35.09 23.77 -60.19
C ASN C 554 35.51 23.65 -58.73
N GLY C 555 36.78 23.34 -58.46
CA GLY C 555 37.25 23.32 -57.09
C GLY C 555 38.25 22.23 -56.78
N TYR C 556 38.27 21.78 -55.52
CA TYR C 556 39.27 20.83 -55.04
C TYR C 556 38.71 19.42 -54.87
N GLN C 557 37.47 19.17 -55.30
CA GLN C 557 36.85 17.84 -55.22
C GLN C 557 36.94 17.26 -53.82
N THR C 558 36.63 18.10 -52.83
CA THR C 558 36.52 17.67 -51.44
C THR C 558 35.08 17.78 -50.99
N GLU C 559 34.78 17.12 -49.87
CA GLU C 559 33.47 17.29 -49.24
C GLU C 559 33.23 18.71 -48.80
N LEU C 560 34.29 19.51 -48.66
CA LEU C 560 34.21 20.86 -48.14
C LEU C 560 33.89 21.89 -49.22
N ASN C 561 33.83 21.47 -50.48
CA ASN C 561 33.65 22.37 -51.62
C ASN C 561 32.24 22.23 -52.16
N TRP C 562 31.42 23.26 -51.97
CA TRP C 562 30.03 23.17 -52.42
C TRP C 562 29.93 23.16 -53.93
N ASN C 563 30.86 23.80 -54.64
CA ASN C 563 30.79 23.81 -56.10
C ASN C 563 30.97 22.41 -56.67
N TYR C 564 31.84 21.62 -56.06
CA TYR C 564 32.01 20.23 -56.49
C TYR C 564 30.87 19.36 -56.01
N ILE C 565 30.43 19.54 -54.76
CA ILE C 565 29.39 18.69 -54.17
C ILE C 565 28.06 18.88 -54.88
N LYS C 566 27.72 20.11 -55.26
CA LYS C 566 26.38 20.39 -55.75
C LYS C 566 26.05 19.65 -57.04
N GLY C 567 27.06 19.12 -57.73
CA GLY C 567 26.81 18.36 -58.94
C GLY C 567 27.11 16.88 -58.82
N GLN C 568 27.27 16.39 -57.60
CA GLN C 568 27.56 14.97 -57.37
C GLN C 568 26.28 14.25 -56.96
N GLY C 569 26.04 13.09 -57.55
CA GLY C 569 24.84 12.33 -57.29
C GLY C 569 24.00 12.15 -58.53
N LYS C 570 23.25 11.06 -58.62
CA LYS C 570 22.41 10.84 -59.79
C LYS C 570 21.19 11.74 -59.79
N ASP C 571 20.61 12.00 -58.62
CA ASP C 571 19.43 12.83 -58.48
C ASP C 571 19.83 14.10 -57.72
N LEU C 572 19.63 15.25 -58.35
CA LEU C 572 20.11 16.52 -57.80
C LEU C 572 18.98 17.49 -57.49
N ARG C 573 17.79 16.98 -57.14
CA ARG C 573 16.68 17.87 -56.84
C ARG C 573 16.91 18.61 -55.52
N ALA C 574 17.31 17.88 -54.48
CA ALA C 574 17.63 18.54 -53.22
C ALA C 574 18.89 19.40 -53.35
N ASN C 575 19.88 18.93 -54.12
CA ASN C 575 21.06 19.75 -54.36
C ASN C 575 20.70 21.05 -55.05
N ASN C 576 19.82 21.00 -56.05
CA ASN C 576 19.41 22.21 -56.74
C ASN C 576 18.61 23.14 -55.83
N PHE C 577 17.71 22.56 -55.03
CA PHE C 577 16.98 23.35 -54.04
C PHE C 577 17.93 24.10 -53.12
N PHE C 578 18.86 23.38 -52.50
CA PHE C 578 19.72 24.01 -51.52
C PHE C 578 20.74 24.92 -52.19
N ASN C 579 21.08 24.66 -53.45
CA ASN C 579 21.92 25.58 -54.20
C ASN C 579 21.20 26.90 -54.46
N GLU C 580 19.90 26.84 -54.76
CA GLU C 580 19.14 28.08 -54.91
C GLU C 580 19.08 28.85 -53.61
N LEU C 581 18.91 28.15 -52.48
CA LEU C 581 18.98 28.85 -51.19
C LEU C 581 20.34 29.47 -50.93
N ILE C 582 21.43 28.74 -51.22
CA ILE C 582 22.76 29.28 -50.93
C ILE C 582 23.09 30.46 -51.84
N VAL C 583 22.78 30.35 -53.13
CA VAL C 583 23.12 31.42 -54.07
C VAL C 583 22.40 32.70 -53.70
N LYS C 584 21.16 32.59 -53.22
CA LYS C 584 20.38 33.78 -52.87
C LYS C 584 20.60 34.21 -51.43
N GLU C 585 21.62 33.67 -50.76
CA GLU C 585 22.04 34.08 -49.42
C GLU C 585 20.90 33.97 -48.42
N VAL C 586 20.20 32.84 -48.47
CA VAL C 586 19.19 32.51 -47.48
C VAL C 586 19.88 31.70 -46.38
N TRP C 587 19.80 32.18 -45.15
CA TRP C 587 20.43 31.49 -44.04
C TRP C 587 19.38 30.74 -43.23
N LEU C 588 19.76 29.54 -42.78
CA LEU C 588 18.91 28.75 -41.91
C LEU C 588 19.38 28.78 -40.46
N ILE C 589 20.61 29.22 -40.22
CA ILE C 589 21.13 29.46 -38.88
C ILE C 589 21.53 30.92 -38.80
N SER C 590 21.00 31.62 -37.80
CA SER C 590 21.29 33.03 -37.63
C SER C 590 22.67 33.21 -37.00
N CYS C 591 23.48 34.07 -37.60
CA CYS C 591 24.83 34.34 -37.12
C CYS C 591 24.89 35.55 -36.19
N GLY C 592 23.76 35.96 -35.65
CA GLY C 592 23.68 37.16 -34.83
C GLY C 592 23.30 38.38 -35.65
N GLU C 593 23.02 39.47 -34.93
CA GLU C 593 22.60 40.69 -35.59
C GLU C 593 23.72 41.33 -36.39
N ASN C 594 24.98 41.06 -36.03
CA ASN C 594 26.13 41.61 -36.72
C ASN C 594 27.00 40.54 -37.36
N GLU C 595 26.45 39.34 -37.58
CA GLU C 595 27.17 38.23 -38.20
C GLU C 595 28.45 37.88 -37.44
N ASP C 596 28.38 37.94 -36.11
CA ASP C 596 29.51 37.62 -35.25
C ASP C 596 29.16 36.58 -34.19
N PHE C 597 28.03 35.89 -34.35
CA PHE C 597 27.60 34.81 -33.46
C PHE C 597 27.36 35.29 -32.03
N LYS C 598 26.96 36.54 -31.85
CA LYS C 598 26.65 37.08 -30.52
C LYS C 598 25.15 37.31 -30.42
N TYR C 599 24.53 36.78 -29.37
CA TYR C 599 23.08 36.74 -29.26
C TYR C 599 22.57 37.44 -28.01
N LEU C 600 23.37 38.34 -27.44
CA LEU C 600 22.89 39.17 -26.33
C LEU C 600 23.32 40.62 -26.54
N SER D 2 30.77 -32.87 -27.89
CA SER D 2 30.91 -31.65 -27.10
C SER D 2 29.64 -30.80 -27.19
N MET D 3 29.73 -29.57 -26.68
CA MET D 3 28.62 -28.62 -26.82
C MET D 3 28.35 -28.33 -28.30
N LYS D 4 29.40 -28.06 -29.05
CA LYS D 4 29.25 -27.61 -30.42
C LYS D 4 28.69 -28.72 -31.30
N LYS D 5 29.15 -29.96 -31.08
CA LYS D 5 28.65 -31.07 -31.86
C LYS D 5 27.17 -31.32 -31.60
N GLU D 6 26.75 -31.22 -30.34
CA GLU D 6 25.34 -31.46 -30.03
C GLU D 6 24.46 -30.35 -30.59
N PHE D 7 24.92 -29.10 -30.50
CA PHE D 7 24.20 -28.00 -31.14
C PHE D 7 24.12 -28.18 -32.65
N THR D 8 25.21 -28.62 -33.27
CA THR D 8 25.23 -28.82 -34.70
C THR D 8 24.26 -29.92 -35.11
N GLU D 9 24.20 -31.01 -34.34
CA GLU D 9 23.22 -32.05 -34.61
C GLU D 9 21.80 -31.51 -34.50
N LEU D 10 21.53 -30.74 -33.45
CA LEU D 10 20.19 -30.17 -33.27
C LEU D 10 19.80 -29.31 -34.46
N TYR D 11 20.67 -28.38 -34.85
CA TYR D 11 20.32 -27.47 -35.93
C TYR D 11 20.38 -28.11 -37.32
N ASP D 12 21.13 -29.20 -37.48
CA ASP D 12 21.03 -29.96 -38.72
C ASP D 12 19.69 -30.64 -38.82
N PHE D 13 19.18 -31.17 -37.70
CA PHE D 13 17.86 -31.77 -37.70
C PHE D 13 16.77 -30.72 -37.94
N ILE D 14 16.90 -29.56 -37.30
CA ILE D 14 15.85 -28.55 -37.36
C ILE D 14 15.77 -27.95 -38.76
N PHE D 15 16.90 -27.56 -39.33
CA PHE D 15 16.93 -26.77 -40.56
C PHE D 15 16.77 -27.68 -41.77
N ASP D 16 15.58 -28.26 -41.87
CA ASP D 16 15.19 -29.14 -42.95
C ASP D 16 13.79 -28.69 -43.39
N PRO D 17 13.57 -28.45 -44.68
CA PRO D 17 12.24 -27.92 -45.09
C PRO D 17 11.09 -28.81 -44.68
N ILE D 18 11.25 -30.12 -44.79
CA ILE D 18 10.15 -31.03 -44.45
C ILE D 18 9.89 -30.99 -42.96
N PHE D 19 10.93 -30.87 -42.14
CA PHE D 19 10.72 -30.69 -40.71
C PHE D 19 10.03 -29.36 -40.44
N LEU D 20 10.46 -28.29 -41.11
CA LEU D 20 9.89 -26.98 -40.83
C LEU D 20 8.48 -26.81 -41.36
N VAL D 21 7.97 -27.76 -42.15
CA VAL D 21 6.56 -27.77 -42.48
C VAL D 21 5.77 -28.79 -41.66
N ARG D 22 6.35 -29.94 -41.32
CA ARG D 22 5.62 -30.94 -40.56
C ARG D 22 5.41 -30.50 -39.11
N TYR D 23 6.42 -29.90 -38.51
CA TYR D 23 6.30 -29.35 -37.16
C TYR D 23 6.43 -27.84 -37.10
N GLY D 24 7.07 -27.21 -38.08
CA GLY D 24 7.29 -25.78 -38.01
C GLY D 24 6.02 -24.97 -38.17
N TYR D 25 5.15 -25.37 -39.10
CA TYR D 25 4.01 -24.52 -39.45
C TYR D 25 3.09 -24.29 -38.27
N TYR D 26 2.77 -25.34 -37.53
CA TYR D 26 1.86 -25.26 -36.41
C TYR D 26 2.59 -25.20 -35.08
N ASP D 27 3.91 -25.00 -35.12
CA ASP D 27 4.72 -24.76 -33.93
C ASP D 27 4.65 -25.93 -32.96
N ARG D 28 4.81 -27.14 -33.50
CA ARG D 28 4.83 -28.33 -32.68
C ARG D 28 6.25 -28.66 -32.26
N SER D 29 6.40 -29.64 -31.38
CA SER D 29 7.70 -30.06 -30.89
C SER D 29 7.84 -31.57 -31.09
N ILE D 30 9.02 -31.99 -31.51
CA ILE D 30 9.34 -33.39 -31.70
C ILE D 30 10.27 -33.80 -30.56
N LYS D 31 9.97 -34.92 -29.91
CA LYS D 31 10.75 -35.32 -28.75
C LYS D 31 11.94 -36.20 -29.13
N ASN D 32 11.73 -37.20 -29.99
CA ASN D 32 12.79 -38.07 -30.46
C ASN D 32 12.75 -38.12 -31.99
N LYS D 33 13.91 -38.29 -32.60
CA LYS D 33 13.99 -38.41 -34.05
C LYS D 33 13.20 -39.62 -34.54
N GLU D 45 5.69 -31.75 -21.22
CA GLU D 45 4.66 -31.01 -22.00
C GLU D 45 4.63 -29.58 -21.46
N PHE D 46 5.78 -28.92 -21.34
CA PHE D 46 5.76 -27.59 -20.68
C PHE D 46 5.85 -26.43 -21.66
N GLY D 47 6.97 -26.36 -22.38
CA GLY D 47 7.18 -25.27 -23.33
C GLY D 47 6.32 -25.49 -24.55
N LYS D 48 5.57 -26.59 -24.61
CA LYS D 48 4.82 -26.94 -25.83
C LYS D 48 4.04 -25.70 -26.27
N SER D 49 4.22 -25.30 -27.53
CA SER D 49 3.59 -24.07 -28.08
C SER D 49 2.46 -24.46 -29.04
N ASP D 50 2.04 -25.72 -29.03
CA ASP D 50 1.00 -26.23 -29.96
C ASP D 50 -0.32 -25.52 -29.66
N SER D 51 -0.87 -24.84 -30.66
CA SER D 51 -2.09 -24.07 -30.46
C SER D 51 -3.23 -24.47 -31.39
N PHE D 52 -3.07 -25.52 -32.18
CA PHE D 52 -4.10 -25.96 -33.10
C PHE D 52 -4.25 -27.46 -32.99
N TYR D 53 -5.49 -27.94 -33.10
CA TYR D 53 -5.78 -29.36 -32.92
C TYR D 53 -5.12 -30.17 -34.02
N PHE D 54 -4.18 -31.03 -33.64
CA PHE D 54 -3.43 -31.82 -34.61
C PHE D 54 -4.34 -32.73 -35.41
N LYS D 55 -5.43 -33.20 -34.81
CA LYS D 55 -6.28 -34.17 -35.48
C LYS D 55 -7.11 -33.57 -36.60
N VAL D 56 -7.23 -32.24 -36.64
CA VAL D 56 -7.96 -31.55 -37.69
C VAL D 56 -7.02 -30.74 -38.57
N PHE D 57 -6.13 -29.97 -37.96
CA PHE D 57 -5.20 -29.09 -38.66
C PHE D 57 -3.78 -29.59 -38.47
N ASN D 58 -3.24 -30.23 -39.51
CA ASN D 58 -1.88 -30.73 -39.47
C ASN D 58 -1.31 -30.69 -40.88
N MET D 59 0.01 -30.83 -40.97
CA MET D 59 0.72 -30.87 -42.24
C MET D 59 1.37 -32.23 -42.46
N GLU D 60 0.71 -33.30 -42.01
CA GLU D 60 1.22 -34.64 -42.27
C GLU D 60 1.10 -34.99 -43.75
N SER D 61 -0.05 -34.73 -44.36
CA SER D 61 -0.23 -35.05 -45.76
C SER D 61 0.70 -34.23 -46.65
N PHE D 62 0.83 -32.94 -46.36
CA PHE D 62 1.70 -32.09 -47.17
C PHE D 62 3.15 -32.51 -47.04
N ALA D 63 3.61 -32.82 -45.82
CA ALA D 63 4.98 -33.25 -45.63
C ALA D 63 5.24 -34.60 -46.28
N ASP D 64 4.25 -35.50 -46.24
CA ASP D 64 4.38 -36.76 -46.95
C ASP D 64 4.51 -36.52 -48.45
N TYR D 65 3.75 -35.58 -48.98
CA TYR D 65 3.88 -35.21 -50.39
C TYR D 65 5.25 -34.63 -50.69
N LEU D 66 5.78 -33.82 -49.77
CA LEU D 66 7.09 -33.22 -49.97
C LEU D 66 8.20 -34.26 -49.98
N ARG D 67 8.10 -35.29 -49.15
CA ARG D 67 9.20 -36.26 -49.09
C ARG D 67 9.46 -36.91 -50.43
N SER D 68 8.45 -37.00 -51.29
CA SER D 68 8.59 -37.66 -52.58
C SER D 68 8.52 -36.71 -53.77
N HIS D 69 8.18 -35.44 -53.57
CA HIS D 69 8.16 -34.47 -54.65
C HIS D 69 8.85 -33.20 -54.21
N ASP D 70 9.68 -32.65 -55.08
CA ASP D 70 10.37 -31.40 -54.82
C ASP D 70 9.55 -30.25 -55.41
N LEU D 71 9.13 -29.34 -54.55
CA LEU D 71 8.31 -28.20 -54.97
C LEU D 71 9.11 -26.93 -55.17
N LYS D 72 10.44 -27.02 -55.13
CA LYS D 72 11.27 -25.85 -55.40
C LYS D 72 11.10 -25.32 -56.80
N THR D 73 10.54 -26.11 -57.72
CA THR D 73 10.28 -25.62 -59.06
C THR D 73 9.19 -24.54 -59.07
N HIS D 74 8.45 -24.42 -57.97
CA HIS D 74 7.43 -23.38 -57.87
C HIS D 74 7.97 -22.07 -57.30
N PHE D 75 9.19 -22.07 -56.77
CA PHE D 75 9.77 -20.88 -56.17
C PHE D 75 11.05 -20.45 -56.89
N ASN D 76 11.11 -20.69 -58.20
CA ASN D 76 12.20 -20.16 -59.00
C ASN D 76 11.99 -18.71 -59.39
N GLY D 77 10.78 -18.19 -59.25
CA GLY D 77 10.49 -16.82 -59.59
C GLY D 77 11.26 -15.83 -58.75
N LYS D 78 11.67 -14.71 -59.36
CA LYS D 78 12.49 -13.74 -58.64
C LYS D 78 11.69 -13.03 -57.56
N LYS D 79 10.65 -12.31 -57.96
CA LYS D 79 9.87 -11.54 -57.00
C LYS D 79 8.98 -12.48 -56.20
N PRO D 80 9.04 -12.45 -54.87
CA PRO D 80 8.13 -13.28 -54.07
C PRO D 80 6.70 -12.79 -54.20
N LEU D 81 5.78 -13.73 -54.39
CA LEU D 81 4.37 -13.38 -54.47
C LEU D 81 3.87 -12.94 -53.10
N SER D 82 3.19 -11.79 -53.06
CA SER D 82 2.67 -11.26 -51.82
C SER D 82 1.30 -11.86 -51.54
N THR D 83 1.18 -12.53 -50.39
CA THR D 83 -0.04 -13.25 -50.04
C THR D 83 -0.56 -12.72 -48.71
N ASP D 84 -1.79 -13.12 -48.38
CA ASP D 84 -2.45 -12.65 -47.18
C ASP D 84 -2.57 -13.81 -46.20
N PRO D 85 -2.11 -13.68 -44.96
CA PRO D 85 -2.12 -14.79 -44.02
C PRO D 85 -3.48 -14.94 -43.36
N VAL D 86 -3.62 -16.01 -42.58
CA VAL D 86 -4.81 -16.20 -41.75
C VAL D 86 -4.58 -15.46 -40.44
N TYR D 87 -5.49 -14.54 -40.13
CA TYR D 87 -5.39 -13.74 -38.91
C TYR D 87 -6.12 -14.46 -37.79
N PHE D 88 -5.37 -14.96 -36.83
CA PHE D 88 -5.90 -15.69 -35.68
C PHE D 88 -5.54 -14.93 -34.42
N ASN D 89 -6.52 -14.64 -33.60
CA ASN D 89 -6.33 -13.81 -32.42
C ASN D 89 -6.54 -14.67 -31.18
N ILE D 90 -5.53 -14.71 -30.32
CA ILE D 90 -5.56 -15.52 -29.11
C ILE D 90 -5.49 -14.58 -27.92
N PRO D 91 -5.98 -15.01 -26.76
CA PRO D 91 -5.87 -14.16 -25.57
C PRO D 91 -4.45 -14.13 -25.04
N LYS D 92 -3.99 -12.92 -24.70
CA LYS D 92 -2.71 -12.79 -24.00
C LYS D 92 -2.91 -13.01 -22.51
N ASN D 93 -3.99 -12.47 -21.96
CA ASN D 93 -4.37 -12.66 -20.57
C ASN D 93 -5.89 -12.56 -20.50
N ILE D 94 -6.43 -12.35 -19.30
CA ILE D 94 -7.88 -12.27 -19.16
C ILE D 94 -8.43 -11.01 -19.84
N GLU D 95 -7.57 -10.03 -20.15
CA GLU D 95 -8.01 -8.78 -20.74
C GLU D 95 -7.37 -8.46 -22.09
N ALA D 96 -6.11 -8.85 -22.31
CA ALA D 96 -5.40 -8.49 -23.53
C ALA D 96 -5.48 -9.60 -24.57
N ARG D 97 -5.00 -9.30 -25.77
CA ARG D 97 -5.03 -10.22 -26.90
C ARG D 97 -3.68 -10.28 -27.57
N ARG D 98 -3.39 -11.42 -28.19
CA ARG D 98 -2.19 -11.62 -28.99
C ARG D 98 -2.63 -12.04 -30.40
N GLN D 99 -1.97 -11.48 -31.41
CA GLN D 99 -2.37 -11.67 -32.79
C GLN D 99 -1.42 -12.65 -33.47
N TYR D 100 -1.96 -13.79 -33.90
CA TYR D 100 -1.22 -14.75 -34.71
C TYR D 100 -1.52 -14.50 -36.18
N LYS D 101 -0.53 -14.75 -37.02
CA LYS D 101 -0.67 -14.63 -38.47
C LYS D 101 -0.15 -15.92 -39.07
N MET D 102 -1.05 -16.77 -39.55
CA MET D 102 -0.66 -18.05 -40.09
C MET D 102 -0.43 -17.87 -41.58
N PRO D 103 0.81 -17.93 -42.06
CA PRO D 103 1.08 -17.50 -43.43
C PRO D 103 0.45 -18.43 -44.46
N ASN D 104 0.27 -17.87 -45.66
CA ASN D 104 -0.09 -18.68 -46.80
C ASN D 104 0.93 -19.80 -46.98
N LEU D 105 0.44 -21.00 -47.31
CA LEU D 105 1.34 -22.14 -47.42
C LEU D 105 2.38 -21.92 -48.51
N TYR D 106 2.02 -21.21 -49.59
CA TYR D 106 2.99 -20.88 -50.62
C TYR D 106 4.07 -19.94 -50.10
N SER D 107 3.66 -18.87 -49.43
CA SER D 107 4.63 -17.96 -48.83
C SER D 107 5.46 -18.67 -47.77
N TYR D 108 4.82 -19.52 -46.98
CA TYR D 108 5.52 -20.26 -45.94
C TYR D 108 6.61 -21.12 -46.56
N MET D 109 6.29 -21.84 -47.64
CA MET D 109 7.28 -22.70 -48.27
C MET D 109 8.37 -21.91 -48.95
N ALA D 110 8.06 -20.74 -49.51
CA ALA D 110 9.10 -19.89 -50.07
C ALA D 110 10.11 -19.49 -48.99
N LEU D 111 9.61 -18.96 -47.88
CA LEU D 111 10.49 -18.56 -46.78
C LEU D 111 11.23 -19.76 -46.21
N ASN D 112 10.55 -20.91 -46.13
CA ASN D 112 11.15 -22.13 -45.62
C ASN D 112 12.33 -22.56 -46.47
N TYR D 113 12.13 -22.61 -47.79
CA TYR D 113 13.21 -23.02 -48.68
C TYR D 113 14.36 -22.03 -48.62
N TYR D 114 14.07 -20.74 -48.54
CA TYR D 114 15.15 -19.76 -48.49
C TYR D 114 15.96 -19.92 -47.21
N ILE D 115 15.29 -20.07 -46.06
CA ILE D 115 16.02 -20.25 -44.81
C ILE D 115 16.82 -21.54 -44.82
N CYS D 116 16.26 -22.60 -45.40
CA CYS D 116 16.99 -23.87 -45.41
C CYS D 116 18.17 -23.85 -46.36
N ASP D 117 18.12 -23.04 -47.42
CA ASP D 117 19.29 -22.87 -48.28
C ASP D 117 20.31 -21.91 -47.68
N ASN D 118 19.89 -21.04 -46.76
CA ASN D 118 20.80 -20.11 -46.09
C ASN D 118 20.97 -20.47 -44.63
N LYS D 119 20.81 -21.77 -44.31
CA LYS D 119 20.97 -22.25 -42.94
C LYS D 119 22.31 -21.88 -42.33
N LYS D 120 23.35 -21.72 -43.16
CA LYS D 120 24.66 -21.38 -42.66
C LYS D 120 24.68 -20.02 -41.97
N GLU D 121 23.81 -19.09 -42.37
CA GLU D 121 23.77 -17.79 -41.74
C GLU D 121 23.05 -17.81 -40.40
N PHE D 122 22.23 -18.83 -40.15
CA PHE D 122 21.59 -18.98 -38.85
C PHE D 122 22.41 -19.83 -37.89
N ILE D 123 22.97 -20.93 -38.39
CA ILE D 123 23.58 -21.91 -37.50
C ILE D 123 24.82 -21.34 -36.82
N GLU D 124 25.67 -20.64 -37.57
CA GLU D 124 26.89 -20.11 -36.96
C GLU D 124 26.57 -19.11 -35.86
N VAL D 125 25.56 -18.26 -36.08
CA VAL D 125 25.15 -17.31 -35.04
C VAL D 125 24.60 -18.05 -33.84
N PHE D 126 23.78 -19.08 -34.08
CA PHE D 126 23.21 -19.85 -32.97
C PHE D 126 24.29 -20.59 -32.19
N ILE D 127 25.30 -21.10 -32.89
CA ILE D 127 26.39 -21.83 -32.26
C ILE D 127 27.22 -20.90 -31.39
N ASP D 128 27.62 -19.75 -31.93
CA ASP D 128 28.50 -18.85 -31.21
C ASP D 128 27.79 -18.19 -30.03
N ASN D 129 26.46 -18.19 -30.02
CA ASN D 129 25.72 -17.47 -29.00
C ASN D 129 25.86 -18.16 -27.64
N LYS D 130 25.75 -17.37 -26.58
CA LYS D 130 25.91 -17.88 -25.23
C LYS D 130 24.74 -17.51 -24.34
N PHE D 131 24.09 -16.39 -24.64
CA PHE D 131 23.11 -15.80 -23.74
C PHE D 131 21.70 -16.34 -23.92
N SER D 132 21.37 -16.88 -25.09
CA SER D 132 20.00 -17.28 -25.36
C SER D 132 19.72 -18.66 -24.78
N THR D 133 18.63 -18.76 -24.02
CA THR D 133 18.07 -20.04 -23.61
C THR D 133 16.88 -20.43 -24.47
N SER D 134 16.65 -19.71 -25.56
CA SER D 134 15.50 -19.94 -26.44
C SER D 134 15.93 -20.30 -27.85
N LYS D 135 17.22 -20.47 -28.11
CA LYS D 135 17.73 -20.83 -29.42
C LYS D 135 17.65 -22.33 -29.68
N PHE D 136 16.93 -23.07 -28.86
CA PHE D 136 16.75 -24.50 -29.06
C PHE D 136 15.33 -24.88 -29.45
N PHE D 137 14.36 -24.00 -29.22
CA PHE D 137 13.02 -24.07 -29.77
C PHE D 137 12.21 -25.24 -29.23
N ASN D 138 12.53 -25.72 -28.03
CA ASN D 138 11.80 -26.79 -27.37
C ASN D 138 11.76 -28.05 -28.22
N GLN D 139 12.87 -28.32 -28.89
CA GLN D 139 13.05 -29.49 -29.73
C GLN D 139 13.65 -30.64 -28.93
N LEU D 140 14.21 -31.61 -29.64
CA LEU D 140 14.35 -32.99 -29.22
C LEU D 140 14.65 -33.20 -27.73
N ASN D 141 15.77 -32.69 -27.25
CA ASN D 141 16.12 -32.84 -25.85
C ASN D 141 16.15 -31.54 -25.08
N PHE D 142 16.26 -30.41 -25.76
CA PHE D 142 16.49 -29.13 -25.10
C PHE D 142 15.15 -28.55 -24.66
N ASP D 143 14.51 -29.28 -23.76
CA ASP D 143 13.26 -28.87 -23.13
C ASP D 143 13.54 -27.91 -21.97
N TYR D 144 12.50 -27.60 -21.19
CA TYR D 144 12.54 -26.44 -20.31
C TYR D 144 13.60 -26.50 -19.22
N PRO D 145 13.70 -27.57 -18.41
CA PRO D 145 14.71 -27.57 -17.34
C PRO D 145 16.15 -27.43 -17.83
N LYS D 146 16.47 -27.85 -19.05
CA LYS D 146 17.82 -27.64 -19.55
C LYS D 146 18.10 -26.16 -19.82
N THR D 147 17.13 -25.45 -20.39
CA THR D 147 17.26 -24.00 -20.50
C THR D 147 17.29 -23.33 -19.14
N GLN D 148 16.59 -23.91 -18.15
CA GLN D 148 16.70 -23.40 -16.79
C GLN D 148 18.12 -23.57 -16.24
N GLU D 149 18.75 -24.71 -16.52
CA GLU D 149 20.14 -24.91 -16.10
C GLU D 149 21.06 -23.90 -16.78
N ILE D 150 20.82 -23.64 -18.06
CA ILE D 150 21.63 -22.65 -18.77
C ILE D 150 21.48 -21.28 -18.14
N THR D 151 20.24 -20.90 -17.80
CA THR D 151 20.00 -19.63 -17.13
C THR D 151 20.72 -19.55 -15.79
N GLN D 152 20.64 -20.63 -15.01
CA GLN D 152 21.32 -20.68 -13.73
C GLN D 152 22.82 -20.46 -13.90
N THR D 153 23.42 -21.15 -14.86
CA THR D 153 24.85 -20.99 -15.10
C THR D 153 25.19 -19.57 -15.53
N LEU D 154 24.31 -18.93 -16.29
CA LEU D 154 24.58 -17.57 -16.74
C LEU D 154 24.40 -16.55 -15.62
N LEU D 155 23.64 -16.87 -14.59
CA LEU D 155 23.31 -15.92 -13.54
C LEU D 155 24.32 -15.94 -12.39
N TYR D 156 25.42 -16.66 -12.54
CA TYR D 156 26.42 -16.78 -11.48
C TYR D 156 27.08 -15.43 -11.22
N GLY D 157 27.43 -15.20 -9.95
CA GLY D 157 28.20 -14.05 -9.56
C GLY D 157 27.41 -12.79 -9.28
N GLY D 158 26.09 -12.83 -9.38
CA GLY D 158 25.32 -11.62 -9.18
C GLY D 158 24.46 -11.63 -7.94
N ILE D 159 24.67 -10.64 -7.06
CA ILE D 159 23.84 -10.51 -5.86
C ILE D 159 22.51 -9.85 -6.18
N LYS D 160 22.34 -9.35 -7.39
CA LYS D 160 21.14 -8.66 -7.80
C LYS D 160 20.80 -9.10 -9.21
N LYS D 161 19.52 -9.10 -9.55
CA LYS D 161 19.07 -9.44 -10.89
C LYS D 161 18.16 -8.36 -11.42
N LEU D 162 18.48 -7.86 -12.61
CA LEU D 162 17.65 -6.87 -13.28
C LEU D 162 16.85 -7.56 -14.37
N HIS D 163 15.54 -7.36 -14.36
CA HIS D 163 14.65 -7.96 -15.35
C HIS D 163 14.22 -6.92 -16.36
N LEU D 164 14.46 -7.19 -17.63
CA LEU D 164 14.01 -6.32 -18.72
C LEU D 164 13.19 -7.14 -19.70
N ASP D 165 12.27 -6.46 -20.36
CA ASP D 165 11.37 -7.11 -21.31
C ASP D 165 10.97 -6.10 -22.36
N LEU D 166 11.21 -6.42 -23.62
CA LEU D 166 10.69 -5.61 -24.72
C LEU D 166 9.18 -5.76 -24.81
N SER D 167 8.51 -4.66 -25.16
CA SER D 167 7.06 -4.63 -25.20
C SER D 167 6.57 -4.85 -26.63
N ASN D 168 5.68 -5.82 -26.79
CA ASN D 168 5.08 -6.14 -28.08
C ASN D 168 6.16 -6.39 -29.14
N PHE D 169 7.11 -7.26 -28.80
CA PHE D 169 8.29 -7.43 -29.64
C PHE D 169 7.91 -7.99 -31.01
N TYR D 170 7.18 -9.10 -31.04
CA TYR D 170 6.83 -9.72 -32.32
C TYR D 170 5.89 -8.83 -33.13
N HIS D 171 4.91 -8.22 -32.47
CA HIS D 171 3.81 -7.59 -33.16
C HIS D 171 4.11 -6.18 -33.63
N THR D 172 5.18 -5.55 -33.15
CA THR D 172 5.51 -4.19 -33.52
C THR D 172 6.90 -4.06 -34.12
N LEU D 173 7.60 -5.16 -34.31
CA LEU D 173 8.93 -5.11 -34.91
C LEU D 173 8.86 -4.51 -36.31
N TYR D 174 9.73 -3.54 -36.58
CA TYR D 174 9.84 -2.97 -37.90
C TYR D 174 10.66 -3.93 -38.76
N THR D 175 10.02 -4.52 -39.77
CA THR D 175 10.64 -5.61 -40.50
C THR D 175 11.86 -5.15 -41.28
N HIS D 176 11.92 -3.89 -41.68
CA HIS D 176 13.11 -3.37 -42.34
C HIS D 176 14.27 -3.15 -41.38
N SER D 177 14.05 -3.25 -40.07
CA SER D 177 15.13 -3.16 -39.11
C SER D 177 15.86 -4.49 -38.93
N ILE D 178 15.38 -5.56 -39.55
CA ILE D 178 16.11 -6.83 -39.51
C ILE D 178 17.46 -6.72 -40.19
N PRO D 179 17.58 -6.15 -41.39
CA PRO D 179 18.93 -5.88 -41.93
C PRO D 179 19.77 -4.96 -41.06
N TRP D 180 19.16 -4.01 -40.35
CA TRP D 180 19.94 -3.15 -39.46
C TRP D 180 20.59 -3.96 -38.36
N MET D 181 19.87 -4.91 -37.79
CA MET D 181 20.44 -5.72 -36.72
C MET D 181 21.46 -6.70 -37.27
N ILE D 182 21.13 -7.37 -38.38
CA ILE D 182 21.97 -8.45 -38.87
C ILE D 182 23.24 -7.91 -39.51
N ASP D 183 23.13 -6.82 -40.28
CA ASP D 183 24.26 -6.28 -41.02
C ASP D 183 24.79 -4.95 -40.49
N GLY D 184 24.08 -4.30 -39.57
CA GLY D 184 24.45 -2.95 -39.19
C GLY D 184 23.56 -1.93 -39.86
N LYS D 185 23.08 -0.95 -39.08
CA LYS D 185 22.18 0.05 -39.63
C LYS D 185 22.84 0.86 -40.74
N SER D 186 24.10 1.25 -40.52
CA SER D 186 24.81 2.07 -41.50
C SER D 186 24.98 1.32 -42.82
N ALA D 187 25.33 0.05 -42.77
CA ALA D 187 25.50 -0.74 -43.98
C ALA D 187 24.18 -1.03 -44.69
N SER D 188 23.12 -0.53 -44.06
CA SER D 188 21.76 -0.77 -44.57
C SER D 188 21.22 0.46 -45.30
N LYS D 189 21.86 1.62 -45.17
CA LYS D 189 21.40 2.81 -45.93
C LYS D 189 21.99 2.78 -47.32
N GLN D 190 22.72 1.71 -47.63
CA GLN D 190 23.27 1.57 -49.00
C GLN D 190 22.30 0.75 -49.83
N LYS D 194 19.19 -7.29 -52.11
CA LYS D 194 20.31 -7.89 -52.84
C LYS D 194 21.01 -8.95 -52.00
N GLY D 195 21.24 -8.63 -50.73
CA GLY D 195 21.93 -9.54 -49.83
C GLY D 195 20.99 -10.53 -49.18
N PHE D 196 21.53 -11.23 -48.18
CA PHE D 196 20.75 -12.23 -47.45
C PHE D 196 19.66 -11.56 -46.60
N SER D 197 20.05 -10.54 -45.83
CA SER D 197 19.09 -9.89 -44.94
C SER D 197 17.96 -9.21 -45.71
N ASN D 198 18.28 -8.55 -46.82
CA ASN D 198 17.24 -7.88 -47.61
C ASN D 198 16.27 -8.88 -48.20
N THR D 199 16.76 -10.00 -48.73
CA THR D 199 15.88 -11.01 -49.28
C THR D 199 15.01 -11.64 -48.20
N LEU D 200 15.60 -11.91 -47.03
CA LEU D 200 14.82 -12.45 -45.93
C LEU D 200 13.73 -11.47 -45.50
N ASP D 201 14.05 -10.18 -45.50
CA ASP D 201 13.04 -9.15 -45.19
C ASP D 201 11.92 -9.16 -46.23
N THR D 202 12.27 -9.27 -47.52
CA THR D 202 11.24 -9.29 -48.55
C THR D 202 10.34 -10.51 -48.40
N LEU D 203 10.91 -11.66 -48.08
CA LEU D 203 10.09 -12.86 -47.90
C LEU D 203 9.22 -12.77 -46.66
N ILE D 204 9.74 -12.19 -45.58
CA ILE D 204 8.94 -12.02 -44.37
C ILE D 204 7.74 -11.13 -44.66
N THR D 205 7.97 -10.00 -45.36
CA THR D 205 6.85 -9.12 -45.67
C THR D 205 5.89 -9.75 -46.68
N ALA D 206 6.41 -10.57 -47.61
CA ALA D 206 5.54 -11.26 -48.54
C ALA D 206 4.62 -12.25 -47.83
N CYS D 207 5.10 -12.85 -46.75
CA CYS D 207 4.25 -13.75 -45.96
C CYS D 207 3.07 -13.03 -45.32
N GLN D 208 3.09 -11.70 -45.24
CA GLN D 208 2.04 -10.94 -44.58
C GLN D 208 1.56 -9.77 -45.43
N TYR D 209 1.59 -9.95 -46.75
CA TYR D 209 1.03 -8.98 -47.71
C TYR D 209 1.77 -7.65 -47.64
N ASP D 210 3.09 -7.72 -47.74
CA ASP D 210 3.99 -6.56 -47.82
C ASP D 210 3.87 -5.64 -46.61
N GLU D 211 3.23 -6.07 -45.54
CA GLU D 211 3.17 -5.26 -44.33
C GLU D 211 4.50 -5.35 -43.59
N THR D 212 5.07 -4.19 -43.29
CA THR D 212 6.37 -4.12 -42.62
C THR D 212 6.22 -3.90 -41.12
N HIS D 213 5.08 -4.26 -40.55
CA HIS D 213 4.79 -4.02 -39.14
C HIS D 213 4.64 -5.38 -38.46
N GLY D 214 5.73 -5.85 -37.84
CA GLY D 214 5.69 -7.08 -37.10
C GLY D 214 6.16 -8.29 -37.91
N ILE D 215 6.23 -9.42 -37.22
CA ILE D 215 6.60 -10.71 -37.80
C ILE D 215 5.39 -11.62 -37.71
N PRO D 216 5.06 -12.38 -38.76
CA PRO D 216 3.92 -13.31 -38.65
C PRO D 216 4.17 -14.38 -37.60
N THR D 217 3.40 -14.35 -36.52
CA THR D 217 3.69 -15.11 -35.32
C THR D 217 2.86 -16.39 -35.28
N GLY D 218 3.48 -17.48 -34.83
CA GLY D 218 2.77 -18.72 -34.62
C GLY D 218 3.37 -19.93 -35.30
N ASN D 219 4.62 -19.83 -35.74
CA ASN D 219 5.29 -20.92 -36.44
C ASN D 219 6.76 -20.93 -36.07
N LEU D 220 7.47 -21.95 -36.54
CA LEU D 220 8.88 -22.07 -36.21
C LEU D 220 9.76 -21.10 -36.99
N LEU D 221 9.40 -20.79 -38.23
CA LEU D 221 10.26 -19.89 -39.01
C LEU D 221 10.32 -18.51 -38.37
N SER D 222 9.18 -18.01 -37.90
CA SER D 222 9.18 -16.71 -37.25
C SER D 222 10.03 -16.72 -35.99
N ARG D 223 9.96 -17.80 -35.22
CA ARG D 223 10.79 -17.91 -34.03
C ARG D 223 12.27 -17.99 -34.38
N ILE D 224 12.61 -18.67 -35.47
CA ILE D 224 14.00 -18.76 -35.89
C ILE D 224 14.53 -17.40 -36.30
N ILE D 225 13.74 -16.63 -37.07
CA ILE D 225 14.17 -15.30 -37.47
C ILE D 225 14.26 -14.36 -36.28
N THR D 226 13.30 -14.45 -35.37
CA THR D 226 13.35 -13.64 -34.16
C THR D 226 14.57 -13.99 -33.31
N GLU D 227 14.92 -15.27 -33.25
CA GLU D 227 16.10 -15.68 -32.50
C GLU D 227 17.38 -15.18 -33.17
N LEU D 228 17.42 -15.18 -34.50
CA LEU D 228 18.60 -14.63 -35.18
C LEU D 228 18.73 -13.12 -34.94
N TYR D 229 17.60 -12.41 -35.00
CA TYR D 229 17.59 -10.98 -34.70
C TYR D 229 18.13 -10.72 -33.29
N MET D 230 17.60 -11.44 -32.31
CA MET D 230 18.02 -11.25 -30.93
C MET D 230 19.42 -11.81 -30.66
N CYS D 231 19.90 -12.74 -31.47
CA CYS D 231 21.27 -13.21 -31.31
C CYS D 231 22.27 -12.20 -31.84
N HIS D 232 21.90 -11.43 -32.87
CA HIS D 232 22.76 -10.30 -33.24
C HIS D 232 22.69 -9.20 -32.19
N PHE D 233 21.52 -9.00 -31.59
CA PHE D 233 21.42 -8.13 -30.42
C PHE D 233 22.40 -8.56 -29.34
N ASP D 234 22.39 -9.85 -29.02
CA ASP D 234 23.30 -10.40 -28.01
C ASP D 234 24.75 -10.26 -28.43
N LYS D 235 25.04 -10.41 -29.72
CA LYS D 235 26.40 -10.23 -30.22
C LYS D 235 26.91 -8.83 -29.92
N GLN D 236 26.09 -7.83 -30.21
CA GLN D 236 26.45 -6.46 -29.87
C GLN D 236 26.68 -6.31 -28.38
N MET D 237 25.74 -6.82 -27.58
CA MET D 237 25.79 -6.54 -26.15
C MET D 237 26.93 -7.29 -25.47
N GLU D 238 27.35 -8.43 -26.02
CA GLU D 238 28.50 -9.14 -25.48
C GLU D 238 29.81 -8.53 -25.95
N TYR D 239 29.82 -7.93 -27.15
CA TYR D 239 30.98 -7.16 -27.55
C TYR D 239 31.26 -6.04 -26.56
N LYS D 240 30.21 -5.48 -25.95
CA LYS D 240 30.40 -4.52 -24.87
C LYS D 240 30.72 -5.19 -23.54
N LYS D 241 31.07 -6.48 -23.54
CA LYS D 241 31.48 -7.21 -22.34
C LYS D 241 30.40 -7.24 -21.27
N PHE D 242 29.19 -7.63 -21.65
CA PHE D 242 28.10 -7.87 -20.72
C PHE D 242 27.75 -9.36 -20.70
N VAL D 243 27.12 -9.79 -19.61
CA VAL D 243 26.64 -11.15 -19.47
C VAL D 243 25.22 -11.10 -18.95
N TYR D 244 24.32 -11.86 -19.58
CA TYR D 244 22.95 -11.95 -19.13
C TYR D 244 22.34 -13.23 -19.69
N SER D 245 21.11 -13.51 -19.32
CA SER D 245 20.30 -14.63 -19.83
C SER D 245 19.09 -14.05 -20.52
N ARG D 246 18.81 -14.43 -21.75
CA ARG D 246 17.63 -13.94 -22.48
C ARG D 246 16.76 -15.08 -22.93
N TYR D 247 15.48 -14.99 -22.67
CA TYR D 247 14.55 -15.96 -23.28
C TYR D 247 13.69 -15.12 -24.19
N VAL D 248 13.89 -15.27 -25.48
CA VAL D 248 13.17 -14.45 -26.48
C VAL D 248 13.53 -13.00 -26.19
N ASP D 249 12.64 -12.24 -25.58
CA ASP D 249 12.87 -10.80 -25.31
C ASP D 249 12.83 -10.57 -23.82
N ASP D 250 12.98 -11.60 -22.99
CA ASP D 250 13.05 -11.38 -21.55
C ASP D 250 14.50 -11.51 -21.11
N PHE D 251 15.04 -10.44 -20.54
CA PHE D 251 16.43 -10.38 -20.11
C PHE D 251 16.50 -10.50 -18.59
N ILE D 252 17.44 -11.30 -18.10
CA ILE D 252 17.85 -11.29 -16.70
C ILE D 252 19.32 -10.92 -16.68
N PHE D 253 19.64 -9.79 -16.06
CA PHE D 253 21.00 -9.30 -16.00
C PHE D 253 21.51 -9.42 -14.58
N PRO D 254 22.47 -10.29 -14.29
CA PRO D 254 23.01 -10.38 -12.93
C PRO D 254 24.09 -9.33 -12.71
N PHE D 255 24.02 -8.66 -11.56
CA PHE D 255 24.98 -7.62 -11.24
C PHE D 255 25.11 -7.50 -9.73
N THR D 256 26.18 -6.87 -9.30
CA THR D 256 26.43 -6.62 -7.89
C THR D 256 26.40 -5.14 -7.54
N PHE D 257 26.92 -4.29 -8.41
CA PHE D 257 27.13 -2.89 -8.12
C PHE D 257 26.25 -2.04 -9.04
N GLU D 258 25.76 -0.92 -8.51
CA GLU D 258 24.79 -0.13 -9.26
C GLU D 258 25.39 0.48 -10.53
N ASN D 259 26.70 0.73 -10.54
CA ASN D 259 27.32 1.24 -11.76
C ASN D 259 27.23 0.20 -12.87
N GLU D 260 27.30 -1.08 -12.52
CA GLU D 260 27.11 -2.14 -13.50
C GLU D 260 25.74 -2.07 -14.13
N LYS D 261 24.70 -1.92 -13.31
CA LYS D 261 23.34 -1.84 -13.83
C LYS D 261 23.16 -0.61 -14.69
N GLN D 262 23.71 0.52 -14.26
CA GLN D 262 23.54 1.74 -15.05
C GLN D 262 24.24 1.66 -16.39
N GLU D 263 25.46 1.11 -16.42
CA GLU D 263 26.15 0.94 -17.69
C GLU D 263 25.38 -0.01 -18.60
N PHE D 264 24.89 -1.12 -18.05
CA PHE D 264 24.12 -2.07 -18.86
C PHE D 264 22.85 -1.41 -19.41
N LEU D 265 22.14 -0.67 -18.56
CA LEU D 265 20.91 -0.01 -19.02
C LEU D 265 21.22 1.02 -20.09
N ASN D 266 22.32 1.76 -19.95
CA ASN D 266 22.68 2.73 -20.97
C ASN D 266 22.91 2.08 -22.32
N GLU D 267 23.74 1.04 -22.36
CA GLU D 267 24.02 0.40 -23.65
C GLU D 267 22.79 -0.30 -24.20
N PHE D 268 22.00 -0.93 -23.33
CA PHE D 268 20.79 -1.61 -23.75
C PHE D 268 19.81 -0.62 -24.36
N ASN D 269 19.67 0.55 -23.74
CA ASN D 269 18.79 1.59 -24.26
C ASN D 269 19.29 2.13 -25.58
N LEU D 270 20.60 2.30 -25.74
CA LEU D 270 21.12 2.74 -27.03
C LEU D 270 20.79 1.75 -28.12
N ILE D 271 20.97 0.46 -27.87
CA ILE D 271 20.69 -0.53 -28.90
C ILE D 271 19.20 -0.56 -29.22
N CYS D 272 18.35 -0.52 -28.18
CA CYS D 272 16.90 -0.53 -28.40
C CYS D 272 16.47 0.68 -29.22
N ARG D 273 16.95 1.87 -28.84
CA ARG D 273 16.58 3.08 -29.56
C ARG D 273 17.06 3.07 -31.00
N GLU D 274 18.29 2.60 -31.22
CA GLU D 274 18.82 2.53 -32.57
C GLU D 274 18.02 1.57 -33.43
N ASN D 275 17.46 0.53 -32.84
CA ASN D 275 16.73 -0.49 -33.59
C ASN D 275 15.22 -0.38 -33.44
N ASN D 276 14.72 0.74 -32.91
CA ASN D 276 13.29 1.02 -32.82
C ASN D 276 12.58 0.05 -31.89
N LEU D 277 13.25 -0.35 -30.83
CA LEU D 277 12.71 -1.31 -29.87
C LEU D 277 12.24 -0.58 -28.63
N ILE D 278 11.11 -1.01 -28.09
CA ILE D 278 10.47 -0.33 -26.96
C ILE D 278 10.58 -1.25 -25.75
N ILE D 279 11.02 -0.69 -24.63
CA ILE D 279 11.16 -1.43 -23.38
C ILE D 279 9.85 -1.37 -22.61
N ASN D 280 9.38 -2.53 -22.16
CA ASN D 280 8.19 -2.60 -21.31
C ASN D 280 8.60 -2.18 -19.91
N ASP D 281 8.39 -0.90 -19.59
CA ASP D 281 8.86 -0.37 -18.33
C ASP D 281 8.07 -0.88 -17.13
N ASN D 282 6.92 -1.52 -17.37
CA ASN D 282 6.13 -2.06 -16.26
C ASN D 282 6.70 -3.37 -15.75
N LYS D 283 7.53 -4.05 -16.54
CA LYS D 283 8.14 -5.30 -16.13
C LYS D 283 9.59 -5.15 -15.73
N THR D 284 10.09 -3.93 -15.61
CA THR D 284 11.47 -3.69 -15.21
C THR D 284 11.54 -3.72 -13.69
N LYS D 285 12.21 -4.73 -13.15
CA LYS D 285 12.32 -4.91 -11.72
C LYS D 285 13.73 -5.37 -11.39
N VAL D 286 14.13 -5.17 -10.14
CA VAL D 286 15.39 -5.66 -9.62
C VAL D 286 15.09 -6.63 -8.49
N ASP D 287 15.57 -7.86 -8.62
CA ASP D 287 15.51 -8.84 -7.55
C ASP D 287 16.76 -8.72 -6.69
N ASN D 288 16.58 -8.59 -5.39
CA ASN D 288 17.68 -8.57 -4.44
C ASN D 288 17.76 -9.92 -3.74
N PHE D 289 18.99 -10.39 -3.54
CA PHE D 289 19.17 -11.66 -2.88
C PHE D 289 18.83 -11.52 -1.39
N PRO D 290 18.13 -12.51 -0.80
CA PRO D 290 17.71 -13.79 -1.37
C PRO D 290 16.62 -13.67 -2.43
N PHE D 291 16.77 -14.46 -3.49
CA PHE D 291 15.99 -14.30 -4.70
C PHE D 291 14.63 -14.97 -4.57
N VAL D 292 13.63 -14.37 -5.19
CA VAL D 292 12.28 -14.92 -5.22
C VAL D 292 12.18 -15.92 -6.37
N ASP D 293 11.48 -17.03 -6.13
CA ASP D 293 11.23 -18.05 -7.15
C ASP D 293 9.79 -18.50 -6.99
N LYS D 294 8.88 -17.81 -7.69
CA LYS D 294 7.48 -18.18 -7.64
C LYS D 294 7.19 -19.43 -8.47
N SER D 295 7.81 -19.55 -9.63
CA SER D 295 7.47 -20.61 -10.59
C SER D 295 8.27 -21.87 -10.25
N SER D 296 7.82 -22.56 -9.20
CA SER D 296 8.37 -23.84 -8.79
C SER D 296 7.26 -24.88 -8.87
N LYS D 297 7.54 -26.00 -9.54
CA LYS D 297 6.52 -26.98 -9.87
C LYS D 297 6.63 -28.24 -9.02
N SER D 298 7.41 -28.21 -7.94
CA SER D 298 7.66 -29.41 -7.16
C SER D 298 6.39 -29.92 -6.48
N ASP D 299 5.59 -29.01 -5.92
CA ASP D 299 4.38 -29.43 -5.23
C ASP D 299 3.35 -30.00 -6.20
N ILE D 300 3.23 -29.40 -7.39
CA ILE D 300 2.30 -29.90 -8.39
C ILE D 300 2.66 -31.32 -8.80
N PHE D 301 3.93 -31.56 -9.08
CA PHE D 301 4.35 -32.89 -9.52
C PHE D 301 4.25 -33.92 -8.41
N SER D 302 4.35 -33.49 -7.16
CA SER D 302 4.28 -34.40 -6.03
C SER D 302 2.90 -34.41 -5.36
N PHE D 303 1.88 -33.88 -6.03
CA PHE D 303 0.56 -33.80 -5.40
C PHE D 303 -0.02 -35.18 -5.14
N PHE D 304 0.18 -36.12 -6.06
CA PHE D 304 -0.40 -37.46 -5.97
C PHE D 304 0.57 -38.50 -5.42
N GLU D 305 1.54 -38.11 -4.59
CA GLU D 305 2.49 -39.09 -4.08
C GLU D 305 1.83 -40.11 -3.17
N ASN D 306 0.96 -39.67 -2.27
CA ASN D 306 0.39 -40.55 -1.26
C ASN D 306 -0.95 -41.15 -1.67
N ILE D 307 -1.19 -41.31 -2.96
CA ILE D 307 -2.39 -41.98 -3.46
C ILE D 307 -1.95 -43.16 -4.31
N THR D 308 -2.66 -44.27 -4.16
CA THR D 308 -2.32 -45.51 -4.85
C THR D 308 -3.56 -46.09 -5.51
N SER D 309 -3.33 -47.07 -6.39
CA SER D 309 -4.43 -47.63 -7.17
C SER D 309 -5.42 -48.41 -6.31
N THR D 310 -5.04 -48.79 -5.09
CA THR D 310 -5.98 -49.49 -4.22
C THR D 310 -6.98 -48.55 -3.56
N ASN D 311 -6.78 -47.24 -3.65
CA ASN D 311 -7.72 -46.29 -3.11
C ASN D 311 -9.03 -46.34 -3.89
N SER D 312 -10.12 -46.01 -3.21
CA SER D 312 -11.43 -46.00 -3.84
C SER D 312 -11.48 -44.95 -4.94
N ASN D 313 -12.40 -45.16 -5.90
CA ASN D 313 -12.52 -44.23 -7.01
C ASN D 313 -13.01 -42.87 -6.53
N ASP D 314 -13.79 -42.82 -5.46
CA ASP D 314 -14.23 -41.54 -4.92
C ASP D 314 -13.06 -40.74 -4.39
N LYS D 315 -12.10 -41.41 -3.74
CA LYS D 315 -10.89 -40.73 -3.33
C LYS D 315 -10.13 -40.16 -4.52
N TRP D 316 -10.07 -40.92 -5.62
CA TRP D 316 -9.39 -40.44 -6.81
C TRP D 316 -10.08 -39.20 -7.37
N ILE D 317 -11.42 -39.22 -7.40
CA ILE D 317 -12.17 -38.07 -7.92
C ILE D 317 -11.93 -36.85 -7.04
N LYS D 318 -11.98 -37.03 -5.72
CA LYS D 318 -11.76 -35.92 -4.81
C LYS D 318 -10.36 -35.35 -4.96
N GLU D 319 -9.36 -36.22 -5.10
CA GLU D 319 -8.00 -35.74 -5.25
C GLU D 319 -7.79 -35.01 -6.57
N ILE D 320 -8.40 -35.49 -7.65
CA ILE D 320 -8.27 -34.78 -8.92
C ILE D 320 -8.93 -33.40 -8.84
N SER D 321 -10.12 -33.32 -8.22
CA SER D 321 -10.76 -32.01 -8.08
C SER D 321 -9.93 -31.07 -7.22
N ASN D 322 -9.44 -31.56 -6.08
CA ASN D 322 -8.59 -30.74 -5.22
C ASN D 322 -7.33 -30.32 -5.95
N PHE D 323 -6.81 -31.20 -6.81
CA PHE D 323 -5.58 -30.89 -7.53
C PHE D 323 -5.81 -29.78 -8.54
N ILE D 324 -6.94 -29.83 -9.24
CA ILE D 324 -7.27 -28.76 -10.19
C ILE D 324 -7.39 -27.43 -9.45
N ASP D 325 -8.09 -27.43 -8.32
CA ASP D 325 -8.20 -26.20 -7.55
C ASP D 325 -6.84 -25.71 -7.08
N TYR D 326 -5.98 -26.63 -6.66
CA TYR D 326 -4.64 -26.29 -6.19
C TYR D 326 -3.82 -25.65 -7.31
N CYS D 327 -3.91 -26.20 -8.52
CA CYS D 327 -3.12 -25.64 -9.62
C CYS D 327 -3.65 -24.30 -10.07
N VAL D 328 -4.98 -24.10 -10.06
CA VAL D 328 -5.50 -22.79 -10.39
C VAL D 328 -5.05 -21.76 -9.35
N ASN D 329 -5.04 -22.14 -8.08
CA ASN D 329 -4.50 -21.25 -7.05
C ASN D 329 -3.03 -20.95 -7.29
N GLU D 330 -2.25 -21.97 -7.66
CA GLU D 330 -0.83 -21.75 -7.90
C GLU D 330 -0.61 -20.79 -9.05
N GLU D 331 -1.38 -20.94 -10.13
CA GLU D 331 -1.31 -19.99 -11.23
C GLU D 331 -1.67 -18.59 -10.78
N HIS D 332 -2.68 -18.48 -9.92
CA HIS D 332 -3.08 -17.17 -9.40
C HIS D 332 -1.96 -16.54 -8.57
N LEU D 333 -1.19 -17.35 -7.84
CA LEU D 333 -0.14 -16.86 -6.96
C LEU D 333 1.15 -16.52 -7.69
N GLY D 334 1.15 -16.49 -9.02
CA GLY D 334 2.32 -16.13 -9.78
C GLY D 334 3.11 -17.29 -10.34
N ASN D 335 2.71 -18.52 -10.08
CA ASN D 335 3.40 -19.70 -10.60
C ASN D 335 2.97 -19.87 -12.05
N LYS D 336 3.71 -19.22 -12.95
CA LYS D 336 3.36 -19.22 -14.37
C LYS D 336 3.34 -20.64 -14.93
N GLY D 337 2.30 -20.94 -15.70
CA GLY D 337 2.18 -22.22 -16.35
C GLY D 337 1.70 -23.35 -15.46
N ALA D 338 1.17 -23.05 -14.28
CA ALA D 338 0.78 -24.10 -13.35
C ALA D 338 -0.50 -24.81 -13.80
N ILE D 339 -1.39 -24.10 -14.49
CA ILE D 339 -2.61 -24.73 -15.00
C ILE D 339 -2.28 -25.66 -16.15
N LYS D 340 -1.34 -25.28 -17.01
CA LYS D 340 -0.99 -26.14 -18.14
C LYS D 340 -0.37 -27.45 -17.70
N CYS D 341 0.08 -27.55 -16.44
CA CYS D 341 0.59 -28.80 -15.91
C CYS D 341 -0.50 -29.71 -15.37
N ILE D 342 -1.74 -29.26 -15.32
CA ILE D 342 -2.82 -30.07 -14.75
C ILE D 342 -2.99 -31.36 -15.54
N PHE D 343 -3.31 -31.24 -16.82
CA PHE D 343 -3.59 -32.41 -17.65
C PHE D 343 -2.41 -33.37 -17.76
N PRO D 344 -1.19 -32.93 -18.05
CA PRO D 344 -0.08 -33.88 -18.17
C PRO D 344 0.14 -34.70 -16.92
N VAL D 345 0.03 -34.10 -15.74
CA VAL D 345 0.37 -34.87 -14.55
C VAL D 345 -0.80 -35.72 -14.09
N ILE D 346 -2.04 -35.34 -14.41
CA ILE D 346 -3.14 -36.27 -14.19
C ILE D 346 -2.95 -37.51 -15.06
N THR D 347 -2.61 -37.31 -16.33
CA THR D 347 -2.38 -38.45 -17.21
C THR D 347 -1.22 -39.31 -16.73
N ASN D 348 -0.10 -38.67 -16.37
CA ASN D 348 1.06 -39.42 -15.89
C ASN D 348 0.77 -40.13 -14.59
N THR D 349 0.00 -39.52 -13.68
CA THR D 349 -0.35 -40.19 -12.45
C THR D 349 -1.20 -41.42 -12.70
N LEU D 350 -2.21 -41.30 -13.56
CA LEU D 350 -3.03 -42.46 -13.86
C LEU D 350 -2.23 -43.55 -14.54
N LYS D 351 -1.23 -43.18 -15.34
CA LYS D 351 -0.42 -44.19 -16.02
C LYS D 351 0.59 -44.86 -15.08
N GLN D 352 1.22 -44.07 -14.20
CA GLN D 352 2.23 -44.61 -13.29
C GLN D 352 1.61 -45.41 -12.16
N LYS D 353 0.48 -44.95 -11.62
CA LYS D 353 -0.13 -45.64 -10.49
C LYS D 353 -0.77 -46.96 -10.88
N LYS D 354 -0.78 -47.29 -12.17
CA LYS D 354 -1.32 -48.55 -12.68
C LYS D 354 -2.80 -48.71 -12.30
N VAL D 355 -3.60 -47.78 -12.79
CA VAL D 355 -5.03 -47.76 -12.50
C VAL D 355 -5.76 -48.50 -13.63
N ASP D 356 -6.67 -49.38 -13.26
CA ASP D 356 -7.34 -50.23 -14.23
C ASP D 356 -8.19 -49.39 -15.19
N THR D 357 -8.36 -49.91 -16.42
CA THR D 357 -9.14 -49.19 -17.43
C THR D 357 -10.58 -49.03 -16.99
N LYS D 358 -11.16 -50.07 -16.40
CA LYS D 358 -12.50 -49.95 -15.84
C LYS D 358 -12.53 -48.88 -14.76
N ASN D 359 -11.46 -48.80 -13.96
CA ASN D 359 -11.38 -47.75 -12.96
C ASN D 359 -11.26 -46.37 -13.58
N ILE D 360 -10.49 -46.24 -14.68
CA ILE D 360 -10.42 -44.96 -15.38
C ILE D 360 -11.80 -44.54 -15.85
N ASP D 361 -12.54 -45.46 -16.47
CA ASP D 361 -13.89 -45.14 -16.93
C ASP D 361 -14.78 -44.75 -15.77
N ASN D 362 -14.68 -45.47 -14.65
CA ASN D 362 -15.50 -45.14 -13.48
C ASN D 362 -15.16 -43.75 -12.94
N ILE D 363 -13.88 -43.44 -12.79
CA ILE D 363 -13.49 -42.13 -12.27
C ILE D 363 -14.02 -41.01 -13.16
N PHE D 364 -13.77 -41.11 -14.46
CA PHE D 364 -14.05 -39.96 -15.31
C PHE D 364 -15.48 -39.92 -15.81
N SER D 365 -16.24 -41.00 -15.68
CA SER D 365 -17.62 -41.04 -16.12
C SER D 365 -18.64 -41.02 -14.99
N LYS D 366 -18.21 -41.28 -13.75
CA LYS D 366 -19.14 -41.27 -12.63
C LYS D 366 -19.79 -39.90 -12.48
N ARG D 367 -21.12 -39.91 -12.38
CA ARG D 367 -21.88 -38.71 -12.09
C ARG D 367 -22.51 -38.89 -10.72
N ASN D 368 -22.10 -38.07 -9.76
CA ASN D 368 -22.59 -38.20 -8.40
C ASN D 368 -24.08 -37.88 -8.36
N MET D 369 -24.84 -38.77 -7.72
CA MET D 369 -26.30 -38.67 -7.81
C MET D 369 -26.84 -37.48 -7.02
N VAL D 370 -26.13 -37.06 -5.98
CA VAL D 370 -26.64 -36.01 -5.12
C VAL D 370 -25.97 -34.67 -5.40
N THR D 371 -24.65 -34.63 -5.59
CA THR D 371 -23.99 -33.38 -5.92
C THR D 371 -24.01 -33.07 -7.41
N ASN D 372 -24.37 -34.05 -8.23
CA ASN D 372 -24.44 -33.89 -9.69
C ASN D 372 -23.09 -33.43 -10.24
N PHE D 373 -22.01 -34.00 -9.70
CA PHE D 373 -20.65 -33.58 -10.01
C PHE D 373 -19.94 -34.66 -10.81
N ASN D 374 -19.36 -34.27 -11.93
CA ASN D 374 -18.51 -35.15 -12.72
C ASN D 374 -17.17 -34.46 -12.92
N VAL D 375 -16.08 -35.22 -12.72
CA VAL D 375 -14.76 -34.61 -12.75
C VAL D 375 -14.36 -34.22 -14.17
N PHE D 376 -14.76 -35.01 -15.17
CA PHE D 376 -14.47 -34.64 -16.55
C PHE D 376 -15.15 -33.34 -16.93
N GLU D 377 -16.36 -33.10 -16.41
CA GLU D 377 -17.04 -31.84 -16.65
C GLU D 377 -16.28 -30.68 -16.01
N LYS D 378 -15.70 -30.89 -14.84
CA LYS D 378 -14.89 -29.86 -14.22
C LYS D 378 -13.67 -29.54 -15.06
N ILE D 379 -13.02 -30.58 -15.59
CA ILE D 379 -11.84 -30.34 -16.43
C ILE D 379 -12.24 -29.63 -17.72
N LEU D 380 -13.39 -29.98 -18.27
CA LEU D 380 -13.89 -29.30 -19.48
C LEU D 380 -14.19 -27.84 -19.21
N ASP D 381 -14.81 -27.54 -18.07
CA ASP D 381 -15.08 -26.15 -17.71
C ASP D 381 -13.77 -25.37 -17.52
N LEU D 382 -12.80 -25.98 -16.85
CA LEU D 382 -11.49 -25.36 -16.73
C LEU D 382 -10.90 -25.05 -18.10
N SER D 383 -10.99 -25.99 -19.03
CA SER D 383 -10.46 -25.75 -20.37
C SER D 383 -11.18 -24.60 -21.03
N LEU D 384 -12.49 -24.48 -20.83
CA LEU D 384 -13.24 -23.39 -21.43
C LEU D 384 -12.95 -22.04 -20.79
N LYS D 385 -12.41 -22.02 -19.57
CA LYS D 385 -12.11 -20.73 -18.95
C LYS D 385 -10.95 -20.03 -19.64
N ASP D 386 -9.98 -20.78 -20.14
CA ASP D 386 -8.87 -20.21 -20.90
C ASP D 386 -8.76 -20.96 -22.22
N SER D 387 -9.01 -20.25 -23.33
CA SER D 387 -9.04 -20.92 -24.64
C SER D 387 -7.68 -21.43 -25.06
N ARG D 388 -6.60 -21.00 -24.42
CA ARG D 388 -5.28 -21.53 -24.74
C ARG D 388 -5.09 -22.94 -24.22
N LEU D 389 -6.06 -23.47 -23.49
CA LEU D 389 -6.03 -24.83 -22.97
C LEU D 389 -6.79 -25.81 -23.85
N THR D 390 -7.21 -25.38 -25.05
CA THR D 390 -8.00 -26.23 -25.93
C THR D 390 -7.25 -27.50 -26.30
N ASN D 391 -6.04 -27.34 -26.82
CA ASN D 391 -5.27 -28.49 -27.29
C ASN D 391 -4.80 -29.32 -26.11
N LYS D 392 -4.52 -28.67 -24.97
CA LYS D 392 -4.17 -29.39 -23.75
C LYS D 392 -5.30 -30.32 -23.32
N PHE D 393 -6.52 -29.78 -23.26
CA PHE D 393 -7.69 -30.59 -22.92
C PHE D 393 -7.90 -31.72 -23.91
N LEU D 394 -7.77 -31.44 -25.20
CA LEU D 394 -8.08 -32.47 -26.18
C LEU D 394 -7.03 -33.58 -26.18
N THR D 395 -5.76 -33.22 -25.99
CA THR D 395 -4.73 -34.23 -25.82
C THR D 395 -4.96 -35.06 -24.57
N PHE D 396 -5.33 -34.40 -23.46
CA PHE D 396 -5.62 -35.13 -22.23
C PHE D 396 -6.77 -36.10 -22.44
N PHE D 397 -7.79 -35.67 -23.17
CA PHE D 397 -8.92 -36.55 -23.44
C PHE D 397 -8.51 -37.73 -24.30
N GLU D 398 -7.64 -37.51 -25.29
CA GLU D 398 -7.17 -38.65 -26.08
C GLU D 398 -6.40 -39.63 -25.21
N ASN D 399 -5.54 -39.12 -24.32
CA ASN D 399 -4.78 -40.02 -23.45
C ASN D 399 -5.72 -40.84 -22.56
N ILE D 400 -6.64 -40.18 -21.86
CA ILE D 400 -7.53 -40.93 -20.98
C ILE D 400 -8.54 -41.77 -21.77
N ASN D 401 -8.75 -41.45 -23.05
CA ASN D 401 -9.53 -42.32 -23.91
C ASN D 401 -8.79 -43.62 -24.20
N GLU D 402 -7.49 -43.53 -24.46
CA GLU D 402 -6.70 -44.76 -24.60
C GLU D 402 -6.62 -45.51 -23.28
N PHE D 403 -6.70 -44.81 -22.15
CA PHE D 403 -6.61 -45.47 -20.85
C PHE D 403 -7.86 -46.24 -20.49
N GLY D 404 -8.99 -45.94 -21.12
CA GLY D 404 -10.20 -46.68 -20.84
C GLY D 404 -11.48 -45.86 -20.79
N PHE D 405 -11.36 -44.56 -20.59
CA PHE D 405 -12.53 -43.67 -20.57
C PHE D 405 -13.20 -43.70 -21.94
N SER D 406 -14.40 -44.26 -21.99
CA SER D 406 -15.07 -44.45 -23.27
C SER D 406 -15.40 -43.11 -23.92
N SER D 407 -15.39 -43.10 -25.25
CA SER D 407 -15.66 -41.87 -25.98
C SER D 407 -17.14 -41.51 -25.93
N LEU D 408 -18.02 -42.51 -25.88
CA LEU D 408 -19.45 -42.22 -25.83
C LEU D 408 -19.84 -41.54 -24.52
N SER D 409 -19.27 -41.99 -23.41
CA SER D 409 -19.56 -41.35 -22.13
C SER D 409 -19.05 -39.92 -22.09
N ALA D 410 -17.85 -39.68 -22.62
CA ALA D 410 -17.32 -38.32 -22.67
C ALA D 410 -18.18 -37.43 -23.56
N SER D 411 -18.63 -37.97 -24.69
CA SER D 411 -19.52 -37.20 -25.56
C SER D 411 -20.81 -36.86 -24.84
N ASN D 412 -21.37 -37.80 -24.08
CA ASN D 412 -22.60 -37.53 -23.34
C ASN D 412 -22.37 -36.48 -22.26
N ILE D 413 -21.23 -36.53 -21.57
CA ILE D 413 -20.93 -35.53 -20.55
C ILE D 413 -20.80 -34.15 -21.17
N VAL D 414 -20.11 -34.05 -22.30
CA VAL D 414 -19.94 -32.75 -22.95
C VAL D 414 -21.28 -32.25 -23.50
N LYS D 415 -22.10 -33.17 -24.00
CA LYS D 415 -23.45 -32.82 -24.43
C LYS D 415 -24.25 -32.24 -23.27
N LYS D 416 -24.18 -32.88 -22.11
CA LYS D 416 -24.92 -32.39 -20.95
C LYS D 416 -24.40 -31.02 -20.52
N TYR D 417 -23.09 -30.82 -20.52
CA TYR D 417 -22.54 -29.52 -20.17
C TYR D 417 -23.03 -28.43 -21.14
N PHE D 418 -22.96 -28.71 -22.43
CA PHE D 418 -23.37 -27.71 -23.41
C PHE D 418 -24.85 -27.40 -23.32
N SER D 419 -25.68 -28.43 -23.12
CA SER D 419 -27.11 -28.21 -22.94
C SER D 419 -27.39 -27.40 -21.68
N ASN D 420 -26.65 -27.67 -20.60
CA ASN D 420 -26.89 -26.98 -19.34
C ASN D 420 -26.48 -25.52 -19.43
N ASN D 421 -25.44 -25.22 -20.20
CA ASN D 421 -24.87 -23.88 -20.30
C ASN D 421 -25.13 -23.26 -21.67
N SER D 422 -26.20 -23.69 -22.34
CA SER D 422 -26.46 -23.25 -23.71
C SER D 422 -26.62 -21.74 -23.80
N LYS D 423 -27.31 -21.12 -22.86
CA LYS D 423 -27.51 -19.67 -22.91
C LYS D 423 -26.19 -18.93 -22.82
N GLY D 424 -25.37 -19.28 -21.82
CA GLY D 424 -24.07 -18.65 -21.67
C GLY D 424 -23.18 -18.89 -22.86
N LEU D 425 -23.21 -20.10 -23.41
CA LEU D 425 -22.37 -20.40 -24.56
C LEU D 425 -22.83 -19.63 -25.79
N LYS D 426 -24.13 -19.48 -26.00
CA LYS D 426 -24.61 -18.71 -27.15
C LYS D 426 -24.21 -17.24 -27.03
N GLU D 427 -24.36 -16.66 -25.84
CA GLU D 427 -23.93 -15.27 -25.73
C GLU D 427 -22.42 -15.11 -25.79
N LYS D 428 -21.65 -16.11 -25.34
CA LYS D 428 -20.21 -16.11 -25.55
C LYS D 428 -19.87 -16.18 -27.03
N ILE D 429 -20.56 -17.01 -27.80
CA ILE D 429 -20.32 -17.07 -29.24
C ILE D 429 -20.63 -15.74 -29.89
N ASP D 430 -21.73 -15.10 -29.49
CA ASP D 430 -22.06 -13.80 -30.06
C ASP D 430 -20.98 -12.76 -29.72
N HIS D 431 -20.51 -12.76 -28.48
CA HIS D 431 -19.44 -11.84 -28.10
C HIS D 431 -18.16 -12.10 -28.88
N TYR D 432 -17.77 -13.37 -29.00
CA TYR D 432 -16.53 -13.72 -29.68
C TYR D 432 -16.60 -13.37 -31.15
N ARG D 433 -17.76 -13.57 -31.76
CA ARG D 433 -17.93 -13.28 -33.17
C ARG D 433 -18.00 -11.78 -33.44
N LYS D 434 -18.56 -11.01 -32.49
CA LYS D 434 -18.59 -9.56 -32.65
C LYS D 434 -17.21 -8.94 -32.45
N ASN D 435 -16.46 -9.43 -31.47
CA ASN D 435 -15.21 -8.81 -31.05
C ASN D 435 -13.98 -9.42 -31.71
N ASN D 436 -14.16 -10.35 -32.64
CA ASN D 436 -13.07 -11.01 -33.33
C ASN D 436 -12.14 -11.71 -32.34
N PHE D 437 -12.74 -12.46 -31.41
CA PHE D 437 -12.00 -13.26 -30.45
C PHE D 437 -11.85 -14.64 -31.06
N ASN D 438 -10.81 -14.80 -31.88
CA ASN D 438 -10.74 -15.92 -32.81
C ASN D 438 -10.60 -17.26 -32.10
N GLN D 439 -9.67 -17.35 -31.14
CA GLN D 439 -9.41 -18.63 -30.51
C GLN D 439 -10.54 -19.05 -29.57
N GLU D 440 -11.21 -18.09 -28.94
CA GLU D 440 -12.33 -18.44 -28.07
C GLU D 440 -13.48 -19.04 -28.87
N LEU D 441 -13.76 -18.50 -30.04
CA LEU D 441 -14.75 -19.12 -30.92
C LEU D 441 -14.27 -20.45 -31.45
N TYR D 442 -13.00 -20.51 -31.84
CA TYR D 442 -12.43 -21.74 -32.39
C TYR D 442 -12.54 -22.88 -31.38
N GLN D 443 -12.34 -22.60 -30.10
CA GLN D 443 -12.41 -23.63 -29.09
C GLN D 443 -13.81 -24.21 -28.96
N ILE D 444 -14.83 -23.35 -28.93
CA ILE D 444 -16.20 -23.82 -28.79
C ILE D 444 -16.62 -24.64 -30.01
N LEU D 445 -16.34 -24.13 -31.21
CA LEU D 445 -16.68 -24.91 -32.40
C LEU D 445 -15.88 -26.20 -32.49
N LEU D 446 -14.64 -26.20 -32.01
CA LEU D 446 -13.84 -27.42 -32.04
C LEU D 446 -14.40 -28.46 -31.09
N TYR D 447 -14.82 -28.05 -29.90
CA TYR D 447 -15.49 -28.96 -28.98
C TYR D 447 -16.78 -29.50 -29.57
N MET D 448 -17.54 -28.64 -30.25
CA MET D 448 -18.77 -29.09 -30.88
C MET D 448 -18.50 -30.13 -31.97
N VAL D 449 -17.46 -29.90 -32.78
CA VAL D 449 -17.12 -30.84 -33.85
C VAL D 449 -16.63 -32.15 -33.26
N VAL D 450 -15.73 -32.08 -32.28
CA VAL D 450 -15.10 -33.29 -31.75
C VAL D 450 -16.12 -34.14 -31.02
N PHE D 451 -16.92 -33.53 -30.14
CA PHE D 451 -17.77 -34.28 -29.23
C PHE D 451 -19.19 -34.46 -29.76
N GLU D 452 -19.42 -34.17 -31.05
CA GLU D 452 -20.72 -34.40 -31.70
C GLU D 452 -21.83 -33.58 -31.04
N ILE D 453 -21.55 -32.32 -30.77
CA ILE D 453 -22.57 -31.43 -30.20
C ILE D 453 -23.43 -30.95 -31.36
N ASP D 454 -24.66 -31.42 -31.43
CA ASP D 454 -25.51 -31.19 -32.60
C ASP D 454 -26.79 -30.42 -32.27
N ASP D 455 -26.84 -29.73 -31.13
CA ASP D 455 -28.04 -28.98 -30.77
C ASP D 455 -27.80 -27.60 -30.21
N LEU D 456 -26.55 -27.18 -29.99
CA LEU D 456 -26.32 -25.87 -29.40
C LEU D 456 -26.69 -24.76 -30.38
N LEU D 457 -26.28 -24.87 -31.64
CA LEU D 457 -26.63 -23.90 -32.67
C LEU D 457 -27.50 -24.59 -33.71
N ASN D 458 -28.58 -23.91 -34.11
CA ASN D 458 -29.45 -24.44 -35.15
C ASN D 458 -28.90 -24.03 -36.51
N GLN D 459 -29.71 -24.19 -37.55
CA GLN D 459 -29.21 -23.99 -38.91
C GLN D 459 -28.90 -22.53 -39.20
N GLU D 460 -29.82 -21.61 -38.86
CA GLU D 460 -29.60 -20.22 -39.18
C GLU D 460 -28.60 -19.53 -38.26
N GLU D 461 -28.30 -20.11 -37.10
CA GLU D 461 -27.15 -19.62 -36.33
C GLU D 461 -25.84 -20.15 -36.87
N LEU D 462 -25.81 -21.40 -37.34
CA LEU D 462 -24.62 -21.91 -37.99
C LEU D 462 -24.28 -21.11 -39.23
N LEU D 463 -25.28 -20.78 -40.04
CA LEU D 463 -25.05 -19.99 -41.23
C LEU D 463 -24.61 -18.57 -40.90
N ASN D 464 -24.86 -18.10 -39.67
CA ASN D 464 -24.42 -16.77 -39.28
C ASN D 464 -22.93 -16.69 -39.02
N LEU D 465 -22.27 -17.82 -38.78
CA LEU D 465 -20.82 -17.81 -38.59
C LEU D 465 -20.06 -17.81 -39.90
N ILE D 466 -20.69 -18.10 -41.03
CA ILE D 466 -20.00 -18.05 -42.32
C ILE D 466 -20.19 -16.64 -42.85
N ASP D 467 -19.38 -15.72 -42.31
CA ASP D 467 -19.44 -14.30 -42.65
C ASP D 467 -18.05 -13.70 -42.57
N LEU D 468 -17.97 -12.40 -42.76
CA LEU D 468 -16.70 -11.69 -42.71
C LEU D 468 -16.21 -11.56 -41.27
N ASN D 469 -14.92 -11.27 -41.14
CA ASN D 469 -14.24 -11.09 -39.85
C ASN D 469 -14.23 -12.37 -39.02
N ILE D 470 -14.49 -13.51 -39.65
CA ILE D 470 -14.39 -14.82 -39.00
C ILE D 470 -13.15 -15.49 -39.55
N ASP D 471 -12.33 -16.03 -38.64
CA ASP D 471 -11.06 -16.60 -39.05
C ASP D 471 -11.27 -17.88 -39.86
N ASP D 472 -10.22 -18.30 -40.57
CA ASP D 472 -10.33 -19.43 -41.48
C ASP D 472 -10.67 -20.72 -40.75
N TYR D 473 -10.01 -20.97 -39.62
CA TYR D 473 -10.27 -22.21 -38.89
C TYR D 473 -11.68 -22.24 -38.33
N SER D 474 -12.18 -21.10 -37.85
CA SER D 474 -13.56 -21.04 -37.39
C SER D 474 -14.53 -21.29 -38.53
N LEU D 475 -14.24 -20.74 -39.72
CA LEU D 475 -15.09 -20.99 -40.88
C LEU D 475 -15.10 -22.46 -41.25
N ILE D 476 -13.93 -23.10 -41.21
CA ILE D 476 -13.85 -24.53 -41.51
C ILE D 476 -14.63 -25.33 -40.48
N LEU D 477 -14.51 -24.99 -39.21
CA LEU D 477 -15.22 -25.73 -38.17
C LEU D 477 -16.73 -25.55 -38.30
N GLY D 478 -17.17 -24.34 -38.63
CA GLY D 478 -18.59 -24.11 -38.87
C GLY D 478 -19.11 -24.89 -40.07
N THR D 479 -18.32 -24.95 -41.14
CA THR D 479 -18.70 -25.76 -42.29
C THR D 479 -18.78 -27.23 -41.92
N ILE D 480 -17.84 -27.72 -41.12
CA ILE D 480 -17.89 -29.10 -40.67
C ILE D 480 -19.15 -29.36 -39.86
N LEU D 481 -19.48 -28.44 -38.95
CA LEU D 481 -20.70 -28.60 -38.16
C LEU D 481 -21.93 -28.61 -39.06
N TYR D 482 -21.93 -27.83 -40.13
CA TYR D 482 -23.06 -27.84 -41.05
C TYR D 482 -23.16 -29.15 -41.83
N LEU D 483 -22.01 -29.69 -42.28
CA LEU D 483 -22.03 -30.91 -43.05
C LEU D 483 -22.33 -32.14 -42.20
N LYS D 484 -21.98 -32.10 -40.92
CA LYS D 484 -22.24 -33.24 -40.05
C LYS D 484 -23.73 -33.48 -39.89
N ASN D 485 -24.52 -32.42 -39.91
CA ASN D 485 -25.98 -32.54 -39.77
C ASN D 485 -26.56 -32.81 -41.15
N SER D 486 -26.91 -34.08 -41.40
CA SER D 486 -27.40 -34.48 -42.72
C SER D 486 -28.78 -33.94 -43.02
N SER D 487 -29.52 -33.47 -42.02
CA SER D 487 -30.84 -32.90 -42.28
C SER D 487 -30.74 -31.61 -43.09
N TYR D 488 -29.74 -30.79 -42.76
CA TYR D 488 -29.62 -29.44 -43.36
C TYR D 488 -29.32 -29.53 -44.85
N LYS D 489 -29.72 -28.50 -45.59
CA LYS D 489 -29.52 -28.47 -47.06
C LYS D 489 -28.33 -27.60 -47.42
N LEU D 490 -27.40 -28.13 -48.21
CA LEU D 490 -26.19 -27.40 -48.58
C LEU D 490 -26.49 -26.49 -49.76
N GLU D 491 -27.44 -25.58 -49.64
CA GLU D 491 -27.68 -24.59 -50.71
C GLU D 491 -27.83 -23.31 -49.94
N LYS D 492 -28.12 -23.45 -48.67
CA LYS D 492 -28.18 -22.26 -47.78
C LYS D 492 -26.75 -22.10 -47.36
N LEU D 493 -25.95 -23.17 -47.47
CA LEU D 493 -24.52 -23.12 -47.20
C LEU D 493 -23.74 -22.66 -48.41
N LEU D 494 -24.05 -23.20 -49.59
CA LEU D 494 -23.34 -22.78 -50.79
C LEU D 494 -23.58 -21.31 -51.08
N LYS D 495 -24.81 -20.84 -50.89
CA LYS D 495 -25.08 -19.42 -51.09
C LYS D 495 -24.26 -18.57 -50.14
N LYS D 496 -24.21 -18.98 -48.87
CA LYS D 496 -23.50 -18.19 -47.87
C LYS D 496 -22.01 -18.17 -48.15
N ILE D 497 -21.44 -19.32 -48.53
CA ILE D 497 -20.02 -19.39 -48.84
C ILE D 497 -19.69 -18.61 -50.10
N ASP D 498 -20.52 -18.71 -51.13
CA ASP D 498 -20.28 -17.97 -52.36
C ASP D 498 -20.35 -16.46 -52.11
N GLN D 499 -21.31 -16.02 -51.31
CA GLN D 499 -21.39 -14.61 -50.95
C GLN D 499 -20.14 -14.18 -50.21
N LEU D 500 -19.66 -15.01 -49.28
CA LEU D 500 -18.44 -14.69 -48.55
C LEU D 500 -17.25 -14.59 -49.48
N PHE D 501 -17.12 -15.52 -50.43
CA PHE D 501 -16.01 -15.50 -51.37
C PHE D 501 -16.05 -14.25 -52.23
N ILE D 502 -17.23 -13.90 -52.74
CA ILE D 502 -17.37 -12.71 -53.56
C ILE D 502 -17.00 -11.47 -52.76
N ASN D 503 -17.50 -11.38 -51.52
CA ASN D 503 -17.21 -10.21 -50.70
C ASN D 503 -15.73 -10.10 -50.38
N THR D 504 -15.06 -11.24 -50.14
CA THR D 504 -13.64 -11.21 -49.87
C THR D 504 -12.84 -10.79 -51.09
N HIS D 505 -13.18 -11.33 -52.27
CA HIS D 505 -12.44 -10.94 -53.47
C HIS D 505 -12.73 -9.50 -53.88
N ALA D 506 -13.87 -8.95 -53.48
CA ALA D 506 -14.19 -7.57 -53.81
C ALA D 506 -13.21 -6.58 -53.16
N ASN D 507 -12.44 -7.01 -52.17
CA ASN D 507 -11.50 -6.15 -51.47
C ASN D 507 -10.12 -6.13 -52.10
N TYR D 508 -9.94 -6.80 -53.24
CA TYR D 508 -8.66 -6.92 -53.90
C TYR D 508 -8.78 -6.45 -55.34
N ASP D 509 -7.64 -6.16 -55.95
CA ASP D 509 -7.63 -5.86 -57.37
C ASP D 509 -8.13 -7.06 -58.16
N VAL D 510 -8.88 -6.79 -59.24
CA VAL D 510 -9.54 -7.86 -59.97
C VAL D 510 -8.54 -8.81 -60.62
N LYS D 511 -7.29 -8.38 -60.80
CA LYS D 511 -6.25 -9.22 -61.38
C LYS D 511 -5.46 -10.00 -60.33
N THR D 512 -6.04 -10.23 -59.16
CA THR D 512 -5.38 -10.92 -58.07
C THR D 512 -5.87 -12.37 -58.01
N SER D 513 -4.93 -13.31 -57.97
CA SER D 513 -5.28 -14.71 -57.82
C SER D 513 -5.94 -14.94 -56.47
N ARG D 514 -6.92 -15.84 -56.44
CA ARG D 514 -7.73 -16.00 -55.25
C ARG D 514 -6.96 -16.65 -54.11
N MET D 515 -5.97 -17.48 -54.42
CA MET D 515 -5.24 -18.17 -53.36
C MET D 515 -4.14 -17.31 -52.75
N ALA D 516 -3.94 -16.09 -53.25
CA ALA D 516 -3.06 -15.12 -52.63
C ALA D 516 -3.83 -14.11 -51.79
N GLU D 517 -5.12 -14.34 -51.59
CA GLU D 517 -6.00 -13.43 -50.88
C GLU D 517 -6.26 -13.94 -49.48
N LYS D 518 -7.17 -13.26 -48.79
CA LYS D 518 -7.64 -13.72 -47.50
C LYS D 518 -8.52 -14.95 -47.69
N LEU D 519 -8.63 -15.77 -46.63
CA LEU D 519 -9.39 -17.01 -46.66
C LEU D 519 -8.81 -18.04 -47.63
N TRP D 520 -7.49 -18.07 -47.77
CA TRP D 520 -6.88 -19.07 -48.64
C TRP D 520 -7.13 -20.48 -48.12
N LEU D 521 -7.06 -20.67 -46.80
CA LEU D 521 -7.22 -22.00 -46.24
C LEU D 521 -8.67 -22.48 -46.34
N PHE D 522 -9.63 -21.59 -46.13
CA PHE D 522 -11.03 -21.98 -46.26
C PHE D 522 -11.39 -22.24 -47.73
N ARG D 523 -10.85 -21.42 -48.65
CA ARG D 523 -11.02 -21.71 -50.07
C ARG D 523 -10.46 -23.08 -50.41
N TYR D 524 -9.25 -23.39 -49.94
CA TYR D 524 -8.66 -24.67 -50.26
C TYR D 524 -9.48 -25.80 -49.68
N PHE D 525 -9.97 -25.62 -48.45
CA PHE D 525 -10.86 -26.60 -47.84
C PHE D 525 -12.06 -26.87 -48.72
N PHE D 526 -12.70 -25.81 -49.21
CA PHE D 526 -13.90 -25.98 -50.01
C PHE D 526 -13.59 -26.67 -51.34
N TYR D 527 -12.54 -26.24 -52.04
CA TYR D 527 -12.26 -26.87 -53.33
C TYR D 527 -11.81 -28.30 -53.17
N PHE D 528 -11.03 -28.61 -52.14
CA PHE D 528 -10.64 -29.99 -51.88
C PHE D 528 -11.87 -30.85 -51.56
N LEU D 529 -12.81 -30.30 -50.78
CA LEU D 529 -14.03 -31.04 -50.47
C LEU D 529 -14.85 -31.26 -51.72
N ASN D 530 -14.86 -30.28 -52.64
CA ASN D 530 -15.61 -30.40 -53.87
C ASN D 530 -15.01 -31.49 -54.77
N CYS D 531 -13.68 -31.55 -54.86
CA CYS D 531 -13.07 -32.58 -55.69
C CYS D 531 -13.32 -33.98 -55.14
N LYS D 532 -13.25 -34.14 -53.81
CA LYS D 532 -13.56 -35.42 -53.19
C LYS D 532 -15.04 -35.73 -53.18
N ASN D 533 -15.89 -34.77 -53.60
CA ASN D 533 -17.32 -34.95 -53.79
C ASN D 533 -18.08 -35.09 -52.46
N ILE D 534 -17.61 -34.43 -51.41
CA ILE D 534 -18.47 -34.20 -50.26
C ILE D 534 -19.53 -33.17 -50.59
N PHE D 535 -19.16 -32.11 -51.31
CA PHE D 535 -20.13 -31.27 -52.00
C PHE D 535 -20.46 -31.94 -53.33
N SER D 536 -21.63 -32.54 -53.41
CA SER D 536 -22.05 -33.21 -54.64
C SER D 536 -22.09 -32.20 -55.79
N GLN D 537 -21.52 -32.60 -56.93
CA GLN D 537 -21.45 -31.70 -58.08
C GLN D 537 -22.83 -31.33 -58.58
N LYS D 538 -23.80 -32.24 -58.44
CA LYS D 538 -25.16 -31.95 -58.88
C LYS D 538 -25.75 -30.75 -58.16
N GLU D 539 -25.55 -30.68 -56.85
CA GLU D 539 -26.18 -29.61 -56.07
C GLU D 539 -25.46 -28.28 -56.27
N ILE D 540 -24.14 -28.32 -56.47
CA ILE D 540 -23.42 -27.11 -56.85
C ILE D 540 -23.90 -26.61 -58.21
N ASN D 541 -24.11 -27.52 -59.16
CA ASN D 541 -24.64 -27.14 -60.46
C ASN D 541 -26.02 -26.51 -60.32
N SER D 542 -26.87 -27.10 -59.48
CA SER D 542 -28.20 -26.55 -59.26
C SER D 542 -28.13 -25.15 -58.65
N TYR D 543 -27.22 -24.96 -57.68
CA TYR D 543 -27.07 -23.64 -57.08
C TYR D 543 -26.60 -22.61 -58.12
N CYS D 544 -25.63 -22.99 -58.95
CA CYS D 544 -25.13 -22.08 -59.98
C CYS D 544 -26.23 -21.72 -60.97
N GLN D 545 -27.04 -22.71 -61.37
CA GLN D 545 -28.17 -22.42 -62.25
C GLN D 545 -29.16 -21.48 -61.58
N SER D 546 -29.42 -21.69 -60.29
CA SER D 546 -30.33 -20.79 -59.56
C SER D 546 -29.81 -19.37 -59.57
N GLN D 547 -28.49 -19.20 -59.45
CA GLN D 547 -27.89 -17.87 -59.51
C GLN D 547 -27.60 -17.41 -60.93
N ASN D 548 -27.92 -18.23 -61.93
CA ASN D 548 -27.73 -17.89 -63.34
C ASN D 548 -26.29 -17.51 -63.64
N TYR D 549 -25.37 -18.39 -63.24
CA TYR D 549 -23.95 -18.16 -63.50
C TYR D 549 -23.63 -18.61 -64.92
N ASN D 550 -23.00 -17.73 -65.69
CA ASN D 550 -22.67 -18.04 -67.07
C ASN D 550 -21.66 -19.18 -67.12
N SER D 551 -21.93 -20.18 -67.97
CA SER D 551 -21.04 -21.31 -68.10
C SER D 551 -19.82 -20.92 -68.94
N GLY D 552 -18.92 -21.88 -69.12
CA GLY D 552 -17.71 -21.63 -69.85
C GLY D 552 -17.05 -22.90 -70.30
N GLN D 553 -15.80 -22.76 -70.78
CA GLN D 553 -15.07 -23.91 -71.27
C GLN D 553 -14.73 -24.90 -70.16
N ASN D 554 -14.65 -24.41 -68.92
CA ASN D 554 -14.18 -25.22 -67.80
C ASN D 554 -15.05 -25.07 -66.55
N GLY D 555 -16.34 -24.77 -66.71
CA GLY D 555 -17.21 -24.72 -65.56
C GLY D 555 -18.27 -23.63 -65.62
N TYR D 556 -18.70 -23.16 -64.44
CA TYR D 556 -19.79 -22.21 -64.33
C TYR D 556 -19.33 -20.79 -64.04
N GLN D 557 -18.02 -20.54 -64.05
CA GLN D 557 -17.46 -19.21 -63.81
C GLN D 557 -17.99 -18.59 -62.51
N THR D 558 -18.01 -19.40 -61.46
CA THR D 558 -18.35 -18.95 -60.13
C THR D 558 -17.14 -19.02 -59.23
N GLU D 559 -17.21 -18.35 -58.08
CA GLU D 559 -16.17 -18.48 -57.07
C GLU D 559 -16.08 -19.89 -56.54
N LEU D 560 -17.13 -20.69 -56.73
CA LEU D 560 -17.21 -22.04 -56.19
C LEU D 560 -16.56 -23.08 -57.08
N ASN D 561 -16.09 -22.69 -58.26
CA ASN D 561 -15.57 -23.62 -59.25
C ASN D 561 -14.05 -23.47 -59.33
N TRP D 562 -13.33 -24.49 -58.86
CA TRP D 562 -11.88 -24.39 -58.83
C TRP D 562 -11.29 -24.41 -60.24
N ASN D 563 -11.95 -25.07 -61.19
CA ASN D 563 -11.42 -25.12 -62.54
C ASN D 563 -11.41 -23.75 -63.19
N TYR D 564 -12.43 -22.94 -62.91
CA TYR D 564 -12.46 -21.57 -63.40
C TYR D 564 -11.53 -20.67 -62.60
N ILE D 565 -11.52 -20.81 -61.27
CA ILE D 565 -10.72 -19.95 -60.40
C ILE D 565 -9.24 -20.13 -60.65
N LYS D 566 -8.79 -21.37 -60.87
CA LYS D 566 -7.36 -21.65 -60.89
C LYS D 566 -6.64 -20.92 -62.02
N GLY D 567 -7.38 -20.42 -63.02
CA GLY D 567 -6.76 -19.69 -64.11
C GLY D 567 -7.08 -18.21 -64.12
N GLN D 568 -7.62 -17.69 -63.03
CA GLN D 568 -7.98 -16.28 -62.94
C GLN D 568 -6.91 -15.54 -62.16
N GLY D 569 -6.49 -14.38 -62.66
CA GLY D 569 -5.44 -13.60 -62.06
C GLY D 569 -4.25 -13.45 -62.98
N LYS D 570 -3.50 -12.35 -62.84
CA LYS D 570 -2.34 -12.15 -63.69
C LYS D 570 -1.18 -13.03 -63.27
N ASP D 571 -1.02 -13.26 -61.97
CA ASP D 571 0.06 -14.07 -61.44
C ASP D 571 -0.54 -15.32 -60.82
N LEU D 572 -0.15 -16.49 -61.33
CA LEU D 572 -0.78 -17.75 -60.93
C LEU D 572 0.20 -18.70 -60.25
N ARG D 573 1.20 -18.17 -59.55
CA ARG D 573 2.17 -19.04 -58.89
C ARG D 573 1.53 -19.75 -57.70
N ALA D 574 0.81 -19.01 -56.85
CA ALA D 574 0.10 -19.64 -55.75
C ALA D 574 -1.03 -20.51 -56.25
N ASN D 575 -1.73 -20.08 -57.31
CA ASN D 575 -2.77 -20.90 -57.89
C ASN D 575 -2.21 -22.23 -58.40
N ASN D 576 -1.05 -22.18 -59.07
CA ASN D 576 -0.45 -23.42 -59.56
C ASN D 576 0.03 -24.30 -58.42
N PHE D 577 0.63 -23.71 -57.39
CA PHE D 577 1.01 -24.45 -56.20
C PHE D 577 -0.18 -25.20 -55.61
N PHE D 578 -1.26 -24.48 -55.35
CA PHE D 578 -2.40 -25.10 -54.67
C PHE D 578 -3.14 -26.04 -55.61
N ASN D 579 -3.06 -25.81 -56.92
CA ASN D 579 -3.61 -26.75 -57.87
C ASN D 579 -2.84 -28.06 -57.85
N GLU D 580 -1.52 -28.00 -57.73
CA GLU D 580 -0.74 -29.23 -57.59
C GLU D 580 -1.10 -29.97 -56.32
N LEU D 581 -1.31 -29.24 -55.22
CA LEU D 581 -1.77 -29.92 -54.00
C LEU D 581 -3.15 -30.54 -54.17
N ILE D 582 -4.08 -29.84 -54.82
CA ILE D 582 -5.44 -30.38 -54.96
C ILE D 582 -5.47 -31.59 -55.89
N VAL D 583 -4.76 -31.50 -57.02
CA VAL D 583 -4.77 -32.59 -57.99
C VAL D 583 -4.20 -33.87 -57.37
N LYS D 584 -3.17 -33.73 -56.54
CA LYS D 584 -2.55 -34.89 -55.92
C LYS D 584 -3.22 -35.30 -54.62
N GLU D 585 -4.40 -34.75 -54.33
CA GLU D 585 -5.22 -35.15 -53.18
C GLU D 585 -4.46 -34.99 -51.87
N VAL D 586 -3.78 -33.87 -51.72
CA VAL D 586 -3.15 -33.50 -50.47
C VAL D 586 -4.15 -32.67 -49.67
N TRP D 587 -4.48 -33.13 -48.47
CA TRP D 587 -5.43 -32.42 -47.63
C TRP D 587 -4.70 -31.63 -46.55
N LEU D 588 -5.20 -30.43 -46.27
CA LEU D 588 -4.68 -29.61 -45.19
C LEU D 588 -5.59 -29.62 -43.97
N ILE D 589 -6.82 -30.07 -44.13
CA ILE D 589 -7.75 -30.28 -43.01
C ILE D 589 -8.15 -31.74 -43.04
N SER D 590 -7.97 -32.42 -41.90
CA SER D 590 -8.29 -33.83 -41.80
C SER D 590 -9.79 -34.01 -41.64
N CYS D 591 -10.38 -34.90 -42.44
CA CYS D 591 -11.80 -35.16 -42.41
C CYS D 591 -12.15 -36.36 -41.53
N GLY D 592 -11.26 -36.75 -40.63
CA GLY D 592 -11.45 -37.92 -39.81
C GLY D 592 -10.81 -39.15 -40.43
N GLU D 593 -10.78 -40.22 -39.63
CA GLU D 593 -10.16 -41.45 -40.09
C GLU D 593 -10.97 -42.13 -41.19
N ASN D 594 -12.27 -41.85 -41.25
CA ASN D 594 -13.14 -42.43 -42.27
C ASN D 594 -13.77 -41.38 -43.19
N GLU D 595 -13.18 -40.19 -43.24
CA GLU D 595 -13.66 -39.10 -44.08
C GLU D 595 -15.11 -38.75 -43.79
N ASP D 596 -15.48 -38.78 -42.50
CA ASP D 596 -16.82 -38.45 -42.06
C ASP D 596 -16.83 -37.39 -40.96
N PHE D 597 -15.72 -36.69 -40.76
CA PHE D 597 -15.60 -35.58 -39.82
C PHE D 597 -15.83 -36.02 -38.37
N LYS D 598 -15.50 -37.27 -38.03
CA LYS D 598 -15.63 -37.77 -36.68
C LYS D 598 -14.24 -37.99 -36.10
N TYR D 599 -13.99 -37.43 -34.92
CA TYR D 599 -12.65 -37.37 -34.35
C TYR D 599 -12.56 -38.04 -32.99
N LEU D 600 -13.50 -38.92 -32.68
CA LEU D 600 -13.41 -39.73 -31.46
C LEU D 600 -13.74 -41.19 -31.75
N SER E 2 -32.56 -41.51 -6.62
CA SER E 2 -32.16 -40.31 -7.35
C SER E 2 -31.80 -39.19 -6.38
N MET E 3 -31.62 -37.99 -6.93
CA MET E 3 -31.40 -36.82 -6.08
C MET E 3 -32.58 -36.58 -5.16
N LYS E 4 -33.79 -36.61 -5.74
CA LYS E 4 -34.98 -36.24 -4.98
C LYS E 4 -35.27 -37.24 -3.89
N LYS E 5 -35.07 -38.54 -4.17
CA LYS E 5 -35.30 -39.56 -3.15
C LYS E 5 -34.34 -39.41 -1.99
N GLU E 6 -33.07 -39.12 -2.27
CA GLU E 6 -32.09 -38.99 -1.20
C GLU E 6 -32.36 -37.74 -0.36
N PHE E 7 -32.74 -36.64 -1.02
CA PHE E 7 -33.13 -35.45 -0.27
C PHE E 7 -34.37 -35.71 0.58
N THR E 8 -35.34 -36.44 0.03
CA THR E 8 -36.55 -36.75 0.78
C THR E 8 -36.25 -37.61 2.00
N GLU E 9 -35.35 -38.59 1.85
CA GLU E 9 -34.93 -39.37 3.00
C GLU E 9 -34.26 -38.50 4.05
N LEU E 10 -33.36 -37.61 3.62
CA LEU E 10 -32.69 -36.72 4.56
C LEU E 10 -33.69 -35.88 5.34
N TYR E 11 -34.60 -35.22 4.65
CA TYR E 11 -35.54 -34.33 5.32
C TYR E 11 -36.64 -35.07 6.07
N ASP E 12 -36.95 -36.31 5.70
CA ASP E 12 -37.83 -37.10 6.54
C ASP E 12 -37.16 -37.45 7.86
N PHE E 13 -35.86 -37.76 7.81
CA PHE E 13 -35.12 -38.02 9.05
C PHE E 13 -35.00 -36.76 9.89
N ILE E 14 -34.72 -35.62 9.26
CA ILE E 14 -34.46 -34.40 10.01
C ILE E 14 -35.74 -33.89 10.68
N PHE E 15 -36.84 -33.84 9.92
CA PHE E 15 -38.05 -33.16 10.38
C PHE E 15 -38.86 -34.10 11.29
N ASP E 16 -38.28 -34.37 12.44
CA ASP E 16 -38.87 -35.21 13.48
C ASP E 16 -38.66 -34.46 14.79
N PRO E 17 -39.72 -34.26 15.59
CA PRO E 17 -39.55 -33.46 16.82
C PRO E 17 -38.48 -34.01 17.76
N ILE E 18 -38.42 -35.33 17.91
CA ILE E 18 -37.44 -35.91 18.82
C ILE E 18 -36.03 -35.71 18.29
N PHE E 19 -35.84 -35.80 16.97
CA PHE E 19 -34.55 -35.45 16.41
C PHE E 19 -34.22 -33.98 16.63
N LEU E 20 -35.20 -33.10 16.42
CA LEU E 20 -34.93 -31.68 16.52
C LEU E 20 -34.75 -31.21 17.96
N VAL E 21 -35.02 -32.06 18.95
CA VAL E 21 -34.63 -31.75 20.30
C VAL E 21 -33.37 -32.48 20.74
N ARG E 22 -33.15 -33.72 20.28
CA ARG E 22 -31.96 -34.45 20.70
C ARG E 22 -30.69 -33.88 20.08
N TYR E 23 -30.76 -33.48 18.81
CA TYR E 23 -29.64 -32.84 18.14
C TYR E 23 -29.92 -31.41 17.74
N GLY E 24 -31.18 -31.02 17.57
CA GLY E 24 -31.49 -29.68 17.10
C GLY E 24 -31.17 -28.60 18.12
N TYR E 25 -31.49 -28.84 19.39
CA TYR E 25 -31.41 -27.77 20.38
C TYR E 25 -29.99 -27.25 20.53
N TYR E 26 -29.02 -28.13 20.62
CA TYR E 26 -27.64 -27.74 20.82
C TYR E 26 -26.85 -27.77 19.52
N ASP E 27 -27.53 -27.90 18.39
CA ASP E 27 -26.93 -27.78 17.06
C ASP E 27 -25.85 -28.83 16.84
N ARG E 28 -26.17 -30.07 17.18
CA ARG E 28 -25.26 -31.18 16.96
C ARG E 28 -25.52 -31.82 15.60
N SER E 29 -24.63 -32.72 15.21
CA SER E 29 -24.75 -33.43 13.94
C SER E 29 -24.72 -34.92 14.18
N ILE E 30 -25.57 -35.64 13.47
CA ILE E 30 -25.61 -37.10 13.54
C ILE E 30 -25.00 -37.64 12.26
N LYS E 31 -24.11 -38.61 12.39
CA LYS E 31 -23.40 -39.10 11.21
C LYS E 31 -24.13 -40.26 10.54
N ASN E 32 -24.58 -41.24 11.33
CA ASN E 32 -25.34 -42.37 10.82
C ASN E 32 -26.62 -42.52 11.63
N LYS E 33 -27.68 -43.01 10.98
CA LYS E 33 -28.94 -43.26 11.66
C LYS E 33 -28.75 -44.27 12.78
N GLU E 45 -15.16 -33.88 11.10
CA GLU E 45 -15.48 -32.97 12.22
C GLU E 45 -15.27 -31.54 11.74
N PHE E 46 -15.82 -31.17 10.59
CA PHE E 46 -15.48 -29.83 10.03
C PHE E 46 -16.59 -28.81 10.23
N GLY E 47 -17.75 -29.05 9.64
CA GLY E 47 -18.87 -28.11 9.76
C GLY E 47 -19.48 -28.22 11.12
N LYS E 48 -18.97 -29.10 11.98
CA LYS E 48 -19.60 -29.34 13.29
C LYS E 48 -19.84 -27.99 13.96
N SER E 49 -21.09 -27.73 14.36
CA SER E 49 -21.48 -26.43 14.96
C SER E 49 -21.71 -26.60 16.47
N ASP E 50 -21.27 -27.72 17.05
CA ASP E 50 -21.50 -28.02 18.48
C ASP E 50 -20.74 -26.99 19.31
N SER E 51 -21.46 -26.27 20.18
CA SER E 51 -20.85 -25.22 20.97
C SER E 51 -21.04 -25.39 22.46
N PHE E 52 -21.62 -26.51 22.91
CA PHE E 52 -21.84 -26.75 24.33
C PHE E 52 -21.40 -28.16 24.67
N TYR E 53 -20.82 -28.32 25.86
CA TYR E 53 -20.27 -29.60 26.25
C TYR E 53 -21.39 -30.64 26.39
N PHE E 54 -21.34 -31.67 25.55
CA PHE E 54 -22.40 -32.68 25.54
C PHE E 54 -22.49 -33.41 26.87
N LYS E 55 -21.37 -33.55 27.58
CA LYS E 55 -21.37 -34.33 28.80
C LYS E 55 -22.05 -33.62 29.96
N VAL E 56 -22.27 -32.31 29.85
CA VAL E 56 -22.96 -31.55 30.88
C VAL E 56 -24.31 -31.05 30.38
N PHE E 57 -24.34 -30.48 29.18
CA PHE E 57 -25.55 -29.89 28.59
C PHE E 57 -25.96 -30.71 27.39
N ASN E 58 -26.99 -31.53 27.56
CA ASN E 58 -27.51 -32.35 26.47
C ASN E 58 -29.00 -32.56 26.69
N MET E 59 -29.68 -33.01 25.65
CA MET E 59 -31.11 -33.31 25.69
C MET E 59 -31.35 -34.80 25.48
N GLU E 60 -30.46 -35.65 26.00
CA GLU E 60 -30.69 -37.09 25.94
C GLU E 60 -31.84 -37.51 26.84
N SER E 61 -31.87 -37.01 28.07
CA SER E 61 -32.94 -37.38 28.99
C SER E 61 -34.28 -36.87 28.50
N PHE E 62 -34.34 -35.63 28.01
CA PHE E 62 -35.60 -35.08 27.54
C PHE E 62 -36.10 -35.83 26.30
N ALA E 63 -35.20 -36.15 25.38
CA ALA E 63 -35.61 -36.89 24.18
C ALA E 63 -36.05 -38.30 24.53
N ASP E 64 -35.39 -38.93 25.51
CA ASP E 64 -35.82 -40.24 25.97
C ASP E 64 -37.23 -40.14 26.57
N TYR E 65 -37.50 -39.08 27.32
CA TYR E 65 -38.83 -38.86 27.86
C TYR E 65 -39.84 -38.65 26.74
N LEU E 66 -39.45 -37.93 25.68
CA LEU E 66 -40.35 -37.68 24.57
C LEU E 66 -40.71 -38.96 23.82
N ARG E 67 -39.75 -39.88 23.67
CA ARG E 67 -40.03 -41.08 22.88
C ARG E 67 -41.20 -41.86 23.43
N SER E 68 -41.45 -41.76 24.74
CA SER E 68 -42.50 -42.52 25.38
C SER E 68 -43.66 -41.68 25.88
N HIS E 69 -43.56 -40.35 25.84
CA HIS E 69 -44.67 -39.49 26.23
C HIS E 69 -44.84 -38.39 25.20
N ASP E 70 -46.09 -38.12 24.84
CA ASP E 70 -46.42 -37.07 23.90
C ASP E 70 -46.75 -35.80 24.69
N LEU E 71 -45.97 -34.74 24.45
CA LEU E 71 -46.15 -33.48 25.16
C LEU E 71 -46.93 -32.47 24.35
N LYS E 72 -47.52 -32.87 23.23
CA LYS E 72 -48.35 -31.96 22.44
C LYS E 72 -49.58 -31.50 23.21
N THR E 73 -49.96 -32.19 24.28
CA THR E 73 -51.09 -31.74 25.09
C THR E 73 -50.77 -30.45 25.83
N HIS E 74 -49.49 -30.06 25.89
CA HIS E 74 -49.11 -28.81 26.51
C HIS E 74 -49.11 -27.64 25.55
N PHE E 75 -49.24 -27.89 24.24
CA PHE E 75 -49.21 -26.83 23.23
C PHE E 75 -50.51 -26.79 22.44
N ASN E 76 -51.62 -27.12 23.08
CA ASN E 76 -52.94 -26.94 22.46
C ASN E 76 -53.44 -25.51 22.59
N GLY E 77 -52.83 -24.71 23.45
CA GLY E 77 -53.24 -23.32 23.63
C GLY E 77 -53.06 -22.50 22.37
N LYS E 78 -53.99 -21.56 22.14
CA LYS E 78 -53.92 -20.77 20.92
C LYS E 78 -52.74 -19.81 20.93
N LYS E 79 -52.72 -18.88 21.88
CA LYS E 79 -51.67 -17.88 21.93
C LYS E 79 -50.39 -18.52 22.44
N PRO E 80 -49.27 -18.41 21.72
CA PRO E 80 -48.01 -18.94 22.24
C PRO E 80 -47.53 -18.13 23.43
N LEU E 81 -47.10 -18.82 24.47
CA LEU E 81 -46.56 -18.14 25.65
C LEU E 81 -45.23 -17.50 25.31
N SER E 82 -45.07 -16.23 25.67
CA SER E 82 -43.85 -15.50 25.39
C SER E 82 -42.86 -15.72 26.51
N THR E 83 -41.69 -16.26 26.16
CA THR E 83 -40.68 -16.64 27.13
C THR E 83 -39.38 -15.91 26.82
N ASP E 84 -38.44 -15.97 27.77
CA ASP E 84 -37.17 -15.27 27.65
C ASP E 84 -36.07 -16.30 27.45
N PRO E 85 -35.25 -16.19 26.42
CA PRO E 85 -34.23 -17.19 26.15
C PRO E 85 -32.99 -16.97 27.00
N VAL E 86 -32.05 -17.91 26.92
CA VAL E 86 -30.75 -17.75 27.54
C VAL E 86 -29.86 -16.99 26.57
N TYR E 87 -29.33 -15.86 27.01
CA TYR E 87 -28.47 -15.02 26.18
C TYR E 87 -27.02 -15.47 26.37
N PHE E 88 -26.45 -16.05 25.33
CA PHE E 88 -25.08 -16.56 25.35
C PHE E 88 -24.30 -15.82 24.26
N ASN E 89 -23.18 -15.24 24.64
CA ASN E 89 -22.40 -14.39 23.74
C ASN E 89 -21.09 -15.09 23.44
N ILE E 90 -20.82 -15.31 22.16
CA ILE E 90 -19.60 -16.01 21.73
C ILE E 90 -18.79 -15.03 20.90
N PRO E 91 -17.47 -15.24 20.81
CA PRO E 91 -16.65 -14.36 19.98
C PRO E 91 -16.87 -14.64 18.50
N LYS E 92 -17.02 -13.57 17.73
CA LYS E 92 -17.04 -13.69 16.28
C LYS E 92 -15.62 -13.75 15.73
N ASN E 93 -14.74 -12.93 16.27
CA ASN E 93 -13.33 -12.92 15.93
C ASN E 93 -12.56 -12.45 17.17
N ILE E 94 -11.31 -12.03 16.99
CA ILE E 94 -10.52 -11.58 18.13
C ILE E 94 -11.08 -10.29 18.72
N GLU E 95 -11.93 -9.57 17.99
CA GLU E 95 -12.46 -8.29 18.43
C GLU E 95 -13.99 -8.24 18.50
N ALA E 96 -14.69 -8.93 17.61
CA ALA E 96 -16.15 -8.84 17.56
C ALA E 96 -16.80 -9.98 18.34
N ARG E 97 -18.13 -9.89 18.49
CA ARG E 97 -18.91 -10.85 19.24
C ARG E 97 -20.12 -11.28 18.44
N ARG E 98 -20.58 -12.50 18.71
CA ARG E 98 -21.81 -13.04 18.14
C ARG E 98 -22.73 -13.44 19.28
N GLN E 99 -24.02 -13.14 19.13
CA GLN E 99 -24.99 -13.32 20.19
C GLN E 99 -25.85 -14.55 19.90
N TYR E 100 -25.76 -15.55 20.77
CA TYR E 100 -26.62 -16.71 20.73
C TYR E 100 -27.80 -16.50 21.66
N LYS E 101 -28.94 -17.05 21.28
CA LYS E 101 -30.15 -17.00 22.12
C LYS E 101 -30.68 -18.42 22.20
N MET E 102 -30.51 -19.04 23.36
CA MET E 102 -30.93 -20.42 23.52
C MET E 102 -32.36 -20.41 24.04
N PRO E 103 -33.34 -20.80 23.24
CA PRO E 103 -34.73 -20.55 23.63
C PRO E 103 -35.15 -21.37 24.83
N ASN E 104 -36.20 -20.88 25.48
CA ASN E 104 -36.88 -21.65 26.51
C ASN E 104 -37.30 -22.99 25.94
N LEU E 105 -37.14 -24.06 26.73
CA LEU E 105 -37.45 -25.38 26.22
C LEU E 105 -38.92 -25.50 25.85
N TYR E 106 -39.81 -24.80 26.56
CA TYR E 106 -41.23 -24.80 26.21
C TYR E 106 -41.46 -24.12 24.87
N SER E 107 -40.88 -22.93 24.68
CA SER E 107 -40.99 -22.24 23.40
C SER E 107 -40.33 -23.05 22.30
N TYR E 108 -39.19 -23.66 22.60
CA TYR E 108 -38.50 -24.48 21.61
C TYR E 108 -39.38 -25.62 21.13
N MET E 109 -40.04 -26.31 22.08
CA MET E 109 -40.88 -27.43 21.71
C MET E 109 -42.15 -26.98 20.99
N ALA E 110 -42.69 -25.81 21.33
CA ALA E 110 -43.81 -25.28 20.57
C ALA E 110 -43.43 -25.06 19.11
N LEU E 111 -42.33 -24.34 18.87
CA LEU E 111 -41.88 -24.10 17.52
C LEU E 111 -41.50 -25.40 16.81
N ASN E 112 -40.91 -26.33 17.55
CA ASN E 112 -40.53 -27.63 17.00
C ASN E 112 -41.75 -28.39 16.50
N TYR E 113 -42.78 -28.48 17.34
CA TYR E 113 -43.98 -29.20 16.95
C TYR E 113 -44.66 -28.54 15.77
N TYR E 114 -44.69 -27.20 15.75
CA TYR E 114 -45.32 -26.51 14.63
C TYR E 114 -44.58 -26.77 13.33
N ILE E 115 -43.25 -26.67 13.35
CA ILE E 115 -42.48 -26.94 12.14
C ILE E 115 -42.64 -28.38 11.70
N CYS E 116 -42.68 -29.31 12.64
CA CYS E 116 -42.80 -30.72 12.25
C CYS E 116 -44.19 -31.04 11.72
N ASP E 117 -45.22 -30.33 12.17
CA ASP E 117 -46.54 -30.51 11.56
C ASP E 117 -46.68 -29.79 10.24
N ASN E 118 -45.85 -28.78 9.97
CA ASN E 118 -45.86 -28.05 8.71
C ASN E 118 -44.61 -28.35 7.89
N LYS E 119 -44.04 -29.53 8.09
CA LYS E 119 -42.84 -29.94 7.36
C LYS E 119 -43.02 -29.86 5.85
N LYS E 120 -44.25 -30.02 5.36
CA LYS E 120 -44.49 -29.97 3.93
C LYS E 120 -44.15 -28.61 3.34
N GLU E 121 -44.27 -27.54 4.12
CA GLU E 121 -43.94 -26.21 3.60
C GLU E 121 -42.44 -25.97 3.54
N PHE E 122 -41.65 -26.73 4.29
CA PHE E 122 -40.20 -26.63 4.20
C PHE E 122 -39.60 -27.58 3.19
N ILE E 123 -40.09 -28.82 3.16
CA ILE E 123 -39.44 -29.86 2.37
C ILE E 123 -39.55 -29.56 0.88
N GLU E 124 -40.72 -29.13 0.40
CA GLU E 124 -40.86 -28.87 -1.03
C GLU E 124 -39.95 -27.76 -1.49
N VAL E 125 -39.82 -26.70 -0.67
CA VAL E 125 -38.90 -25.61 -1.01
C VAL E 125 -37.46 -26.11 -1.02
N PHE E 126 -37.10 -26.93 -0.03
CA PHE E 126 -35.73 -27.45 0.04
C PHE E 126 -35.43 -28.37 -1.13
N ILE E 127 -36.43 -29.17 -1.54
CA ILE E 127 -36.26 -30.09 -2.66
C ILE E 127 -36.07 -29.33 -3.96
N ASP E 128 -36.94 -28.36 -4.22
CA ASP E 128 -36.89 -27.64 -5.49
C ASP E 128 -35.67 -26.74 -5.60
N ASN E 129 -35.03 -26.42 -4.48
CA ASN E 129 -33.93 -25.48 -4.48
C ASN E 129 -32.70 -26.08 -5.16
N LYS E 130 -31.88 -25.21 -5.74
CA LYS E 130 -30.69 -25.65 -6.47
C LYS E 130 -29.43 -24.94 -5.99
N PHE E 131 -29.59 -23.73 -5.49
CA PHE E 131 -28.46 -22.85 -5.20
C PHE E 131 -27.84 -23.05 -3.83
N SER E 132 -28.60 -23.56 -2.87
CA SER E 132 -28.12 -23.65 -1.50
C SER E 132 -27.24 -24.87 -1.30
N THR E 133 -26.05 -24.65 -0.75
CA THR E 133 -25.20 -25.72 -0.26
C THR E 133 -25.31 -25.87 1.25
N SER E 134 -26.27 -25.19 1.87
CA SER E 134 -26.45 -25.21 3.31
C SER E 134 -27.81 -25.76 3.73
N LYS E 135 -28.61 -26.25 2.78
CA LYS E 135 -29.91 -26.81 3.09
C LYS E 135 -29.83 -28.26 3.54
N PHE E 136 -28.64 -28.75 3.88
CA PHE E 136 -28.47 -30.10 4.38
C PHE E 136 -28.06 -30.15 5.85
N PHE E 137 -27.56 -29.05 6.40
CA PHE E 137 -27.39 -28.83 7.83
C PHE E 137 -26.34 -29.73 8.44
N ASN E 138 -25.37 -30.18 7.65
CA ASN E 138 -24.25 -31.00 8.13
C ASN E 138 -24.74 -32.27 8.81
N GLN E 139 -25.80 -32.85 8.25
CA GLN E 139 -26.40 -34.07 8.72
C GLN E 139 -25.77 -35.28 8.02
N LEU E 140 -26.48 -36.41 8.06
CA LEU E 140 -25.93 -37.75 7.98
C LEU E 140 -24.75 -37.92 7.03
N ASN E 141 -24.95 -37.65 5.74
CA ASN E 141 -23.89 -37.79 4.77
C ASN E 141 -23.46 -36.49 4.13
N PHE E 142 -24.31 -35.47 4.17
CA PHE E 142 -24.09 -34.24 3.43
C PHE E 142 -23.18 -33.31 4.24
N ASP E 143 -21.96 -33.81 4.46
CA ASP E 143 -20.91 -33.07 5.12
C ASP E 143 -20.21 -32.12 4.14
N TYR E 144 -19.11 -31.52 4.58
CA TYR E 144 -18.58 -30.33 3.90
C TYR E 144 -18.12 -30.58 2.47
N PRO E 145 -17.29 -31.58 2.16
CA PRO E 145 -16.84 -31.74 0.77
C PRO E 145 -17.96 -31.99 -0.22
N LYS E 146 -19.10 -32.57 0.19
CA LYS E 146 -20.20 -32.72 -0.75
C LYS E 146 -20.83 -31.38 -1.10
N THR E 147 -20.99 -30.49 -0.12
CA THR E 147 -21.41 -29.14 -0.43
C THR E 147 -20.38 -28.41 -1.26
N GLN E 148 -19.10 -28.71 -1.06
CA GLN E 148 -18.06 -28.16 -1.93
C GLN E 148 -18.23 -28.62 -3.37
N GLU E 149 -18.55 -29.90 -3.57
CA GLU E 149 -18.82 -30.41 -4.92
C GLU E 149 -20.02 -29.70 -5.53
N ILE E 150 -21.07 -29.48 -4.74
CA ILE E 150 -22.24 -28.77 -5.24
C ILE E 150 -21.86 -27.36 -5.67
N THR E 151 -21.06 -26.67 -4.86
CA THR E 151 -20.60 -25.32 -5.22
C THR E 151 -19.80 -25.34 -6.50
N GLN E 152 -18.89 -26.31 -6.63
CA GLN E 152 -18.10 -26.43 -7.86
C GLN E 152 -19.00 -26.58 -9.06
N THR E 153 -19.99 -27.47 -8.98
CA THR E 153 -20.88 -27.68 -10.10
C THR E 153 -21.68 -26.42 -10.42
N LEU E 154 -22.04 -25.64 -9.41
CA LEU E 154 -22.80 -24.43 -9.65
C LEU E 154 -21.94 -23.31 -10.24
N LEU E 155 -20.62 -23.37 -10.05
CA LEU E 155 -19.74 -22.30 -10.48
C LEU E 155 -19.22 -22.47 -11.90
N TYR E 156 -19.73 -23.46 -12.62
CA TYR E 156 -19.27 -23.73 -13.98
C TYR E 156 -19.60 -22.57 -14.91
N GLY E 157 -18.72 -22.34 -15.88
CA GLY E 157 -18.95 -21.38 -16.93
C GLY E 157 -18.57 -19.96 -16.63
N GLY E 158 -18.03 -19.67 -15.46
CA GLY E 158 -17.71 -18.31 -15.10
C GLY E 158 -16.23 -18.02 -15.00
N ILE E 159 -15.76 -17.06 -15.79
CA ILE E 159 -14.35 -16.65 -15.71
C ILE E 159 -14.11 -15.71 -14.55
N LYS E 160 -15.17 -15.25 -13.89
CA LYS E 160 -15.08 -14.33 -12.77
C LYS E 160 -16.06 -14.78 -11.71
N LYS E 161 -15.75 -14.49 -10.45
CA LYS E 161 -16.64 -14.81 -9.34
C LYS E 161 -16.86 -13.58 -8.49
N LEU E 162 -18.12 -13.25 -8.26
CA LEU E 162 -18.48 -12.14 -7.39
C LEU E 162 -18.93 -12.70 -6.05
N HIS E 163 -18.33 -12.19 -4.98
CA HIS E 163 -18.66 -12.62 -3.63
C HIS E 163 -19.51 -11.57 -2.94
N LEU E 164 -20.67 -11.98 -2.44
CA LEU E 164 -21.56 -11.12 -1.69
C LEU E 164 -21.87 -11.78 -0.35
N ASP E 165 -22.13 -10.94 0.65
CA ASP E 165 -22.40 -11.42 1.99
C ASP E 165 -23.30 -10.42 2.68
N LEU E 166 -24.46 -10.88 3.17
CA LEU E 166 -25.30 -10.04 4.02
C LEU E 166 -24.63 -9.82 5.36
N SER E 167 -24.81 -8.64 5.92
CA SER E 167 -24.17 -8.25 7.17
C SER E 167 -25.13 -8.45 8.33
N ASN E 168 -24.68 -9.19 9.34
CA ASN E 168 -25.45 -9.44 10.55
C ASN E 168 -26.82 -10.02 10.21
N PHE E 169 -26.83 -11.07 9.38
CA PHE E 169 -28.08 -11.58 8.83
C PHE E 169 -28.98 -12.12 9.94
N TYR E 170 -28.45 -13.03 10.77
CA TYR E 170 -29.27 -13.63 11.82
C TYR E 170 -29.70 -12.59 12.85
N HIS E 171 -28.78 -11.72 13.25
CA HIS E 171 -28.97 -10.89 14.43
C HIS E 171 -29.77 -9.63 14.16
N THR E 172 -29.97 -9.27 12.90
CA THR E 172 -30.69 -8.04 12.57
C THR E 172 -31.89 -8.30 11.67
N LEU E 173 -32.19 -9.55 11.36
CA LEU E 173 -33.35 -9.86 10.52
C LEU E 173 -34.63 -9.37 11.17
N TYR E 174 -35.44 -8.66 10.40
CA TYR E 174 -36.74 -8.23 10.88
C TYR E 174 -37.69 -9.41 10.79
N THR E 175 -38.15 -9.90 11.94
CA THR E 175 -38.88 -11.15 11.97
C THR E 175 -40.22 -11.08 11.25
N HIS E 176 -40.82 -9.89 11.16
CA HIS E 176 -42.04 -9.73 10.40
C HIS E 176 -41.80 -9.73 8.90
N SER E 177 -40.56 -9.67 8.45
CA SER E 177 -40.24 -9.78 7.03
C SER E 177 -40.21 -11.22 6.55
N ILE E 178 -40.31 -12.20 7.46
CA ILE E 178 -40.38 -13.60 7.05
C ILE E 178 -41.63 -13.87 6.22
N PRO E 179 -42.84 -13.43 6.61
CA PRO E 179 -43.98 -13.54 5.71
C PRO E 179 -43.79 -12.78 4.40
N TRP E 180 -43.06 -11.66 4.39
CA TRP E 180 -42.83 -10.96 3.14
C TRP E 180 -42.04 -11.83 2.17
N MET E 181 -41.03 -12.53 2.66
CA MET E 181 -40.23 -13.38 1.78
C MET E 181 -41.01 -14.62 1.37
N ILE E 182 -41.69 -15.26 2.33
CA ILE E 182 -42.31 -16.54 2.04
C ILE E 182 -43.57 -16.37 1.19
N ASP E 183 -44.38 -15.35 1.48
CA ASP E 183 -45.65 -15.15 0.80
C ASP E 183 -45.67 -13.95 -0.15
N GLY E 184 -44.67 -13.09 -0.11
CA GLY E 184 -44.75 -11.85 -0.86
C GLY E 184 -45.11 -10.69 0.05
N LYS E 185 -44.38 -9.57 -0.10
CA LYS E 185 -44.61 -8.42 0.75
C LYS E 185 -46.02 -7.88 0.61
N SER E 186 -46.50 -7.80 -0.63
CA SER E 186 -47.83 -7.25 -0.89
C SER E 186 -48.91 -8.09 -0.24
N ALA E 187 -48.81 -9.41 -0.35
CA ALA E 187 -49.79 -10.30 0.26
C ALA E 187 -49.71 -10.32 1.78
N SER E 188 -48.77 -9.53 2.27
CA SER E 188 -48.53 -9.47 3.73
C SER E 188 -49.12 -8.19 4.34
N LYS E 189 -49.52 -7.22 3.53
CA LYS E 189 -50.17 -6.00 4.08
C LYS E 189 -51.65 -6.28 4.28
N GLN E 190 -52.07 -7.51 4.02
CA GLN E 190 -53.49 -7.88 4.26
C GLN E 190 -53.59 -8.51 5.65
N LYS E 194 -52.62 -15.69 10.83
CA LYS E 194 -53.67 -16.60 10.36
C LYS E 194 -53.08 -17.73 9.53
N GLY E 195 -52.16 -17.38 8.64
CA GLY E 195 -51.55 -18.36 7.76
C GLY E 195 -50.36 -19.04 8.40
N PHE E 196 -49.63 -19.79 7.57
CA PHE E 196 -48.45 -20.50 8.05
C PHE E 196 -47.33 -19.54 8.41
N SER E 197 -47.03 -18.59 7.53
CA SER E 197 -45.93 -17.66 7.78
C SER E 197 -46.19 -16.79 9.01
N ASN E 198 -47.41 -16.30 9.18
CA ASN E 198 -47.72 -15.46 10.33
C ASN E 198 -47.57 -16.24 11.63
N THR E 199 -48.07 -17.48 11.67
CA THR E 199 -47.95 -18.27 12.89
C THR E 199 -46.49 -18.61 13.17
N LEU E 200 -45.71 -18.92 12.14
CA LEU E 200 -44.29 -19.17 12.34
C LEU E 200 -43.59 -17.93 12.88
N ASP E 201 -43.97 -16.76 12.39
CA ASP E 201 -43.42 -15.51 12.90
C ASP E 201 -43.78 -15.32 14.38
N THR E 202 -45.04 -15.60 14.74
CA THR E 202 -45.43 -15.44 16.14
C THR E 202 -44.66 -16.39 17.04
N LEU E 203 -44.45 -17.62 16.60
CA LEU E 203 -43.69 -18.57 17.41
C LEU E 203 -42.22 -18.18 17.51
N ILE E 204 -41.64 -17.67 16.43
CA ILE E 204 -40.25 -17.22 16.48
C ILE E 204 -40.11 -16.09 17.48
N THR E 205 -41.01 -15.10 17.44
CA THR E 205 -40.92 -14.00 18.39
C THR E 205 -41.23 -14.45 19.81
N ALA E 206 -42.11 -15.43 19.99
CA ALA E 206 -42.38 -15.95 21.31
C ALA E 206 -41.15 -16.64 21.90
N CYS E 207 -40.33 -17.27 21.06
CA CYS E 207 -39.10 -17.87 21.54
C CYS E 207 -38.12 -16.85 22.10
N GLN E 208 -38.31 -15.56 21.82
CA GLN E 208 -37.37 -14.52 22.23
C GLN E 208 -38.10 -13.33 22.87
N TYR E 209 -39.22 -13.60 23.54
CA TYR E 209 -39.95 -12.60 24.32
C TYR E 209 -40.49 -11.48 23.42
N ASP E 210 -41.18 -11.88 22.36
CA ASP E 210 -41.88 -10.99 21.44
C ASP E 210 -40.95 -9.98 20.77
N GLU E 211 -39.65 -10.17 20.85
CA GLU E 211 -38.72 -9.28 20.16
C GLU E 211 -38.70 -9.63 18.68
N THR E 212 -38.91 -8.64 17.83
CA THR E 212 -38.97 -8.83 16.39
C THR E 212 -37.65 -8.47 15.72
N HIS E 213 -36.55 -8.50 16.47
CA HIS E 213 -35.23 -8.11 15.96
C HIS E 213 -34.34 -9.34 15.98
N GLY E 214 -34.23 -10.00 14.84
CA GLY E 214 -33.35 -11.15 14.71
C GLY E 214 -34.04 -12.47 14.94
N ILE E 215 -33.28 -13.54 14.73
CA ILE E 215 -33.72 -14.91 14.93
C ILE E 215 -32.91 -15.51 16.07
N PRO E 216 -33.51 -16.23 17.01
CA PRO E 216 -32.72 -16.85 18.08
C PRO E 216 -31.73 -17.87 17.54
N THR E 217 -30.44 -17.57 17.64
CA THR E 217 -29.40 -18.30 16.93
C THR E 217 -28.75 -19.33 17.83
N GLY E 218 -28.45 -20.50 17.27
CA GLY E 218 -27.70 -21.51 17.98
C GLY E 218 -28.37 -22.88 18.04
N ASN E 219 -29.36 -23.11 17.18
CA ASN E 219 -30.07 -24.38 17.17
C ASN E 219 -30.44 -24.72 15.72
N LEU E 220 -31.01 -25.91 15.54
CA LEU E 220 -31.36 -26.35 14.20
C LEU E 220 -32.63 -25.69 13.68
N LEU E 221 -33.59 -25.38 14.55
CA LEU E 221 -34.82 -24.78 14.05
C LEU E 221 -34.55 -23.42 13.44
N SER E 222 -33.69 -22.62 14.08
CA SER E 222 -33.37 -21.31 13.53
C SER E 222 -32.69 -21.44 12.18
N ARG E 223 -31.79 -22.42 12.04
CA ARG E 223 -31.14 -22.63 10.75
C ARG E 223 -32.13 -23.10 9.70
N ILE E 224 -33.10 -23.92 10.07
CA ILE E 224 -34.11 -24.37 9.11
C ILE E 224 -34.96 -23.20 8.64
N ILE E 225 -35.38 -22.33 9.55
CA ILE E 225 -36.18 -21.18 9.16
C ILE E 225 -35.37 -20.20 8.33
N THR E 226 -34.09 -19.99 8.69
CA THR E 226 -33.23 -19.13 7.90
C THR E 226 -33.02 -19.71 6.50
N GLU E 227 -32.89 -21.03 6.41
CA GLU E 227 -32.73 -21.65 5.10
C GLU E 227 -34.00 -21.53 4.27
N LEU E 228 -35.17 -21.64 4.90
CA LEU E 228 -36.41 -21.43 4.15
C LEU E 228 -36.54 -20.00 3.65
N TYR E 229 -36.19 -19.03 4.50
CA TYR E 229 -36.18 -17.63 4.11
C TYR E 229 -35.27 -17.41 2.90
N MET E 230 -34.04 -17.91 2.99
CA MET E 230 -33.09 -17.72 1.91
C MET E 230 -33.42 -18.58 0.69
N CYS E 231 -34.17 -19.67 0.84
CA CYS E 231 -34.59 -20.44 -0.31
C CYS E 231 -35.71 -19.73 -1.07
N HIS E 232 -36.57 -18.98 -0.38
CA HIS E 232 -37.49 -18.13 -1.12
C HIS E 232 -36.75 -16.96 -1.78
N PHE E 233 -35.73 -16.44 -1.12
CA PHE E 233 -34.82 -15.49 -1.77
C PHE E 233 -34.27 -16.07 -3.07
N ASP E 234 -33.76 -17.30 -3.00
CA ASP E 234 -33.22 -17.98 -4.18
C ASP E 234 -34.30 -18.22 -5.22
N LYS E 235 -35.52 -18.53 -4.79
CA LYS E 235 -36.61 -18.73 -5.73
C LYS E 235 -36.85 -17.47 -6.55
N GLN E 236 -36.89 -16.31 -5.89
CA GLN E 236 -37.03 -15.06 -6.61
C GLN E 236 -35.87 -14.86 -7.58
N MET E 237 -34.65 -15.07 -7.10
CA MET E 237 -33.50 -14.72 -7.90
C MET E 237 -33.31 -15.67 -9.08
N GLU E 238 -33.78 -16.92 -8.96
CA GLU E 238 -33.72 -17.84 -10.08
C GLU E 238 -34.86 -17.61 -11.05
N TYR E 239 -36.00 -17.10 -10.57
CA TYR E 239 -37.04 -16.68 -11.50
C TYR E 239 -36.52 -15.59 -12.41
N LYS E 240 -35.61 -14.75 -11.93
CA LYS E 240 -34.93 -13.80 -12.81
C LYS E 240 -33.81 -14.42 -13.62
N LYS E 241 -33.74 -15.76 -13.69
CA LYS E 241 -32.77 -16.48 -14.51
C LYS E 241 -31.33 -16.17 -14.13
N PHE E 242 -31.01 -16.27 -12.84
CA PHE E 242 -29.65 -16.18 -12.35
C PHE E 242 -29.20 -17.53 -11.79
N VAL E 243 -27.89 -17.71 -11.73
CA VAL E 243 -27.29 -18.91 -11.16
C VAL E 243 -26.18 -18.48 -10.21
N TYR E 244 -26.17 -19.04 -9.01
CA TYR E 244 -25.11 -18.77 -8.06
C TYR E 244 -25.07 -19.90 -7.04
N SER E 245 -24.13 -19.83 -6.12
CA SER E 245 -23.99 -20.76 -4.99
C SER E 245 -24.09 -19.95 -3.73
N ARG E 246 -24.96 -20.34 -2.81
CA ARG E 246 -25.12 -19.64 -1.53
C ARG E 246 -24.90 -20.57 -0.35
N TYR E 247 -24.08 -20.15 0.59
CA TYR E 247 -23.99 -20.89 1.83
C TYR E 247 -24.52 -19.95 2.87
N VAL E 248 -25.70 -20.22 3.39
CA VAL E 248 -26.37 -19.32 4.36
C VAL E 248 -26.56 -17.99 3.66
N ASP E 249 -25.76 -16.99 3.95
CA ASP E 249 -25.90 -15.65 3.37
C ASP E 249 -24.63 -15.30 2.62
N ASP E 250 -23.79 -16.28 2.26
CA ASP E 250 -22.62 -15.97 1.44
C ASP E 250 -22.90 -16.42 0.02
N PHE E 251 -22.87 -15.47 -0.92
CA PHE E 251 -23.16 -15.73 -2.32
C PHE E 251 -21.87 -15.76 -3.12
N ILE E 252 -21.75 -16.72 -4.02
CA ILE E 252 -20.73 -16.71 -5.07
C ILE E 252 -21.47 -16.70 -6.39
N PHE E 253 -21.29 -15.65 -7.17
CA PHE E 253 -21.97 -15.51 -8.44
C PHE E 253 -20.96 -15.63 -9.57
N PRO E 254 -21.01 -16.69 -10.37
CA PRO E 254 -20.08 -16.81 -11.49
C PRO E 254 -20.58 -16.04 -12.70
N PHE E 255 -19.69 -15.30 -13.33
CA PHE E 255 -20.06 -14.51 -14.49
C PHE E 255 -18.84 -14.32 -15.37
N THR E 256 -19.08 -13.93 -16.62
CA THR E 256 -18.03 -13.65 -17.59
C THR E 256 -17.97 -12.18 -17.99
N PHE E 257 -19.13 -11.55 -18.14
CA PHE E 257 -19.24 -10.22 -18.71
C PHE E 257 -19.76 -9.26 -17.65
N GLU E 258 -19.28 -8.02 -17.69
CA GLU E 258 -19.62 -7.06 -16.64
C GLU E 258 -21.10 -6.72 -16.62
N ASN E 259 -21.78 -6.78 -17.76
CA ASN E 259 -23.22 -6.54 -17.77
C ASN E 259 -23.95 -7.59 -16.96
N GLU E 260 -23.44 -8.83 -16.97
CA GLU E 260 -24.00 -9.89 -16.13
C GLU E 260 -23.91 -9.51 -14.67
N LYS E 261 -22.74 -9.07 -14.22
CA LYS E 261 -22.56 -8.71 -12.82
C LYS E 261 -23.43 -7.53 -12.45
N GLN E 262 -23.54 -6.53 -13.33
CA GLN E 262 -24.35 -5.36 -13.00
C GLN E 262 -25.84 -5.71 -12.92
N GLU E 263 -26.33 -6.54 -13.83
CA GLU E 263 -27.72 -6.97 -13.75
C GLU E 263 -27.98 -7.76 -12.48
N PHE E 264 -27.07 -8.67 -12.15
CA PHE E 264 -27.23 -9.45 -10.92
C PHE E 264 -27.21 -8.56 -9.69
N LEU E 265 -26.29 -7.61 -9.63
CA LEU E 265 -26.23 -6.71 -8.49
C LEU E 265 -27.48 -5.86 -8.38
N ASN E 266 -28.02 -5.41 -9.52
CA ASN E 266 -29.24 -4.61 -9.49
C ASN E 266 -30.39 -5.40 -8.89
N GLU E 267 -30.63 -6.62 -9.39
CA GLU E 267 -31.76 -7.40 -8.88
C GLU E 267 -31.53 -7.81 -7.42
N PHE E 268 -30.29 -8.17 -7.09
CA PHE E 268 -29.95 -8.56 -5.73
C PHE E 268 -30.20 -7.41 -4.76
N ASN E 269 -29.81 -6.19 -5.16
CA ASN E 269 -30.03 -5.02 -4.34
C ASN E 269 -31.51 -4.71 -4.20
N LEU E 270 -32.29 -4.87 -5.27
CA LEU E 270 -33.73 -4.66 -5.13
C LEU E 270 -34.34 -5.62 -4.13
N ILE E 271 -33.97 -6.90 -4.19
CA ILE E 271 -34.55 -7.86 -3.26
C ILE E 271 -34.10 -7.55 -1.83
N CYS E 272 -32.83 -7.23 -1.63
CA CYS E 272 -32.33 -6.90 -0.30
C CYS E 272 -33.05 -5.68 0.27
N ARG E 273 -33.18 -4.63 -0.54
CA ARG E 273 -33.83 -3.41 -0.07
C ARG E 273 -35.30 -3.65 0.24
N GLU E 274 -35.99 -4.41 -0.61
CA GLU E 274 -37.39 -4.71 -0.37
C GLU E 274 -37.58 -5.50 0.92
N ASN E 275 -36.61 -6.33 1.27
CA ASN E 275 -36.73 -7.19 2.45
C ASN E 275 -35.90 -6.70 3.63
N ASN E 276 -35.41 -5.47 3.59
CA ASN E 276 -34.72 -4.84 4.71
C ASN E 276 -33.40 -5.54 5.02
N LEU E 277 -32.73 -6.02 3.99
CA LEU E 277 -31.48 -6.75 4.14
C LEU E 277 -30.32 -5.84 3.77
N ILE E 278 -29.23 -5.93 4.54
CA ILE E 278 -28.08 -5.05 4.40
C ILE E 278 -26.92 -5.87 3.85
N ILE E 279 -26.26 -5.36 2.83
CA ILE E 279 -25.12 -6.02 2.21
C ILE E 279 -23.85 -5.60 2.93
N ASN E 280 -23.02 -6.57 3.30
CA ASN E 280 -21.72 -6.29 3.90
C ASN E 280 -20.78 -5.88 2.77
N ASP E 281 -20.64 -4.57 2.57
CA ASP E 281 -19.87 -4.07 1.44
C ASP E 281 -18.38 -4.30 1.61
N ASN E 282 -17.92 -4.64 2.81
CA ASN E 282 -16.50 -4.91 3.01
C ASN E 282 -16.08 -6.28 2.52
N LYS E 283 -17.03 -7.19 2.32
CA LYS E 283 -16.74 -8.53 1.82
C LYS E 283 -17.11 -8.70 0.35
N THR E 284 -17.46 -7.63 -0.34
CA THR E 284 -17.80 -7.69 -1.75
C THR E 284 -16.53 -7.64 -2.57
N LYS E 285 -16.20 -8.74 -3.22
CA LYS E 285 -14.98 -8.85 -4.01
C LYS E 285 -15.28 -9.62 -5.28
N VAL E 286 -14.43 -9.43 -6.28
CA VAL E 286 -14.49 -10.17 -7.52
C VAL E 286 -13.19 -10.95 -7.67
N ASP E 287 -13.30 -12.27 -7.79
CA ASP E 287 -12.17 -13.11 -8.11
C ASP E 287 -12.05 -13.25 -9.61
N ASN E 288 -10.86 -12.98 -10.13
CA ASN E 288 -10.57 -13.16 -11.55
C ASN E 288 -9.77 -14.44 -11.73
N PHE E 289 -10.08 -15.18 -12.78
CA PHE E 289 -9.36 -16.41 -13.06
C PHE E 289 -7.95 -16.09 -13.53
N PRO E 290 -6.92 -16.83 -13.07
CA PRO E 290 -6.98 -18.01 -12.19
C PRO E 290 -7.40 -17.70 -10.76
N PHE E 291 -8.24 -18.57 -10.21
CA PHE E 291 -8.94 -18.31 -8.97
C PHE E 291 -8.08 -18.63 -7.76
N VAL E 292 -8.25 -17.85 -6.72
CA VAL E 292 -7.53 -18.07 -5.46
C VAL E 292 -8.30 -19.08 -4.63
N ASP E 293 -7.56 -19.96 -3.96
CA ASP E 293 -8.14 -20.97 -3.06
C ASP E 293 -7.24 -21.04 -1.83
N LYS E 294 -7.54 -20.20 -0.84
CA LYS E 294 -6.75 -20.22 0.39
C LYS E 294 -7.10 -21.42 1.27
N SER E 295 -8.39 -21.77 1.35
CA SER E 295 -8.85 -22.78 2.30
C SER E 295 -8.71 -24.17 1.67
N SER E 296 -7.47 -24.65 1.66
CA SER E 296 -7.15 -25.99 1.21
C SER E 296 -6.50 -26.73 2.36
N LYS E 297 -7.02 -27.93 2.67
CA LYS E 297 -6.63 -28.65 3.87
C LYS E 297 -5.72 -29.85 3.57
N SER E 298 -5.17 -29.92 2.36
CA SER E 298 -4.39 -31.09 1.97
C SER E 298 -3.12 -31.23 2.80
N ASP E 299 -2.41 -30.12 3.03
CA ASP E 299 -1.17 -30.18 3.79
C ASP E 299 -1.42 -30.55 5.25
N ILE E 300 -2.50 -30.03 5.83
CA ILE E 300 -2.83 -30.36 7.22
C ILE E 300 -3.10 -31.85 7.36
N PHE E 301 -3.90 -32.41 6.46
CA PHE E 301 -4.24 -33.83 6.57
C PHE E 301 -3.04 -34.71 6.28
N SER E 302 -2.09 -34.24 5.49
CA SER E 302 -0.91 -35.02 5.15
C SER E 302 0.31 -34.65 5.97
N PHE E 303 0.13 -33.93 7.09
CA PHE E 303 1.28 -33.49 7.88
C PHE E 303 2.03 -34.67 8.48
N PHE E 304 1.30 -35.70 8.94
CA PHE E 304 1.91 -36.84 9.62
C PHE E 304 2.11 -38.04 8.71
N GLU E 305 2.29 -37.84 7.39
CA GLU E 305 2.46 -38.98 6.51
C GLU E 305 3.74 -39.75 6.78
N ASN E 306 4.85 -39.05 7.01
CA ASN E 306 6.15 -39.68 7.13
C ASN E 306 6.55 -39.96 8.57
N ILE E 307 5.57 -40.15 9.45
CA ILE E 307 5.82 -40.55 10.83
C ILE E 307 5.11 -41.85 11.10
N THR E 308 5.77 -42.76 11.82
CA THR E 308 5.24 -44.09 12.09
C THR E 308 5.36 -44.40 13.58
N SER E 309 4.67 -45.45 14.00
CA SER E 309 4.62 -45.80 15.42
C SER E 309 5.97 -46.24 15.97
N THR E 310 6.91 -46.60 15.10
CA THR E 310 8.24 -46.99 15.57
C THR E 310 9.11 -45.80 15.93
N ASN E 311 8.69 -44.59 15.58
CA ASN E 311 9.43 -43.40 15.94
C ASN E 311 9.38 -43.18 17.45
N SER E 312 10.43 -42.55 17.96
CA SER E 312 10.50 -42.27 19.39
C SER E 312 9.38 -41.32 19.81
N ASN E 313 9.03 -41.38 21.09
CA ASN E 313 7.96 -40.51 21.60
C ASN E 313 8.35 -39.05 21.53
N ASP E 314 9.65 -38.74 21.66
CA ASP E 314 10.09 -37.36 21.53
C ASP E 314 9.84 -36.82 20.13
N LYS E 315 10.07 -37.66 19.11
CA LYS E 315 9.73 -37.27 17.75
C LYS E 315 8.25 -36.98 17.62
N TRP E 316 7.41 -37.81 18.23
CA TRP E 316 5.96 -37.59 18.18
C TRP E 316 5.58 -36.27 18.83
N ILE E 317 6.18 -35.97 19.98
CA ILE E 317 5.90 -34.71 20.67
C ILE E 317 6.32 -33.53 19.82
N LYS E 318 7.51 -33.60 19.24
CA LYS E 318 7.99 -32.51 18.39
C LYS E 318 7.09 -32.31 17.19
N GLU E 319 6.66 -33.40 16.55
CA GLU E 319 5.80 -33.28 15.38
C GLU E 319 4.44 -32.72 15.74
N ILE E 320 3.87 -33.11 16.89
CA ILE E 320 2.60 -32.54 17.30
C ILE E 320 2.72 -31.04 17.56
N SER E 321 3.80 -30.63 18.25
CA SER E 321 4.00 -29.21 18.50
C SER E 321 4.17 -28.43 17.20
N ASN E 322 5.00 -28.94 16.30
CA ASN E 322 5.20 -28.29 15.00
C ASN E 322 3.90 -28.25 14.23
N PHE E 323 3.07 -29.28 14.37
CA PHE E 323 1.82 -29.34 13.63
C PHE E 323 0.85 -28.29 14.14
N ILE E 324 0.79 -28.10 15.46
CA ILE E 324 -0.08 -27.06 16.02
C ILE E 324 0.37 -25.69 15.53
N ASP E 325 1.69 -25.43 15.54
CA ASP E 325 2.18 -24.17 15.05
C ASP E 325 1.85 -23.99 13.56
N TYR E 326 1.98 -25.07 12.78
CA TYR E 326 1.68 -25.02 11.36
C TYR E 326 0.22 -24.67 11.11
N CYS E 327 -0.69 -25.26 11.89
CA CYS E 327 -2.11 -25.01 11.67
C CYS E 327 -2.50 -23.61 12.12
N VAL E 328 -1.89 -23.10 13.19
CA VAL E 328 -2.16 -21.72 13.58
C VAL E 328 -1.67 -20.77 12.49
N ASN E 329 -0.50 -21.03 11.91
CA ASN E 329 -0.05 -20.24 10.79
C ASN E 329 -1.01 -20.32 9.61
N GLU E 330 -1.49 -21.52 9.30
CA GLU E 330 -2.41 -21.68 8.19
C GLU E 330 -3.69 -20.88 8.41
N GLU E 331 -4.22 -20.92 9.62
CA GLU E 331 -5.38 -20.09 9.95
C GLU E 331 -5.07 -18.62 9.78
N HIS E 332 -3.87 -18.19 10.20
CA HIS E 332 -3.48 -16.81 10.04
C HIS E 332 -3.41 -16.41 8.57
N LEU E 333 -3.00 -17.32 7.69
CA LEU E 333 -2.82 -17.04 6.28
C LEU E 333 -4.12 -17.08 5.49
N GLY E 334 -5.27 -17.15 6.15
CA GLY E 334 -6.54 -17.13 5.47
C GLY E 334 -7.19 -18.48 5.29
N ASN E 335 -6.54 -19.56 5.71
CA ASN E 335 -7.11 -20.91 5.60
C ASN E 335 -8.14 -21.07 6.71
N LYS E 336 -9.38 -20.69 6.43
CA LYS E 336 -10.42 -20.70 7.43
C LYS E 336 -10.64 -22.11 7.98
N GLY E 337 -10.77 -22.20 9.30
CA GLY E 337 -11.03 -23.46 9.95
C GLY E 337 -9.84 -24.38 10.11
N ALA E 338 -8.63 -23.86 9.91
CA ALA E 338 -7.45 -24.74 9.98
C ALA E 338 -7.10 -25.13 11.40
N ILE E 339 -7.40 -24.28 12.39
CA ILE E 339 -7.15 -24.63 13.77
C ILE E 339 -8.13 -25.70 14.25
N LYS E 340 -9.39 -25.62 13.80
CA LYS E 340 -10.38 -26.60 14.22
C LYS E 340 -10.04 -28.00 13.71
N CYS E 341 -9.15 -28.11 12.71
CA CYS E 341 -8.72 -29.41 12.23
C CYS E 341 -7.57 -29.99 13.05
N ILE E 342 -7.02 -29.24 14.00
CA ILE E 342 -5.86 -29.73 14.76
C ILE E 342 -6.23 -31.00 15.53
N PHE E 343 -7.21 -30.89 16.43
CA PHE E 343 -7.57 -32.01 17.29
C PHE E 343 -8.05 -33.23 16.52
N PRO E 344 -8.97 -33.11 15.54
CA PRO E 344 -9.41 -34.32 14.83
C PRO E 344 -8.29 -35.08 14.15
N VAL E 345 -7.33 -34.39 13.56
CA VAL E 345 -6.33 -35.13 12.80
C VAL E 345 -5.23 -35.64 13.72
N ILE E 346 -4.97 -34.99 14.86
CA ILE E 346 -4.10 -35.61 15.85
C ILE E 346 -4.72 -36.92 16.34
N THR E 347 -6.02 -36.89 16.64
CA THR E 347 -6.68 -38.11 17.10
C THR E 347 -6.65 -39.19 16.03
N ASN E 348 -6.98 -38.83 14.79
CA ASN E 348 -6.98 -39.79 13.70
C ASN E 348 -5.60 -40.32 13.41
N THR E 349 -4.56 -39.48 13.51
CA THR E 349 -3.20 -39.95 13.30
C THR E 349 -2.81 -40.96 14.36
N LEU E 350 -3.09 -40.66 15.63
CA LEU E 350 -2.74 -41.60 16.68
C LEU E 350 -3.52 -42.90 16.53
N LYS E 351 -4.74 -42.84 16.02
CA LYS E 351 -5.52 -44.06 15.85
C LYS E 351 -5.07 -44.87 14.64
N GLN E 352 -4.75 -44.22 13.52
CA GLN E 352 -4.36 -44.93 12.31
C GLN E 352 -2.94 -45.47 12.41
N LYS E 353 -2.02 -44.71 13.02
CA LYS E 353 -0.63 -45.14 13.08
C LYS E 353 -0.43 -46.28 14.06
N LYS E 354 -1.48 -46.70 14.78
CA LYS E 354 -1.43 -47.83 15.70
C LYS E 354 -0.38 -47.59 16.79
N VAL E 355 -0.59 -46.53 17.56
CA VAL E 355 0.32 -46.15 18.62
C VAL E 355 -0.17 -46.75 19.93
N ASP E 356 0.74 -47.37 20.68
CA ASP E 356 0.38 -48.09 21.89
C ASP E 356 -0.21 -47.15 22.93
N THR E 357 -1.08 -47.69 23.78
CA THR E 357 -1.73 -46.89 24.82
C THR E 357 -0.69 -46.35 25.80
N LYS E 358 0.29 -47.17 26.18
CA LYS E 358 1.38 -46.69 27.01
C LYS E 358 2.12 -45.57 26.30
N ASN E 359 2.30 -45.69 24.99
CA ASN E 359 2.94 -44.62 24.23
C ASN E 359 2.08 -43.36 24.20
N ILE E 360 0.76 -43.51 24.07
CA ILE E 360 -0.11 -42.33 24.15
C ILE E 360 0.06 -41.62 25.48
N ASP E 361 0.04 -42.38 26.57
CA ASP E 361 0.22 -41.78 27.89
C ASP E 361 1.57 -41.10 27.99
N ASN E 362 2.63 -41.73 27.47
CA ASN E 362 3.95 -41.14 27.52
C ASN E 362 4.02 -39.84 26.73
N ILE E 363 3.47 -39.84 25.51
CA ILE E 363 3.50 -38.63 24.69
C ILE E 363 2.78 -37.48 25.38
N PHE E 364 1.55 -37.73 25.84
CA PHE E 364 0.75 -36.60 26.30
C PHE E 364 0.99 -36.26 27.76
N SER E 365 1.66 -37.12 28.53
CA SER E 365 1.93 -36.84 29.93
C SER E 365 3.39 -36.49 30.21
N LYS E 366 4.30 -36.76 29.27
CA LYS E 366 5.70 -36.45 29.51
C LYS E 366 5.90 -34.96 29.74
N ARG E 367 6.60 -34.63 30.81
CA ARG E 367 7.00 -33.27 31.11
C ARG E 367 8.52 -33.20 30.99
N ASN E 368 8.99 -32.43 30.01
CA ASN E 368 10.41 -32.34 29.77
C ASN E 368 11.11 -31.67 30.95
N MET E 369 12.17 -32.30 31.44
CA MET E 369 12.77 -31.86 32.70
C MET E 369 13.49 -30.52 32.55
N VAL E 370 13.97 -30.22 31.36
CA VAL E 370 14.77 -29.01 31.17
C VAL E 370 13.97 -27.89 30.50
N THR E 371 13.17 -28.19 29.47
CA THR E 371 12.35 -27.16 28.87
C THR E 371 11.02 -26.96 29.58
N ASN E 372 10.64 -27.89 30.47
CA ASN E 372 9.39 -27.82 31.23
C ASN E 372 8.20 -27.74 30.27
N PHE E 373 8.27 -28.51 29.19
CA PHE E 373 7.28 -28.47 28.11
C PHE E 373 6.45 -29.74 28.11
N ASN E 374 5.13 -29.57 28.10
CA ASN E 374 4.21 -30.69 27.94
C ASN E 374 3.29 -30.36 26.77
N VAL E 375 3.08 -31.34 25.89
CA VAL E 375 2.31 -31.09 24.68
C VAL E 375 0.83 -30.90 24.99
N PHE E 376 0.31 -31.63 25.97
CA PHE E 376 -1.09 -31.46 26.35
C PHE E 376 -1.33 -30.05 26.89
N GLU E 377 -0.35 -29.49 27.60
CA GLU E 377 -0.47 -28.12 28.08
C GLU E 377 -0.49 -27.14 26.92
N LYS E 378 0.29 -27.41 25.87
CA LYS E 378 0.25 -26.56 24.69
C LYS E 378 -1.10 -26.60 24.02
N ILE E 379 -1.68 -27.80 23.92
CA ILE E 379 -3.01 -27.92 23.30
C ILE E 379 -4.07 -27.22 24.16
N LEU E 380 -3.94 -27.31 25.48
CA LEU E 380 -4.86 -26.63 26.38
C LEU E 380 -4.75 -25.12 26.24
N ASP E 381 -3.53 -24.60 26.15
CA ASP E 381 -3.35 -23.16 25.94
C ASP E 381 -3.95 -22.72 24.62
N LEU E 382 -3.72 -23.49 23.55
CA LEU E 382 -4.34 -23.20 22.27
C LEU E 382 -5.86 -23.14 22.40
N SER E 383 -6.45 -24.10 23.11
CA SER E 383 -7.89 -24.10 23.30
C SER E 383 -8.34 -22.85 24.03
N LEU E 384 -7.56 -22.41 25.03
CA LEU E 384 -7.93 -21.21 25.78
C LEU E 384 -7.76 -19.93 24.97
N LYS E 385 -6.96 -19.95 23.89
CA LYS E 385 -6.80 -18.73 23.11
C LYS E 385 -8.07 -18.38 22.34
N ASP E 386 -8.83 -19.39 21.90
CA ASP E 386 -10.11 -19.15 21.24
C ASP E 386 -11.16 -20.00 21.95
N SER E 387 -12.14 -19.34 22.58
CA SER E 387 -13.12 -20.06 23.39
C SER E 387 -14.04 -20.93 22.54
N ARG E 388 -14.07 -20.72 21.22
CA ARG E 388 -14.87 -21.57 20.35
C ARG E 388 -14.27 -22.96 20.18
N LEU E 389 -13.07 -23.17 20.73
CA LEU E 389 -12.40 -24.46 20.68
C LEU E 389 -12.62 -25.28 21.94
N THR E 390 -13.53 -24.85 22.82
CA THR E 390 -13.77 -25.55 24.08
C THR E 390 -14.21 -26.99 23.85
N ASN E 391 -15.25 -27.17 23.06
CA ASN E 391 -15.81 -28.49 22.85
C ASN E 391 -14.86 -29.33 22.00
N LYS E 392 -14.14 -28.69 21.08
CA LYS E 392 -13.12 -29.38 20.30
C LYS E 392 -12.05 -29.98 21.21
N PHE E 393 -11.52 -29.15 22.12
CA PHE E 393 -10.53 -29.63 23.08
C PHE E 393 -11.07 -30.75 23.95
N LEU E 394 -12.30 -30.60 24.43
CA LEU E 394 -12.80 -31.59 25.37
C LEU E 394 -13.11 -32.91 24.68
N THR E 395 -13.60 -32.85 23.45
CA THR E 395 -13.77 -34.08 22.66
C THR E 395 -12.42 -34.73 22.38
N PHE E 396 -11.42 -33.92 22.02
CA PHE E 396 -10.09 -34.47 21.78
C PHE E 396 -9.54 -35.15 23.03
N PHE E 397 -9.76 -34.54 24.19
CA PHE E 397 -9.30 -35.14 25.43
C PHE E 397 -10.02 -36.43 25.72
N GLU E 398 -11.33 -36.50 25.45
CA GLU E 398 -12.03 -37.77 25.63
C GLU E 398 -11.46 -38.85 24.72
N ASN E 399 -11.19 -38.51 23.46
CA ASN E 399 -10.63 -39.49 22.54
C ASN E 399 -9.28 -40.00 23.03
N ILE E 400 -8.36 -39.09 23.34
CA ILE E 400 -7.04 -39.54 23.80
C ILE E 400 -7.10 -40.15 25.19
N ASN E 401 -8.16 -39.89 25.95
CA ASN E 401 -8.37 -40.61 27.20
C ASN E 401 -8.73 -42.06 26.94
N GLU E 402 -9.59 -42.31 25.96
CA GLU E 402 -9.85 -43.69 25.58
C GLU E 402 -8.62 -44.35 24.98
N PHE E 403 -7.75 -43.58 24.35
CA PHE E 403 -6.55 -44.15 23.74
C PHE E 403 -5.50 -44.55 24.76
N GLY E 404 -5.57 -44.05 25.98
CA GLY E 404 -4.60 -44.44 26.99
C GLY E 404 -4.12 -43.33 27.91
N PHE E 405 -4.24 -42.08 27.48
CA PHE E 405 -3.83 -40.95 28.30
C PHE E 405 -4.68 -40.91 29.55
N SER E 406 -4.06 -41.16 30.70
CA SER E 406 -4.82 -41.27 31.95
C SER E 406 -5.46 -39.95 32.31
N SER E 407 -6.62 -40.03 32.97
CA SER E 407 -7.34 -38.83 33.35
C SER E 407 -6.67 -38.11 34.51
N LEU E 408 -6.03 -38.87 35.41
CA LEU E 408 -5.36 -38.24 36.55
C LEU E 408 -4.19 -37.39 36.10
N SER E 409 -3.40 -37.88 35.13
CA SER E 409 -2.28 -37.10 34.64
C SER E 409 -2.75 -35.84 33.94
N ALA E 410 -3.82 -35.94 33.14
CA ALA E 410 -4.35 -34.76 32.47
C ALA E 410 -4.88 -33.75 33.49
N SER E 411 -5.54 -34.24 34.53
CA SER E 411 -6.01 -33.34 35.58
C SER E 411 -4.84 -32.65 36.26
N ASN E 412 -3.75 -33.37 36.52
CA ASN E 412 -2.59 -32.76 37.14
C ASN E 412 -1.95 -31.72 36.22
N ILE E 413 -1.89 -31.99 34.92
CA ILE E 413 -1.33 -31.03 33.98
C ILE E 413 -2.18 -29.76 33.94
N VAL E 414 -3.50 -29.91 33.90
CA VAL E 414 -4.37 -28.74 33.85
C VAL E 414 -4.30 -27.99 35.17
N LYS E 415 -4.17 -28.71 36.29
CA LYS E 415 -3.97 -28.06 37.58
C LYS E 415 -2.71 -27.23 37.57
N LYS E 416 -1.62 -27.77 37.04
CA LYS E 416 -0.36 -27.05 37.00
C LYS E 416 -0.48 -25.81 36.12
N TYR E 417 -1.14 -25.94 34.97
CA TYR E 417 -1.33 -24.79 34.10
C TYR E 417 -2.12 -23.69 34.80
N PHE E 418 -3.23 -24.06 35.45
CA PHE E 418 -4.07 -23.07 36.10
C PHE E 418 -3.34 -22.41 37.26
N SER E 419 -2.59 -23.18 38.04
CA SER E 419 -1.80 -22.61 39.12
C SER E 419 -0.73 -21.68 38.60
N ASN E 420 -0.09 -22.03 37.48
CA ASN E 420 0.98 -21.22 36.92
C ASN E 420 0.44 -19.91 36.37
N ASN E 421 -0.77 -19.93 35.81
CA ASN E 421 -1.37 -18.78 35.15
C ASN E 421 -2.55 -18.22 35.95
N SER E 422 -2.54 -18.42 37.27
CA SER E 422 -3.67 -18.03 38.09
C SER E 422 -3.96 -16.54 38.00
N LYS E 423 -2.92 -15.70 38.01
CA LYS E 423 -3.14 -14.26 37.95
C LYS E 423 -3.83 -13.85 36.66
N GLY E 424 -3.28 -14.31 35.53
CA GLY E 424 -3.88 -14.01 34.24
C GLY E 424 -5.28 -14.55 34.12
N LEU E 425 -5.52 -15.76 34.63
CA LEU E 425 -6.86 -16.32 34.55
C LEU E 425 -7.85 -15.56 35.42
N LYS E 426 -7.44 -15.11 36.61
CA LYS E 426 -8.34 -14.33 37.44
C LYS E 426 -8.69 -13.01 36.79
N GLU E 427 -7.71 -12.31 36.21
CA GLU E 427 -8.06 -11.07 35.56
C GLU E 427 -8.86 -11.29 34.28
N LYS E 428 -8.64 -12.41 33.59
CA LYS E 428 -9.51 -12.76 32.47
C LYS E 428 -10.94 -13.02 32.93
N ILE E 429 -11.12 -13.72 34.05
CA ILE E 429 -12.47 -13.94 34.57
C ILE E 429 -13.12 -12.62 34.92
N ASP E 430 -12.38 -11.70 35.54
CA ASP E 430 -12.95 -10.40 35.87
C ASP E 430 -13.36 -9.64 34.62
N HIS E 431 -12.51 -9.66 33.60
CA HIS E 431 -12.85 -9.00 32.33
C HIS E 431 -14.08 -9.63 31.69
N TYR E 432 -14.14 -10.96 31.65
CA TYR E 432 -15.24 -11.65 31.00
C TYR E 432 -16.54 -11.40 31.73
N ARG E 433 -16.48 -11.35 33.06
CA ARG E 433 -17.68 -11.12 33.85
C ARG E 433 -18.14 -9.67 33.77
N LYS E 434 -17.20 -8.73 33.65
CA LYS E 434 -17.59 -7.33 33.50
C LYS E 434 -18.19 -7.06 32.12
N ASN E 435 -17.60 -7.63 31.08
CA ASN E 435 -17.94 -7.31 29.70
C ASN E 435 -18.97 -8.24 29.10
N ASN E 436 -19.52 -9.17 29.88
CA ASN E 436 -20.53 -10.11 29.40
C ASN E 436 -19.98 -10.95 28.26
N PHE E 437 -18.76 -11.46 28.43
CA PHE E 437 -18.13 -12.35 27.46
C PHE E 437 -18.48 -13.77 27.88
N ASN E 438 -19.65 -14.24 27.44
CA ASN E 438 -20.28 -15.40 28.04
C ASN E 438 -19.49 -16.68 27.80
N GLN E 439 -19.09 -16.91 26.55
CA GLN E 439 -18.43 -18.17 26.24
C GLN E 439 -17.02 -18.24 26.80
N GLU E 440 -16.33 -17.10 26.88
CA GLU E 440 -14.99 -17.11 27.45
C GLU E 440 -15.01 -17.48 28.93
N LEU E 441 -16.00 -16.97 29.67
CA LEU E 441 -16.17 -17.38 31.05
C LEU E 441 -16.62 -18.83 31.15
N TYR E 442 -17.54 -19.23 30.27
CA TYR E 442 -18.05 -20.59 30.28
C TYR E 442 -16.93 -21.60 30.08
N GLN E 443 -15.97 -21.27 29.22
CA GLN E 443 -14.88 -22.20 28.94
C GLN E 443 -14.00 -22.40 30.18
N ILE E 444 -13.66 -21.31 30.87
CA ILE E 444 -12.79 -21.44 32.05
C ILE E 444 -13.50 -22.21 33.15
N LEU E 445 -14.76 -21.88 33.42
CA LEU E 445 -15.49 -22.62 34.44
C LEU E 445 -15.71 -24.07 34.04
N LEU E 446 -15.87 -24.34 32.75
CA LEU E 446 -16.06 -25.71 32.31
C LEU E 446 -14.78 -26.53 32.48
N TYR E 447 -13.63 -25.93 32.17
CA TYR E 447 -12.36 -26.60 32.44
C TYR E 447 -12.16 -26.84 33.92
N MET E 448 -12.55 -25.87 34.76
CA MET E 448 -12.43 -26.05 36.19
C MET E 448 -13.31 -27.19 36.69
N VAL E 449 -14.53 -27.28 36.18
CA VAL E 449 -15.45 -28.36 36.59
C VAL E 449 -14.93 -29.71 36.11
N VAL E 450 -14.53 -29.79 34.84
CA VAL E 450 -14.14 -31.07 34.26
C VAL E 450 -12.87 -31.59 34.91
N PHE E 451 -11.86 -30.75 35.04
CA PHE E 451 -10.53 -31.20 35.44
C PHE E 451 -10.30 -31.07 36.93
N GLU E 452 -11.34 -30.82 37.72
CA GLU E 452 -11.26 -30.77 39.18
C GLU E 452 -10.30 -29.68 39.66
N ILE E 453 -10.43 -28.49 39.06
CA ILE E 453 -9.62 -27.35 39.48
C ILE E 453 -10.31 -26.76 40.71
N ASP E 454 -9.70 -26.91 41.87
CA ASP E 454 -10.35 -26.57 43.13
C ASP E 454 -9.60 -25.49 43.91
N ASP E 455 -8.72 -24.74 43.27
CA ASP E 455 -7.97 -23.70 43.98
C ASP E 455 -7.86 -22.37 43.24
N LEU E 456 -8.33 -22.26 42.00
CA LEU E 456 -8.17 -21.00 41.28
C LEU E 456 -9.04 -19.90 41.88
N LEU E 457 -10.30 -20.21 42.19
CA LEU E 457 -11.20 -19.26 42.84
C LEU E 457 -11.57 -19.78 44.22
N ASN E 458 -11.52 -18.90 45.21
CA ASN E 458 -11.91 -19.26 46.56
C ASN E 458 -13.42 -19.10 46.71
N GLN E 459 -13.91 -19.13 47.95
CA GLN E 459 -15.35 -19.15 48.17
C GLN E 459 -16.01 -17.83 47.79
N GLU E 460 -15.44 -16.71 48.24
CA GLU E 460 -16.10 -15.44 47.97
C GLU E 460 -15.89 -14.95 46.54
N GLU E 461 -14.92 -15.49 45.81
CA GLU E 461 -14.89 -15.25 44.37
C GLU E 461 -15.88 -16.12 43.61
N LEU E 462 -16.07 -17.37 44.05
CA LEU E 462 -17.10 -18.20 43.45
C LEU E 462 -18.49 -17.59 43.64
N LEU E 463 -18.76 -17.09 44.85
CA LEU E 463 -20.05 -16.46 45.10
C LEU E 463 -20.23 -15.17 44.30
N ASN E 464 -19.14 -14.58 43.83
CA ASN E 464 -19.24 -13.37 43.02
C ASN E 464 -19.74 -13.63 41.62
N LEU E 465 -19.63 -14.87 41.14
CA LEU E 465 -20.15 -15.19 39.82
C LEU E 465 -21.65 -15.46 39.82
N ILE E 466 -22.27 -15.66 40.97
CA ILE E 466 -23.72 -15.89 41.03
C ILE E 466 -24.35 -14.51 41.21
N ASP E 467 -24.43 -13.79 40.09
CA ASP E 467 -24.95 -12.42 40.07
C ASP E 467 -25.64 -12.17 38.73
N LEU E 468 -26.08 -10.94 38.53
CA LEU E 468 -26.77 -10.56 37.31
C LEU E 468 -25.78 -10.46 36.15
N ASN E 469 -26.33 -10.48 34.94
CA ASN E 469 -25.58 -10.38 33.69
C ASN E 469 -24.63 -11.56 33.49
N ILE E 470 -24.84 -12.65 34.22
CA ILE E 470 -24.09 -13.88 34.05
C ILE E 470 -25.03 -14.89 33.38
N ASP E 471 -24.55 -15.54 32.33
CA ASP E 471 -25.39 -16.43 31.57
C ASP E 471 -25.75 -17.67 32.37
N ASP E 472 -26.78 -18.38 31.91
CA ASP E 472 -27.32 -19.51 32.65
C ASP E 472 -26.28 -20.62 32.80
N TYR E 473 -25.58 -20.95 31.72
CA TYR E 473 -24.60 -22.03 31.79
C TYR E 473 -23.44 -21.67 32.71
N SER E 474 -23.01 -20.42 32.70
CA SER E 474 -21.96 -20.00 33.63
C SER E 474 -22.45 -20.08 35.07
N LEU E 475 -23.70 -19.71 35.32
CA LEU E 475 -24.26 -19.82 36.66
C LEU E 475 -24.31 -21.27 37.11
N ILE E 476 -24.71 -22.17 36.21
CA ILE E 476 -24.75 -23.59 36.54
C ILE E 476 -23.35 -24.11 36.84
N LEU E 477 -22.36 -23.71 36.04
CA LEU E 477 -21.00 -24.18 36.25
C LEU E 477 -20.43 -23.65 37.55
N GLY E 478 -20.73 -22.39 37.89
CA GLY E 478 -20.30 -21.86 39.17
C GLY E 478 -20.95 -22.57 40.34
N THR E 479 -22.25 -22.89 40.22
CA THR E 479 -22.91 -23.66 41.27
C THR E 479 -22.29 -25.04 41.41
N ILE E 480 -21.96 -25.69 40.30
CA ILE E 480 -21.29 -26.98 40.36
C ILE E 480 -19.95 -26.86 41.07
N LEU E 481 -19.17 -25.83 40.72
CA LEU E 481 -17.89 -25.63 41.40
C LEU E 481 -18.08 -25.41 42.89
N TYR E 482 -19.16 -24.73 43.29
CA TYR E 482 -19.39 -24.53 44.71
C TYR E 482 -19.79 -25.83 45.41
N LEU E 483 -20.61 -26.65 44.76
CA LEU E 483 -21.05 -27.90 45.38
C LEU E 483 -19.96 -28.95 45.42
N LYS E 484 -19.02 -28.90 44.47
CA LYS E 484 -17.94 -29.88 44.46
C LYS E 484 -17.06 -29.74 45.69
N ASN E 485 -16.89 -28.52 46.18
CA ASN E 485 -16.07 -28.28 47.36
C ASN E 485 -16.93 -28.50 48.58
N SER E 486 -16.76 -29.65 49.24
CA SER E 486 -17.58 -30.02 50.38
C SER E 486 -17.29 -29.17 51.62
N SER E 487 -16.17 -28.47 51.66
CA SER E 487 -15.86 -27.62 52.80
C SER E 487 -16.85 -26.46 52.90
N TYR E 488 -17.18 -25.89 51.74
CA TYR E 488 -18.01 -24.65 51.70
C TYR E 488 -19.42 -24.91 52.21
N LYS E 489 -20.05 -23.87 52.74
CA LYS E 489 -21.43 -24.00 53.31
C LYS E 489 -22.46 -23.47 52.32
N LEU E 490 -23.47 -24.27 52.03
CA LEU E 490 -24.50 -23.89 51.05
C LEU E 490 -25.53 -23.02 51.73
N GLU E 491 -25.15 -21.90 52.32
CA GLU E 491 -26.14 -20.96 52.89
C GLU E 491 -25.64 -19.63 52.40
N LYS E 492 -24.38 -19.59 52.03
CA LYS E 492 -23.81 -18.38 51.45
C LYS E 492 -24.14 -18.53 49.98
N LEU E 493 -24.42 -19.76 49.55
CA LEU E 493 -24.88 -20.04 48.19
C LEU E 493 -26.37 -19.87 48.05
N LEU E 494 -27.14 -20.41 49.01
CA LEU E 494 -28.59 -20.25 48.93
C LEU E 494 -29.00 -18.79 49.02
N LYS E 495 -28.34 -18.02 49.89
CA LYS E 495 -28.63 -16.61 49.98
C LYS E 495 -28.35 -15.91 48.65
N LYS E 496 -27.21 -16.23 48.04
CA LYS E 496 -26.82 -15.57 46.80
C LYS E 496 -27.78 -15.93 45.67
N ILE E 497 -28.16 -17.21 45.58
CA ILE E 497 -29.09 -17.66 44.54
C ILE E 497 -30.48 -17.06 44.76
N ASP E 498 -30.95 -17.03 46.00
CA ASP E 498 -32.27 -16.45 46.28
C ASP E 498 -32.29 -14.96 45.95
N GLN E 499 -31.22 -14.25 46.29
CA GLN E 499 -31.14 -12.84 45.93
C GLN E 499 -31.16 -12.66 44.42
N LEU E 500 -30.44 -13.52 43.69
CA LEU E 500 -30.44 -13.46 42.24
C LEU E 500 -31.83 -13.72 41.68
N PHE E 501 -32.53 -14.72 42.21
CA PHE E 501 -33.87 -15.03 41.73
C PHE E 501 -34.83 -13.88 41.98
N ILE E 502 -34.76 -13.29 43.17
CA ILE E 502 -35.63 -12.16 43.49
C ILE E 502 -35.34 -10.98 42.56
N ASN E 503 -34.05 -10.69 42.34
CA ASN E 503 -33.69 -9.57 41.48
C ASN E 503 -34.13 -9.81 40.04
N THR E 504 -34.04 -11.04 39.57
CA THR E 504 -34.48 -11.35 38.22
C THR E 504 -35.99 -11.23 38.08
N HIS E 505 -36.75 -11.74 39.05
CA HIS E 505 -38.19 -11.64 38.96
C HIS E 505 -38.68 -10.20 39.15
N ALA E 506 -37.89 -9.36 39.82
CA ALA E 506 -38.28 -7.98 40.01
C ALA E 506 -38.36 -7.21 38.70
N ASN E 507 -37.80 -7.75 37.62
CA ASN E 507 -37.78 -7.08 36.32
C ASN E 507 -38.99 -7.45 35.47
N TYR E 508 -39.93 -8.23 36.00
CA TYR E 508 -41.08 -8.70 35.26
C TYR E 508 -42.35 -8.31 36.00
N ASP E 509 -43.48 -8.36 35.30
CA ASP E 509 -44.76 -8.16 35.95
C ASP E 509 -44.98 -9.25 36.98
N VAL E 510 -45.60 -8.89 38.11
CA VAL E 510 -45.75 -9.83 39.22
C VAL E 510 -46.59 -11.03 38.86
N LYS E 511 -47.42 -10.93 37.81
CA LYS E 511 -48.26 -12.03 37.38
C LYS E 511 -47.58 -12.91 36.33
N THR E 512 -46.26 -12.91 36.27
CA THR E 512 -45.51 -13.67 35.27
C THR E 512 -44.97 -14.94 35.91
N SER E 513 -45.20 -16.07 35.27
CA SER E 513 -44.65 -17.33 35.74
C SER E 513 -43.13 -17.30 35.66
N ARG E 514 -42.48 -17.93 36.63
CA ARG E 514 -41.03 -17.80 36.75
C ARG E 514 -40.30 -18.54 35.64
N MET E 515 -40.89 -19.60 35.10
CA MET E 515 -40.20 -20.37 34.07
C MET E 515 -40.34 -19.77 32.68
N ALA E 516 -41.09 -18.67 32.55
CA ALA E 516 -41.15 -17.89 31.32
C ALA E 516 -40.24 -16.68 31.38
N GLU E 517 -39.42 -16.57 32.41
CA GLU E 517 -38.56 -15.43 32.64
C GLU E 517 -37.13 -15.75 32.25
N LYS E 518 -36.23 -14.84 32.55
CA LYS E 518 -34.80 -15.07 32.38
C LYS E 518 -34.34 -16.06 33.45
N LEU E 519 -33.23 -16.75 33.16
CA LEU E 519 -32.66 -17.78 34.03
C LEU E 519 -33.58 -18.97 34.20
N TRP E 520 -34.33 -19.34 33.16
CA TRP E 520 -35.19 -20.52 33.25
C TRP E 520 -34.36 -21.78 33.46
N LEU E 521 -33.22 -21.88 32.77
CA LEU E 521 -32.42 -23.08 32.86
C LEU E 521 -31.73 -23.21 34.21
N PHE E 522 -31.26 -22.10 34.77
CA PHE E 522 -30.64 -22.15 36.10
C PHE E 522 -31.69 -22.41 37.17
N ARG E 523 -32.88 -21.82 37.03
CA ARG E 523 -33.97 -22.16 37.94
C ARG E 523 -34.30 -23.65 37.88
N TYR E 524 -34.40 -24.20 36.67
CA TYR E 524 -34.73 -25.61 36.56
C TYR E 524 -33.62 -26.46 37.16
N PHE E 525 -32.37 -26.08 36.92
CA PHE E 525 -31.25 -26.77 37.54
C PHE E 525 -31.39 -26.80 39.06
N PHE E 526 -31.70 -25.65 39.66
CA PHE E 526 -31.80 -25.59 41.11
C PHE E 526 -32.96 -26.42 41.63
N TYR E 527 -34.14 -26.31 41.01
CA TYR E 527 -35.26 -27.07 41.54
C TYR E 527 -35.08 -28.57 41.32
N PHE E 528 -34.51 -28.98 40.20
CA PHE E 528 -34.21 -30.39 39.98
C PHE E 528 -33.21 -30.90 41.01
N LEU E 529 -32.18 -30.09 41.31
CA LEU E 529 -31.22 -30.48 42.33
C LEU E 529 -31.86 -30.58 43.70
N ASN E 530 -32.83 -29.70 43.98
CA ASN E 530 -33.51 -29.74 45.27
C ASN E 530 -34.37 -30.99 45.40
N CYS E 531 -35.07 -31.37 44.33
CA CYS E 531 -35.88 -32.58 44.40
C CYS E 531 -35.03 -33.82 44.59
N LYS E 532 -33.89 -33.91 43.89
CA LYS E 532 -32.98 -35.03 44.06
C LYS E 532 -32.22 -34.96 45.38
N ASN E 533 -32.36 -33.87 46.13
CA ASN E 533 -31.80 -33.72 47.47
C ASN E 533 -30.28 -33.56 47.48
N ILE E 534 -29.71 -32.96 46.43
CA ILE E 534 -28.35 -32.45 46.55
C ILE E 534 -28.33 -31.22 47.44
N PHE E 535 -29.32 -30.34 47.30
CA PHE E 535 -29.60 -29.34 48.31
C PHE E 535 -30.47 -30.00 49.37
N SER E 536 -29.87 -30.31 50.52
CA SER E 536 -30.63 -30.93 51.60
C SER E 536 -31.78 -30.03 52.03
N GLN E 537 -32.95 -30.64 52.19
CA GLN E 537 -34.14 -29.87 52.54
C GLN E 537 -33.99 -29.20 53.91
N LYS E 538 -33.25 -29.84 54.82
CA LYS E 538 -33.04 -29.26 56.14
C LYS E 538 -32.36 -27.90 56.06
N GLU E 539 -31.33 -27.79 55.22
CA GLU E 539 -30.56 -26.55 55.19
C GLU E 539 -31.32 -25.46 54.44
N ILE E 540 -32.11 -25.83 53.43
CA ILE E 540 -32.99 -24.86 52.80
C ILE E 540 -34.03 -24.35 53.79
N ASN E 541 -34.58 -25.26 54.61
CA ASN E 541 -35.52 -24.84 55.64
C ASN E 541 -34.87 -23.89 56.64
N SER E 542 -33.63 -24.20 57.04
CA SER E 542 -32.92 -23.32 57.96
C SER E 542 -32.68 -21.95 57.34
N TYR E 543 -32.30 -21.91 56.06
CA TYR E 543 -32.11 -20.63 55.40
C TYR E 543 -33.40 -19.83 55.34
N CYS E 544 -34.51 -20.49 55.00
CA CYS E 544 -35.79 -19.80 54.93
C CYS E 544 -36.20 -19.25 56.30
N GLN E 545 -35.98 -20.04 57.36
CA GLN E 545 -36.26 -19.55 58.71
C GLN E 545 -35.39 -18.35 59.05
N SER E 546 -34.11 -18.40 58.65
CA SER E 546 -33.21 -17.27 58.90
C SER E 546 -33.72 -16.01 58.21
N GLN E 547 -34.28 -16.15 57.01
CA GLN E 547 -34.85 -15.02 56.30
C GLN E 547 -36.30 -14.75 56.68
N ASN E 548 -36.86 -15.54 57.60
CA ASN E 548 -38.23 -15.34 58.09
C ASN E 548 -39.24 -15.35 56.93
N TYR E 549 -39.17 -16.40 56.12
CA TYR E 549 -40.10 -16.54 55.01
C TYR E 549 -41.40 -17.16 55.52
N ASN E 550 -42.51 -16.51 55.22
CA ASN E 550 -43.81 -17.00 55.69
C ASN E 550 -44.12 -18.35 55.06
N SER E 551 -44.54 -19.30 55.89
CA SER E 551 -44.89 -20.62 55.39
C SER E 551 -46.25 -20.60 54.71
N GLY E 552 -46.65 -21.76 54.22
CA GLY E 552 -47.90 -21.86 53.51
C GLY E 552 -48.37 -23.29 53.40
N GLN E 553 -49.39 -23.49 52.55
CA GLN E 553 -49.95 -24.82 52.39
C GLN E 553 -48.97 -25.77 51.72
N ASN E 554 -48.03 -25.23 50.94
CA ASN E 554 -47.14 -26.05 50.12
C ASN E 554 -45.68 -25.61 50.21
N GLY E 555 -45.26 -25.02 51.33
CA GLY E 555 -43.87 -24.67 51.49
C GLY E 555 -43.61 -23.37 52.22
N TYR E 556 -42.49 -22.72 51.90
CA TYR E 556 -42.05 -21.53 52.61
C TYR E 556 -42.27 -20.25 51.82
N GLN E 557 -42.95 -20.32 50.67
CA GLN E 557 -43.24 -19.15 49.85
C GLN E 557 -41.98 -18.34 49.54
N THR E 558 -40.92 -19.04 49.17
CA THR E 558 -39.69 -18.42 48.72
C THR E 558 -39.48 -18.73 47.24
N GLU E 559 -38.58 -17.98 46.61
CA GLU E 559 -38.18 -18.27 45.25
C GLU E 559 -37.49 -19.64 45.16
N LEU E 560 -37.03 -20.17 46.28
CA LEU E 560 -36.27 -21.40 46.31
C LEU E 560 -37.16 -22.64 46.38
N ASN E 561 -38.47 -22.46 46.52
CA ASN E 561 -39.41 -23.55 46.74
C ASN E 561 -40.21 -23.78 45.46
N TRP E 562 -39.96 -24.91 44.80
CA TRP E 562 -40.65 -25.17 43.54
C TRP E 562 -42.14 -25.44 43.74
N ASN E 563 -42.52 -25.98 44.89
CA ASN E 563 -43.94 -26.26 45.13
C ASN E 563 -44.74 -24.97 45.21
N TYR E 564 -44.17 -23.92 45.79
CA TYR E 564 -44.83 -22.62 45.81
C TYR E 564 -44.73 -21.91 44.47
N ILE E 565 -43.56 -21.96 43.82
CA ILE E 565 -43.36 -21.25 42.56
C ILE E 565 -44.23 -21.82 41.45
N LYS E 566 -44.41 -23.14 41.41
CA LYS E 566 -45.05 -23.75 40.25
C LYS E 566 -46.50 -23.31 40.08
N GLY E 567 -47.11 -22.73 41.11
CA GLY E 567 -48.47 -22.25 41.02
C GLY E 567 -48.60 -20.73 41.04
N GLN E 568 -47.50 -20.02 40.86
CA GLN E 568 -47.51 -18.56 40.85
C GLN E 568 -47.46 -18.04 39.42
N GLY E 569 -48.32 -17.07 39.14
CA GLY E 569 -48.43 -16.52 37.79
C GLY E 569 -49.81 -16.73 37.22
N LYS E 570 -50.24 -15.83 36.33
CA LYS E 570 -51.57 -15.98 35.73
C LYS E 570 -51.59 -17.08 34.69
N ASP E 571 -50.51 -17.26 33.95
CA ASP E 571 -50.41 -18.27 32.90
C ASP E 571 -49.36 -19.29 33.32
N LEU E 572 -49.76 -20.55 33.46
CA LEU E 572 -48.91 -21.58 34.02
C LEU E 572 -48.60 -22.69 33.01
N ARG E 573 -48.58 -22.37 31.72
CA ARG E 573 -48.30 -23.40 30.72
C ARG E 573 -46.84 -23.86 30.78
N ALA E 574 -45.91 -22.90 30.84
CA ALA E 574 -44.51 -23.26 31.00
C ALA E 574 -44.25 -23.87 32.37
N ASN E 575 -44.90 -23.36 33.41
CA ASN E 575 -44.77 -23.94 34.73
C ASN E 575 -45.23 -25.39 34.74
N ASN E 576 -46.36 -25.67 34.08
CA ASN E 576 -46.86 -27.05 34.03
C ASN E 576 -45.93 -27.95 33.22
N PHE E 577 -45.44 -27.44 32.09
CA PHE E 577 -44.44 -28.17 31.30
C PHE E 577 -43.25 -28.57 32.15
N PHE E 578 -42.63 -27.59 32.80
CA PHE E 578 -41.41 -27.87 33.53
C PHE E 578 -41.69 -28.65 34.80
N ASN E 579 -42.90 -28.54 35.36
CA ASN E 579 -43.30 -29.40 36.46
C ASN E 579 -43.40 -30.85 36.02
N GLU E 580 -43.93 -31.09 34.83
CA GLU E 580 -43.96 -32.46 34.32
C GLU E 580 -42.56 -33.00 34.13
N LEU E 581 -41.63 -32.17 33.61
CA LEU E 581 -40.25 -32.62 33.52
C LEU E 581 -39.63 -32.90 34.89
N ILE E 582 -39.87 -32.05 35.87
CA ILE E 582 -39.25 -32.25 37.19
C ILE E 582 -39.83 -33.48 37.88
N VAL E 583 -41.16 -33.65 37.84
CA VAL E 583 -41.79 -34.77 38.53
C VAL E 583 -41.29 -36.09 37.96
N LYS E 584 -41.07 -36.16 36.66
CA LYS E 584 -40.63 -37.39 36.02
C LYS E 584 -39.12 -37.52 36.00
N GLU E 585 -38.41 -36.69 36.76
CA GLU E 585 -36.96 -36.79 36.96
C GLU E 585 -36.21 -36.74 35.62
N VAL E 586 -36.61 -35.79 34.78
CA VAL E 586 -35.89 -35.50 33.54
C VAL E 586 -34.89 -34.40 33.86
N TRP E 587 -33.61 -34.67 33.60
CA TRP E 587 -32.56 -33.70 33.87
C TRP E 587 -32.12 -33.05 32.57
N LEU E 588 -31.87 -31.74 32.64
CA LEU E 588 -31.33 -31.01 31.51
C LEU E 588 -29.85 -30.70 31.67
N ILE E 589 -29.31 -30.85 32.88
CA ILE E 589 -27.88 -30.74 33.15
C ILE E 589 -27.44 -32.07 33.75
N SER E 590 -26.43 -32.68 33.14
CA SER E 590 -25.93 -33.96 33.62
C SER E 590 -25.05 -33.75 34.84
N CYS E 591 -25.31 -34.53 35.89
CA CYS E 591 -24.56 -34.45 37.14
C CYS E 591 -23.42 -35.44 37.19
N GLY E 592 -23.00 -35.98 36.06
CA GLY E 592 -21.98 -37.00 36.01
C GLY E 592 -22.59 -38.40 36.00
N GLU E 593 -21.73 -39.38 35.76
CA GLU E 593 -22.19 -40.76 35.68
C GLU E 593 -22.64 -41.29 37.04
N ASN E 594 -22.13 -40.72 38.13
CA ASN E 594 -22.49 -41.15 39.48
C ASN E 594 -23.16 -40.04 40.28
N GLU E 595 -23.71 -39.03 39.59
CA GLU E 595 -24.40 -37.91 40.24
C GLU E 595 -23.52 -37.21 41.25
N ASP E 596 -22.24 -37.06 40.92
CA ASP E 596 -21.29 -36.38 41.79
C ASP E 596 -20.53 -35.27 41.06
N PHE E 597 -21.01 -34.84 39.90
CA PHE E 597 -20.45 -33.74 39.12
C PHE E 597 -19.03 -34.01 38.67
N LYS E 598 -18.66 -35.27 38.45
CA LYS E 598 -17.33 -35.63 37.96
C LYS E 598 -17.45 -36.14 36.53
N TYR E 599 -16.65 -35.57 35.63
CA TYR E 599 -16.81 -35.80 34.20
C TYR E 599 -15.55 -36.37 33.57
N LEU E 600 -14.67 -36.98 34.36
CA LEU E 600 -13.52 -37.70 33.81
C LEU E 600 -13.36 -39.05 34.49
N SER F 2 33.16 41.51 3.42
CA SER F 2 33.01 40.30 2.63
C SER F 2 32.36 39.19 3.44
N MET F 3 32.35 37.98 2.89
CA MET F 3 31.87 36.82 3.64
C MET F 3 32.70 36.60 4.89
N LYS F 4 34.03 36.62 4.72
CA LYS F 4 34.92 36.27 5.82
C LYS F 4 34.85 37.30 6.95
N LYS F 5 34.76 38.58 6.59
CA LYS F 5 34.66 39.61 7.61
C LYS F 5 33.37 39.49 8.41
N GLU F 6 32.26 39.20 7.74
CA GLU F 6 30.99 39.08 8.45
C GLU F 6 30.98 37.84 9.35
N PHE F 7 31.53 36.73 8.86
CA PHE F 7 31.67 35.55 9.71
C PHE F 7 32.57 35.82 10.92
N THR F 8 33.67 36.55 10.70
CA THR F 8 34.58 36.88 11.78
C THR F 8 33.91 37.76 12.82
N GLU F 9 33.10 38.73 12.39
CA GLU F 9 32.35 39.53 13.33
C GLU F 9 31.37 38.68 14.13
N LEU F 10 30.66 37.78 13.45
CA LEU F 10 29.71 36.91 14.13
C LEU F 10 30.40 36.08 15.21
N TYR F 11 31.49 35.40 14.85
CA TYR F 11 32.17 34.53 15.79
C TYR F 11 32.97 35.27 16.85
N ASP F 12 33.38 36.52 16.58
CA ASP F 12 33.96 37.33 17.64
C ASP F 12 32.90 37.69 18.67
N PHE F 13 31.69 37.99 18.21
CA PHE F 13 30.59 38.28 19.14
C PHE F 13 30.21 37.04 19.93
N ILE F 14 30.13 35.88 19.26
CA ILE F 14 29.65 34.66 19.90
C ILE F 14 30.65 34.18 20.95
N PHE F 15 31.93 34.11 20.59
CA PHE F 15 32.94 33.44 21.42
C PHE F 15 33.41 34.40 22.51
N ASP F 16 32.49 34.69 23.43
CA ASP F 16 32.72 35.54 24.58
C ASP F 16 32.11 34.82 25.77
N PRO F 17 32.86 34.63 26.87
CA PRO F 17 32.30 33.86 28.00
C PRO F 17 30.99 34.42 28.53
N ILE F 18 30.88 35.74 28.63
CA ILE F 18 29.68 36.34 29.18
C ILE F 18 28.51 36.11 28.24
N PHE F 19 28.75 36.19 26.92
CA PHE F 19 27.69 35.83 25.98
C PHE F 19 27.31 34.36 26.11
N LEU F 20 28.30 33.48 26.23
CA LEU F 20 28.00 32.06 26.27
C LEU F 20 27.38 31.61 27.57
N VAL F 21 27.32 32.48 28.58
CA VAL F 21 26.53 32.19 29.76
C VAL F 21 25.19 32.93 29.76
N ARG F 22 25.13 34.16 29.23
CA ARG F 22 23.87 34.90 29.25
C ARG F 22 22.87 34.32 28.25
N TYR F 23 23.33 33.90 27.08
CA TYR F 23 22.48 33.24 26.10
C TYR F 23 22.87 31.79 25.83
N GLY F 24 24.13 31.41 26.08
CA GLY F 24 24.55 30.07 25.75
C GLY F 24 23.93 29.00 26.63
N TYR F 25 23.83 29.26 27.94
CA TYR F 25 23.43 28.21 28.87
C TYR F 25 22.04 27.68 28.56
N TYR F 26 21.08 28.58 28.33
CA TYR F 26 19.71 28.18 28.08
C TYR F 26 19.38 28.19 26.60
N ASP F 27 20.39 28.30 25.74
CA ASP F 27 20.25 28.15 24.29
C ASP F 27 19.29 29.20 23.71
N ARG F 28 19.49 30.45 24.13
CA ARG F 28 18.70 31.55 23.62
C ARG F 28 19.39 32.17 22.40
N SER F 29 18.67 33.07 21.73
CA SER F 29 19.19 33.75 20.56
C SER F 29 19.09 35.25 20.76
N ILE F 30 20.13 35.96 20.34
CA ILE F 30 20.15 37.42 20.39
C ILE F 30 19.99 37.94 18.97
N LYS F 31 19.09 38.91 18.79
CA LYS F 31 18.81 39.38 17.45
C LYS F 31 19.70 40.53 17.03
N ASN F 32 19.90 41.51 17.90
CA ASN F 32 20.78 42.64 17.64
C ASN F 32 21.74 42.82 18.81
N LYS F 33 22.94 43.29 18.52
CA LYS F 33 23.93 43.55 19.57
C LYS F 33 23.39 44.57 20.57
N GLU F 45 11.00 34.14 14.81
CA GLU F 45 10.94 33.25 15.98
C GLU F 45 10.88 31.81 15.48
N PHE F 46 11.78 31.43 14.56
CA PHE F 46 11.63 30.08 13.96
C PHE F 46 12.61 29.06 14.52
N GLY F 47 13.89 29.30 14.32
CA GLY F 47 14.92 28.36 14.80
C GLY F 47 15.06 28.48 16.29
N LYS F 48 14.32 29.39 16.92
CA LYS F 48 14.50 29.64 18.37
C LYS F 48 14.50 28.31 19.10
N SER F 49 15.55 28.05 19.87
CA SER F 49 15.74 26.77 20.59
C SER F 49 15.47 26.96 22.09
N ASP F 50 14.88 28.09 22.48
CA ASP F 50 14.63 28.41 23.90
C ASP F 50 13.65 27.41 24.48
N SER F 51 14.06 26.69 25.52
CA SER F 51 13.23 25.65 26.10
C SER F 51 12.93 25.85 27.58
N PHE F 52 13.34 26.97 28.17
CA PHE F 52 13.10 27.24 29.58
C PHE F 52 12.57 28.66 29.74
N TYR F 53 11.66 28.84 30.68
CA TYR F 53 11.01 30.13 30.86
C TYR F 53 12.03 31.16 31.33
N PHE F 54 12.25 32.17 30.50
CA PHE F 54 13.26 33.19 30.82
C PHE F 54 12.93 33.94 32.09
N LYS F 55 11.64 34.09 32.41
CA LYS F 55 11.25 34.90 33.55
C LYS F 55 11.53 34.20 34.88
N VAL F 56 11.77 32.90 34.87
CA VAL F 56 12.10 32.15 36.07
C VAL F 56 13.53 31.64 36.04
N PHE F 57 13.94 31.05 34.92
CA PHE F 57 15.27 30.46 34.76
C PHE F 57 16.04 31.26 33.73
N ASN F 58 16.97 32.09 34.21
CA ASN F 58 17.82 32.88 33.33
C ASN F 58 19.16 33.09 34.01
N MET F 59 20.13 33.54 33.22
CA MET F 59 21.47 33.84 33.71
C MET F 59 21.78 35.32 33.57
N GLU F 60 20.77 36.17 33.77
CA GLU F 60 21.01 37.61 33.76
C GLU F 60 21.83 38.04 34.97
N SER F 61 21.45 37.57 36.16
CA SER F 61 22.18 37.96 37.36
C SER F 61 23.62 37.44 37.33
N PHE F 62 23.81 36.19 36.91
CA PHE F 62 25.15 35.65 36.87
C PHE F 62 26.02 36.37 35.85
N ALA F 63 25.48 36.67 34.67
CA ALA F 63 26.24 37.40 33.66
C ALA F 63 26.55 38.82 34.11
N ASP F 64 25.61 39.46 34.81
CA ASP F 64 25.89 40.78 35.38
C ASP F 64 27.03 40.69 36.39
N TYR F 65 27.04 39.64 37.20
CA TYR F 65 28.13 39.43 38.13
C TYR F 65 29.45 39.21 37.40
N LEU F 66 29.41 38.47 36.29
CA LEU F 66 30.62 38.20 35.52
C LEU F 66 31.20 39.47 34.91
N ARG F 67 30.34 40.38 34.45
CA ARG F 67 30.86 41.56 33.76
C ARG F 67 31.79 42.37 34.65
N SER F 68 31.62 42.28 35.97
CA SER F 68 32.42 43.06 36.91
C SER F 68 33.36 42.23 37.76
N HIS F 69 33.26 40.90 37.71
CA HIS F 69 34.18 40.04 38.45
C HIS F 69 34.67 38.92 37.54
N ASP F 70 35.98 38.65 37.60
CA ASP F 70 36.58 37.57 36.84
C ASP F 70 36.63 36.32 37.70
N LEU F 71 35.97 35.27 37.26
CA LEU F 71 35.91 34.02 38.00
C LEU F 71 36.90 32.99 37.50
N LYS F 72 37.82 33.38 36.61
CA LYS F 72 38.85 32.45 36.15
C LYS F 72 39.77 32.01 37.26
N THR F 73 39.80 32.72 38.40
CA THR F 73 40.60 32.28 39.53
C THR F 73 40.06 31.00 40.15
N HIS F 74 38.83 30.61 39.80
CA HIS F 74 38.27 29.36 40.30
C HIS F 74 38.58 28.18 39.39
N PHE F 75 39.10 28.42 38.20
CA PHE F 75 39.40 27.35 37.24
C PHE F 75 40.88 27.28 36.90
N ASN F 76 41.74 27.63 37.87
CA ASN F 76 43.17 27.43 37.71
C ASN F 76 43.61 26.01 38.01
N GLY F 77 42.75 25.22 38.64
CA GLY F 77 43.07 23.84 38.96
C GLY F 77 43.30 23.00 37.73
N LYS F 78 44.24 22.05 37.81
CA LYS F 78 44.58 21.25 36.64
C LYS F 78 43.45 20.28 36.30
N LYS F 79 43.13 19.37 37.21
CA LYS F 79 42.10 18.37 36.94
C LYS F 79 40.73 19.02 37.01
N PRO F 80 39.90 18.90 35.98
CA PRO F 80 38.54 19.43 36.06
C PRO F 80 37.70 18.64 37.04
N LEU F 81 36.97 19.35 37.88
CA LEU F 81 36.08 18.69 38.82
C LEU F 81 34.92 18.04 38.10
N SER F 82 34.65 16.78 38.41
CA SER F 82 33.59 16.03 37.76
C SER F 82 32.28 16.28 38.50
N THR F 83 31.30 16.81 37.80
CA THR F 83 30.03 17.20 38.39
C THR F 83 28.89 16.47 37.70
N ASP F 84 27.71 16.54 38.29
CA ASP F 84 26.54 15.84 37.79
C ASP F 84 25.55 16.86 37.24
N PRO F 85 25.11 16.72 35.99
CA PRO F 85 24.22 17.73 35.40
C PRO F 85 22.77 17.52 35.82
N VAL F 86 21.92 18.46 35.42
CA VAL F 86 20.49 18.30 35.60
C VAL F 86 19.94 17.53 34.41
N TYR F 87 19.29 16.40 34.68
CA TYR F 87 18.74 15.55 33.64
C TYR F 87 17.32 16.00 33.35
N PHE F 88 17.11 16.57 32.17
CA PHE F 88 15.81 17.07 31.74
C PHE F 88 15.41 16.31 30.48
N ASN F 89 14.22 15.74 30.49
CA ASN F 89 13.77 14.88 29.40
C ASN F 89 12.62 15.56 28.69
N ILE F 90 12.77 15.76 27.38
CA ILE F 90 11.76 16.45 26.58
C ILE F 90 11.25 15.47 25.55
N PRO F 91 10.04 15.67 25.05
CA PRO F 91 9.51 14.78 24.01
C PRO F 91 10.19 15.03 22.67
N LYS F 92 10.58 13.94 22.00
CA LYS F 92 11.05 14.05 20.63
C LYS F 92 9.88 14.10 19.66
N ASN F 93 8.88 13.28 19.90
CA ASN F 93 7.63 13.27 19.13
C ASN F 93 6.52 12.82 20.07
N ILE F 94 5.39 12.40 19.51
CA ILE F 94 4.28 11.96 20.35
C ILE F 94 4.61 10.68 21.10
N GLU F 95 5.65 9.95 20.69
CA GLU F 95 6.01 8.68 21.30
C GLU F 95 7.43 8.63 21.85
N ALA F 96 8.39 9.31 21.22
CA ALA F 96 9.78 9.22 21.64
C ALA F 96 10.16 10.37 22.58
N ARG F 97 11.36 10.28 23.13
CA ARG F 97 11.87 11.25 24.08
C ARG F 97 13.28 11.68 23.70
N ARG F 98 13.63 12.90 24.08
CA ARG F 98 14.98 13.43 23.91
C ARG F 98 15.50 13.85 25.28
N GLN F 99 16.76 13.55 25.55
CA GLN F 99 17.35 13.75 26.87
C GLN F 99 18.25 14.97 26.85
N TYR F 100 17.89 15.99 27.63
CA TYR F 100 18.74 17.15 27.84
C TYR F 100 19.55 16.95 29.11
N LYS F 101 20.76 17.50 29.12
CA LYS F 101 21.63 17.46 30.28
C LYS F 101 22.12 18.88 30.51
N MET F 102 21.59 19.53 31.54
CA MET F 102 21.94 20.92 31.80
C MET F 102 23.13 20.91 32.75
N PRO F 103 24.32 21.28 32.31
CA PRO F 103 25.52 21.05 33.11
C PRO F 103 25.54 21.89 34.38
N ASN F 104 26.32 21.40 35.35
CA ASN F 104 26.63 22.20 36.52
C ASN F 104 27.24 23.53 36.08
N LEU F 105 26.83 24.60 36.76
CA LEU F 105 27.29 25.92 36.36
C LEU F 105 28.81 26.04 36.48
N TYR F 106 29.41 25.35 37.44
CA TYR F 106 30.87 25.35 37.56
C TYR F 106 31.51 24.64 36.37
N SER F 107 31.02 23.45 36.03
CA SER F 107 31.53 22.74 34.86
C SER F 107 31.26 23.53 33.59
N TYR F 108 30.08 24.15 33.51
CA TYR F 108 29.75 24.94 32.33
C TYR F 108 30.74 26.08 32.16
N MET F 109 31.06 26.78 33.25
CA MET F 109 32.00 27.90 33.14
C MET F 109 33.41 27.44 32.87
N ALA F 110 33.81 26.28 33.39
CA ALA F 110 35.11 25.74 33.04
C ALA F 110 35.22 25.49 31.53
N LEU F 111 34.24 24.77 30.98
CA LEU F 111 34.25 24.50 29.54
C LEU F 111 34.13 25.79 28.74
N ASN F 112 33.34 26.74 29.23
CA ASN F 112 33.16 28.02 28.56
C ASN F 112 34.46 28.77 28.47
N TYR F 113 35.18 28.88 29.59
CA TYR F 113 36.45 29.60 29.59
C TYR F 113 37.46 28.91 28.71
N TYR F 114 37.49 27.58 28.72
CA TYR F 114 38.45 26.88 27.86
C TYR F 114 38.16 27.11 26.39
N ILE F 115 36.90 27.01 25.99
CA ILE F 115 36.55 27.25 24.59
C ILE F 115 36.83 28.69 24.20
N CYS F 116 36.57 29.64 25.10
CA CYS F 116 36.82 31.03 24.74
C CYS F 116 38.31 31.35 24.67
N ASP F 117 39.15 30.65 25.43
CA ASP F 117 40.58 30.83 25.28
C ASP F 117 41.14 30.08 24.07
N ASN F 118 40.43 29.07 23.58
CA ASN F 118 40.85 28.32 22.40
C ASN F 118 39.92 28.60 21.22
N LYS F 119 39.32 29.78 21.21
CA LYS F 119 38.41 30.17 20.13
C LYS F 119 39.06 30.08 18.76
N LYS F 120 40.39 30.23 18.69
CA LYS F 120 41.08 30.16 17.40
C LYS F 120 40.93 28.79 16.75
N GLU F 121 40.80 27.72 17.55
CA GLU F 121 40.64 26.40 16.96
C GLU F 121 39.24 26.14 16.45
N PHE F 122 38.25 26.92 16.88
CA PHE F 122 36.91 26.82 16.35
C PHE F 122 36.67 27.75 15.18
N ILE F 123 37.14 28.99 15.28
CA ILE F 123 36.78 30.02 14.30
C ILE F 123 37.36 29.68 12.94
N GLU F 124 38.62 29.26 12.88
CA GLU F 124 39.21 28.98 11.57
C GLU F 124 38.48 27.84 10.85
N VAL F 125 38.10 26.81 11.61
CA VAL F 125 37.33 25.71 11.01
C VAL F 125 35.97 26.21 10.54
N PHE F 126 35.32 27.04 11.35
CA PHE F 126 34.00 27.56 10.97
C PHE F 126 34.10 28.47 9.75
N ILE F 127 35.17 29.25 9.66
CA ILE F 127 35.38 30.17 8.54
C ILE F 127 35.60 29.38 7.25
N ASP F 128 36.50 28.40 7.29
CA ASP F 128 36.86 27.66 6.09
C ASP F 128 35.72 26.77 5.61
N ASN F 129 34.77 26.47 6.47
CA ASN F 129 33.71 25.52 6.14
C ASN F 129 32.78 26.11 5.09
N LYS F 130 32.18 25.23 4.29
CA LYS F 130 31.29 25.65 3.22
C LYS F 130 29.93 24.96 3.29
N PHE F 131 29.92 23.74 3.84
CA PHE F 131 28.76 22.87 3.75
C PHE F 131 27.74 23.08 4.86
N SER F 132 28.15 23.62 6.00
CA SER F 132 27.26 23.73 7.14
C SER F 132 26.36 24.95 7.03
N THR F 133 25.07 24.74 7.18
CA THR F 133 24.10 25.82 7.36
C THR F 133 23.73 25.99 8.82
N SER F 134 24.43 25.32 9.72
CA SER F 134 24.14 25.36 11.15
C SER F 134 25.30 25.92 11.97
N LYS F 135 26.36 26.40 11.32
CA LYS F 135 27.50 26.97 12.01
C LYS F 135 27.29 28.43 12.39
N PHE F 136 26.06 28.92 12.33
CA PHE F 136 25.74 30.28 12.72
C PHE F 136 24.90 30.35 13.98
N PHE F 137 24.23 29.26 14.36
CA PHE F 137 23.62 29.06 15.67
C PHE F 137 22.42 29.98 15.91
N ASN F 138 21.76 30.40 14.84
CA ASN F 138 20.55 31.22 14.93
C ASN F 138 20.80 32.52 15.70
N GLN F 139 21.98 33.08 15.50
CA GLN F 139 22.41 34.32 16.12
C GLN F 139 22.05 35.51 15.24
N LEU F 140 22.71 36.63 15.49
CA LEU F 140 22.22 37.98 15.21
C LEU F 140 21.41 38.13 13.93
N ASN F 141 22.01 37.84 12.78
CA ASN F 141 21.30 37.97 11.51
C ASN F 141 21.11 36.66 10.80
N PHE F 142 21.89 35.63 11.13
CA PHE F 142 21.91 34.38 10.36
C PHE F 142 20.78 33.48 10.85
N ASP F 143 19.56 33.98 10.67
CA ASP F 143 18.35 33.25 10.98
C ASP F 143 18.00 32.28 9.84
N TYR F 144 16.81 31.68 9.92
CA TYR F 144 16.51 30.49 9.13
C TYR F 144 16.54 30.71 7.62
N PRO F 145 15.85 31.70 7.04
CA PRO F 145 15.88 31.84 5.58
C PRO F 145 17.25 32.08 4.98
N LYS F 146 18.20 32.65 5.73
CA LYS F 146 19.54 32.80 5.19
C LYS F 146 20.25 31.46 5.09
N THR F 147 20.09 30.59 6.08
CA THR F 147 20.58 29.22 5.94
C THR F 147 19.86 28.48 4.83
N GLN F 148 18.58 28.79 4.61
CA GLN F 148 17.88 28.22 3.46
C GLN F 148 18.49 28.66 2.14
N GLU F 149 18.87 29.93 2.04
CA GLU F 149 19.55 30.41 0.84
C GLU F 149 20.88 29.70 0.65
N ILE F 150 21.61 29.50 1.74
CA ILE F 150 22.88 28.78 1.64
C ILE F 150 22.66 27.35 1.14
N THR F 151 21.64 26.69 1.66
CA THR F 151 21.32 25.33 1.21
C THR F 151 20.97 25.33 -0.27
N GLN F 152 20.14 26.29 -0.70
CA GLN F 152 19.79 26.39 -2.12
C GLN F 152 21.02 26.53 -2.98
N THR F 153 21.94 27.41 -2.60
CA THR F 153 23.15 27.61 -3.38
C THR F 153 24.01 26.35 -3.41
N LEU F 154 24.02 25.59 -2.32
CA LEU F 154 24.80 24.36 -2.29
C LEU F 154 24.17 23.24 -3.10
N LEU F 155 22.87 23.30 -3.34
CA LEU F 155 22.15 22.21 -4.01
C LEU F 155 22.12 22.37 -5.53
N TYR F 156 22.85 23.34 -6.07
CA TYR F 156 22.84 23.60 -7.49
C TYR F 156 23.45 22.42 -8.26
N GLY F 157 22.91 22.18 -9.46
CA GLY F 157 23.47 21.20 -10.36
C GLY F 157 23.00 19.77 -10.18
N GLY F 158 22.10 19.51 -9.23
CA GLY F 158 21.70 18.15 -8.98
C GLY F 158 20.25 17.87 -9.34
N ILE F 159 20.05 16.88 -10.23
CA ILE F 159 18.70 16.48 -10.59
C ILE F 159 18.09 15.55 -9.55
N LYS F 160 18.89 15.12 -8.58
CA LYS F 160 18.45 14.21 -7.54
C LYS F 160 19.04 14.67 -6.23
N LYS F 161 18.34 14.41 -5.13
CA LYS F 161 18.83 14.75 -3.81
C LYS F 161 18.76 13.53 -2.91
N LEU F 162 19.88 13.20 -2.28
CA LEU F 162 19.95 12.11 -1.32
C LEU F 162 19.95 12.69 0.08
N HIS F 163 19.05 12.21 0.92
CA HIS F 163 18.92 12.66 2.30
C HIS F 163 19.51 11.62 3.23
N LEU F 164 20.45 12.04 4.06
CA LEU F 164 21.05 11.19 5.08
C LEU F 164 20.92 11.87 6.43
N ASP F 165 20.85 11.06 7.48
CA ASP F 165 20.68 11.55 8.84
C ASP F 165 21.31 10.56 9.79
N LEU F 166 22.25 11.03 10.60
CA LEU F 166 22.77 10.21 11.69
C LEU F 166 21.71 10.01 12.76
N SER F 167 21.71 8.83 13.37
CA SER F 167 20.69 8.46 14.35
C SER F 167 21.24 8.69 15.75
N ASN F 168 20.48 9.45 16.56
CA ASN F 168 20.84 9.72 17.95
C ASN F 168 22.24 10.29 18.05
N PHE F 169 22.52 11.32 17.25
CA PHE F 169 23.88 11.83 17.11
C PHE F 169 24.39 12.39 18.44
N TYR F 170 23.63 13.31 19.05
CA TYR F 170 24.07 13.93 20.29
C TYR F 170 24.14 12.91 21.43
N HIS F 171 23.14 12.05 21.53
CA HIS F 171 22.94 11.24 22.72
C HIS F 171 23.78 9.97 22.74
N THR F 172 24.38 9.58 21.61
CA THR F 172 25.16 8.35 21.55
C THR F 172 26.59 8.59 21.07
N LEU F 173 26.97 9.84 20.86
CA LEU F 173 28.33 10.15 20.42
C LEU F 173 29.34 9.67 21.46
N TYR F 174 30.35 8.95 20.99
CA TYR F 174 31.43 8.51 21.87
C TYR F 174 32.36 9.70 22.06
N THR F 175 32.44 10.21 23.29
CA THR F 175 33.12 11.47 23.54
C THR F 175 34.62 11.38 23.28
N HIS F 176 35.21 10.19 23.41
CA HIS F 176 36.61 10.02 23.07
C HIS F 176 36.87 10.00 21.58
N SER F 177 35.82 9.92 20.75
CA SER F 177 35.99 10.02 19.31
C SER F 177 36.10 11.46 18.83
N ILE F 178 35.91 12.44 19.69
CA ILE F 178 36.12 13.83 19.31
C ILE F 178 37.57 14.10 18.92
N PRO F 179 38.58 13.66 19.69
CA PRO F 179 39.96 13.76 19.17
C PRO F 179 40.20 12.97 17.90
N TRP F 180 39.50 11.86 17.68
CA TRP F 180 39.68 11.13 16.42
C TRP F 180 39.24 11.98 15.23
N MET F 181 38.12 12.70 15.37
CA MET F 181 37.65 13.52 14.27
C MET F 181 38.53 14.76 14.10
N ILE F 182 38.87 15.42 15.22
CA ILE F 182 39.55 16.70 15.14
C ILE F 182 41.02 16.52 14.73
N ASP F 183 41.68 15.50 15.27
CA ASP F 183 43.11 15.29 15.03
C ASP F 183 43.43 14.07 14.17
N GLY F 184 42.47 13.21 13.89
CA GLY F 184 42.77 11.96 13.23
C GLY F 184 42.81 10.81 14.22
N LYS F 185 42.17 9.70 13.86
CA LYS F 185 42.10 8.56 14.78
C LYS F 185 43.50 8.02 15.08
N SER F 186 44.35 7.92 14.07
CA SER F 186 45.68 7.36 14.26
C SER F 186 46.51 8.22 15.21
N ALA F 187 46.45 9.54 15.04
CA ALA F 187 47.19 10.43 15.93
C ALA F 187 46.63 10.48 17.34
N SER F 188 45.57 9.70 17.52
CA SER F 188 44.89 9.66 18.82
C SER F 188 45.25 8.39 19.61
N LYS F 189 45.88 7.40 18.98
CA LYS F 189 46.33 6.21 19.73
C LYS F 189 47.65 6.49 20.39
N GLN F 190 48.15 7.71 20.25
CA GLN F 190 49.42 8.09 20.92
C GLN F 190 49.08 8.73 22.26
N LYS F 194 46.54 16.00 26.76
CA LYS F 194 47.68 16.90 26.63
C LYS F 194 47.40 18.02 25.63
N GLY F 195 46.80 17.66 24.50
CA GLY F 195 46.50 18.62 23.46
C GLY F 195 45.17 19.32 23.68
N PHE F 196 44.75 20.04 22.64
CA PHE F 196 43.48 20.76 22.71
C PHE F 196 42.30 19.81 22.72
N SER F 197 42.29 18.83 21.80
CA SER F 197 41.17 17.91 21.71
C SER F 197 41.01 17.06 22.96
N ASN F 198 42.12 16.58 23.52
CA ASN F 198 42.04 15.76 24.72
C ASN F 198 41.49 16.56 25.91
N THR F 199 41.95 17.80 26.07
CA THR F 199 41.46 18.62 27.17
C THR F 199 39.99 18.96 26.99
N LEU F 200 39.57 19.24 25.75
CA LEU F 200 38.17 19.50 25.49
C LEU F 200 37.33 18.27 25.79
N ASP F 201 37.84 17.08 25.46
CA ASP F 201 37.14 15.84 25.80
C ASP F 201 37.02 15.68 27.30
N THR F 202 38.10 15.96 28.04
CA THR F 202 38.03 15.83 29.50
C THR F 202 37.01 16.79 30.10
N LEU F 203 36.96 18.02 29.59
CA LEU F 203 35.98 18.98 30.11
C LEU F 203 34.56 18.58 29.74
N ILE F 204 34.34 18.07 28.54
CA ILE F 204 33.02 17.61 28.15
C ILE F 204 32.55 16.49 29.07
N THR F 205 33.42 15.51 29.33
CA THR F 205 33.03 14.43 30.22
C THR F 205 32.87 14.89 31.67
N ALA F 206 33.66 15.88 32.09
CA ALA F 206 33.48 16.42 33.43
C ALA F 206 32.14 17.12 33.58
N CYS F 207 31.63 17.74 32.52
CA CYS F 207 30.31 18.34 32.57
C CYS F 207 29.20 17.32 32.80
N GLN F 208 29.47 16.03 32.61
CA GLN F 208 28.43 15.00 32.73
C GLN F 208 28.92 13.82 33.58
N TYR F 209 29.76 14.11 34.57
CA TYR F 209 30.22 13.12 35.55
C TYR F 209 31.00 11.98 34.90
N ASP F 210 32.00 12.36 34.10
CA ASP F 210 32.95 11.46 33.47
C ASP F 210 32.29 10.43 32.55
N GLU F 211 31.02 10.62 32.21
CA GLU F 211 30.37 9.73 31.28
C GLU F 211 30.81 10.05 29.86
N THR F 212 31.29 9.04 29.14
CA THR F 212 31.78 9.22 27.79
C THR F 212 30.75 8.85 26.74
N HIS F 213 29.47 8.89 27.09
CA HIS F 213 28.39 8.48 26.21
C HIS F 213 27.53 9.71 25.92
N GLY F 214 27.79 10.36 24.80
CA GLY F 214 27.00 11.50 24.37
C GLY F 214 27.60 12.83 24.78
N ILE F 215 26.94 13.88 24.33
CA ILE F 215 27.31 15.27 24.65
C ILE F 215 26.17 15.87 25.45
N PRO F 216 26.45 16.62 26.53
CA PRO F 216 25.35 17.26 27.28
C PRO F 216 24.60 18.26 26.43
N THR F 217 23.35 17.96 26.12
CA THR F 217 22.59 18.68 25.11
C THR F 217 21.68 19.72 25.74
N GLY F 218 21.59 20.89 25.09
CA GLY F 218 20.66 21.92 25.52
C GLY F 218 21.27 23.28 25.76
N ASN F 219 22.49 23.49 25.26
CA ASN F 219 23.17 24.77 25.45
C ASN F 219 23.98 25.09 24.20
N LEU F 220 24.57 26.27 24.18
CA LEU F 220 25.35 26.69 23.01
C LEU F 220 26.70 26.01 22.93
N LEU F 221 27.34 25.73 24.07
CA LEU F 221 28.67 25.12 24.00
C LEU F 221 28.59 23.74 23.36
N SER F 222 27.58 22.96 23.70
CA SER F 222 27.44 21.64 23.10
C SER F 222 27.22 21.75 21.60
N ARG F 223 26.42 22.72 21.16
CA ARG F 223 26.21 22.92 19.74
C ARG F 223 27.49 23.36 19.04
N ILE F 224 28.29 24.19 19.70
CA ILE F 224 29.55 24.63 19.10
C ILE F 224 30.51 23.46 18.93
N ILE F 225 30.62 22.61 19.95
CA ILE F 225 31.50 21.43 19.86
C ILE F 225 30.98 20.45 18.81
N THR F 226 29.66 20.25 18.76
CA THR F 226 29.09 19.37 17.75
C THR F 226 29.33 19.92 16.35
N GLU F 227 29.26 21.24 16.19
CA GLU F 227 29.52 21.84 14.90
C GLU F 227 30.98 21.72 14.52
N LEU F 228 31.90 21.83 15.48
CA LEU F 228 33.31 21.61 15.17
C LEU F 228 33.58 20.17 14.76
N TYR F 229 32.99 19.22 15.47
CA TYR F 229 33.10 17.81 15.12
C TYR F 229 32.61 17.58 13.69
N MET F 230 31.42 18.06 13.38
CA MET F 230 30.86 17.87 12.05
C MET F 230 31.56 18.70 10.99
N CYS F 231 32.23 19.79 11.35
CA CYS F 231 33.01 20.54 10.38
C CYS F 231 34.30 19.83 10.02
N HIS F 232 34.89 19.09 10.97
CA HIS F 232 35.99 18.22 10.58
C HIS F 232 35.50 17.05 9.74
N PHE F 233 34.31 16.54 10.03
CA PHE F 233 33.66 15.58 9.14
C PHE F 233 33.56 16.14 7.73
N ASP F 234 33.05 17.36 7.61
CA ASP F 234 32.93 18.02 6.32
C ASP F 234 34.27 18.24 5.67
N LYS F 235 35.29 18.56 6.46
CA LYS F 235 36.63 18.75 5.92
C LYS F 235 37.12 17.48 5.23
N GLN F 236 36.94 16.34 5.89
CA GLN F 236 37.30 15.07 5.28
C GLN F 236 36.50 14.85 3.99
N MET F 237 35.19 15.07 4.06
CA MET F 237 34.36 14.70 2.93
C MET F 237 34.55 15.64 1.74
N GLU F 238 34.97 16.88 1.99
CA GLU F 238 35.27 17.79 0.88
C GLU F 238 36.65 17.54 0.33
N TYR F 239 37.58 17.05 1.16
CA TYR F 239 38.86 16.60 0.62
C TYR F 239 38.66 15.50 -0.40
N LYS F 240 37.64 14.66 -0.22
CA LYS F 240 37.27 13.70 -1.25
C LYS F 240 36.46 14.32 -2.39
N LYS F 241 36.43 15.64 -2.50
CA LYS F 241 35.78 16.35 -3.60
C LYS F 241 34.28 16.04 -3.68
N PHE F 242 33.58 16.17 -2.57
CA PHE F 242 32.13 16.09 -2.53
C PHE F 242 31.54 17.44 -2.18
N VAL F 243 30.27 17.62 -2.53
CA VAL F 243 29.52 18.83 -2.20
C VAL F 243 28.17 18.41 -1.65
N TYR F 244 27.78 19.00 -0.52
CA TYR F 244 26.47 18.74 0.05
C TYR F 244 26.12 19.88 0.99
N SER F 245 24.93 19.83 1.54
CA SER F 245 24.43 20.78 2.56
C SER F 245 24.14 19.99 3.82
N ARG F 246 24.67 20.39 4.96
CA ARG F 246 24.40 19.71 6.24
C ARG F 246 23.82 20.66 7.25
N TYR F 247 22.75 20.26 7.89
CA TYR F 247 22.26 21.02 9.04
C TYR F 247 22.44 20.08 10.20
N VAL F 248 23.40 20.38 11.06
CA VAL F 248 23.72 19.50 12.20
C VAL F 248 24.12 18.16 11.63
N ASP F 249 23.25 17.16 11.67
CA ASP F 249 23.57 15.80 11.19
C ASP F 249 22.61 15.44 10.07
N ASP F 250 21.92 16.42 9.45
CA ASP F 250 21.08 16.09 8.32
C ASP F 250 21.80 16.51 7.04
N PHE F 251 22.06 15.56 6.15
CA PHE F 251 22.78 15.79 4.91
C PHE F 251 21.81 15.80 3.74
N ILE F 252 21.99 16.75 2.83
CA ILE F 252 21.35 16.72 1.53
C ILE F 252 22.48 16.70 0.50
N PHE F 253 22.55 15.63 -0.26
CA PHE F 253 23.60 15.47 -1.26
C PHE F 253 23.01 15.57 -2.65
N PRO F 254 23.30 16.62 -3.41
CA PRO F 254 22.78 16.72 -4.78
C PRO F 254 23.64 15.93 -5.75
N PHE F 255 22.99 15.18 -6.62
CA PHE F 255 23.71 14.37 -7.59
C PHE F 255 22.83 14.16 -8.81
N THR F 256 23.45 13.75 -9.90
CA THR F 256 22.76 13.45 -11.15
C THR F 256 22.84 11.98 -11.52
N PHE F 257 23.98 11.35 -11.29
CA PHE F 257 24.26 10.01 -11.77
C PHE F 257 24.42 9.07 -10.59
N GLU F 258 23.98 7.83 -10.77
CA GLU F 258 23.94 6.89 -9.65
C GLU F 258 25.34 6.55 -9.15
N ASN F 259 26.35 6.59 -10.02
CA ASN F 259 27.72 6.35 -9.57
C ASN F 259 28.15 7.42 -8.57
N GLU F 260 27.68 8.65 -8.77
CA GLU F 260 27.95 9.72 -7.82
C GLU F 260 27.40 9.37 -6.44
N LYS F 261 26.15 8.93 -6.40
CA LYS F 261 25.53 8.59 -5.12
C LYS F 261 26.24 7.42 -4.47
N GLN F 262 26.61 6.41 -5.25
CA GLN F 262 27.28 5.25 -4.67
C GLN F 262 28.65 5.60 -4.12
N GLU F 263 29.42 6.42 -4.85
CA GLU F 263 30.72 6.85 -4.33
C GLU F 263 30.56 7.66 -3.05
N PHE F 264 29.58 8.58 -3.04
CA PHE F 264 29.35 9.39 -1.85
C PHE F 264 28.95 8.51 -0.66
N LEU F 265 28.04 7.56 -0.89
CA LEU F 265 27.62 6.68 0.18
C LEU F 265 28.77 5.83 0.70
N ASN F 266 29.63 5.35 -0.20
CA ASN F 266 30.79 4.57 0.23
C ASN F 266 31.69 5.37 1.15
N GLU F 267 32.09 6.57 0.74
CA GLU F 267 32.99 7.36 1.57
C GLU F 267 32.31 7.81 2.86
N PHE F 268 31.03 8.16 2.78
CA PHE F 268 30.28 8.57 3.95
C PHE F 268 30.20 7.44 4.97
N ASN F 269 29.95 6.22 4.49
CA ASN F 269 29.90 5.06 5.35
C ASN F 269 31.26 4.74 5.97
N LEU F 270 32.33 4.90 5.20
CA LEU F 270 33.65 4.69 5.79
C LEU F 270 33.92 5.67 6.92
N ILE F 271 33.59 6.94 6.73
CA ILE F 271 33.84 7.92 7.77
C ILE F 271 32.97 7.63 9.00
N CYS F 272 31.69 7.32 8.78
CA CYS F 272 30.81 7.01 9.89
C CYS F 272 31.29 5.80 10.68
N ARG F 273 31.66 4.73 9.97
CA ARG F 273 32.14 3.52 10.64
C ARG F 273 33.43 3.77 11.40
N GLU F 274 34.35 4.52 10.80
CA GLU F 274 35.61 4.81 11.47
C GLU F 274 35.39 5.63 12.73
N ASN F 275 34.35 6.47 12.75
CA ASN F 275 34.10 7.34 13.88
C ASN F 275 32.94 6.88 14.75
N ASN F 276 32.48 5.64 14.58
CA ASN F 276 31.46 5.03 15.42
C ASN F 276 30.12 5.74 15.29
N LEU F 277 29.81 6.20 14.09
CA LEU F 277 28.58 6.93 13.82
C LEU F 277 27.59 6.01 13.14
N ILE F 278 26.32 6.12 13.51
CA ILE F 278 25.26 5.23 13.02
C ILE F 278 24.34 6.04 12.12
N ILE F 279 24.04 5.50 10.95
CA ILE F 279 23.17 6.16 9.98
C ILE F 279 21.73 5.74 10.27
N ASN F 280 20.83 6.72 10.35
CA ASN F 280 19.41 6.45 10.50
C ASN F 280 18.88 6.03 9.15
N ASP F 281 18.80 4.72 8.92
CA ASP F 281 18.42 4.19 7.62
C ASP F 281 16.95 4.42 7.30
N ASN F 282 16.13 4.79 8.29
CA ASN F 282 14.73 5.04 8.01
C ASN F 282 14.50 6.42 7.40
N LYS F 283 15.47 7.33 7.50
CA LYS F 283 15.35 8.64 6.91
C LYS F 283 16.16 8.80 5.64
N THR F 284 16.72 7.71 5.11
CA THR F 284 17.49 7.76 3.88
C THR F 284 16.53 7.69 2.70
N LYS F 285 16.44 8.78 1.95
CA LYS F 285 15.54 8.87 0.82
C LYS F 285 16.22 9.62 -0.30
N VAL F 286 15.74 9.41 -1.51
CA VAL F 286 16.19 10.14 -2.69
C VAL F 286 15.02 10.91 -3.25
N ASP F 287 15.17 12.23 -3.35
CA ASP F 287 14.20 13.07 -4.03
C ASP F 287 14.56 13.18 -5.50
N ASN F 288 13.60 12.90 -6.36
CA ASN F 288 13.77 13.05 -7.80
C ASN F 288 13.07 14.33 -8.25
N PHE F 289 13.71 15.05 -9.16
CA PHE F 289 13.12 16.27 -9.66
C PHE F 289 11.93 15.94 -10.56
N PRO F 290 10.81 16.70 -10.45
CA PRO F 290 10.60 17.89 -9.63
C PRO F 290 10.53 17.60 -8.13
N PHE F 291 11.17 18.48 -7.36
CA PHE F 291 11.43 18.24 -5.96
C PHE F 291 10.22 18.58 -5.09
N VAL F 292 10.05 17.82 -4.03
CA VAL F 292 8.98 18.05 -3.07
C VAL F 292 9.44 19.08 -2.06
N ASP F 293 8.53 19.98 -1.67
CA ASP F 293 8.80 21.00 -0.65
C ASP F 293 7.56 21.09 0.23
N LYS F 294 7.52 20.27 1.28
CA LYS F 294 6.39 20.31 2.20
C LYS F 294 6.44 21.51 3.13
N SER F 295 7.64 21.87 3.60
CA SER F 295 7.79 22.89 4.63
C SER F 295 7.85 24.28 3.97
N SER F 296 6.68 24.75 3.55
CA SER F 296 6.52 26.09 3.00
C SER F 296 5.54 26.85 3.88
N LYS F 297 5.94 28.05 4.31
CA LYS F 297 5.20 28.79 5.31
C LYS F 297 4.44 29.98 4.72
N SER F 298 4.29 30.04 3.39
CA SER F 298 3.69 31.20 2.77
C SER F 298 2.22 31.35 3.14
N ASP F 299 1.47 30.24 3.16
CA ASP F 299 0.06 30.31 3.48
C ASP F 299 -0.18 30.70 4.94
N ILE F 300 0.66 30.19 5.84
CA ILE F 300 0.53 30.54 7.25
C ILE F 300 0.75 32.03 7.46
N PHE F 301 1.80 32.59 6.85
CA PHE F 301 2.09 34.00 7.03
C PHE F 301 1.05 34.89 6.37
N SER F 302 0.40 34.40 5.32
CA SER F 302 -0.60 35.17 4.60
C SER F 302 -2.03 34.81 5.01
N PHE F 303 -2.21 34.11 6.13
CA PHE F 303 -3.55 33.68 6.53
C PHE F 303 -4.46 34.87 6.84
N PHE F 304 -3.91 35.91 7.48
CA PHE F 304 -4.71 37.06 7.91
C PHE F 304 -4.59 38.25 6.97
N GLU F 305 -4.35 38.02 5.68
CA GLU F 305 -4.22 39.15 4.76
C GLU F 305 -5.52 39.92 4.61
N ASN F 306 -6.65 39.22 4.47
CA ASN F 306 -7.93 39.85 4.16
C ASN F 306 -8.75 40.16 5.40
N ILE F 307 -8.10 40.37 6.55
CA ILE F 307 -8.79 40.78 7.77
C ILE F 307 -8.18 42.09 8.23
N THR F 308 -9.03 43.01 8.69
CA THR F 308 -8.61 44.34 9.09
C THR F 308 -9.20 44.68 10.46
N SER F 309 -8.68 45.74 11.06
CA SER F 309 -9.08 46.11 12.42
C SER F 309 -10.53 46.56 12.49
N THR F 310 -11.15 46.90 11.37
CA THR F 310 -12.56 47.31 11.39
C THR F 310 -13.50 46.11 11.47
N ASN F 311 -12.98 44.90 11.28
CA ASN F 311 -13.82 43.71 11.41
C ASN F 311 -14.25 43.52 12.86
N SER F 312 -15.41 42.89 13.04
CA SER F 312 -15.93 42.64 14.37
C SER F 312 -15.01 41.70 15.13
N ASN F 313 -15.09 41.77 16.46
CA ASN F 313 -14.23 40.92 17.29
C ASN F 313 -14.59 39.45 17.13
N ASP F 314 -15.85 39.15 16.84
CA ASP F 314 -16.24 37.76 16.60
C ASP F 314 -15.57 37.21 15.36
N LYS F 315 -15.45 38.02 14.31
CA LYS F 315 -14.70 37.62 13.13
C LYS F 315 -13.25 37.33 13.48
N TRP F 316 -12.65 38.17 14.33
CA TRP F 316 -11.27 37.95 14.73
C TRP F 316 -11.12 36.64 15.49
N ILE F 317 -12.05 36.35 16.40
CA ILE F 317 -12.00 35.11 17.16
C ILE F 317 -12.13 33.91 16.24
N LYS F 318 -13.08 33.97 15.30
CA LYS F 318 -13.27 32.87 14.38
C LYS F 318 -12.03 32.64 13.52
N GLU F 319 -11.42 33.73 13.05
CA GLU F 319 -10.23 33.60 12.20
C GLU F 319 -9.06 33.03 12.99
N ILE F 320 -8.89 33.45 14.25
CA ILE F 320 -7.81 32.88 15.05
C ILE F 320 -8.02 31.39 15.29
N SER F 321 -9.26 31.00 15.60
CA SER F 321 -9.53 29.57 15.80
C SER F 321 -9.28 28.78 14.52
N ASN F 322 -9.79 29.26 13.40
CA ASN F 322 -9.57 28.60 12.12
C ASN F 322 -8.08 28.55 11.80
N PHE F 323 -7.34 29.57 12.17
CA PHE F 323 -5.92 29.63 11.88
C PHE F 323 -5.16 28.59 12.68
N ILE F 324 -5.52 28.41 13.96
CA ILE F 324 -4.90 27.39 14.77
C ILE F 324 -5.16 26.01 14.19
N ASP F 325 -6.42 25.76 13.80
CA ASP F 325 -6.73 24.48 13.17
C ASP F 325 -5.94 24.28 11.89
N TYR F 326 -5.82 25.34 11.09
CA TYR F 326 -5.09 25.27 9.83
C TYR F 326 -3.61 24.92 10.07
N CYS F 327 -3.00 25.53 11.07
CA CYS F 327 -1.60 25.26 11.34
C CYS F 327 -1.36 23.87 11.90
N VAL F 328 -2.28 23.38 12.74
CA VAL F 328 -2.17 22.01 13.21
C VAL F 328 -2.28 21.03 12.04
N ASN F 329 -3.20 21.30 11.12
CA ASN F 329 -3.28 20.48 9.91
C ASN F 329 -2.00 20.55 9.10
N GLU F 330 -1.43 21.75 8.95
CA GLU F 330 -0.20 21.89 8.18
C GLU F 330 0.93 21.09 8.81
N GLU F 331 1.05 21.15 10.13
CA GLU F 331 2.04 20.33 10.82
C GLU F 331 1.80 18.85 10.60
N HIS F 332 0.53 18.44 10.61
CA HIS F 332 0.20 17.04 10.35
C HIS F 332 0.60 16.62 8.94
N LEU F 333 0.48 17.52 7.96
CA LEU F 333 0.77 17.21 6.57
C LEU F 333 2.25 17.24 6.24
N GLY F 334 3.13 17.33 7.23
CA GLY F 334 4.55 17.30 7.00
C GLY F 334 5.24 18.64 7.00
N ASN F 335 4.50 19.74 7.18
CA ASN F 335 5.07 21.07 7.23
C ASN F 335 5.68 21.25 8.62
N LYS F 336 6.95 20.86 8.75
CA LYS F 336 7.62 20.91 10.03
C LYS F 336 7.67 22.32 10.59
N GLY F 337 7.37 22.44 11.88
CA GLY F 337 7.41 23.71 12.57
C GLY F 337 6.23 24.62 12.32
N ALA F 338 5.13 24.11 11.76
CA ALA F 338 4.01 24.98 11.43
C ALA F 338 3.23 25.39 12.66
N ILE F 339 3.20 24.55 13.70
CA ILE F 339 2.53 24.93 14.94
C ILE F 339 3.31 26.00 15.68
N LYS F 340 4.64 25.92 15.66
CA LYS F 340 5.44 26.92 16.35
C LYS F 340 5.29 28.30 15.74
N CYS F 341 4.77 28.40 14.52
CA CYS F 341 4.52 29.69 13.91
C CYS F 341 3.18 30.28 14.30
N ILE F 342 2.34 29.54 15.04
CA ILE F 342 1.01 30.04 15.39
C ILE F 342 1.12 31.33 16.21
N PHE F 343 1.76 31.23 17.37
CA PHE F 343 1.84 32.37 18.29
C PHE F 343 2.54 33.58 17.68
N PRO F 344 3.72 33.44 17.05
CA PRO F 344 4.37 34.64 16.51
C PRO F 344 3.53 35.39 15.50
N VAL F 345 2.81 34.69 14.63
CA VAL F 345 2.09 35.41 13.60
C VAL F 345 0.76 35.94 14.10
N ILE F 346 0.16 35.30 15.11
CA ILE F 346 -0.99 35.94 15.77
C ILE F 346 -0.56 37.26 16.40
N THR F 347 0.58 37.24 17.10
CA THR F 347 1.07 38.46 17.73
C THR F 347 1.39 39.53 16.68
N ASN F 348 2.09 39.14 15.62
CA ASN F 348 2.45 40.09 14.58
C ASN F 348 1.22 40.61 13.85
N THR F 349 0.22 39.77 13.63
CA THR F 349 -1.01 40.24 12.99
C THR F 349 -1.72 41.26 13.85
N LEU F 350 -1.85 40.97 15.15
CA LEU F 350 -2.52 41.95 16.02
C LEU F 350 -1.73 43.25 16.10
N LYS F 351 -0.40 43.17 16.01
CA LYS F 351 0.39 44.40 16.08
C LYS F 351 0.35 45.19 14.77
N GLN F 352 0.41 44.50 13.63
CA GLN F 352 0.41 45.19 12.34
C GLN F 352 -0.96 45.74 11.98
N LYS F 353 -2.02 44.99 12.27
CA LYS F 353 -3.36 45.43 11.88
C LYS F 353 -3.86 46.58 12.73
N LYS F 354 -3.10 47.01 13.73
CA LYS F 354 -3.42 48.15 14.58
C LYS F 354 -4.77 47.93 15.28
N VAL F 355 -4.82 46.88 16.09
CA VAL F 355 -6.02 46.52 16.82
C VAL F 355 -5.97 47.14 18.20
N ASP F 356 -7.07 47.77 18.61
CA ASP F 356 -7.10 48.51 19.86
C ASP F 356 -6.89 47.58 21.05
N THR F 357 -6.31 48.14 22.13
CA THR F 357 -6.06 47.36 23.33
C THR F 357 -7.35 46.83 23.94
N LYS F 358 -8.38 47.67 23.97
CA LYS F 358 -9.69 47.20 24.42
C LYS F 358 -10.18 46.06 23.54
N ASN F 359 -9.92 46.15 22.23
CA ASN F 359 -10.29 45.08 21.32
C ASN F 359 -9.47 43.82 21.59
N ILE F 360 -8.18 43.97 21.89
CA ILE F 360 -7.38 42.80 22.24
C ILE F 360 -7.96 42.10 23.46
N ASP F 361 -8.30 42.88 24.49
CA ASP F 361 -8.89 42.30 25.69
C ASP F 361 -10.21 41.62 25.38
N ASN F 362 -11.03 42.25 24.54
CA ASN F 362 -12.32 41.65 24.17
C ASN F 362 -12.12 40.34 23.42
N ILE F 363 -11.22 40.31 22.44
CA ILE F 363 -10.99 39.09 21.68
C ILE F 363 -10.52 37.96 22.58
N PHE F 364 -9.52 38.21 23.40
CA PHE F 364 -8.91 37.10 24.11
C PHE F 364 -9.59 36.77 25.42
N SER F 365 -10.47 37.65 25.92
CA SER F 365 -11.19 37.40 27.16
C SER F 365 -12.65 37.05 26.98
N LYS F 366 -13.22 37.30 25.80
CA LYS F 366 -14.63 36.99 25.57
C LYS F 366 -14.88 35.51 25.76
N ARG F 367 -15.89 35.20 26.56
CA ARG F 367 -16.38 33.83 26.74
C ARG F 367 -17.77 33.77 26.14
N ASN F 368 -17.91 32.97 25.08
CA ASN F 368 -19.19 32.88 24.39
C ASN F 368 -20.22 32.23 25.30
N MET F 369 -21.39 32.86 25.42
CA MET F 369 -22.36 32.44 26.43
C MET F 369 -22.99 31.10 26.08
N VAL F 370 -23.08 30.77 24.79
CA VAL F 370 -23.78 29.56 24.38
C VAL F 370 -22.81 28.44 24.03
N THR F 371 -21.73 28.72 23.30
CA THR F 371 -20.75 27.68 23.00
C THR F 371 -19.72 27.50 24.10
N ASN F 372 -19.65 28.44 25.05
CA ASN F 372 -18.71 28.39 26.16
C ASN F 372 -17.27 28.29 25.64
N PHE F 373 -16.99 29.04 24.58
CA PHE F 373 -15.71 28.97 23.89
C PHE F 373 -14.91 30.25 24.12
N ASN F 374 -13.66 30.09 24.54
CA ASN F 374 -12.74 31.20 24.66
C ASN F 374 -11.49 30.86 23.85
N VAL F 375 -11.00 31.82 23.07
CA VAL F 375 -9.90 31.55 22.16
C VAL F 375 -8.59 31.38 22.93
N PHE F 376 -8.40 32.13 24.02
CA PHE F 376 -7.20 31.95 24.83
C PHE F 376 -7.15 30.56 25.42
N GLU F 377 -8.31 30.01 25.81
CA GLU F 377 -8.35 28.65 26.31
C GLU F 377 -7.97 27.64 25.24
N LYS F 378 -8.38 27.89 23.99
CA LYS F 378 -7.97 27.02 22.89
C LYS F 378 -6.46 27.06 22.70
N ILE F 379 -5.88 28.25 22.77
CA ILE F 379 -4.43 28.37 22.60
C ILE F 379 -3.70 27.70 23.76
N LEU F 380 -4.24 27.81 24.97
CA LEU F 380 -3.65 27.14 26.12
C LEU F 380 -3.72 25.62 25.98
N ASP F 381 -4.85 25.09 25.51
CA ASP F 381 -4.96 23.66 25.29
C ASP F 381 -3.97 23.19 24.22
N LEU F 382 -3.85 23.96 23.14
CA LEU F 382 -2.85 23.64 22.12
C LEU F 382 -1.46 23.59 22.73
N SER F 383 -1.12 24.55 23.57
CA SER F 383 0.19 24.56 24.21
C SER F 383 0.37 23.32 25.08
N LEU F 384 -0.68 22.90 25.78
CA LEU F 384 -0.57 21.71 26.62
C LEU F 384 -0.49 20.42 25.81
N LYS F 385 -0.89 20.42 24.54
CA LYS F 385 -0.80 19.20 23.77
C LYS F 385 0.64 18.83 23.45
N ASP F 386 1.51 19.82 23.26
CA ASP F 386 2.93 19.58 23.06
C ASP F 386 3.71 20.44 24.03
N SER F 387 4.43 19.80 24.95
CA SER F 387 5.11 20.53 26.02
C SER F 387 6.26 21.38 25.50
N ARG F 388 6.70 21.15 24.26
CA ARG F 388 7.74 21.99 23.68
C ARG F 388 7.21 23.37 23.31
N LEU F 389 5.91 23.60 23.44
CA LEU F 389 5.29 24.88 23.15
C LEU F 389 5.11 25.72 24.41
N THR F 390 5.69 25.31 25.54
CA THR F 390 5.52 26.03 26.79
C THR F 390 6.02 27.46 26.70
N ASN F 391 7.26 27.63 26.28
CA ASN F 391 7.86 28.95 26.24
C ASN F 391 7.24 29.78 25.11
N LYS F 392 6.84 29.12 24.02
CA LYS F 392 6.12 29.79 22.95
C LYS F 392 4.83 30.40 23.46
N PHE F 393 4.03 29.60 24.16
CA PHE F 393 2.79 30.09 24.75
C PHE F 393 3.02 31.22 25.74
N LEU F 394 4.03 31.08 26.58
CA LEU F 394 4.22 32.08 27.63
C LEU F 394 4.73 33.39 27.04
N THR F 395 5.60 33.32 26.03
CA THR F 395 6.00 34.53 25.31
C THR F 395 4.82 35.18 24.61
N PHE F 396 3.98 34.37 23.96
CA PHE F 396 2.80 34.91 23.30
C PHE F 396 1.89 35.60 24.30
N PHE F 397 1.72 35.00 25.48
CA PHE F 397 0.89 35.63 26.50
C PHE F 397 1.49 36.93 26.99
N GLU F 398 2.82 36.99 27.14
CA GLU F 398 3.43 38.28 27.52
C GLU F 398 3.18 39.34 26.46
N ASN F 399 3.33 38.97 25.18
CA ASN F 399 3.09 39.94 24.11
C ASN F 399 1.65 40.45 24.15
N ILE F 400 0.68 39.54 24.16
CA ILE F 400 -0.71 40.00 24.16
C ILE F 400 -1.10 40.64 25.49
N ASN F 401 -0.33 40.40 26.56
CA ASN F 401 -0.54 41.12 27.80
C ASN F 401 -0.11 42.57 27.65
N GLU F 402 1.03 42.81 26.98
CA GLU F 402 1.40 44.18 26.69
C GLU F 402 0.44 44.83 25.71
N PHE F 403 -0.20 44.05 24.85
CA PHE F 403 -1.14 44.60 23.87
C PHE F 403 -2.46 45.03 24.51
N GLY F 404 -2.79 44.53 25.70
CA GLY F 404 -4.02 44.95 26.35
C GLY F 404 -4.78 43.86 27.08
N PHE F 405 -4.52 42.60 26.72
CA PHE F 405 -5.18 41.48 27.39
C PHE F 405 -4.78 41.46 28.86
N SER F 406 -5.72 41.74 29.74
CA SER F 406 -5.41 41.87 31.15
C SER F 406 -4.92 40.54 31.73
N SER F 407 -4.03 40.64 32.72
CA SER F 407 -3.47 39.45 33.33
C SER F 407 -4.48 38.74 34.23
N LEU F 408 -5.37 39.52 34.87
CA LEU F 408 -6.36 38.91 35.74
C LEU F 408 -7.35 38.05 34.95
N SER F 409 -7.77 38.53 33.78
CA SER F 409 -8.69 37.74 32.96
C SER F 409 -8.02 36.46 32.47
N ALA F 410 -6.76 36.55 32.05
CA ALA F 410 -6.04 35.35 31.62
C ALA F 410 -5.87 34.36 32.76
N SER F 411 -5.57 34.87 33.95
CA SER F 411 -5.46 34.00 35.12
C SER F 411 -6.79 33.31 35.39
N ASN F 412 -7.90 34.03 35.27
CA ASN F 412 -9.21 33.43 35.51
C ASN F 412 -9.53 32.38 34.45
N ILE F 413 -9.17 32.63 33.19
CA ILE F 413 -9.40 31.66 32.14
C ILE F 413 -8.59 30.39 32.39
N VAL F 414 -7.32 30.54 32.77
CA VAL F 414 -6.49 29.37 33.03
C VAL F 414 -6.98 28.64 34.27
N LYS F 415 -7.44 29.37 35.27
CA LYS F 415 -8.05 28.74 36.44
C LYS F 415 -9.25 27.91 36.05
N LYS F 416 -10.11 28.45 35.20
CA LYS F 416 -11.30 27.72 34.76
C LYS F 416 -10.91 26.48 33.98
N TYR F 417 -9.92 26.58 33.10
CA TYR F 417 -9.46 25.41 32.35
C TYR F 417 -8.93 24.33 33.28
N PHE F 418 -8.09 24.72 34.24
CA PHE F 418 -7.51 23.73 35.14
C PHE F 418 -8.57 23.09 36.02
N SER F 419 -9.52 23.88 36.51
CA SER F 419 -10.62 23.32 37.30
C SER F 419 -11.47 22.37 36.46
N ASN F 420 -11.72 22.71 35.20
CA ASN F 420 -12.56 21.89 34.36
C ASN F 420 -11.88 20.57 34.01
N ASN F 421 -10.56 20.59 33.87
CA ASN F 421 -9.78 19.43 33.46
C ASN F 421 -8.92 18.88 34.59
N SER F 422 -9.35 19.10 35.84
CA SER F 422 -8.54 18.72 36.98
C SER F 422 -8.25 17.22 37.02
N LYS F 423 -9.23 16.38 36.70
CA LYS F 423 -9.01 14.94 36.75
C LYS F 423 -7.96 14.52 35.74
N GLY F 424 -8.11 14.97 34.49
CA GLY F 424 -7.14 14.64 33.47
C GLY F 424 -5.76 15.18 33.79
N LEU F 425 -5.69 16.40 34.33
CA LEU F 425 -4.40 16.96 34.67
C LEU F 425 -3.74 16.21 35.82
N LYS F 426 -4.52 15.78 36.82
CA LYS F 426 -3.92 15.02 37.91
C LYS F 426 -3.39 13.68 37.43
N GLU F 427 -4.14 12.98 36.58
CA GLU F 427 -3.60 11.72 36.09
C GLU F 427 -2.43 11.93 35.13
N LYS F 428 -2.41 13.03 34.39
CA LYS F 428 -1.23 13.37 33.60
C LYS F 428 -0.03 13.64 34.48
N ILE F 429 -0.21 14.35 35.60
CA ILE F 429 0.90 14.58 36.52
C ILE F 429 1.41 13.27 37.07
N ASP F 430 0.50 12.37 37.44
CA ASP F 430 0.93 11.07 37.96
C ASP F 430 1.71 10.29 36.91
N HIS F 431 1.23 10.29 35.66
CA HIS F 431 1.95 9.62 34.59
C HIS F 431 3.33 10.23 34.37
N TYR F 432 3.41 11.57 34.32
CA TYR F 432 4.67 12.24 34.04
C TYR F 432 5.66 12.01 35.16
N ARG F 433 5.18 11.98 36.39
CA ARG F 433 6.06 11.77 37.54
C ARG F 433 6.52 10.32 37.62
N LYS F 434 5.67 9.37 37.23
CA LYS F 434 6.07 7.97 37.23
C LYS F 434 7.07 7.67 36.12
N ASN F 435 6.86 8.24 34.94
CA ASN F 435 7.62 7.88 33.75
C ASN F 435 8.79 8.81 33.48
N ASN F 436 9.07 9.75 34.39
CA ASN F 436 10.17 10.69 34.24
C ASN F 436 10.02 11.51 32.96
N PHE F 437 8.81 12.01 32.73
CA PHE F 437 8.53 12.89 31.60
C PHE F 437 8.72 14.32 32.08
N ASN F 438 9.98 14.78 32.03
CA ASN F 438 10.39 15.95 32.79
C ASN F 438 9.72 17.22 32.28
N GLN F 439 9.74 17.44 30.96
CA GLN F 439 9.22 18.70 30.44
C GLN F 439 7.70 18.77 30.53
N GLU F 440 7.02 17.64 30.40
CA GLU F 440 5.57 17.65 30.51
C GLU F 440 5.12 18.03 31.92
N LEU F 441 5.82 17.55 32.94
CA LEU F 441 5.54 17.98 34.30
C LEU F 441 5.95 19.42 34.52
N TYR F 442 7.10 19.81 33.97
CA TYR F 442 7.58 21.17 34.12
C TYR F 442 6.59 22.17 33.55
N GLN F 443 5.96 21.84 32.43
CA GLN F 443 5.01 22.75 31.81
C GLN F 443 3.79 22.98 32.69
N ILE F 444 3.24 21.91 33.27
CA ILE F 444 2.04 22.05 34.10
C ILE F 444 2.36 22.84 35.36
N LEU F 445 3.48 22.51 36.03
CA LEU F 445 3.84 23.27 37.22
C LEU F 445 4.19 24.72 36.89
N LEU F 446 4.75 24.96 35.70
CA LEU F 446 5.07 26.33 35.32
C LEU F 446 3.81 27.14 35.07
N TYR F 447 2.81 26.54 34.42
CA TYR F 447 1.53 27.21 34.25
C TYR F 447 0.87 27.48 35.60
N MET F 448 0.97 26.52 36.52
CA MET F 448 0.40 26.72 37.85
C MET F 448 1.08 27.87 38.58
N VAL F 449 2.41 27.96 38.48
CA VAL F 449 3.14 29.04 39.14
C VAL F 449 2.82 30.38 38.51
N VAL F 450 2.83 30.44 37.18
CA VAL F 450 2.66 31.71 36.48
C VAL F 450 1.25 32.25 36.68
N PHE F 451 0.25 31.41 36.49
CA PHE F 451 -1.13 31.86 36.45
C PHE F 451 -1.84 31.75 37.79
N GLU F 452 -1.10 31.52 38.88
CA GLU F 452 -1.65 31.50 40.23
C GLU F 452 -2.70 30.40 40.40
N ILE F 453 -2.40 29.22 39.89
CA ILE F 453 -3.30 28.07 40.05
C ILE F 453 -3.04 27.51 41.44
N ASP F 454 -4.00 27.68 42.35
CA ASP F 454 -3.78 27.35 43.76
C ASP F 454 -4.74 26.30 44.28
N ASP F 455 -5.38 25.52 43.39
CA ASP F 455 -6.31 24.50 43.84
C ASP F 455 -6.19 23.16 43.13
N LEU F 456 -5.34 23.03 42.11
CA LEU F 456 -5.27 21.75 41.40
C LEU F 456 -4.65 20.66 42.26
N LEU F 457 -3.55 20.97 42.95
CA LEU F 457 -2.91 20.04 43.86
C LEU F 457 -2.99 20.58 45.27
N ASN F 458 -3.36 19.72 46.21
CA ASN F 458 -3.42 20.10 47.62
C ASN F 458 -2.04 19.95 48.24
N GLN F 459 -1.97 19.99 49.57
CA GLN F 459 -0.67 20.02 50.24
C GLN F 459 0.07 18.70 50.11
N GLU F 460 -0.61 17.58 50.37
CA GLU F 460 0.09 16.30 50.34
C GLU F 460 0.34 15.79 48.93
N GLU F 461 -0.34 16.33 47.92
CA GLU F 461 0.09 16.05 46.55
C GLU F 461 1.27 16.91 46.13
N LEU F 462 1.32 18.17 46.59
CA LEU F 462 2.49 19.00 46.33
C LEU F 462 3.74 18.40 46.96
N LEU F 463 3.61 17.91 48.20
CA LEU F 463 4.75 17.29 48.86
C LEU F 463 5.17 15.99 48.19
N ASN F 464 4.28 15.38 47.40
CA ASN F 464 4.63 14.16 46.69
C ASN F 464 5.55 14.40 45.51
N LEU F 465 5.61 15.64 45.00
CA LEU F 465 6.53 15.94 43.91
C LEU F 465 7.95 16.21 44.38
N ILE F 466 8.16 16.43 45.67
CA ILE F 466 9.52 16.66 46.18
C ILE F 466 10.05 15.28 46.57
N ASP F 467 10.49 14.54 45.55
CA ASP F 467 10.98 13.18 45.71
C ASP F 467 12.06 12.91 44.68
N LEU F 468 12.53 11.67 44.65
CA LEU F 468 13.57 11.28 43.72
C LEU F 468 13.01 11.15 42.30
N ASN F 469 13.92 11.15 41.33
CA ASN F 469 13.60 11.03 39.90
C ASN F 469 12.77 12.20 39.39
N ILE F 470 12.74 13.30 40.13
CA ILE F 470 12.10 14.54 39.71
C ILE F 470 13.19 15.52 39.36
N ASP F 471 13.07 16.16 38.20
CA ASP F 471 14.12 17.05 37.73
C ASP F 471 14.20 18.30 38.60
N ASP F 472 15.33 19.00 38.46
CA ASP F 472 15.61 20.15 39.32
C ASP F 472 14.59 21.26 39.12
N TYR F 473 14.26 21.56 37.88
CA TYR F 473 13.32 22.65 37.60
C TYR F 473 11.93 22.30 38.11
N SER F 474 11.52 21.05 37.98
CA SER F 474 10.23 20.64 38.55
C SER F 474 10.23 20.75 40.07
N LEU F 475 11.34 20.37 40.70
CA LEU F 475 11.45 20.52 42.15
C LEU F 475 11.35 21.97 42.57
N ILE F 476 12.03 22.86 41.83
CA ILE F 476 11.95 24.29 42.14
C ILE F 476 10.53 24.81 41.96
N LEU F 477 9.86 24.39 40.89
CA LEU F 477 8.50 24.87 40.66
C LEU F 477 7.54 24.35 41.72
N GLY F 478 7.71 23.10 42.15
CA GLY F 478 6.90 22.59 43.25
C GLY F 478 7.14 23.32 44.55
N THR F 479 8.41 23.63 44.84
CA THR F 479 8.71 24.43 46.03
C THR F 479 8.08 25.81 45.95
N ILE F 480 8.12 26.43 44.77
CA ILE F 480 7.48 27.74 44.59
C ILE F 480 5.98 27.62 44.84
N LEU F 481 5.35 26.58 44.30
CA LEU F 481 3.92 26.39 44.52
C LEU F 481 3.62 26.20 46.00
N TYR F 482 4.51 25.53 46.73
CA TYR F 482 4.29 25.34 48.16
C TYR F 482 4.45 26.67 48.92
N LEU F 483 5.44 27.47 48.56
CA LEU F 483 5.66 28.73 49.27
C LEU F 483 4.61 29.78 48.94
N LYS F 484 4.03 29.72 47.74
CA LYS F 484 3.01 30.69 47.37
C LYS F 484 1.79 30.58 48.26
N ASN F 485 1.46 29.36 48.69
CA ASN F 485 0.30 29.13 49.55
C ASN F 485 0.74 29.38 50.98
N SER F 486 0.36 30.54 51.52
CA SER F 486 0.79 30.93 52.87
C SER F 486 0.11 30.11 53.96
N SER F 487 -0.97 29.40 53.65
CA SER F 487 -1.63 28.57 54.65
C SER F 487 -0.72 27.42 55.08
N TYR F 488 -0.04 26.83 54.10
CA TYR F 488 0.75 25.59 54.34
C TYR F 488 1.92 25.86 55.28
N LYS F 489 2.36 24.82 55.99
CA LYS F 489 3.47 24.96 56.96
C LYS F 489 4.77 24.42 56.37
N LEU F 490 5.82 25.22 56.40
CA LEU F 490 7.11 24.81 55.80
C LEU F 490 7.87 23.96 56.79
N GLU F 491 7.32 22.86 57.25
CA GLU F 491 8.06 21.92 58.11
C GLU F 491 7.74 20.58 57.51
N LYS F 492 6.66 20.54 56.77
CA LYS F 492 6.30 19.32 56.04
C LYS F 492 7.09 19.45 54.76
N LEU F 493 7.50 20.67 54.42
CA LEU F 493 8.35 20.92 53.27
C LEU F 493 9.82 20.76 53.63
N LEU F 494 10.25 21.31 54.77
CA LEU F 494 11.64 21.15 55.16
C LEU F 494 11.99 19.69 55.40
N LYS F 495 11.09 18.95 56.01
CA LYS F 495 11.35 17.53 56.21
C LYS F 495 11.49 16.82 54.88
N LYS F 496 10.61 17.11 53.93
CA LYS F 496 10.63 16.44 52.64
C LYS F 496 11.90 16.78 51.87
N ILE F 497 12.30 18.06 51.89
CA ILE F 497 13.51 18.48 51.20
C ILE F 497 14.75 17.89 51.84
N ASP F 498 14.81 17.88 53.18
CA ASP F 498 15.96 17.31 53.87
C ASP F 498 16.08 15.82 53.59
N GLN F 499 14.96 15.11 53.58
CA GLN F 499 14.99 13.70 53.23
C GLN F 499 15.48 13.50 51.81
N LEU F 500 15.03 14.34 50.89
CA LEU F 500 15.50 14.25 49.51
C LEU F 500 17.00 14.51 49.41
N PHE F 501 17.49 15.51 50.13
CA PHE F 501 18.93 15.83 50.09
C PHE F 501 19.75 14.68 50.65
N ILE F 502 19.31 14.10 51.77
CA ILE F 502 20.01 12.97 52.36
C ILE F 502 20.04 11.79 51.41
N ASN F 503 18.89 11.50 50.80
CA ASN F 503 18.81 10.35 49.88
C ASN F 503 19.68 10.57 48.66
N THR F 504 19.75 11.81 48.16
CA THR F 504 20.60 12.09 47.01
C THR F 504 22.08 11.96 47.36
N HIS F 505 22.49 12.50 48.52
CA HIS F 505 23.89 12.38 48.90
C HIS F 505 24.28 10.95 49.25
N ALA F 506 23.31 10.13 49.65
CA ALA F 506 23.61 8.74 49.97
C ALA F 506 24.11 7.95 48.76
N ASN F 507 23.92 8.48 47.56
CA ASN F 507 24.32 7.79 46.34
C ASN F 507 25.73 8.14 45.90
N TYR F 508 26.46 8.93 46.70
CA TYR F 508 27.80 9.39 46.36
C TYR F 508 28.76 9.02 47.47
N ASP F 509 30.04 9.05 47.16
CA ASP F 509 31.06 8.87 48.18
C ASP F 509 30.95 9.99 49.22
N VAL F 510 31.18 9.65 50.48
CA VAL F 510 30.95 10.59 51.56
C VAL F 510 31.89 11.80 51.48
N LYS F 511 32.99 11.68 50.75
CA LYS F 511 33.94 12.77 50.59
C LYS F 511 33.63 13.63 49.36
N THR F 512 32.39 13.63 48.88
CA THR F 512 32.00 14.36 47.70
C THR F 512 31.29 15.65 48.11
N SER F 513 31.73 16.78 47.55
CA SER F 513 31.06 18.04 47.80
C SER F 513 29.64 18.00 47.25
N ARG F 514 28.72 18.65 47.95
CA ARG F 514 27.30 18.53 47.60
C ARG F 514 26.97 19.25 46.31
N MET F 515 27.70 20.29 45.96
CA MET F 515 27.38 21.05 44.75
C MET F 515 27.95 20.41 43.50
N ALA F 516 28.70 19.32 43.63
CA ALA F 516 29.14 18.53 42.50
C ALA F 516 28.26 17.30 42.28
N GLU F 517 27.16 17.22 43.00
CA GLU F 517 26.26 16.07 42.96
C GLU F 517 25.03 16.39 42.13
N LYS F 518 24.07 15.48 42.14
CA LYS F 518 22.78 15.71 41.53
C LYS F 518 22.01 16.72 42.37
N LEU F 519 21.05 17.40 41.73
CA LEU F 519 20.24 18.44 42.37
C LEU F 519 21.06 19.65 42.80
N TRP F 520 22.10 19.99 42.04
CA TRP F 520 22.89 21.17 42.38
C TRP F 520 22.05 22.43 42.30
N LEU F 521 21.18 22.53 41.28
CA LEU F 521 20.40 23.73 41.08
C LEU F 521 19.32 23.87 42.16
N PHE F 522 18.69 22.78 42.55
CA PHE F 522 17.68 22.85 43.61
C PHE F 522 18.33 23.13 44.96
N ARG F 523 19.51 22.53 45.22
CA ARG F 523 20.25 22.89 46.41
C ARG F 523 20.58 24.37 46.44
N TYR F 524 21.07 24.91 45.32
CA TYR F 524 21.42 26.32 45.29
C TYR F 524 20.18 27.18 45.51
N PHE F 525 19.07 26.80 44.89
CA PHE F 525 17.81 27.49 45.11
C PHE F 525 17.47 27.55 46.58
N PHE F 526 17.57 26.41 47.27
CA PHE F 526 17.19 26.37 48.67
C PHE F 526 18.13 27.21 49.53
N TYR F 527 19.45 27.09 49.32
CA TYR F 527 20.35 27.87 50.16
C TYR F 527 20.25 29.36 49.88
N PHE F 528 20.06 29.75 48.61
CA PHE F 528 19.86 31.15 48.31
C PHE F 528 18.57 31.68 48.95
N LEU F 529 17.52 30.87 48.93
CA LEU F 529 16.28 31.28 49.57
C LEU F 529 16.45 31.40 51.08
N ASN F 530 17.27 30.53 51.66
CA ASN F 530 17.52 30.58 53.09
C ASN F 530 18.29 31.83 53.48
N CYS F 531 19.29 32.21 52.68
CA CYS F 531 20.05 33.42 52.98
C CYS F 531 19.18 34.67 52.87
N LYS F 532 18.33 34.73 51.85
CA LYS F 532 17.42 35.86 51.70
C LYS F 532 16.27 35.81 52.70
N ASN F 533 16.16 34.73 53.48
CA ASN F 533 15.21 34.59 54.58
C ASN F 533 13.76 34.44 54.10
N ILE F 534 13.55 33.83 52.94
CA ILE F 534 12.22 33.31 52.62
C ILE F 534 11.91 32.09 53.48
N PHE F 535 12.90 31.22 53.67
CA PHE F 535 12.84 30.22 54.74
C PHE F 535 13.32 30.90 56.02
N SER F 536 12.40 31.23 56.91
CA SER F 536 12.76 31.88 58.16
C SER F 536 13.72 30.99 58.95
N GLN F 537 14.79 31.59 59.47
CA GLN F 537 15.80 30.83 60.19
C GLN F 537 15.22 30.19 61.45
N LYS F 538 14.22 30.84 62.06
CA LYS F 538 13.61 30.28 63.26
C LYS F 538 12.98 28.93 62.99
N GLU F 539 12.27 28.79 61.87
CA GLU F 539 11.55 27.55 61.61
C GLU F 539 12.49 26.45 61.16
N ILE F 540 13.57 26.81 60.45
CA ILE F 540 14.61 25.83 60.14
C ILE F 540 15.27 25.35 61.43
N ASN F 541 15.54 26.27 62.36
CA ASN F 541 16.10 25.86 63.64
C ASN F 541 15.16 24.93 64.39
N SER F 542 13.86 25.24 64.38
CA SER F 542 12.89 24.38 65.04
C SER F 542 12.86 23.00 64.40
N TYR F 543 12.90 22.93 63.07
CA TYR F 543 12.92 21.64 62.39
C TYR F 543 14.16 20.84 62.76
N CYS F 544 15.33 21.50 62.78
CA CYS F 544 16.56 20.80 63.14
C CYS F 544 16.51 20.29 64.58
N GLN F 545 15.96 21.09 65.49
CA GLN F 545 15.80 20.63 66.86
C GLN F 545 14.86 19.43 66.93
N SER F 546 13.78 19.47 66.15
CA SER F 546 12.85 18.34 66.12
C SER F 546 13.54 17.07 65.64
N GLN F 547 14.45 17.19 64.69
CA GLN F 547 15.22 16.05 64.21
C GLN F 547 16.46 15.79 65.04
N ASN F 548 16.72 16.60 66.07
CA ASN F 548 17.85 16.40 66.97
C ASN F 548 19.17 16.40 66.21
N TYR F 549 19.38 17.43 65.39
CA TYR F 549 20.61 17.56 64.63
C TYR F 549 21.68 18.19 65.52
N ASN F 550 22.83 17.54 65.60
CA ASN F 550 23.91 18.03 66.45
C ASN F 550 24.41 19.36 65.94
N SER F 551 24.55 20.33 66.84
CA SER F 551 25.03 21.65 66.45
C SER F 551 26.55 21.62 66.25
N GLY F 552 27.09 22.77 65.89
CA GLY F 552 28.50 22.87 65.61
C GLY F 552 28.98 24.29 65.63
N GLN F 553 30.22 24.47 65.16
CA GLN F 553 30.82 25.80 65.15
C GLN F 553 30.11 26.74 64.19
N ASN F 554 29.46 26.19 63.17
CA ASN F 554 28.87 26.99 62.09
C ASN F 554 27.47 26.55 61.72
N GLY F 555 26.71 25.97 62.66
CA GLY F 555 25.34 25.64 62.37
C GLY F 555 24.85 24.34 63.00
N TYR F 556 23.89 23.69 62.36
CA TYR F 556 23.23 22.51 62.90
C TYR F 556 23.70 21.21 62.24
N GLN F 557 24.70 21.27 61.37
CA GLN F 557 25.23 20.09 60.70
C GLN F 557 24.14 19.26 60.03
N THR F 558 23.26 19.96 59.32
CA THR F 558 22.22 19.34 58.51
C THR F 558 22.50 19.61 57.04
N GLU F 559 21.84 18.84 56.18
CA GLU F 559 21.89 19.14 54.75
C GLU F 559 21.28 20.49 54.42
N LEU F 560 20.48 21.04 55.33
CA LEU F 560 19.76 22.27 55.09
C LEU F 560 20.59 23.51 55.44
N ASN F 561 21.79 23.34 55.97
CA ASN F 561 22.61 24.43 56.47
C ASN F 561 23.78 24.65 55.51
N TRP F 562 23.76 25.76 54.78
CA TRP F 562 24.81 26.00 53.80
C TRP F 562 26.16 26.27 54.46
N ASN F 563 26.16 26.83 55.67
CA ASN F 563 27.43 27.12 56.33
C ASN F 563 28.15 25.83 56.68
N TYR F 564 27.42 24.79 57.07
CA TYR F 564 28.03 23.49 57.33
C TYR F 564 28.38 22.76 56.03
N ILE F 565 27.47 22.81 55.05
CA ILE F 565 27.67 22.08 53.80
C ILE F 565 28.86 22.63 53.02
N LYS F 566 29.05 23.94 53.01
CA LYS F 566 30.03 24.53 52.11
C LYS F 566 31.45 24.09 52.41
N GLY F 567 31.70 23.52 53.60
CA GLY F 567 33.02 23.04 53.94
C GLY F 567 33.13 21.53 54.03
N GLN F 568 32.13 20.82 53.51
CA GLN F 568 32.14 19.35 53.54
C GLN F 568 32.56 18.81 52.19
N GLY F 569 33.45 17.84 52.19
CA GLY F 569 33.98 17.27 50.96
C GLY F 569 35.47 17.47 50.86
N LYS F 570 36.16 16.55 50.16
CA LYS F 570 37.61 16.70 50.02
C LYS F 570 37.97 17.79 49.03
N ASP F 571 37.19 17.94 47.97
CA ASP F 571 37.43 18.94 46.93
C ASP F 571 36.29 19.96 46.99
N LEU F 572 36.64 21.23 47.22
CA LEU F 572 35.66 22.27 47.45
C LEU F 572 35.69 23.36 46.38
N ARG F 573 36.07 23.02 45.16
CA ARG F 573 36.14 24.04 44.11
C ARG F 573 34.74 24.48 43.70
N ALA F 574 33.84 23.54 43.47
CA ALA F 574 32.45 23.89 43.16
C ALA F 574 31.77 24.52 44.38
N ASN F 575 32.06 24.02 45.58
CA ASN F 575 31.51 24.63 46.78
C ASN F 575 31.96 26.08 46.91
N ASN F 576 33.24 26.36 46.65
CA ASN F 576 33.73 27.74 46.74
C ASN F 576 33.11 28.62 45.65
N PHE F 577 33.00 28.09 44.44
CA PHE F 577 32.32 28.80 43.36
C PHE F 577 30.91 29.21 43.77
N PHE F 578 30.11 28.24 44.22
CA PHE F 578 28.72 28.53 44.52
C PHE F 578 28.59 29.35 45.80
N ASN F 579 29.56 29.23 46.70
CA ASN F 579 29.59 30.10 47.87
C ASN F 579 29.84 31.55 47.46
N GLU F 580 30.72 31.79 46.50
CA GLU F 580 30.91 33.14 46.00
C GLU F 580 29.64 33.68 45.36
N LEU F 581 28.93 32.84 44.60
CA LEU F 581 27.64 33.28 44.06
C LEU F 581 26.62 33.60 45.15
N ILE F 582 26.54 32.75 46.19
CA ILE F 582 25.54 32.97 47.23
C ILE F 582 25.87 34.22 48.05
N VAL F 583 27.14 34.38 48.43
CA VAL F 583 27.52 35.52 49.26
C VAL F 583 27.24 36.83 48.55
N LYS F 584 27.45 36.87 47.23
CA LYS F 584 27.23 38.09 46.47
C LYS F 584 25.80 38.22 45.97
N GLU F 585 24.89 37.40 46.48
CA GLU F 585 23.45 37.50 46.20
C GLU F 585 23.17 37.42 44.70
N VAL F 586 23.81 36.47 44.04
CA VAL F 586 23.52 36.15 42.65
C VAL F 586 22.47 35.06 42.63
N TRP F 587 21.34 35.34 41.99
CA TRP F 587 20.26 34.36 41.92
C TRP F 587 20.25 33.68 40.56
N LEU F 588 19.98 32.38 40.58
CA LEU F 588 19.82 31.62 39.35
C LEU F 588 18.37 31.32 39.03
N ILE F 589 17.48 31.48 40.00
CA ILE F 589 16.04 31.39 39.80
C ILE F 589 15.43 32.72 40.21
N SER F 590 14.67 33.32 39.31
CA SER F 590 14.05 34.61 39.58
C SER F 590 12.82 34.42 40.45
N CYS F 591 12.75 35.21 41.53
CA CYS F 591 11.63 35.15 42.46
C CYS F 591 10.53 36.15 42.14
N GLY F 592 10.51 36.66 40.92
CA GLY F 592 9.56 37.69 40.54
C GLY F 592 10.15 39.08 40.70
N GLU F 593 9.40 40.06 40.18
CA GLU F 593 9.87 41.44 40.23
C GLU F 593 9.87 41.99 41.65
N ASN F 594 9.03 41.44 42.54
CA ASN F 594 8.95 41.88 43.91
C ASN F 594 9.34 40.79 44.91
N GLU F 595 10.06 39.77 44.45
CA GLU F 595 10.52 38.67 45.30
C GLU F 595 9.35 37.97 45.99
N ASP F 596 8.24 37.82 45.28
CA ASP F 596 7.06 37.15 45.80
C ASP F 596 6.57 36.04 44.89
N PHE F 597 7.40 35.59 43.95
CA PHE F 597 7.10 34.48 43.05
C PHE F 597 5.89 34.73 42.17
N LYS F 598 5.63 35.99 41.81
CA LYS F 598 4.53 36.34 40.93
C LYS F 598 5.09 36.82 39.61
N TYR F 599 4.62 36.23 38.51
CA TYR F 599 5.22 36.44 37.20
C TYR F 599 4.23 37.00 36.19
N LEU F 600 3.15 37.63 36.64
CA LEU F 600 2.24 38.33 35.74
C LEU F 600 1.87 39.69 36.32
#